data_8BIH
#
_entry.id   8BIH
#
_cell.length_a   91.000
_cell.length_b   91.130
_cell.length_c   150.410
_cell.angle_alpha   89.960
_cell.angle_beta   106.180
_cell.angle_gamma   119.970
#
_symmetry.space_group_name_H-M   'P 1'
#
loop_
_entity.id
_entity.type
_entity.pdbx_description
1 polymer 'Methyltransferase Plu4890'
2 non-polymer S-ADENOSYL-L-HOMOCYSTEINE
3 non-polymer 3,8-dimethoxy-1-oxidanyl-anthracene-9,10-dione
4 non-polymer 'CHLORIDE ION'
5 non-polymer GLYCEROL
6 non-polymer 'SODIUM ION'
7 water water
#
_entity_poly.entity_id   1
_entity_poly.type   'polypeptide(L)'
_entity_poly.pdbx_seq_one_letter_code
;SMLTELIASNRRSAAIHAFVDTGLSTHFKDGIYVDISELSRKSGVNYARFSRLCDFLVEMGVLVSNDNKFRLSDECHVFA
NPESFESFMIKLEICSHYSNAWLMYGKSLFEDDGKSAFEMAHGRPFFEYLDGNKFLKSNFDALMTRVSNLIVEKLLGIYD
FNQHNRILDVGGGEGELLVRISEKVKGKHYAVLDRYSELPVSDNIDFINGNFLNSIPSGYDLYILKNVLHNWSDSDSILI
LENFRKAMDKNSSLLLINMVKEPEFSRSFDILMDVLFLGKERSFTEFEYLANQAGLVVQETKVIDQSYSPYSFIKLQIK
;
_entity_poly.pdbx_strand_id   A,B,C,D,E,F,G,H,I,J,K,L
#
loop_
_chem_comp.id
_chem_comp.type
_chem_comp.name
_chem_comp.formula
CL non-polymer 'CHLORIDE ION' 'Cl -1'
GOL non-polymer GLYCEROL 'C3 H8 O3'
NA non-polymer 'SODIUM ION' 'Na 1'
QOT non-polymer 3,8-dimethoxy-1-oxidanyl-anthracene-9,10-dione 'C16 H12 O5'
SAH non-polymer S-ADENOSYL-L-HOMOCYSTEINE 'C14 H20 N6 O5 S'
#
# COMPACT_ATOMS: atom_id res chain seq x y z
N SER A 1 19.44 51.14 17.75
CA SER A 1 18.79 51.32 16.41
C SER A 1 17.34 50.85 16.46
N MET A 2 16.60 51.07 15.37
CA MET A 2 15.22 50.53 15.17
C MET A 2 15.32 49.04 14.82
N LEU A 3 16.43 48.62 14.21
CA LEU A 3 16.63 47.24 13.72
C LEU A 3 16.96 46.30 14.88
N THR A 4 17.96 46.65 15.70
CA THR A 4 18.45 45.80 16.82
C THR A 4 17.32 45.59 17.86
N GLU A 5 16.45 46.58 18.06
CA GLU A 5 15.33 46.52 19.03
C GLU A 5 14.17 45.70 18.45
N LEU A 6 14.02 45.68 17.12
CA LEU A 6 13.06 44.79 16.41
C LEU A 6 13.53 43.34 16.53
N ILE A 7 14.84 43.09 16.42
CA ILE A 7 15.46 41.75 16.57
C ILE A 7 15.29 41.28 18.02
N ALA A 8 15.38 42.22 18.97
CA ALA A 8 15.26 41.98 20.44
C ALA A 8 13.83 42.28 20.91
N SER A 9 12.83 41.95 20.09
CA SER A 9 11.39 42.12 20.39
C SER A 9 10.94 41.09 21.43
N ASN A 10 11.59 39.93 21.48
CA ASN A 10 11.33 38.83 22.46
C ASN A 10 11.53 39.37 23.89
N ARG A 11 12.50 40.27 24.08
CA ARG A 11 12.86 40.86 25.40
C ARG A 11 11.63 41.56 26.01
N ARG A 12 10.76 42.13 25.17
CA ARG A 12 9.50 42.80 25.60
C ARG A 12 8.58 41.76 26.26
N SER A 13 8.29 40.66 25.55
CA SER A 13 7.42 39.54 25.98
C SER A 13 8.01 38.85 27.21
N ALA A 14 9.34 38.79 27.30
CA ALA A 14 10.10 38.12 28.38
C ALA A 14 10.02 38.95 29.68
N ALA A 15 10.12 40.28 29.55
CA ALA A 15 10.04 41.23 30.69
C ALA A 15 8.63 41.20 31.31
N ILE A 16 7.60 41.18 30.47
CA ILE A 16 6.17 41.13 30.90
C ILE A 16 5.92 39.78 31.59
N HIS A 17 6.44 38.68 31.03
CA HIS A 17 6.30 37.30 31.55
C HIS A 17 6.83 37.23 32.99
N ALA A 18 8.02 37.77 33.25
CA ALA A 18 8.70 37.77 34.58
C ALA A 18 7.91 38.61 35.59
N PHE A 19 7.12 39.58 35.10
CA PHE A 19 6.29 40.49 35.92
C PHE A 19 4.97 39.81 36.28
N VAL A 20 4.37 39.08 35.32
CA VAL A 20 2.98 38.53 35.42
C VAL A 20 3.01 37.09 35.95
N ASP A 21 3.97 36.27 35.52
CA ASP A 21 4.08 34.82 35.89
C ASP A 21 4.54 34.68 37.34
N THR A 22 5.34 35.62 37.84
CA THR A 22 5.80 35.69 39.25
C THR A 22 4.67 36.18 40.16
N GLY A 23 3.64 36.81 39.58
CA GLY A 23 2.49 37.36 40.31
C GLY A 23 2.82 38.69 40.97
N LEU A 24 3.91 39.36 40.53
CA LEU A 24 4.32 40.69 41.03
C LEU A 24 3.36 41.76 40.50
N SER A 25 2.72 41.51 39.35
CA SER A 25 1.74 42.41 38.69
C SER A 25 0.44 42.49 39.51
N THR A 26 0.14 41.48 40.33
CA THR A 26 -1.10 41.39 41.15
C THR A 26 -1.03 42.35 42.34
N HIS A 27 0.16 42.88 42.66
CA HIS A 27 0.39 43.90 43.72
C HIS A 27 0.11 45.31 43.18
N PHE A 28 -0.27 45.43 41.91
CA PHE A 28 -0.59 46.72 41.22
C PHE A 28 -2.09 46.80 40.90
N LYS A 29 -2.93 46.34 41.83
CA LYS A 29 -4.41 46.29 41.67
C LYS A 29 -5.00 47.71 41.70
N ASP A 30 -5.94 47.99 40.80
CA ASP A 30 -6.83 49.19 40.80
C ASP A 30 -6.00 50.46 40.52
N GLY A 31 -4.98 50.36 39.67
CA GLY A 31 -4.12 51.49 39.27
C GLY A 31 -3.49 52.17 40.46
N ILE A 32 -3.13 51.40 41.49
CA ILE A 32 -2.44 51.89 42.72
C ILE A 32 -0.96 52.17 42.37
N TYR A 33 -0.42 53.29 42.85
CA TYR A 33 1.03 53.63 42.72
C TYR A 33 1.81 52.84 43.77
N VAL A 34 2.48 51.77 43.34
CA VAL A 34 3.24 50.83 44.20
C VAL A 34 4.62 51.43 44.49
N ASP A 35 5.06 51.32 45.75
CA ASP A 35 6.43 51.67 46.19
C ASP A 35 7.29 50.40 46.08
N ILE A 36 8.30 50.41 45.21
CA ILE A 36 9.11 49.21 44.83
C ILE A 36 9.93 48.78 46.05
N SER A 37 10.37 49.74 46.88
CA SER A 37 11.01 49.50 48.20
C SER A 37 10.05 48.73 49.12
N GLU A 38 8.81 49.22 49.27
CA GLU A 38 7.75 48.57 50.10
C GLU A 38 7.52 47.13 49.62
N LEU A 39 7.40 46.95 48.30
CA LEU A 39 7.13 45.63 47.67
C LEU A 39 8.31 44.70 47.92
N SER A 40 9.54 45.21 47.83
CA SER A 40 10.81 44.46 48.08
C SER A 40 10.80 43.87 49.49
N ARG A 41 10.33 44.63 50.50
CA ARG A 41 10.16 44.15 51.90
C ARG A 41 9.07 43.08 51.94
N LYS A 42 7.89 43.40 51.41
CA LYS A 42 6.63 42.59 51.49
C LYS A 42 6.82 41.26 50.77
N SER A 43 7.38 41.28 49.56
CA SER A 43 7.53 40.12 48.65
C SER A 43 8.83 39.35 48.94
N GLY A 44 9.92 40.08 49.22
CA GLY A 44 11.27 39.52 49.41
C GLY A 44 12.02 39.43 48.09
N VAL A 45 11.77 40.38 47.18
CA VAL A 45 12.41 40.46 45.84
C VAL A 45 13.61 41.42 45.93
N ASN A 46 14.53 41.36 44.97
CA ASN A 46 15.70 42.29 44.85
C ASN A 46 15.18 43.64 44.33
N TYR A 47 15.40 44.71 45.11
CA TYR A 47 14.92 46.09 44.80
C TYR A 47 15.55 46.59 43.50
N ALA A 48 16.89 46.71 43.49
CA ALA A 48 17.70 47.34 42.41
C ALA A 48 17.42 46.65 41.07
N ARG A 49 17.36 45.32 41.06
CA ARG A 49 17.17 44.49 39.82
C ARG A 49 15.73 44.61 39.33
N PHE A 50 14.76 44.70 40.23
CA PHE A 50 13.31 44.83 39.91
C PHE A 50 13.00 46.28 39.52
N SER A 51 13.69 47.26 40.14
CA SER A 51 13.62 48.71 39.77
C SER A 51 13.96 48.89 38.30
N ARG A 52 14.98 48.14 37.82
CA ARG A 52 15.44 48.17 36.41
C ARG A 52 14.35 47.55 35.51
N LEU A 53 13.82 46.38 35.88
CA LEU A 53 12.72 45.71 35.12
C LEU A 53 11.54 46.68 34.97
N CYS A 54 11.20 47.40 36.03
CA CYS A 54 10.11 48.41 36.07
C CYS A 54 10.42 49.57 35.14
N ASP A 55 11.71 49.94 35.01
CA ASP A 55 12.18 51.03 34.11
C ASP A 55 11.93 50.61 32.65
N PHE A 56 12.16 49.34 32.33
CA PHE A 56 11.97 48.77 30.96
C PHE A 56 10.46 48.65 30.67
N LEU A 57 9.66 48.34 31.68
CA LEU A 57 8.17 48.23 31.56
C LEU A 57 7.55 49.62 31.32
N VAL A 58 8.10 50.67 31.95
CA VAL A 58 7.71 52.10 31.71
C VAL A 58 7.91 52.43 30.23
N GLU A 59 9.08 52.07 29.68
CA GLU A 59 9.46 52.29 28.24
C GLU A 59 8.42 51.63 27.32
N MET A 60 7.95 50.43 27.67
CA MET A 60 6.93 49.66 26.91
C MET A 60 5.55 50.29 27.11
N GLY A 61 5.36 51.06 28.19
CA GLY A 61 4.09 51.72 28.55
C GLY A 61 3.17 50.80 29.33
N VAL A 62 3.75 49.81 30.04
CA VAL A 62 3.03 48.82 30.89
C VAL A 62 2.88 49.41 32.29
N LEU A 63 3.95 50.02 32.80
CA LEU A 63 3.95 50.84 34.05
C LEU A 63 3.99 52.33 33.67
N VAL A 64 3.57 53.19 34.61
CA VAL A 64 3.63 54.68 34.51
C VAL A 64 4.35 55.18 35.76
N SER A 65 5.23 56.18 35.61
CA SER A 65 6.14 56.69 36.67
C SER A 65 5.68 58.07 37.16
N ASN A 66 5.49 58.22 38.48
CA ASN A 66 5.21 59.50 39.17
C ASN A 66 5.74 59.40 40.61
N ASP A 67 6.41 60.46 41.08
CA ASP A 67 7.00 60.58 42.45
C ASP A 67 7.84 59.34 42.76
N ASN A 68 8.52 58.79 41.75
CA ASN A 68 9.46 57.64 41.85
C ASN A 68 8.71 56.38 42.29
N LYS A 69 7.44 56.26 41.89
CA LYS A 69 6.57 55.08 42.15
C LYS A 69 5.94 54.65 40.82
N PHE A 70 5.39 53.43 40.75
CA PHE A 70 4.95 52.77 39.49
C PHE A 70 3.52 52.24 39.65
N ARG A 71 2.63 52.61 38.73
CA ARG A 71 1.28 52.00 38.56
C ARG A 71 1.22 51.33 37.18
N LEU A 72 0.32 50.36 37.00
CA LEU A 72 0.00 49.77 35.67
C LEU A 72 -0.68 50.84 34.82
N SER A 73 -0.43 50.85 33.51
CA SER A 73 -1.04 51.79 32.53
C SER A 73 -2.56 51.52 32.45
N ASP A 74 -3.31 52.45 31.88
CA ASP A 74 -4.79 52.40 31.78
C ASP A 74 -5.23 51.09 31.10
N GLU A 75 -4.50 50.64 30.07
CA GLU A 75 -4.86 49.44 29.26
C GLU A 75 -4.19 48.17 29.83
N CYS A 76 -3.18 48.32 30.69
CA CYS A 76 -2.39 47.18 31.27
C CYS A 76 -2.88 46.84 32.69
N HIS A 77 -4.10 47.23 33.06
CA HIS A 77 -4.70 46.95 34.39
C HIS A 77 -4.98 45.44 34.52
N VAL A 78 -5.19 44.76 33.38
CA VAL A 78 -5.54 43.31 33.29
C VAL A 78 -4.42 42.43 33.88
N PHE A 79 -3.18 42.92 33.91
CA PHE A 79 -2.01 42.17 34.46
C PHE A 79 -2.15 41.98 35.98
N ALA A 80 -2.88 42.87 36.67
CA ALA A 80 -3.17 42.78 38.12
C ALA A 80 -4.13 41.61 38.38
N ASN A 81 -4.94 41.26 37.37
CA ASN A 81 -5.94 40.15 37.42
C ASN A 81 -5.29 38.87 36.90
N PRO A 82 -5.09 37.84 37.76
CA PRO A 82 -4.56 36.56 37.30
C PRO A 82 -5.59 35.65 36.61
N GLU A 83 -6.84 36.11 36.49
CA GLU A 83 -7.93 35.41 35.75
C GLU A 83 -8.12 36.03 34.36
N SER A 84 -7.44 37.15 34.06
CA SER A 84 -7.55 37.89 32.77
C SER A 84 -6.98 37.04 31.63
N PHE A 85 -7.53 37.19 30.42
CA PHE A 85 -7.13 36.41 29.21
C PHE A 85 -5.67 36.77 28.85
N GLU A 86 -5.26 38.01 29.11
CA GLU A 86 -3.89 38.52 28.82
C GLU A 86 -2.87 37.78 29.70
N SER A 87 -3.20 37.55 30.97
CA SER A 87 -2.32 36.86 31.97
C SER A 87 -2.05 35.41 31.53
N PHE A 88 -3.01 34.77 30.88
CA PHE A 88 -2.88 33.39 30.33
C PHE A 88 -2.08 33.43 29.03
N MET A 89 -2.37 34.40 28.15
CA MET A 89 -1.68 34.60 26.85
C MET A 89 -0.16 34.67 27.06
N ILE A 90 0.27 35.59 27.93
CA ILE A 90 1.70 35.85 28.30
C ILE A 90 2.40 34.51 28.60
N LYS A 91 1.79 33.68 29.44
CA LYS A 91 2.41 32.44 30.00
C LYS A 91 2.60 31.40 28.88
N LEU A 92 1.57 31.16 28.06
CA LEU A 92 1.64 30.26 26.88
C LEU A 92 2.59 30.84 25.82
N GLU A 93 2.60 32.17 25.67
CA GLU A 93 3.24 32.90 24.53
C GLU A 93 4.70 32.47 24.36
N ILE A 94 5.49 32.47 25.44
CA ILE A 94 6.96 32.21 25.40
C ILE A 94 7.32 31.03 26.32
N CYS A 95 6.37 30.13 26.59
CA CYS A 95 6.63 28.87 27.34
C CYS A 95 7.56 27.98 26.51
N SER A 96 8.27 27.06 27.17
CA SER A 96 9.23 26.09 26.58
C SER A 96 8.70 25.55 25.25
N HIS A 97 7.45 25.09 25.22
CA HIS A 97 6.86 24.31 24.10
C HIS A 97 6.63 25.20 22.87
N TYR A 98 6.20 26.44 23.07
CA TYR A 98 5.99 27.44 21.99
C TYR A 98 7.35 27.87 21.42
N SER A 99 8.27 28.27 22.31
CA SER A 99 9.64 28.72 21.94
C SER A 99 10.28 27.73 20.95
N ASN A 100 10.31 26.45 21.31
CA ASN A 100 10.97 25.36 20.52
C ASN A 100 10.19 25.11 19.22
N ALA A 101 8.89 25.41 19.20
CA ALA A 101 8.02 25.32 18.00
C ALA A 101 8.38 26.43 17.01
N TRP A 102 8.84 27.59 17.51
CA TRP A 102 9.27 28.75 16.69
C TRP A 102 10.64 28.47 16.06
N LEU A 103 11.51 27.75 16.76
CA LEU A 103 12.86 27.37 16.27
C LEU A 103 12.74 26.39 15.09
N MET A 104 11.64 25.64 14.99
CA MET A 104 11.37 24.66 13.91
C MET A 104 10.58 25.31 12.78
N TYR A 105 9.98 26.48 13.00
CA TYR A 105 9.14 27.21 12.01
C TYR A 105 9.95 27.39 10.72
N GLY A 106 11.18 27.90 10.84
CA GLY A 106 12.15 28.03 9.73
C GLY A 106 12.18 26.77 8.89
N LYS A 107 12.55 25.64 9.50
CA LYS A 107 12.67 24.31 8.83
C LYS A 107 11.33 23.89 8.22
N SER A 108 10.24 24.03 8.97
CA SER A 108 8.87 23.55 8.62
C SER A 108 8.45 24.06 7.22
N LEU A 109 8.91 25.25 6.82
CA LEU A 109 8.53 25.94 5.56
C LEU A 109 8.97 25.14 4.32
N PHE A 110 10.04 24.35 4.43
CA PHE A 110 10.66 23.60 3.29
C PHE A 110 9.99 22.23 3.13
N GLU A 111 9.75 21.52 4.23
CA GLU A 111 9.17 20.15 4.24
C GLU A 111 7.66 20.23 4.00
N ASP A 112 7.04 19.12 3.58
CA ASP A 112 5.58 19.02 3.30
C ASP A 112 5.10 17.61 3.69
N ASP A 113 5.16 17.27 4.99
CA ASP A 113 4.72 15.96 5.55
C ASP A 113 3.31 16.09 6.12
N GLY A 114 2.73 17.29 6.10
CA GLY A 114 1.52 17.64 6.86
C GLY A 114 1.84 17.90 8.33
N LYS A 115 3.13 17.94 8.68
CA LYS A 115 3.67 18.15 10.05
C LYS A 115 3.76 19.66 10.30
N SER A 116 3.24 20.13 11.44
CA SER A 116 3.40 21.52 11.93
C SER A 116 4.77 21.67 12.58
N ALA A 117 5.22 22.91 12.81
CA ALA A 117 6.49 23.24 13.48
C ALA A 117 6.46 22.73 14.92
N PHE A 118 5.26 22.61 15.52
CA PHE A 118 5.04 22.08 16.88
C PHE A 118 5.13 20.54 16.88
N GLU A 119 4.61 19.90 15.82
CA GLU A 119 4.67 18.42 15.65
C GLU A 119 6.13 18.00 15.43
N MET A 120 6.88 18.80 14.67
CA MET A 120 8.32 18.57 14.36
C MET A 120 9.17 18.64 15.64
N ALA A 121 8.85 19.58 16.54
CA ALA A 121 9.60 19.84 17.79
C ALA A 121 9.26 18.80 18.87
N HIS A 122 7.98 18.44 19.00
CA HIS A 122 7.43 17.73 20.20
C HIS A 122 6.98 16.30 19.87
N GLY A 123 6.73 15.98 18.59
CA GLY A 123 6.51 14.60 18.11
C GLY A 123 5.05 14.26 17.86
N ARG A 124 4.12 15.13 18.25
CA ARG A 124 2.65 14.99 18.01
C ARG A 124 2.07 16.36 17.64
N PRO A 125 0.90 16.39 16.95
CA PRO A 125 0.22 17.66 16.69
C PRO A 125 -0.30 18.29 17.99
N PHE A 126 -0.55 19.60 17.97
CA PHE A 126 -0.79 20.47 19.15
C PHE A 126 -1.73 19.77 20.15
N PHE A 127 -2.98 19.50 19.75
CA PHE A 127 -4.09 19.12 20.66
C PHE A 127 -3.87 17.72 21.24
N GLU A 128 -3.30 16.80 20.46
CA GLU A 128 -2.98 15.42 20.90
C GLU A 128 -1.89 15.47 21.99
N TYR A 129 -0.93 16.39 21.85
CA TYR A 129 0.19 16.60 22.80
C TYR A 129 -0.34 17.20 24.11
N LEU A 130 -1.37 18.06 24.02
CA LEU A 130 -2.03 18.70 25.19
C LEU A 130 -2.67 17.62 26.07
N ASP A 131 -3.16 16.50 25.48
CA ASP A 131 -3.68 15.32 26.21
C ASP A 131 -2.66 14.86 27.26
N GLY A 132 -1.36 14.96 26.94
CA GLY A 132 -0.25 14.47 27.78
C GLY A 132 0.36 15.54 28.68
N ASN A 133 0.03 16.82 28.46
CA ASN A 133 0.62 17.97 29.20
C ASN A 133 -0.48 18.80 29.86
N LYS A 134 -0.50 18.84 31.19
CA LYS A 134 -1.54 19.53 32.01
C LYS A 134 -1.30 21.04 32.00
N PHE A 135 -0.04 21.47 32.08
CA PHE A 135 0.41 22.90 32.03
C PHE A 135 -0.15 23.58 30.77
N LEU A 136 0.00 22.94 29.60
CA LEU A 136 -0.41 23.50 28.28
C LEU A 136 -1.92 23.45 28.12
N LYS A 137 -2.56 22.33 28.44
CA LYS A 137 -4.03 22.14 28.25
C LYS A 137 -4.81 23.10 29.16
N SER A 138 -4.44 23.19 30.43
CA SER A 138 -5.13 24.02 31.45
C SER A 138 -5.05 25.51 31.07
N ASN A 139 -3.84 26.00 30.81
CA ASN A 139 -3.56 27.42 30.44
C ASN A 139 -4.28 27.77 29.13
N PHE A 140 -4.21 26.88 28.12
CA PHE A 140 -4.89 27.04 26.82
C PHE A 140 -6.41 27.10 27.02
N ASP A 141 -6.98 26.06 27.66
CA ASP A 141 -8.45 25.94 27.91
C ASP A 141 -8.93 27.11 28.77
N ALA A 142 -8.07 27.63 29.66
CA ALA A 142 -8.35 28.82 30.50
C ALA A 142 -8.43 30.06 29.62
N LEU A 143 -7.44 30.26 28.74
CA LEU A 143 -7.39 31.41 27.79
C LEU A 143 -8.69 31.42 26.97
N MET A 144 -9.01 30.30 26.30
CA MET A 144 -10.20 30.15 25.43
C MET A 144 -11.46 30.49 26.22
N THR A 145 -11.50 30.12 27.51
CA THR A 145 -12.63 30.35 28.44
C THR A 145 -12.81 31.86 28.69
N ARG A 146 -11.72 32.62 28.81
CA ARG A 146 -11.76 34.08 29.15
C ARG A 146 -12.17 34.89 27.92
N VAL A 147 -11.70 34.53 26.73
CA VAL A 147 -12.03 35.25 25.45
C VAL A 147 -13.47 34.92 25.04
N SER A 148 -13.95 33.70 25.36
CA SER A 148 -15.35 33.25 25.12
C SER A 148 -16.32 34.00 26.02
N ASN A 149 -15.91 34.27 27.27
CA ASN A 149 -16.70 35.06 28.26
C ASN A 149 -16.94 36.47 27.70
N LEU A 150 -15.88 37.09 27.14
CA LEU A 150 -15.88 38.50 26.65
C LEU A 150 -16.84 38.67 25.47
N ILE A 151 -17.06 37.63 24.65
CA ILE A 151 -17.86 37.73 23.39
C ILE A 151 -19.33 37.43 23.66
N VAL A 152 -19.65 36.73 24.76
CA VAL A 152 -21.03 36.25 25.10
C VAL A 152 -22.06 37.37 24.84
N GLU A 153 -21.87 38.52 25.47
CA GLU A 153 -22.86 39.64 25.53
C GLU A 153 -23.11 40.17 24.11
N LYS A 154 -22.09 40.16 23.24
CA LYS A 154 -22.17 40.65 21.84
C LYS A 154 -23.01 39.69 21.00
N LEU A 155 -22.81 38.38 21.17
CA LEU A 155 -23.50 37.31 20.39
C LEU A 155 -25.00 37.31 20.73
N LEU A 156 -25.34 37.46 22.02
CA LEU A 156 -26.74 37.57 22.50
C LEU A 156 -27.37 38.84 21.91
N GLY A 157 -26.60 39.94 21.84
CA GLY A 157 -27.05 41.26 21.37
C GLY A 157 -27.43 41.27 19.89
N ILE A 158 -26.78 40.45 19.07
CA ILE A 158 -26.91 40.48 17.58
C ILE A 158 -27.83 39.35 17.09
N TYR A 159 -27.82 38.18 17.76
CA TYR A 159 -28.59 36.97 17.34
C TYR A 159 -29.56 36.56 18.45
N ASP A 160 -30.76 36.12 18.06
CA ASP A 160 -31.84 35.62 18.95
C ASP A 160 -31.70 34.10 19.10
N PHE A 161 -31.16 33.65 20.24
CA PHE A 161 -30.97 32.21 20.58
C PHE A 161 -32.27 31.64 21.18
N ASN A 162 -33.28 32.50 21.36
CA ASN A 162 -34.59 32.13 21.98
C ASN A 162 -35.42 31.33 20.96
N GLN A 163 -35.13 31.48 19.66
CA GLN A 163 -35.87 30.81 18.56
C GLN A 163 -35.49 29.33 18.47
N HIS A 164 -34.39 28.92 19.11
CA HIS A 164 -33.82 27.54 19.05
C HIS A 164 -34.20 26.73 20.29
N ASN A 165 -34.27 25.41 20.15
CA ASN A 165 -34.66 24.44 21.21
C ASN A 165 -33.41 23.71 21.72
N ARG A 166 -32.71 23.01 20.82
CA ARG A 166 -31.52 22.17 21.12
C ARG A 166 -30.28 22.81 20.48
N ILE A 167 -29.22 23.05 21.27
CA ILE A 167 -28.01 23.81 20.86
C ILE A 167 -26.75 23.00 21.19
N LEU A 168 -25.90 22.77 20.19
CA LEU A 168 -24.59 22.05 20.32
C LEU A 168 -23.44 23.00 19.96
N ASP A 169 -22.53 23.24 20.91
CA ASP A 169 -21.26 24.00 20.69
C ASP A 169 -20.14 23.00 20.37
N VAL A 170 -19.74 22.92 19.10
CA VAL A 170 -18.70 21.98 18.60
C VAL A 170 -17.32 22.62 18.80
N GLY A 171 -16.40 21.90 19.46
CA GLY A 171 -15.09 22.42 19.89
C GLY A 171 -15.25 23.52 20.92
N GLY A 172 -16.20 23.36 21.84
CA GLY A 172 -16.62 24.40 22.81
C GLY A 172 -15.69 24.50 24.00
N GLY A 173 -14.73 23.58 24.13
CA GLY A 173 -13.69 23.59 25.19
C GLY A 173 -14.28 23.29 26.55
N GLU A 174 -14.11 24.20 27.53
CA GLU A 174 -14.69 24.07 28.89
C GLU A 174 -16.20 24.32 28.84
N GLY A 175 -16.68 24.98 27.77
CA GLY A 175 -18.12 25.17 27.47
C GLY A 175 -18.65 26.51 27.95
N GLU A 176 -17.76 27.48 28.18
CA GLU A 176 -18.06 28.80 28.81
C GLU A 176 -19.16 29.52 28.04
N LEU A 177 -19.18 29.40 26.70
CA LEU A 177 -20.15 30.09 25.81
C LEU A 177 -21.58 29.73 26.23
N LEU A 178 -21.94 28.43 26.17
CA LEU A 178 -23.32 27.94 26.47
C LEU A 178 -23.63 28.07 27.96
N VAL A 179 -22.62 27.98 28.83
CA VAL A 179 -22.76 28.22 30.29
C VAL A 179 -23.32 29.62 30.52
N ARG A 180 -22.73 30.64 29.87
CA ARG A 180 -23.09 32.07 30.04
C ARG A 180 -24.35 32.40 29.25
N ILE A 181 -24.66 31.66 28.17
CA ILE A 181 -25.87 31.84 27.32
C ILE A 181 -27.08 31.22 28.03
N SER A 182 -26.91 30.04 28.64
CA SER A 182 -27.97 29.31 29.38
C SER A 182 -28.46 30.11 30.60
N GLU A 183 -27.60 30.98 31.15
CA GLU A 183 -27.92 31.87 32.29
C GLU A 183 -28.82 33.03 31.84
N LYS A 184 -28.68 33.45 30.57
CA LYS A 184 -29.49 34.54 29.96
C LYS A 184 -30.72 33.94 29.26
N VAL A 185 -30.51 32.86 28.50
CA VAL A 185 -31.55 32.16 27.68
C VAL A 185 -31.87 30.82 28.35
N LYS A 186 -33.03 30.71 29.02
CA LYS A 186 -33.45 29.51 29.78
C LYS A 186 -34.42 28.65 28.95
N GLY A 187 -34.56 27.38 29.32
CA GLY A 187 -35.60 26.45 28.81
C GLY A 187 -35.14 25.68 27.57
N LYS A 188 -33.82 25.66 27.30
CA LYS A 188 -33.23 25.03 26.10
C LYS A 188 -32.42 23.79 26.50
N HIS A 189 -32.09 22.94 25.52
CA HIS A 189 -31.12 21.82 25.65
C HIS A 189 -29.75 22.29 25.17
N TYR A 190 -28.79 22.42 26.10
CA TYR A 190 -27.41 22.90 25.84
C TYR A 190 -26.45 21.71 25.85
N ALA A 191 -25.75 21.48 24.72
CA ALA A 191 -24.73 20.44 24.54
C ALA A 191 -23.42 21.08 24.07
N VAL A 192 -22.29 20.60 24.60
CA VAL A 192 -20.91 21.06 24.23
C VAL A 192 -20.10 19.81 23.84
N LEU A 193 -19.56 19.80 22.61
CA LEU A 193 -18.74 18.70 22.04
C LEU A 193 -17.28 19.13 21.99
N ASP A 194 -16.37 18.24 22.42
CA ASP A 194 -14.89 18.47 22.39
C ASP A 194 -14.16 17.15 22.67
N ARG A 195 -12.82 17.15 22.56
CA ARG A 195 -11.94 16.00 22.85
C ARG A 195 -11.66 15.96 24.36
N TYR A 196 -12.50 15.24 25.11
CA TYR A 196 -12.46 15.13 26.59
C TYR A 196 -11.96 13.74 27.00
N SER A 197 -11.19 13.69 28.10
CA SER A 197 -10.95 12.49 28.93
C SER A 197 -11.89 12.56 30.14
N GLU A 198 -11.61 13.47 31.08
CA GLU A 198 -12.53 13.88 32.18
C GLU A 198 -13.49 14.94 31.65
N LEU A 199 -14.79 14.61 31.54
CA LEU A 199 -15.85 15.53 31.04
C LEU A 199 -16.02 16.69 32.02
N PRO A 200 -16.17 17.94 31.52
CA PRO A 200 -16.57 19.06 32.38
C PRO A 200 -17.98 18.86 32.94
N VAL A 201 -18.33 19.59 34.00
CA VAL A 201 -19.64 19.48 34.71
C VAL A 201 -20.24 20.88 34.88
N SER A 202 -21.36 21.14 34.20
CA SER A 202 -22.28 22.28 34.45
C SER A 202 -23.72 21.76 34.40
N ASP A 203 -24.55 22.18 35.36
CA ASP A 203 -25.92 21.64 35.60
C ASP A 203 -26.77 21.75 34.33
N ASN A 204 -26.61 22.83 33.56
CA ASN A 204 -27.45 23.13 32.36
C ASN A 204 -26.88 22.45 31.11
N ILE A 205 -25.62 21.99 31.16
CA ILE A 205 -24.82 21.58 29.97
C ILE A 205 -24.60 20.07 29.96
N ASP A 206 -24.81 19.42 28.81
CA ASP A 206 -24.50 17.99 28.55
C ASP A 206 -23.19 17.92 27.74
N PHE A 207 -22.08 17.63 28.40
CA PHE A 207 -20.71 17.58 27.80
C PHE A 207 -20.49 16.22 27.13
N ILE A 208 -20.20 16.22 25.83
CA ILE A 208 -20.07 15.02 24.96
C ILE A 208 -18.63 14.96 24.42
N ASN A 209 -17.91 13.88 24.72
CA ASN A 209 -16.58 13.59 24.12
C ASN A 209 -16.80 13.15 22.66
N GLY A 210 -16.03 13.72 21.73
CA GLY A 210 -16.17 13.44 20.29
C GLY A 210 -15.02 14.03 19.49
N ASN A 211 -15.08 13.85 18.16
CA ASN A 211 -14.07 14.30 17.17
C ASN A 211 -14.80 14.79 15.92
N PHE A 212 -14.79 16.11 15.67
CA PHE A 212 -15.57 16.77 14.59
C PHE A 212 -15.04 16.37 13.20
N LEU A 213 -13.88 15.69 13.13
CA LEU A 213 -13.28 15.16 11.88
C LEU A 213 -14.01 13.87 11.48
N ASN A 214 -14.42 13.07 12.48
CA ASN A 214 -15.15 11.80 12.29
C ASN A 214 -16.63 12.07 12.02
N SER A 215 -17.32 12.71 12.99
CA SER A 215 -18.79 12.93 12.95
C SER A 215 -19.21 14.09 13.88
N ILE A 216 -20.23 14.83 13.45
CA ILE A 216 -21.06 15.75 14.29
C ILE A 216 -22.40 15.06 14.54
N PRO A 217 -22.87 14.94 15.80
CA PRO A 217 -24.18 14.34 16.07
C PRO A 217 -25.34 15.24 15.58
N SER A 218 -26.35 14.64 14.96
CA SER A 218 -27.59 15.31 14.48
C SER A 218 -28.56 15.51 15.65
N GLY A 219 -29.70 16.15 15.38
CA GLY A 219 -30.81 16.34 16.34
C GLY A 219 -30.76 17.69 17.05
N TYR A 220 -29.93 18.62 16.58
CA TYR A 220 -29.83 20.02 17.08
C TYR A 220 -30.21 20.98 15.94
N ASP A 221 -30.97 22.02 16.27
CA ASP A 221 -31.47 23.02 15.28
C ASP A 221 -30.50 24.21 15.22
N LEU A 222 -29.69 24.43 16.26
CA LEU A 222 -28.58 25.42 16.25
C LEU A 222 -27.25 24.70 16.52
N TYR A 223 -26.26 24.93 15.65
CA TYR A 223 -24.85 24.53 15.83
C TYR A 223 -23.99 25.79 15.94
N ILE A 224 -22.95 25.73 16.75
CA ILE A 224 -21.96 26.84 16.94
C ILE A 224 -20.55 26.25 16.77
N LEU A 225 -19.71 26.89 15.95
CA LEU A 225 -18.28 26.56 15.77
C LEU A 225 -17.47 27.85 15.90
N LYS A 226 -17.00 28.16 17.11
CA LYS A 226 -16.25 29.41 17.44
C LYS A 226 -14.75 29.09 17.58
N ASN A 227 -13.91 29.81 16.84
CA ASN A 227 -12.42 29.79 16.95
C ASN A 227 -11.90 28.36 16.80
N VAL A 228 -12.35 27.66 15.76
CA VAL A 228 -11.96 26.25 15.45
C VAL A 228 -11.20 26.22 14.11
N LEU A 229 -11.82 26.75 13.04
CA LEU A 229 -11.37 26.53 11.63
C LEU A 229 -9.97 27.09 11.39
N HIS A 230 -9.53 28.08 12.18
CA HIS A 230 -8.18 28.71 12.03
C HIS A 230 -7.08 27.78 12.56
N ASN A 231 -7.43 26.62 13.12
CA ASN A 231 -6.49 25.58 13.60
C ASN A 231 -6.36 24.43 12.59
N TRP A 232 -6.90 24.58 11.37
CA TRP A 232 -7.00 23.47 10.38
C TRP A 232 -6.82 23.97 8.95
N SER A 233 -6.32 23.10 8.07
CA SER A 233 -6.12 23.36 6.62
C SER A 233 -7.48 23.54 5.93
N ASP A 234 -7.46 24.05 4.69
CA ASP A 234 -8.66 24.21 3.83
C ASP A 234 -9.43 22.89 3.79
N SER A 235 -8.73 21.79 3.49
CA SER A 235 -9.27 20.41 3.34
C SER A 235 -9.94 19.95 4.65
N ASP A 236 -9.23 20.07 5.77
CA ASP A 236 -9.73 19.68 7.12
C ASP A 236 -10.92 20.57 7.51
N SER A 237 -10.87 21.86 7.15
CA SER A 237 -11.98 22.83 7.37
C SER A 237 -13.20 22.40 6.54
N ILE A 238 -13.01 22.07 5.26
CA ILE A 238 -14.09 21.55 4.35
C ILE A 238 -14.66 20.26 4.96
N LEU A 239 -13.79 19.34 5.39
CA LEU A 239 -14.16 18.04 6.01
C LEU A 239 -15.07 18.30 7.23
N ILE A 240 -14.63 19.16 8.15
CA ILE A 240 -15.38 19.58 9.37
C ILE A 240 -16.78 20.06 8.96
N LEU A 241 -16.86 20.98 7.99
CA LEU A 241 -18.12 21.62 7.54
C LEU A 241 -19.02 20.59 6.82
N GLU A 242 -18.42 19.63 6.11
CA GLU A 242 -19.14 18.52 5.45
C GLU A 242 -19.86 17.68 6.51
N ASN A 243 -19.20 17.42 7.64
CA ASN A 243 -19.75 16.62 8.77
C ASN A 243 -20.95 17.35 9.38
N PHE A 244 -20.90 18.69 9.46
CA PHE A 244 -22.04 19.56 9.87
C PHE A 244 -23.19 19.38 8.88
N ARG A 245 -22.89 19.46 7.58
CA ARG A 245 -23.89 19.35 6.47
C ARG A 245 -24.63 18.01 6.57
N LYS A 246 -23.89 16.91 6.79
CA LYS A 246 -24.46 15.55 7.01
C LYS A 246 -25.34 15.55 8.26
N ALA A 247 -24.91 16.25 9.32
CA ALA A 247 -25.54 16.25 10.66
C ALA A 247 -26.80 17.12 10.68
N MET A 248 -26.92 18.09 9.77
CA MET A 248 -27.99 19.13 9.77
C MET A 248 -29.13 18.72 8.81
N ASP A 249 -30.37 19.06 9.18
CA ASP A 249 -31.57 19.01 8.29
C ASP A 249 -31.85 20.45 7.80
N LYS A 250 -32.91 20.61 6.99
CA LYS A 250 -33.23 21.89 6.30
C LYS A 250 -33.47 23.02 7.32
N ASN A 251 -34.11 22.71 8.46
CA ASN A 251 -34.49 23.70 9.50
C ASN A 251 -33.30 23.99 10.44
N SER A 252 -32.25 23.16 10.41
CA SER A 252 -31.04 23.32 11.26
C SER A 252 -30.19 24.49 10.76
N SER A 253 -29.53 25.21 11.69
CA SER A 253 -28.64 26.36 11.42
C SER A 253 -27.28 26.15 12.07
N LEU A 254 -26.23 26.74 11.50
CA LEU A 254 -24.83 26.68 12.00
C LEU A 254 -24.26 28.10 12.11
N LEU A 255 -23.81 28.50 13.31
CA LEU A 255 -23.10 29.77 13.54
C LEU A 255 -21.59 29.54 13.44
N LEU A 256 -21.01 29.93 12.31
CA LEU A 256 -19.53 29.98 12.11
C LEU A 256 -19.04 31.34 12.62
N ILE A 257 -18.54 31.37 13.86
CA ILE A 257 -18.02 32.57 14.55
C ILE A 257 -16.50 32.40 14.68
N ASN A 258 -15.72 33.27 14.08
CA ASN A 258 -14.24 33.13 14.02
C ASN A 258 -13.61 34.50 13.78
N MET A 259 -12.41 34.72 14.34
CA MET A 259 -11.56 35.92 14.05
C MET A 259 -11.33 35.97 12.54
N VAL A 260 -11.50 37.16 11.94
CA VAL A 260 -11.43 37.38 10.46
C VAL A 260 -10.15 38.15 10.14
N LYS A 261 -9.57 37.90 8.96
CA LYS A 261 -8.41 38.66 8.42
C LYS A 261 -8.90 39.99 7.86
N GLU A 262 -8.53 41.11 8.49
CA GLU A 262 -8.72 42.48 7.95
C GLU A 262 -7.36 43.16 7.88
N PRO A 263 -6.99 43.76 6.73
CA PRO A 263 -5.64 44.31 6.52
C PRO A 263 -5.10 45.18 7.66
N GLU A 264 -5.98 45.98 8.29
CA GLU A 264 -5.62 46.98 9.32
C GLU A 264 -4.85 46.31 10.47
N PHE A 265 -5.29 45.13 10.90
CA PHE A 265 -4.76 44.39 12.08
C PHE A 265 -3.53 43.57 11.67
N SER A 266 -2.76 43.12 12.68
CA SER A 266 -1.45 42.44 12.54
C SER A 266 -1.64 41.07 11.86
N ARG A 267 -0.54 40.51 11.33
CA ARG A 267 -0.51 39.17 10.67
C ARG A 267 0.15 38.15 11.61
N SER A 268 0.64 38.59 12.77
CA SER A 268 1.46 37.78 13.72
C SER A 268 0.70 36.52 14.12
N PHE A 269 -0.62 36.58 14.24
CA PHE A 269 -1.49 35.45 14.61
C PHE A 269 -1.57 34.44 13.46
N ASP A 270 -1.54 34.92 12.19
CA ASP A 270 -1.55 34.08 10.97
C ASP A 270 -0.31 33.17 10.96
N ILE A 271 0.81 33.67 11.49
CA ILE A 271 2.11 32.93 11.55
C ILE A 271 2.04 31.90 12.68
N LEU A 272 1.55 32.32 13.84
CA LEU A 272 1.36 31.44 15.03
C LEU A 272 0.53 30.21 14.62
N MET A 273 -0.63 30.43 14.02
CA MET A 273 -1.55 29.35 13.57
C MET A 273 -0.81 28.39 12.63
N ASP A 274 0.10 28.90 11.79
CA ASP A 274 0.94 28.08 10.88
C ASP A 274 1.88 27.21 11.73
N VAL A 275 2.58 27.83 12.69
CA VAL A 275 3.55 27.17 13.61
C VAL A 275 2.89 25.99 14.31
N LEU A 276 1.69 26.20 14.88
CA LEU A 276 1.06 25.29 15.87
C LEU A 276 0.18 24.24 15.19
N PHE A 277 -0.44 24.55 14.05
CA PHE A 277 -1.50 23.72 13.41
C PHE A 277 -1.35 23.55 11.90
N LEU A 278 -0.43 24.27 11.24
CA LEU A 278 -0.49 24.56 9.78
C LEU A 278 -1.86 25.15 9.46
N GLY A 279 -2.35 26.05 10.32
CA GLY A 279 -3.61 26.79 10.15
C GLY A 279 -3.34 28.15 9.53
N LYS A 280 -4.37 28.99 9.45
CA LYS A 280 -4.28 30.37 8.88
C LYS A 280 -5.47 31.21 9.38
N GLU A 281 -5.34 32.53 9.31
CA GLU A 281 -6.48 33.49 9.47
C GLU A 281 -7.05 33.75 8.07
N ARG A 282 -8.38 33.77 7.93
CA ARG A 282 -9.10 33.84 6.64
C ARG A 282 -10.04 35.05 6.60
N SER A 283 -10.25 35.63 5.41
CA SER A 283 -11.25 36.68 5.13
C SER A 283 -12.65 36.04 5.03
N PHE A 284 -13.70 36.86 5.11
CA PHE A 284 -15.12 36.40 5.00
C PHE A 284 -15.29 35.56 3.73
N THR A 285 -14.79 36.06 2.60
CA THR A 285 -14.91 35.44 1.26
C THR A 285 -14.32 34.02 1.29
N GLU A 286 -13.15 33.86 1.92
CA GLU A 286 -12.41 32.57 2.00
C GLU A 286 -13.21 31.57 2.84
N PHE A 287 -13.80 32.02 3.95
CA PHE A 287 -14.71 31.21 4.83
C PHE A 287 -15.95 30.78 4.03
N GLU A 288 -16.49 31.68 3.21
CA GLU A 288 -17.72 31.46 2.41
C GLU A 288 -17.46 30.36 1.38
N TYR A 289 -16.27 30.34 0.76
CA TYR A 289 -15.86 29.36 -0.29
C TYR A 289 -15.81 27.96 0.31
N LEU A 290 -15.04 27.79 1.40
CA LEU A 290 -14.86 26.50 2.11
C LEU A 290 -16.23 25.93 2.47
N ALA A 291 -17.11 26.78 3.02
CA ALA A 291 -18.52 26.46 3.37
C ALA A 291 -19.29 26.04 2.12
N ASN A 292 -19.12 26.77 1.01
CA ASN A 292 -19.83 26.55 -0.28
C ASN A 292 -19.44 25.18 -0.85
N GLN A 293 -18.17 24.77 -0.69
CA GLN A 293 -17.64 23.46 -1.14
C GLN A 293 -18.20 22.33 -0.26
N ALA A 294 -18.38 22.60 1.04
CA ALA A 294 -18.94 21.66 2.03
C ALA A 294 -20.42 21.40 1.77
N GLY A 295 -21.09 22.30 1.03
CA GLY A 295 -22.51 22.19 0.63
C GLY A 295 -23.43 23.03 1.50
N LEU A 296 -22.89 24.05 2.17
CA LEU A 296 -23.63 25.02 3.02
C LEU A 296 -23.67 26.38 2.31
N VAL A 297 -24.67 27.21 2.63
CA VAL A 297 -24.83 28.58 2.04
C VAL A 297 -24.99 29.60 3.18
N VAL A 298 -24.49 30.81 2.95
CA VAL A 298 -24.58 31.97 3.90
C VAL A 298 -26.03 32.47 3.90
N GLN A 299 -26.61 32.60 5.09
CA GLN A 299 -27.99 33.11 5.33
C GLN A 299 -27.91 34.55 5.86
N GLU A 300 -26.99 34.81 6.79
CA GLU A 300 -26.81 36.11 7.50
C GLU A 300 -25.31 36.30 7.80
N THR A 301 -24.84 37.55 7.79
CA THR A 301 -23.44 37.94 8.10
C THR A 301 -23.42 39.22 8.94
N LYS A 302 -22.54 39.28 9.94
CA LYS A 302 -22.41 40.43 10.89
C LYS A 302 -20.97 40.51 11.38
N VAL A 303 -20.46 41.73 11.57
CA VAL A 303 -19.12 42.01 12.15
C VAL A 303 -19.28 42.16 13.67
N ILE A 304 -18.41 41.51 14.44
CA ILE A 304 -18.27 41.69 15.91
C ILE A 304 -16.85 42.20 16.17
N ASP A 305 -16.71 43.29 16.93
CA ASP A 305 -15.40 43.87 17.32
C ASP A 305 -15.06 43.40 18.72
N GLN A 306 -13.91 42.74 18.85
CA GLN A 306 -13.21 42.46 20.14
C GLN A 306 -11.92 43.30 20.14
N SER A 307 -11.42 43.66 21.32
CA SER A 307 -10.21 44.51 21.51
C SER A 307 -9.02 43.91 20.75
N TYR A 308 -8.92 42.57 20.74
CA TYR A 308 -7.73 41.81 20.24
C TYR A 308 -7.86 41.47 18.75
N SER A 309 -9.07 41.47 18.18
CA SER A 309 -9.33 41.08 16.77
C SER A 309 -10.77 41.38 16.36
N PRO A 310 -11.03 41.65 15.06
CA PRO A 310 -12.39 41.61 14.52
C PRO A 310 -12.81 40.15 14.29
N TYR A 311 -14.11 39.87 14.40
CA TYR A 311 -14.74 38.54 14.24
C TYR A 311 -15.75 38.59 13.09
N SER A 312 -15.87 37.46 12.38
CA SER A 312 -16.92 37.22 11.36
C SER A 312 -17.98 36.30 11.97
N PHE A 313 -19.25 36.74 11.97
CA PHE A 313 -20.44 35.95 12.37
C PHE A 313 -21.16 35.49 11.10
N ILE A 314 -21.03 34.20 10.74
CA ILE A 314 -21.59 33.61 9.49
C ILE A 314 -22.63 32.55 9.86
N LYS A 315 -23.91 32.87 9.68
CA LYS A 315 -25.04 31.90 9.80
C LYS A 315 -25.05 31.05 8.53
N LEU A 316 -24.97 29.72 8.69
CA LEU A 316 -24.83 28.74 7.58
C LEU A 316 -25.96 27.72 7.63
N GLN A 317 -26.54 27.41 6.47
CA GLN A 317 -27.61 26.40 6.28
C GLN A 317 -27.29 25.55 5.04
N ILE A 318 -27.74 24.29 5.03
CA ILE A 318 -27.56 23.33 3.90
C ILE A 318 -28.27 23.90 2.66
N LYS A 319 -27.77 23.56 1.46
CA LYS A 319 -28.41 23.89 0.17
C LYS A 319 -29.67 23.04 0.02
N SER B 1 -35.20 -44.46 -10.53
CA SER B 1 -34.56 -44.32 -9.18
C SER B 1 -34.84 -42.94 -8.59
N MET B 2 -34.73 -42.81 -7.27
CA MET B 2 -34.95 -41.54 -6.53
C MET B 2 -33.75 -40.63 -6.77
N LEU B 3 -32.55 -41.20 -6.90
CA LEU B 3 -31.27 -40.46 -7.01
C LEU B 3 -31.19 -39.70 -8.35
N THR B 4 -31.58 -40.33 -9.45
CA THR B 4 -31.54 -39.73 -10.82
C THR B 4 -32.54 -38.57 -10.90
N GLU B 5 -33.74 -38.73 -10.34
CA GLU B 5 -34.80 -37.69 -10.33
C GLU B 5 -34.42 -36.56 -9.35
N LEU B 6 -33.54 -36.85 -8.37
CA LEU B 6 -32.94 -35.81 -7.49
C LEU B 6 -31.83 -35.07 -8.26
N ILE B 7 -31.05 -35.79 -9.07
CA ILE B 7 -30.00 -35.19 -9.96
C ILE B 7 -30.70 -34.31 -11.01
N ALA B 8 -31.89 -34.72 -11.47
CA ALA B 8 -32.68 -34.06 -12.53
C ALA B 8 -33.71 -33.10 -11.92
N SER B 9 -33.44 -32.59 -10.71
CA SER B 9 -34.33 -31.68 -9.94
C SER B 9 -34.57 -30.37 -10.71
N ASN B 10 -33.55 -29.90 -11.45
CA ASN B 10 -33.61 -28.68 -12.30
C ASN B 10 -34.79 -28.75 -13.28
N ARG B 11 -35.12 -29.94 -13.78
CA ARG B 11 -36.19 -30.16 -14.79
C ARG B 11 -37.53 -29.64 -14.26
N ARG B 12 -37.75 -29.74 -12.94
CA ARG B 12 -39.00 -29.28 -12.26
C ARG B 12 -39.12 -27.76 -12.39
N SER B 13 -38.04 -27.04 -12.09
CA SER B 13 -37.94 -25.55 -12.16
C SER B 13 -38.09 -25.09 -13.61
N ALA B 14 -37.51 -25.85 -14.55
CA ALA B 14 -37.54 -25.56 -16.00
C ALA B 14 -38.96 -25.75 -16.54
N ALA B 15 -39.65 -26.81 -16.11
CA ALA B 15 -41.04 -27.15 -16.50
C ALA B 15 -42.00 -26.06 -16.02
N ILE B 16 -41.76 -25.52 -14.82
CA ILE B 16 -42.56 -24.43 -14.20
C ILE B 16 -42.27 -23.12 -14.97
N HIS B 17 -41.00 -22.80 -15.18
CA HIS B 17 -40.52 -21.60 -15.92
C HIS B 17 -41.24 -21.50 -17.27
N ALA B 18 -41.24 -22.59 -18.05
CA ALA B 18 -41.80 -22.68 -19.41
C ALA B 18 -43.32 -22.44 -19.38
N PHE B 19 -43.98 -22.84 -18.29
CA PHE B 19 -45.45 -22.73 -18.10
C PHE B 19 -45.82 -21.30 -17.72
N VAL B 20 -45.06 -20.68 -16.80
CA VAL B 20 -45.37 -19.36 -16.19
C VAL B 20 -44.81 -18.22 -17.06
N ASP B 21 -43.53 -18.27 -17.41
CA ASP B 21 -42.81 -17.18 -18.11
C ASP B 21 -43.45 -16.89 -19.47
N THR B 22 -43.93 -17.93 -20.16
CA THR B 22 -44.67 -17.81 -21.45
C THR B 22 -46.03 -17.14 -21.21
N GLY B 23 -46.56 -17.20 -19.98
CA GLY B 23 -47.85 -16.62 -19.59
C GLY B 23 -49.02 -17.55 -19.90
N LEU B 24 -48.74 -18.84 -20.09
CA LEU B 24 -49.76 -19.90 -20.35
C LEU B 24 -50.49 -20.23 -19.04
N SER B 25 -49.79 -20.09 -17.90
CA SER B 25 -50.33 -20.29 -16.53
C SER B 25 -51.47 -19.32 -16.24
N THR B 26 -51.42 -18.12 -16.86
CA THR B 26 -52.40 -17.02 -16.66
C THR B 26 -53.79 -17.40 -17.19
N HIS B 27 -53.87 -18.36 -18.12
CA HIS B 27 -55.14 -18.87 -18.69
C HIS B 27 -55.85 -19.82 -17.71
N PHE B 28 -55.16 -20.21 -16.63
CA PHE B 28 -55.70 -21.07 -15.54
C PHE B 28 -56.07 -20.19 -14.34
N LYS B 29 -56.84 -19.13 -14.59
CA LYS B 29 -57.34 -18.19 -13.54
C LYS B 29 -58.53 -18.81 -12.82
N ASP B 30 -58.60 -18.64 -11.49
CA ASP B 30 -59.77 -18.98 -10.63
C ASP B 30 -59.99 -20.50 -10.64
N GLY B 31 -58.95 -21.27 -10.30
CA GLY B 31 -58.98 -22.75 -10.21
C GLY B 31 -59.83 -23.40 -11.30
N ILE B 32 -59.81 -22.85 -12.52
CA ILE B 32 -60.64 -23.30 -13.68
C ILE B 32 -59.98 -24.54 -14.30
N TYR B 33 -60.79 -25.47 -14.82
CA TYR B 33 -60.34 -26.67 -15.58
C TYR B 33 -60.23 -26.32 -17.07
N VAL B 34 -59.01 -26.01 -17.52
CA VAL B 34 -58.71 -25.56 -18.92
C VAL B 34 -58.66 -26.81 -19.82
N ASP B 35 -59.32 -26.73 -20.99
CA ASP B 35 -59.16 -27.69 -22.10
C ASP B 35 -57.98 -27.23 -22.96
N ILE B 36 -56.96 -28.08 -23.12
CA ILE B 36 -55.68 -27.75 -23.81
C ILE B 36 -55.94 -27.61 -25.30
N SER B 37 -56.85 -28.42 -25.85
CA SER B 37 -57.31 -28.37 -27.26
C SER B 37 -57.84 -26.97 -27.58
N GLU B 38 -58.64 -26.40 -26.67
CA GLU B 38 -59.23 -25.03 -26.82
C GLU B 38 -58.12 -23.97 -26.64
N LEU B 39 -57.23 -24.16 -25.66
CA LEU B 39 -56.08 -23.26 -25.38
C LEU B 39 -55.13 -23.28 -26.58
N SER B 40 -54.91 -24.45 -27.18
CA SER B 40 -54.04 -24.67 -28.36
C SER B 40 -54.55 -23.83 -29.56
N ARG B 41 -55.86 -23.83 -29.80
CA ARG B 41 -56.51 -22.98 -30.85
C ARG B 41 -56.27 -21.50 -30.51
N LYS B 42 -56.73 -21.07 -29.33
CA LYS B 42 -56.72 -19.66 -28.87
C LYS B 42 -55.29 -19.12 -28.86
N SER B 43 -54.42 -19.68 -28.01
CA SER B 43 -53.05 -19.18 -27.72
C SER B 43 -52.11 -19.44 -28.90
N GLY B 44 -52.38 -20.49 -29.70
CA GLY B 44 -51.51 -20.91 -30.82
C GLY B 44 -50.26 -21.62 -30.32
N VAL B 45 -50.43 -22.68 -29.51
CA VAL B 45 -49.33 -23.48 -28.90
C VAL B 45 -49.53 -24.95 -29.31
N ASN B 46 -48.43 -25.70 -29.45
CA ASN B 46 -48.42 -27.14 -29.82
C ASN B 46 -49.20 -27.93 -28.77
N TYR B 47 -50.32 -28.54 -29.18
CA TYR B 47 -51.25 -29.31 -28.30
C TYR B 47 -50.52 -30.49 -27.66
N ALA B 48 -50.03 -31.42 -28.49
CA ALA B 48 -49.43 -32.72 -28.09
C ALA B 48 -48.26 -32.48 -27.12
N ARG B 49 -47.41 -31.48 -27.42
CA ARG B 49 -46.15 -31.20 -26.69
C ARG B 49 -46.46 -30.44 -25.38
N PHE B 50 -47.52 -29.62 -25.36
CA PHE B 50 -47.97 -28.89 -24.15
C PHE B 50 -48.79 -29.83 -23.25
N SER B 51 -49.50 -30.80 -23.84
CA SER B 51 -50.23 -31.88 -23.12
C SER B 51 -49.25 -32.71 -22.28
N ARG B 52 -48.03 -32.91 -22.80
CA ARG B 52 -46.97 -33.72 -22.16
C ARG B 52 -46.29 -32.91 -21.04
N LEU B 53 -46.21 -31.59 -21.19
CA LEU B 53 -45.69 -30.66 -20.14
C LEU B 53 -46.67 -30.63 -18.96
N CYS B 54 -47.97 -30.69 -19.25
CA CYS B 54 -49.07 -30.68 -18.24
C CYS B 54 -49.03 -31.97 -17.41
N ASP B 55 -48.79 -33.11 -18.06
CA ASP B 55 -48.65 -34.44 -17.40
C ASP B 55 -47.52 -34.38 -16.35
N PHE B 56 -46.42 -33.70 -16.66
CA PHE B 56 -45.25 -33.54 -15.78
C PHE B 56 -45.62 -32.61 -14.62
N LEU B 57 -46.38 -31.55 -14.91
CA LEU B 57 -46.85 -30.55 -13.92
C LEU B 57 -47.90 -31.18 -12.99
N VAL B 58 -48.66 -32.17 -13.47
CA VAL B 58 -49.61 -32.96 -12.64
C VAL B 58 -48.80 -33.80 -11.63
N GLU B 59 -47.71 -34.44 -12.10
CA GLU B 59 -46.79 -35.27 -11.27
C GLU B 59 -46.19 -34.41 -10.14
N MET B 60 -45.83 -33.16 -10.43
CA MET B 60 -45.22 -32.21 -9.47
C MET B 60 -46.26 -31.73 -8.46
N GLY B 61 -47.54 -31.70 -8.86
CA GLY B 61 -48.67 -31.15 -8.06
C GLY B 61 -48.95 -29.70 -8.40
N VAL B 62 -48.36 -29.16 -9.47
CA VAL B 62 -48.58 -27.77 -9.96
C VAL B 62 -49.94 -27.71 -10.67
N LEU B 63 -50.27 -28.76 -11.44
CA LEU B 63 -51.59 -28.94 -12.10
C LEU B 63 -52.31 -30.15 -11.50
N VAL B 64 -53.64 -30.16 -11.60
CA VAL B 64 -54.52 -31.32 -11.25
C VAL B 64 -55.25 -31.71 -12.53
N SER B 65 -55.44 -33.02 -12.76
CA SER B 65 -56.03 -33.61 -13.98
C SER B 65 -57.40 -34.23 -13.65
N ASN B 66 -58.46 -33.82 -14.36
CA ASN B 66 -59.82 -34.40 -14.27
C ASN B 66 -60.53 -34.21 -15.62
N ASP B 67 -61.09 -35.29 -16.17
CA ASP B 67 -61.91 -35.31 -17.42
C ASP B 67 -61.03 -34.90 -18.61
N ASN B 68 -59.75 -35.24 -18.58
CA ASN B 68 -58.75 -34.96 -19.64
C ASN B 68 -58.54 -33.44 -19.75
N LYS B 69 -58.80 -32.70 -18.66
CA LYS B 69 -58.60 -31.23 -18.54
C LYS B 69 -57.73 -30.97 -17.31
N PHE B 70 -57.13 -29.78 -17.22
CA PHE B 70 -56.12 -29.42 -16.19
C PHE B 70 -56.52 -28.11 -15.49
N ARG B 71 -56.36 -28.08 -14.16
CA ARG B 71 -56.47 -26.84 -13.32
C ARG B 71 -55.19 -26.72 -12.47
N LEU B 72 -54.82 -25.49 -12.12
CA LEU B 72 -53.75 -25.21 -11.12
C LEU B 72 -54.19 -25.75 -9.77
N SER B 73 -53.24 -26.28 -8.97
CA SER B 73 -53.48 -26.77 -7.59
C SER B 73 -53.73 -25.59 -6.66
N ASP B 74 -54.38 -25.85 -5.51
CA ASP B 74 -54.77 -24.84 -4.50
C ASP B 74 -53.56 -23.98 -4.15
N GLU B 75 -52.40 -24.62 -3.95
CA GLU B 75 -51.12 -23.98 -3.54
C GLU B 75 -50.54 -23.17 -4.72
N CYS B 76 -50.79 -23.60 -5.96
CA CYS B 76 -50.16 -23.04 -7.20
C CYS B 76 -51.10 -22.07 -7.94
N HIS B 77 -52.17 -21.59 -7.31
CA HIS B 77 -53.14 -20.62 -7.89
C HIS B 77 -52.40 -19.31 -8.20
N VAL B 78 -51.28 -19.05 -7.51
CA VAL B 78 -50.45 -17.80 -7.62
C VAL B 78 -49.83 -17.70 -9.02
N PHE B 79 -49.62 -18.82 -9.73
CA PHE B 79 -48.99 -18.86 -11.08
C PHE B 79 -49.91 -18.17 -12.10
N ALA B 80 -51.22 -18.24 -11.89
CA ALA B 80 -52.25 -17.57 -12.72
C ALA B 80 -52.09 -16.04 -12.63
N ASN B 81 -51.63 -15.55 -11.47
CA ASN B 81 -51.35 -14.11 -11.22
C ASN B 81 -49.92 -13.81 -11.66
N PRO B 82 -49.71 -12.98 -12.70
CA PRO B 82 -48.36 -12.65 -13.16
C PRO B 82 -47.63 -11.62 -12.27
N GLU B 83 -48.32 -11.03 -11.30
CA GLU B 83 -47.76 -10.03 -10.35
C GLU B 83 -47.34 -10.72 -9.03
N SER B 84 -47.68 -12.00 -8.85
CA SER B 84 -47.35 -12.80 -7.64
C SER B 84 -45.83 -12.95 -7.51
N PHE B 85 -45.33 -13.04 -6.27
CA PHE B 85 -43.87 -13.08 -5.96
C PHE B 85 -43.26 -14.40 -6.47
N GLU B 86 -44.07 -15.45 -6.54
CA GLU B 86 -43.64 -16.80 -7.05
C GLU B 86 -43.32 -16.71 -8.55
N SER B 87 -44.08 -15.89 -9.28
CA SER B 87 -43.90 -15.63 -10.74
C SER B 87 -42.55 -14.94 -10.99
N PHE B 88 -42.19 -13.96 -10.15
CA PHE B 88 -40.91 -13.20 -10.22
C PHE B 88 -39.74 -14.09 -9.80
N MET B 89 -39.97 -14.96 -8.79
CA MET B 89 -38.98 -15.91 -8.24
C MET B 89 -38.54 -16.90 -9.33
N ILE B 90 -39.51 -17.48 -10.04
CA ILE B 90 -39.28 -18.37 -11.22
C ILE B 90 -38.35 -17.66 -12.22
N LYS B 91 -38.77 -16.49 -12.72
CA LYS B 91 -38.07 -15.70 -13.77
C LYS B 91 -36.58 -15.55 -13.43
N LEU B 92 -36.24 -15.29 -12.16
CA LEU B 92 -34.84 -15.10 -11.69
C LEU B 92 -34.15 -16.44 -11.46
N GLU B 93 -34.90 -17.43 -10.95
CA GLU B 93 -34.35 -18.70 -10.39
C GLU B 93 -33.37 -19.35 -11.38
N ILE B 94 -33.86 -19.70 -12.57
CA ILE B 94 -33.08 -20.47 -13.60
C ILE B 94 -32.71 -19.56 -14.78
N CYS B 95 -32.66 -18.24 -14.58
CA CYS B 95 -32.21 -17.26 -15.60
C CYS B 95 -30.71 -17.48 -15.87
N SER B 96 -30.26 -17.13 -17.08
CA SER B 96 -28.85 -17.26 -17.54
C SER B 96 -27.89 -16.90 -16.39
N HIS B 97 -28.03 -15.70 -15.82
CA HIS B 97 -27.07 -15.09 -14.87
C HIS B 97 -26.99 -15.91 -13.57
N TYR B 98 -28.10 -16.55 -13.16
CA TYR B 98 -28.19 -17.41 -11.94
C TYR B 98 -27.59 -18.79 -12.24
N SER B 99 -27.99 -19.39 -13.37
CA SER B 99 -27.45 -20.69 -13.89
C SER B 99 -25.92 -20.65 -13.87
N ASN B 100 -25.33 -19.64 -14.53
CA ASN B 100 -23.86 -19.50 -14.72
C ASN B 100 -23.18 -19.21 -13.38
N ALA B 101 -23.92 -18.63 -12.42
CA ALA B 101 -23.46 -18.40 -11.04
C ALA B 101 -23.35 -19.75 -10.30
N TRP B 102 -24.35 -20.63 -10.48
CA TRP B 102 -24.38 -21.99 -9.88
C TRP B 102 -23.21 -22.83 -10.40
N LEU B 103 -22.84 -22.68 -11.68
CA LEU B 103 -21.76 -23.48 -12.34
C LEU B 103 -20.38 -23.09 -11.78
N MET B 104 -20.24 -21.88 -11.22
CA MET B 104 -18.97 -21.37 -10.61
C MET B 104 -18.97 -21.62 -9.10
N TYR B 105 -20.06 -22.14 -8.53
CA TYR B 105 -20.21 -22.35 -7.07
C TYR B 105 -19.11 -23.28 -6.56
N GLY B 106 -18.99 -24.47 -7.19
CA GLY B 106 -17.98 -25.49 -6.84
C GLY B 106 -16.58 -24.89 -6.72
N LYS B 107 -16.15 -24.12 -7.73
CA LYS B 107 -14.80 -23.50 -7.80
C LYS B 107 -14.65 -22.44 -6.70
N SER B 108 -15.73 -21.74 -6.37
CA SER B 108 -15.75 -20.60 -5.40
C SER B 108 -15.39 -21.09 -3.99
N LEU B 109 -15.63 -22.36 -3.69
CA LEU B 109 -15.40 -22.99 -2.35
C LEU B 109 -13.89 -23.11 -2.06
N PHE B 110 -13.03 -23.02 -3.08
CA PHE B 110 -11.55 -23.15 -2.96
C PHE B 110 -10.88 -21.77 -2.97
N GLU B 111 -11.63 -20.72 -3.32
CA GLU B 111 -11.13 -19.32 -3.44
C GLU B 111 -11.31 -18.60 -2.09
N ASP B 112 -10.38 -17.70 -1.75
CA ASP B 112 -10.36 -16.92 -0.48
C ASP B 112 -10.27 -15.43 -0.78
N ASP B 113 -10.58 -15.00 -2.02
CA ASP B 113 -10.47 -13.59 -2.48
C ASP B 113 -11.71 -12.79 -2.06
N GLY B 114 -12.73 -13.47 -1.52
CA GLY B 114 -14.00 -12.84 -1.09
C GLY B 114 -14.91 -12.53 -2.26
N LYS B 115 -14.64 -13.11 -3.43
CA LYS B 115 -15.48 -12.98 -4.65
C LYS B 115 -16.50 -14.12 -4.67
N SER B 116 -17.79 -13.79 -4.78
CA SER B 116 -18.91 -14.76 -4.85
C SER B 116 -18.83 -15.56 -6.15
N ALA B 117 -19.62 -16.64 -6.27
CA ALA B 117 -19.74 -17.45 -7.49
C ALA B 117 -20.31 -16.59 -8.63
N PHE B 118 -21.24 -15.68 -8.30
CA PHE B 118 -21.89 -14.76 -9.26
C PHE B 118 -20.86 -13.75 -9.80
N GLU B 119 -20.09 -13.14 -8.89
CA GLU B 119 -19.01 -12.18 -9.22
C GLU B 119 -17.97 -12.85 -10.12
N MET B 120 -17.58 -14.09 -9.79
CA MET B 120 -16.56 -14.89 -10.53
C MET B 120 -17.01 -15.07 -11.99
N ALA B 121 -18.31 -15.31 -12.22
CA ALA B 121 -18.89 -15.61 -13.55
C ALA B 121 -19.13 -14.31 -14.34
N HIS B 122 -19.50 -13.21 -13.66
CA HIS B 122 -20.08 -11.99 -14.28
C HIS B 122 -19.19 -10.75 -14.10
N GLY B 123 -18.18 -10.81 -13.23
CA GLY B 123 -17.08 -9.81 -13.17
C GLY B 123 -17.26 -8.77 -12.07
N ARG B 124 -18.47 -8.59 -11.54
CA ARG B 124 -18.77 -7.61 -10.46
C ARG B 124 -19.75 -8.21 -9.45
N PRO B 125 -19.72 -7.76 -8.16
CA PRO B 125 -20.67 -8.26 -7.15
C PRO B 125 -22.12 -7.97 -7.56
N PHE B 126 -23.06 -8.70 -6.96
CA PHE B 126 -24.48 -8.84 -7.39
C PHE B 126 -25.08 -7.46 -7.70
N PHE B 127 -25.27 -6.62 -6.68
CA PHE B 127 -26.09 -5.37 -6.75
C PHE B 127 -25.45 -4.35 -7.68
N GLU B 128 -24.12 -4.40 -7.85
CA GLU B 128 -23.36 -3.54 -8.80
C GLU B 128 -23.68 -3.97 -10.23
N TYR B 129 -23.69 -5.27 -10.53
CA TYR B 129 -24.01 -5.83 -11.87
C TYR B 129 -25.43 -5.46 -12.28
N LEU B 130 -26.37 -5.44 -11.31
CA LEU B 130 -27.81 -5.11 -11.53
C LEU B 130 -27.97 -3.67 -12.04
N ASP B 131 -27.03 -2.77 -11.69
CA ASP B 131 -27.01 -1.36 -12.17
C ASP B 131 -26.95 -1.33 -13.70
N GLY B 132 -26.36 -2.34 -14.34
CA GLY B 132 -26.18 -2.42 -15.79
C GLY B 132 -27.26 -3.23 -16.48
N ASN B 133 -27.82 -4.23 -15.79
CA ASN B 133 -28.80 -5.20 -16.34
C ASN B 133 -30.20 -4.87 -15.79
N LYS B 134 -31.11 -4.44 -16.67
CA LYS B 134 -32.46 -3.95 -16.31
C LYS B 134 -33.43 -5.14 -16.13
N PHE B 135 -33.11 -6.31 -16.67
CA PHE B 135 -33.89 -7.57 -16.52
C PHE B 135 -33.79 -8.07 -15.07
N LEU B 136 -32.57 -8.22 -14.55
CA LEU B 136 -32.29 -8.71 -13.18
C LEU B 136 -32.83 -7.71 -12.14
N LYS B 137 -32.53 -6.41 -12.30
CA LYS B 137 -32.87 -5.36 -11.31
C LYS B 137 -34.38 -5.17 -11.25
N SER B 138 -35.07 -5.16 -12.40
CA SER B 138 -36.55 -5.00 -12.49
C SER B 138 -37.25 -6.14 -11.72
N ASN B 139 -36.84 -7.38 -11.99
CA ASN B 139 -37.49 -8.62 -11.47
C ASN B 139 -37.11 -8.84 -10.01
N PHE B 140 -35.86 -8.53 -9.62
CA PHE B 140 -35.38 -8.59 -8.21
C PHE B 140 -36.17 -7.60 -7.37
N ASP B 141 -36.12 -6.31 -7.73
CA ASP B 141 -36.81 -5.20 -7.01
C ASP B 141 -38.31 -5.46 -6.98
N ALA B 142 -38.86 -6.07 -8.04
CA ALA B 142 -40.29 -6.46 -8.14
C ALA B 142 -40.60 -7.56 -7.12
N LEU B 143 -39.73 -8.57 -7.03
CA LEU B 143 -39.87 -9.71 -6.08
C LEU B 143 -39.85 -9.17 -4.65
N MET B 144 -38.81 -8.41 -4.28
CA MET B 144 -38.61 -7.84 -2.93
C MET B 144 -39.84 -6.98 -2.56
N THR B 145 -40.45 -6.32 -3.54
CA THR B 145 -41.67 -5.48 -3.39
C THR B 145 -42.86 -6.38 -2.98
N ARG B 146 -43.09 -7.48 -3.71
CA ARG B 146 -44.27 -8.37 -3.53
C ARG B 146 -44.21 -9.07 -2.17
N VAL B 147 -43.03 -9.47 -1.72
CA VAL B 147 -42.81 -10.17 -0.42
C VAL B 147 -42.84 -9.15 0.72
N SER B 148 -42.42 -7.90 0.45
CA SER B 148 -42.53 -6.75 1.40
C SER B 148 -44.00 -6.41 1.64
N ASN B 149 -44.84 -6.56 0.61
CA ASN B 149 -46.30 -6.23 0.64
C ASN B 149 -47.00 -7.18 1.62
N LEU B 150 -46.70 -8.48 1.52
CA LEU B 150 -47.39 -9.59 2.24
C LEU B 150 -47.12 -9.51 3.75
N ILE B 151 -46.01 -8.91 4.18
CA ILE B 151 -45.54 -8.91 5.61
C ILE B 151 -45.98 -7.61 6.31
N VAL B 152 -46.53 -6.64 5.58
CA VAL B 152 -46.88 -5.28 6.12
C VAL B 152 -47.84 -5.44 7.30
N GLU B 153 -48.99 -6.05 7.07
CA GLU B 153 -50.11 -6.15 8.04
C GLU B 153 -49.67 -6.99 9.26
N LYS B 154 -48.75 -7.94 9.06
CA LYS B 154 -48.12 -8.76 10.15
C LYS B 154 -47.21 -7.88 11.02
N LEU B 155 -46.50 -6.93 10.42
CA LEU B 155 -45.55 -6.03 11.12
C LEU B 155 -46.32 -4.96 11.90
N LEU B 156 -47.36 -4.36 11.28
CA LEU B 156 -48.23 -3.31 11.88
C LEU B 156 -48.93 -3.85 13.13
N GLY B 157 -49.23 -5.15 13.16
CA GLY B 157 -50.02 -5.81 14.22
C GLY B 157 -49.20 -6.15 15.46
N ILE B 158 -47.88 -6.33 15.32
CA ILE B 158 -46.97 -6.82 16.40
C ILE B 158 -46.14 -5.65 16.98
N TYR B 159 -46.05 -4.52 16.26
CA TYR B 159 -45.27 -3.32 16.68
C TYR B 159 -46.09 -2.05 16.46
N ASP B 160 -45.92 -1.07 17.35
CA ASP B 160 -46.59 0.25 17.30
C ASP B 160 -45.65 1.26 16.62
N PHE B 161 -45.90 1.57 15.35
CA PHE B 161 -45.10 2.51 14.52
C PHE B 161 -45.59 3.95 14.76
N ASN B 162 -46.77 4.12 15.36
CA ASN B 162 -47.40 5.44 15.64
C ASN B 162 -46.61 6.18 16.72
N GLN B 163 -45.86 5.47 17.56
CA GLN B 163 -45.06 6.02 18.69
C GLN B 163 -43.88 6.84 18.16
N HIS B 164 -43.44 6.58 16.92
CA HIS B 164 -42.24 7.20 16.29
C HIS B 164 -42.65 8.46 15.51
N ASN B 165 -41.66 9.21 15.00
CA ASN B 165 -41.83 10.48 14.25
C ASN B 165 -41.11 10.41 12.91
N ARG B 166 -39.80 10.10 12.93
CA ARG B 166 -38.91 10.04 11.73
C ARG B 166 -38.42 8.60 11.53
N ILE B 167 -38.82 7.97 10.42
CA ILE B 167 -38.61 6.52 10.13
C ILE B 167 -37.82 6.37 8.82
N LEU B 168 -36.61 5.82 8.90
CA LEU B 168 -35.72 5.53 7.74
C LEU B 168 -35.64 4.01 7.52
N ASP B 169 -36.15 3.53 6.38
CA ASP B 169 -36.04 2.11 5.94
C ASP B 169 -34.76 1.96 5.11
N VAL B 170 -33.70 1.37 5.69
CA VAL B 170 -32.37 1.20 5.05
C VAL B 170 -32.41 -0.03 4.15
N GLY B 171 -32.04 0.13 2.87
CA GLY B 171 -32.17 -0.89 1.83
C GLY B 171 -33.63 -1.24 1.57
N GLY B 172 -34.49 -0.22 1.45
CA GLY B 172 -35.95 -0.37 1.30
C GLY B 172 -36.38 -0.66 -0.13
N GLY B 173 -35.44 -0.61 -1.09
CA GLY B 173 -35.69 -0.91 -2.51
C GLY B 173 -36.63 0.12 -3.13
N GLU B 174 -37.81 -0.33 -3.57
CA GLU B 174 -38.86 0.53 -4.22
C GLU B 174 -39.72 1.21 -3.15
N GLY B 175 -39.40 1.00 -1.86
CA GLY B 175 -40.04 1.68 -0.70
C GLY B 175 -41.43 1.17 -0.41
N GLU B 176 -41.76 -0.06 -0.84
CA GLU B 176 -43.10 -0.68 -0.71
C GLU B 176 -43.50 -0.78 0.77
N LEU B 177 -42.56 -1.13 1.65
CA LEU B 177 -42.80 -1.33 3.11
C LEU B 177 -43.37 -0.03 3.71
N LEU B 178 -42.66 1.09 3.55
CA LEU B 178 -43.04 2.41 4.14
C LEU B 178 -44.26 2.99 3.40
N VAL B 179 -44.42 2.69 2.11
CA VAL B 179 -45.57 3.15 1.27
C VAL B 179 -46.87 2.63 1.91
N ARG B 180 -46.94 1.32 2.17
CA ARG B 180 -48.15 0.64 2.74
C ARG B 180 -48.32 1.01 4.21
N ILE B 181 -47.21 1.28 4.92
CA ILE B 181 -47.22 1.66 6.38
C ILE B 181 -47.75 3.10 6.50
N SER B 182 -47.27 4.02 5.67
CA SER B 182 -47.66 5.46 5.66
C SER B 182 -49.17 5.60 5.42
N GLU B 183 -49.76 4.71 4.61
CA GLU B 183 -51.22 4.67 4.29
C GLU B 183 -52.04 4.47 5.57
N LYS B 184 -51.50 3.73 6.56
CA LYS B 184 -52.20 3.40 7.83
C LYS B 184 -51.74 4.37 8.93
N VAL B 185 -50.42 4.50 9.13
CA VAL B 185 -49.81 5.41 10.14
C VAL B 185 -49.46 6.73 9.45
N LYS B 186 -50.27 7.78 9.68
CA LYS B 186 -50.19 9.08 8.97
C LYS B 186 -49.34 10.08 9.77
N GLY B 187 -48.89 11.16 9.09
CA GLY B 187 -48.33 12.37 9.71
C GLY B 187 -46.90 12.18 10.20
N LYS B 188 -46.21 11.14 9.73
CA LYS B 188 -44.79 10.84 10.11
C LYS B 188 -43.85 11.29 8.98
N HIS B 189 -42.57 11.47 9.30
CA HIS B 189 -41.47 11.73 8.33
C HIS B 189 -40.88 10.39 7.88
N TYR B 190 -41.25 9.93 6.69
CA TYR B 190 -40.85 8.63 6.09
C TYR B 190 -39.70 8.84 5.10
N ALA B 191 -38.67 8.00 5.17
CA ALA B 191 -37.49 8.01 4.28
C ALA B 191 -37.09 6.56 3.93
N VAL B 192 -36.72 6.34 2.67
CA VAL B 192 -36.18 5.03 2.16
C VAL B 192 -34.77 5.28 1.63
N LEU B 193 -33.79 4.51 2.11
CA LEU B 193 -32.38 4.54 1.63
C LEU B 193 -32.12 3.27 0.81
N ASP B 194 -31.57 3.43 -0.40
CA ASP B 194 -31.13 2.32 -1.29
C ASP B 194 -30.10 2.87 -2.28
N ARG B 195 -29.55 2.01 -3.15
CA ARG B 195 -28.62 2.40 -4.23
C ARG B 195 -29.45 2.79 -5.47
N TYR B 196 -29.63 4.10 -5.68
CA TYR B 196 -30.40 4.68 -6.81
C TYR B 196 -29.48 5.50 -7.71
N SER B 197 -29.67 5.38 -9.02
CA SER B 197 -29.25 6.37 -10.06
C SER B 197 -30.42 7.33 -10.29
N GLU B 198 -31.65 6.79 -10.26
CA GLU B 198 -32.95 7.50 -10.42
C GLU B 198 -33.81 7.23 -9.17
N LEU B 199 -34.35 8.28 -8.55
CA LEU B 199 -35.15 8.19 -7.30
C LEU B 199 -36.53 7.62 -7.61
N PRO B 200 -37.07 6.69 -6.77
CA PRO B 200 -38.49 6.37 -6.79
C PRO B 200 -39.36 7.55 -6.37
N VAL B 201 -40.65 7.52 -6.72
CA VAL B 201 -41.62 8.65 -6.55
C VAL B 201 -42.81 8.18 -5.69
N SER B 202 -42.89 8.65 -4.45
CA SER B 202 -44.02 8.45 -3.52
C SER B 202 -44.26 9.74 -2.71
N ASP B 203 -45.51 10.23 -2.69
CA ASP B 203 -45.89 11.56 -2.13
C ASP B 203 -45.48 11.65 -0.65
N ASN B 204 -45.53 10.54 0.08
CA ASN B 204 -45.32 10.51 1.56
C ASN B 204 -43.84 10.25 1.89
N ILE B 205 -43.03 9.82 0.91
CA ILE B 205 -41.67 9.24 1.13
C ILE B 205 -40.61 10.14 0.48
N ASP B 206 -39.55 10.44 1.23
CA ASP B 206 -38.31 11.13 0.75
C ASP B 206 -37.24 10.07 0.48
N PHE B 207 -37.08 9.68 -0.79
CA PHE B 207 -36.10 8.65 -1.25
C PHE B 207 -34.70 9.27 -1.33
N ILE B 208 -33.73 8.61 -0.69
CA ILE B 208 -32.31 9.07 -0.57
C ILE B 208 -31.40 7.99 -1.17
N ASN B 209 -30.48 8.39 -2.05
CA ASN B 209 -29.38 7.51 -2.55
C ASN B 209 -28.25 7.49 -1.51
N GLY B 210 -27.72 6.30 -1.22
CA GLY B 210 -26.64 6.12 -0.23
C GLY B 210 -25.98 4.76 -0.33
N ASN B 211 -25.14 4.43 0.66
CA ASN B 211 -24.35 3.18 0.75
C ASN B 211 -24.14 2.86 2.23
N PHE B 212 -24.92 1.92 2.78
CA PHE B 212 -24.96 1.61 4.24
C PHE B 212 -23.63 1.02 4.73
N LEU B 213 -22.74 0.62 3.81
CA LEU B 213 -21.36 0.21 4.13
C LEU B 213 -20.54 1.44 4.55
N ASN B 214 -20.77 2.58 3.88
CA ASN B 214 -20.04 3.86 4.11
C ASN B 214 -20.65 4.59 5.31
N SER B 215 -21.94 4.91 5.25
CA SER B 215 -22.65 5.78 6.24
C SER B 215 -24.15 5.51 6.24
N ILE B 216 -24.76 5.49 7.44
CA ILE B 216 -26.23 5.62 7.68
C ILE B 216 -26.48 7.07 8.12
N PRO B 217 -27.46 7.79 7.52
CA PRO B 217 -27.75 9.16 7.93
C PRO B 217 -28.47 9.23 9.28
N SER B 218 -27.95 10.04 10.22
CA SER B 218 -28.51 10.25 11.57
C SER B 218 -29.69 11.22 11.53
N GLY B 219 -30.48 11.28 12.61
CA GLY B 219 -31.64 12.17 12.75
C GLY B 219 -32.96 11.45 12.54
N TYR B 220 -33.02 10.17 12.88
CA TYR B 220 -34.25 9.31 12.84
C TYR B 220 -34.35 8.56 14.17
N ASP B 221 -35.56 8.44 14.73
CA ASP B 221 -35.83 7.71 16.00
C ASP B 221 -36.09 6.23 15.69
N LEU B 222 -36.49 5.91 14.45
CA LEU B 222 -36.71 4.50 13.99
C LEU B 222 -35.86 4.22 12.74
N TYR B 223 -35.17 3.07 12.74
CA TYR B 223 -34.43 2.50 11.58
C TYR B 223 -34.99 1.10 11.29
N ILE B 224 -35.33 0.82 10.02
CA ILE B 224 -35.79 -0.51 9.55
C ILE B 224 -34.73 -1.07 8.60
N LEU B 225 -34.34 -2.33 8.83
CA LEU B 225 -33.43 -3.12 7.96
C LEU B 225 -34.05 -4.50 7.74
N LYS B 226 -34.73 -4.69 6.60
CA LYS B 226 -35.50 -5.91 6.29
C LYS B 226 -34.82 -6.68 5.15
N ASN B 227 -34.50 -7.96 5.39
CA ASN B 227 -33.95 -8.92 4.38
C ASN B 227 -32.74 -8.31 3.67
N VAL B 228 -31.77 -7.80 4.45
CA VAL B 228 -30.51 -7.17 3.94
C VAL B 228 -29.31 -8.02 4.35
N LEU B 229 -29.15 -8.27 5.66
CA LEU B 229 -27.93 -8.83 6.30
C LEU B 229 -27.53 -10.19 5.70
N HIS B 230 -28.48 -11.00 5.25
CA HIS B 230 -28.18 -12.34 4.66
C HIS B 230 -27.57 -12.19 3.26
N ASN B 231 -27.40 -10.95 2.75
CA ASN B 231 -26.70 -10.65 1.46
C ASN B 231 -25.24 -10.28 1.72
N TRP B 232 -24.73 -10.48 2.95
CA TRP B 232 -23.43 -9.95 3.43
C TRP B 232 -22.76 -10.93 4.40
N SER B 233 -21.42 -10.89 4.47
CA SER B 233 -20.58 -11.71 5.38
C SER B 233 -20.72 -11.20 6.82
N ASP B 234 -20.12 -11.91 7.77
CA ASP B 234 -20.19 -11.60 9.23
C ASP B 234 -19.58 -10.21 9.50
N SER B 235 -18.46 -9.88 8.84
CA SER B 235 -17.73 -8.60 9.03
C SER B 235 -18.48 -7.45 8.36
N ASP B 236 -18.98 -7.65 7.13
CA ASP B 236 -19.80 -6.66 6.38
C ASP B 236 -21.08 -6.35 7.18
N SER B 237 -21.72 -7.38 7.74
CA SER B 237 -22.95 -7.26 8.57
C SER B 237 -22.65 -6.39 9.80
N ILE B 238 -21.55 -6.68 10.52
CA ILE B 238 -21.09 -5.92 11.72
C ILE B 238 -20.91 -4.45 11.32
N LEU B 239 -20.14 -4.20 10.26
CA LEU B 239 -19.85 -2.84 9.72
C LEU B 239 -21.17 -2.06 9.54
N ILE B 240 -22.14 -2.67 8.85
CA ILE B 240 -23.49 -2.09 8.61
C ILE B 240 -24.11 -1.70 9.96
N LEU B 241 -24.05 -2.61 10.95
CA LEU B 241 -24.67 -2.45 12.30
C LEU B 241 -23.88 -1.43 13.13
N GLU B 242 -22.58 -1.30 12.90
CA GLU B 242 -21.71 -0.26 13.52
C GLU B 242 -22.05 1.11 12.93
N ASN B 243 -22.38 1.16 11.62
CA ASN B 243 -22.78 2.40 10.91
C ASN B 243 -24.15 2.86 11.43
N PHE B 244 -25.03 1.92 11.76
CA PHE B 244 -26.35 2.19 12.41
C PHE B 244 -26.11 2.79 13.80
N ARG B 245 -25.25 2.16 14.60
CA ARG B 245 -24.98 2.52 16.01
C ARG B 245 -24.36 3.92 16.08
N LYS B 246 -23.57 4.31 15.08
CA LYS B 246 -22.91 5.64 14.99
C LYS B 246 -23.92 6.69 14.48
N ALA B 247 -24.98 6.25 13.80
CA ALA B 247 -26.06 7.11 13.27
C ALA B 247 -27.18 7.29 14.31
N MET B 248 -27.13 6.53 15.42
CA MET B 248 -28.21 6.43 16.43
C MET B 248 -27.83 7.17 17.71
N ASP B 249 -28.80 7.79 18.37
CA ASP B 249 -28.71 8.35 19.75
C ASP B 249 -29.33 7.32 20.71
N LYS B 250 -29.42 7.66 22.00
CA LYS B 250 -29.96 6.75 23.06
C LYS B 250 -31.45 6.48 22.82
N ASN B 251 -32.19 7.43 22.23
CA ASN B 251 -33.65 7.36 22.03
C ASN B 251 -33.98 6.84 20.62
N SER B 252 -33.01 6.26 19.92
CA SER B 252 -33.17 5.65 18.58
C SER B 252 -33.51 4.17 18.71
N SER B 253 -34.18 3.60 17.70
CA SER B 253 -34.58 2.18 17.64
C SER B 253 -34.29 1.61 16.23
N LEU B 254 -33.65 0.44 16.17
CA LEU B 254 -33.32 -0.27 14.91
C LEU B 254 -34.10 -1.59 14.87
N LEU B 255 -35.11 -1.68 14.00
CA LEU B 255 -35.83 -2.94 13.71
C LEU B 255 -34.99 -3.77 12.73
N LEU B 256 -34.63 -5.00 13.13
CA LEU B 256 -33.98 -6.01 12.26
C LEU B 256 -35.01 -7.11 11.96
N ILE B 257 -35.49 -7.15 10.72
CA ILE B 257 -36.60 -8.05 10.25
C ILE B 257 -36.07 -8.92 9.10
N ASN B 258 -35.49 -10.08 9.43
CA ASN B 258 -34.75 -10.94 8.46
C ASN B 258 -35.31 -12.37 8.53
N MET B 259 -35.31 -13.08 7.40
CA MET B 259 -35.61 -14.54 7.33
C MET B 259 -34.61 -15.26 8.24
N VAL B 260 -35.09 -16.02 9.22
CA VAL B 260 -34.26 -16.65 10.29
C VAL B 260 -34.05 -18.14 9.95
N LYS B 261 -32.88 -18.67 10.31
CA LYS B 261 -32.51 -20.10 10.16
C LYS B 261 -33.30 -20.92 11.20
N GLU B 262 -34.07 -21.91 10.73
CA GLU B 262 -34.85 -22.86 11.59
C GLU B 262 -34.62 -24.28 11.06
N PRO B 263 -34.27 -25.26 11.93
CA PRO B 263 -33.98 -26.63 11.49
C PRO B 263 -35.07 -27.29 10.62
N GLU B 264 -36.34 -26.89 10.80
CA GLU B 264 -37.51 -27.47 10.10
C GLU B 264 -37.42 -27.15 8.60
N PHE B 265 -37.03 -25.92 8.26
CA PHE B 265 -37.07 -25.36 6.88
C PHE B 265 -35.76 -25.68 6.14
N SER B 266 -35.81 -25.57 4.80
CA SER B 266 -34.73 -26.00 3.87
C SER B 266 -33.50 -25.09 4.02
N ARG B 267 -32.31 -25.64 3.73
CA ARG B 267 -31.02 -24.90 3.73
C ARG B 267 -30.75 -24.32 2.34
N SER B 268 -31.60 -24.60 1.35
CA SER B 268 -31.39 -24.26 -0.08
C SER B 268 -31.07 -22.77 -0.22
N PHE B 269 -31.79 -21.90 0.48
CA PHE B 269 -31.63 -20.42 0.43
C PHE B 269 -30.27 -20.01 1.03
N ASP B 270 -29.76 -20.76 2.01
CA ASP B 270 -28.43 -20.50 2.64
C ASP B 270 -27.33 -20.65 1.59
N ILE B 271 -27.49 -21.59 0.68
CA ILE B 271 -26.49 -21.91 -0.39
C ILE B 271 -26.61 -20.84 -1.49
N LEU B 272 -27.84 -20.40 -1.80
CA LEU B 272 -28.10 -19.31 -2.80
C LEU B 272 -27.38 -18.03 -2.38
N MET B 273 -27.48 -17.63 -1.11
CA MET B 273 -26.83 -16.41 -0.54
C MET B 273 -25.30 -16.56 -0.59
N ASP B 274 -24.79 -17.80 -0.48
CA ASP B 274 -23.35 -18.11 -0.62
C ASP B 274 -22.92 -17.85 -2.07
N VAL B 275 -23.70 -18.36 -3.04
CA VAL B 275 -23.46 -18.27 -4.51
C VAL B 275 -23.49 -16.81 -4.95
N LEU B 276 -24.54 -16.07 -4.56
CA LEU B 276 -24.83 -14.70 -5.05
C LEU B 276 -23.95 -13.67 -4.33
N PHE B 277 -23.87 -13.73 -3.00
CA PHE B 277 -23.37 -12.62 -2.14
C PHE B 277 -22.21 -13.03 -1.22
N LEU B 278 -21.93 -14.33 -1.08
CA LEU B 278 -21.13 -14.89 0.05
C LEU B 278 -21.79 -14.45 1.36
N GLY B 279 -23.12 -14.44 1.40
CA GLY B 279 -23.92 -14.20 2.60
C GLY B 279 -24.31 -15.51 3.25
N LYS B 280 -25.28 -15.47 4.18
CA LYS B 280 -25.78 -16.67 4.90
C LYS B 280 -27.11 -16.34 5.58
N GLU B 281 -27.97 -17.33 5.77
CA GLU B 281 -29.14 -17.26 6.68
C GLU B 281 -28.62 -17.53 8.10
N ARG B 282 -29.15 -16.83 9.11
CA ARG B 282 -28.65 -16.84 10.51
C ARG B 282 -29.79 -17.10 11.49
N SER B 283 -29.52 -17.84 12.57
CA SER B 283 -30.42 -18.01 13.73
C SER B 283 -30.52 -16.68 14.47
N PHE B 284 -31.53 -16.52 15.35
CA PHE B 284 -31.68 -15.34 16.23
C PHE B 284 -30.38 -15.12 17.02
N THR B 285 -29.84 -16.19 17.60
CA THR B 285 -28.60 -16.20 18.43
C THR B 285 -27.42 -15.62 17.63
N GLU B 286 -27.37 -15.88 16.32
CA GLU B 286 -26.27 -15.43 15.41
C GLU B 286 -26.44 -13.94 15.11
N PHE B 287 -27.67 -13.49 14.84
CA PHE B 287 -28.02 -12.05 14.65
C PHE B 287 -27.68 -11.26 15.91
N GLU B 288 -27.96 -11.83 17.09
CA GLU B 288 -27.73 -11.19 18.42
C GLU B 288 -26.23 -10.98 18.65
N TYR B 289 -25.40 -11.97 18.30
CA TYR B 289 -23.91 -11.90 18.45
C TYR B 289 -23.36 -10.75 17.61
N LEU B 290 -23.76 -10.67 16.33
CA LEU B 290 -23.34 -9.62 15.36
C LEU B 290 -23.75 -8.24 15.88
N ALA B 291 -24.96 -8.13 16.43
CA ALA B 291 -25.51 -6.90 17.03
C ALA B 291 -24.64 -6.48 18.23
N ASN B 292 -24.34 -7.43 19.13
CA ASN B 292 -23.56 -7.19 20.38
C ASN B 292 -22.14 -6.75 20.04
N GLN B 293 -21.55 -7.30 18.97
CA GLN B 293 -20.18 -6.98 18.50
C GLN B 293 -20.14 -5.54 17.97
N ALA B 294 -21.26 -5.06 17.41
CA ALA B 294 -21.40 -3.71 16.81
C ALA B 294 -21.72 -2.66 17.87
N GLY B 295 -22.05 -3.10 19.09
CA GLY B 295 -22.36 -2.25 20.26
C GLY B 295 -23.84 -1.95 20.39
N LEU B 296 -24.69 -2.93 20.02
CA LEU B 296 -26.17 -2.85 20.13
C LEU B 296 -26.67 -3.93 21.10
N VAL B 297 -27.90 -3.79 21.59
CA VAL B 297 -28.58 -4.76 22.51
C VAL B 297 -30.02 -4.95 22.05
N VAL B 298 -30.54 -6.17 22.21
CA VAL B 298 -31.96 -6.55 21.88
C VAL B 298 -32.85 -6.05 23.01
N GLN B 299 -33.99 -5.45 22.66
CA GLN B 299 -35.03 -4.95 23.61
C GLN B 299 -36.25 -5.88 23.58
N GLU B 300 -36.69 -6.28 22.38
CA GLU B 300 -37.94 -7.03 22.15
C GLU B 300 -37.78 -7.92 20.91
N THR B 301 -38.06 -9.23 21.05
CA THR B 301 -38.00 -10.23 19.95
C THR B 301 -39.41 -10.78 19.71
N LYS B 302 -39.75 -11.04 18.44
CA LYS B 302 -41.05 -11.61 18.01
C LYS B 302 -40.82 -12.48 16.77
N VAL B 303 -41.69 -13.47 16.56
CA VAL B 303 -41.64 -14.41 15.42
C VAL B 303 -42.80 -14.07 14.47
N ILE B 304 -42.50 -13.94 13.18
CA ILE B 304 -43.50 -13.79 12.07
C ILE B 304 -43.45 -15.07 11.23
N ASP B 305 -44.61 -15.54 10.74
CA ASP B 305 -44.73 -16.75 9.91
C ASP B 305 -45.23 -16.39 8.52
N GLN B 306 -44.31 -16.20 7.57
CA GLN B 306 -44.61 -16.09 6.12
C GLN B 306 -44.60 -17.50 5.52
N SER B 307 -45.38 -17.73 4.47
CA SER B 307 -45.58 -19.06 3.84
C SER B 307 -44.23 -19.65 3.40
N TYR B 308 -43.32 -18.80 2.91
CA TYR B 308 -42.04 -19.22 2.27
C TYR B 308 -40.91 -19.38 3.31
N SER B 309 -40.98 -18.69 4.45
CA SER B 309 -39.89 -18.70 5.46
C SER B 309 -40.35 -18.07 6.78
N PRO B 310 -39.83 -18.54 7.94
CA PRO B 310 -40.00 -17.82 9.20
C PRO B 310 -39.10 -16.59 9.25
N TYR B 311 -39.51 -15.58 10.04
CA TYR B 311 -38.82 -14.27 10.20
C TYR B 311 -38.55 -14.01 11.68
N SER B 312 -37.36 -13.50 11.98
CA SER B 312 -36.99 -12.93 13.30
C SER B 312 -37.20 -11.42 13.27
N PHE B 313 -38.00 -10.89 14.20
CA PHE B 313 -38.17 -9.44 14.48
C PHE B 313 -37.34 -9.08 15.71
N ILE B 314 -36.23 -8.36 15.50
CA ILE B 314 -35.25 -8.00 16.58
C ILE B 314 -35.15 -6.47 16.64
N LYS B 315 -35.89 -5.86 17.58
CA LYS B 315 -35.77 -4.41 17.91
C LYS B 315 -34.44 -4.22 18.67
N LEU B 316 -33.57 -3.35 18.15
CA LEU B 316 -32.19 -3.13 18.67
C LEU B 316 -32.04 -1.67 19.10
N GLN B 317 -31.33 -1.45 20.21
CA GLN B 317 -30.95 -0.11 20.73
C GLN B 317 -29.45 -0.14 21.11
N ILE B 318 -28.83 1.04 21.22
CA ILE B 318 -27.41 1.19 21.66
C ILE B 318 -27.35 0.91 23.18
N LYS B 319 -26.19 0.48 23.67
CA LYS B 319 -25.93 0.25 25.12
C LYS B 319 -25.82 1.60 25.82
N SER C 1 -16.79 24.19 -38.28
CA SER C 1 -17.56 24.09 -39.57
C SER C 1 -18.82 23.26 -39.36
N MET C 2 -19.81 23.43 -40.23
CA MET C 2 -21.10 22.69 -40.22
C MET C 2 -20.86 21.23 -40.62
N LEU C 3 -19.83 20.97 -41.44
CA LEU C 3 -19.55 19.65 -42.06
C LEU C 3 -19.08 18.64 -41.00
N THR C 4 -18.06 18.98 -40.21
CA THR C 4 -17.45 18.07 -39.20
C THR C 4 -18.49 17.74 -38.12
N GLU C 5 -19.37 18.68 -37.79
CA GLU C 5 -20.45 18.49 -36.78
C GLU C 5 -21.57 17.63 -37.39
N LEU C 6 -21.81 17.75 -38.69
CA LEU C 6 -22.75 16.86 -39.45
C LEU C 6 -22.19 15.43 -39.41
N ILE C 7 -20.88 15.27 -39.61
CA ILE C 7 -20.15 13.96 -39.54
C ILE C 7 -20.21 13.45 -38.09
N ALA C 8 -20.16 14.37 -37.12
CA ALA C 8 -20.15 14.08 -35.66
C ALA C 8 -21.57 14.11 -35.08
N SER C 9 -22.61 14.01 -35.93
CA SER C 9 -24.04 14.01 -35.54
C SER C 9 -24.30 12.91 -34.51
N ASN C 10 -23.61 11.77 -34.62
CA ASN C 10 -23.71 10.60 -33.71
C ASN C 10 -23.50 11.05 -32.25
N ARG C 11 -22.63 12.04 -32.03
CA ARG C 11 -22.25 12.53 -30.67
C ARG C 11 -23.49 13.09 -29.95
N ARG C 12 -24.39 13.75 -30.69
CA ARG C 12 -25.68 14.28 -30.16
C ARG C 12 -26.47 13.12 -29.55
N SER C 13 -26.76 12.08 -30.34
CA SER C 13 -27.53 10.87 -29.97
C SER C 13 -26.95 10.22 -28.72
N ALA C 14 -25.62 10.16 -28.62
CA ALA C 14 -24.86 9.49 -27.54
C ALA C 14 -24.91 10.32 -26.25
N ALA C 15 -24.82 11.65 -26.35
CA ALA C 15 -24.86 12.60 -25.21
C ALA C 15 -26.24 12.54 -24.54
N ILE C 16 -27.30 12.40 -25.34
CA ILE C 16 -28.70 12.25 -24.83
C ILE C 16 -28.84 10.87 -24.18
N HIS C 17 -28.22 9.84 -24.77
CA HIS C 17 -28.25 8.43 -24.24
C HIS C 17 -27.58 8.39 -22.87
N ALA C 18 -26.40 9.01 -22.72
CA ALA C 18 -25.62 9.10 -21.46
C ALA C 18 -26.46 9.80 -20.39
N PHE C 19 -27.28 10.78 -20.78
CA PHE C 19 -28.12 11.63 -19.90
C PHE C 19 -29.36 10.85 -19.44
N VAL C 20 -30.02 10.13 -20.37
CA VAL C 20 -31.35 9.49 -20.16
C VAL C 20 -31.20 8.06 -19.63
N ASP C 21 -30.30 7.27 -20.21
CA ASP C 21 -30.13 5.81 -19.90
C ASP C 21 -29.62 5.63 -18.47
N THR C 22 -28.74 6.52 -18.00
CA THR C 22 -28.24 6.55 -16.59
C THR C 22 -29.37 6.91 -15.64
N GLY C 23 -30.36 7.68 -16.12
CA GLY C 23 -31.51 8.17 -15.33
C GLY C 23 -31.23 9.53 -14.69
N LEU C 24 -30.17 10.22 -15.14
CA LEU C 24 -29.79 11.57 -14.68
C LEU C 24 -30.86 12.59 -15.10
N SER C 25 -31.50 12.36 -16.26
CA SER C 25 -32.54 13.24 -16.85
C SER C 25 -33.83 13.19 -16.00
N THR C 26 -34.03 12.12 -15.22
CA THR C 26 -35.23 11.92 -14.36
C THR C 26 -35.16 12.82 -13.11
N HIS C 27 -34.01 13.44 -12.83
CA HIS C 27 -33.82 14.42 -11.73
C HIS C 27 -34.26 15.83 -12.17
N PHE C 28 -34.59 16.01 -13.45
CA PHE C 28 -35.00 17.31 -14.06
C PHE C 28 -36.51 17.32 -14.32
N LYS C 29 -37.31 16.71 -13.43
CA LYS C 29 -38.79 16.61 -13.56
C LYS C 29 -39.42 18.00 -13.44
N ASP C 30 -40.48 18.24 -14.22
CA ASP C 30 -41.37 19.44 -14.13
C ASP C 30 -40.56 20.71 -14.39
N GLY C 31 -39.70 20.70 -15.42
CA GLY C 31 -38.90 21.86 -15.88
C GLY C 31 -38.24 22.60 -14.73
N ILE C 32 -37.71 21.87 -13.73
CA ILE C 32 -37.02 22.43 -12.53
C ILE C 32 -35.58 22.80 -12.92
N TYR C 33 -35.05 23.88 -12.33
CA TYR C 33 -33.64 24.34 -12.48
C TYR C 33 -32.76 23.62 -11.44
N VAL C 34 -32.04 22.59 -11.87
CA VAL C 34 -31.24 21.67 -11.01
C VAL C 34 -29.89 22.31 -10.69
N ASP C 35 -29.49 22.28 -9.42
CA ASP C 35 -28.11 22.59 -8.97
C ASP C 35 -27.27 21.32 -9.19
N ILE C 36 -26.26 21.40 -10.06
CA ILE C 36 -25.43 20.25 -10.51
C ILE C 36 -24.52 19.82 -9.36
N SER C 37 -23.97 20.79 -8.61
CA SER C 37 -23.18 20.57 -7.38
C SER C 37 -23.96 19.70 -6.39
N GLU C 38 -25.25 20.01 -6.17
CA GLU C 38 -26.18 19.22 -5.33
C GLU C 38 -26.33 17.81 -5.91
N LEU C 39 -26.71 17.71 -7.18
CA LEU C 39 -26.98 16.43 -7.89
C LEU C 39 -25.73 15.54 -7.83
N SER C 40 -24.54 16.11 -8.00
CA SER C 40 -23.23 15.41 -8.00
C SER C 40 -22.99 14.71 -6.65
N ARG C 41 -23.25 15.39 -5.53
CA ARG C 41 -23.18 14.81 -4.16
C ARG C 41 -24.18 13.66 -4.03
N LYS C 42 -25.43 13.93 -4.42
CA LYS C 42 -26.62 13.06 -4.16
C LYS C 42 -26.56 11.80 -5.03
N SER C 43 -26.19 11.94 -6.31
CA SER C 43 -26.27 10.86 -7.35
C SER C 43 -24.97 10.06 -7.43
N GLY C 44 -23.83 10.65 -7.05
CA GLY C 44 -22.49 10.04 -7.13
C GLY C 44 -21.77 10.34 -8.43
N VAL C 45 -22.38 11.14 -9.32
CA VAL C 45 -21.82 11.48 -10.66
C VAL C 45 -20.67 12.48 -10.47
N ASN C 46 -19.71 12.50 -11.40
CA ASN C 46 -18.56 13.45 -11.40
C ASN C 46 -19.08 14.84 -11.77
N TYR C 47 -18.91 15.81 -10.87
CA TYR C 47 -19.42 17.21 -10.99
C TYR C 47 -18.89 17.83 -12.28
N ALA C 48 -17.56 17.98 -12.38
CA ALA C 48 -16.84 18.71 -13.46
C ALA C 48 -17.14 18.08 -14.82
N ARG C 49 -17.16 16.75 -14.90
CA ARG C 49 -17.37 15.98 -16.15
C ARG C 49 -18.84 16.07 -16.57
N PHE C 50 -19.77 16.09 -15.62
CA PHE C 50 -21.24 16.16 -15.90
C PHE C 50 -21.63 17.58 -16.31
N SER C 51 -21.05 18.60 -15.67
CA SER C 51 -21.15 20.03 -16.08
C SER C 51 -20.91 20.13 -17.59
N ARG C 52 -19.82 19.52 -18.07
CA ARG C 52 -19.36 19.56 -19.49
C ARG C 52 -20.38 18.86 -20.40
N LEU C 53 -21.04 17.80 -19.93
CA LEU C 53 -22.14 17.11 -20.68
C LEU C 53 -23.35 18.05 -20.75
N CYS C 54 -23.69 18.72 -19.65
CA CYS C 54 -24.85 19.66 -19.55
C CYS C 54 -24.62 20.86 -20.49
N ASP C 55 -23.38 21.35 -20.57
CA ASP C 55 -22.96 22.44 -21.49
C ASP C 55 -23.27 22.05 -22.94
N PHE C 56 -22.98 20.81 -23.33
CA PHE C 56 -23.21 20.28 -24.70
C PHE C 56 -24.72 20.13 -24.95
N LEU C 57 -25.49 19.75 -23.92
CA LEU C 57 -26.97 19.57 -23.99
C LEU C 57 -27.66 20.93 -24.12
N VAL C 58 -27.09 21.97 -23.49
CA VAL C 58 -27.55 23.39 -23.64
C VAL C 58 -27.43 23.80 -25.12
N GLU C 59 -26.33 23.42 -25.78
CA GLU C 59 -26.05 23.70 -27.22
C GLU C 59 -27.10 23.03 -28.12
N MET C 60 -27.48 21.79 -27.80
CA MET C 60 -28.50 20.98 -28.53
C MET C 60 -29.90 21.52 -28.25
N GLY C 61 -30.08 22.30 -27.18
CA GLY C 61 -31.37 22.88 -26.76
C GLY C 61 -32.19 21.91 -25.92
N VAL C 62 -31.56 20.85 -25.40
CA VAL C 62 -32.19 19.81 -24.53
C VAL C 62 -32.29 20.36 -23.11
N LEU C 63 -31.23 21.03 -22.64
CA LEU C 63 -31.22 21.79 -21.36
C LEU C 63 -31.27 23.29 -21.67
N VAL C 64 -31.56 24.10 -20.65
CA VAL C 64 -31.51 25.59 -20.67
C VAL C 64 -30.77 26.02 -19.39
N SER C 65 -29.85 26.98 -19.52
CA SER C 65 -28.97 27.46 -18.42
C SER C 65 -29.55 28.74 -17.79
N ASN C 66 -29.42 28.89 -16.47
CA ASN C 66 -29.83 30.11 -15.72
C ASN C 66 -29.19 30.07 -14.32
N ASP C 67 -28.23 30.96 -14.07
CA ASP C 67 -27.54 31.14 -12.77
C ASP C 67 -26.82 29.83 -12.40
N ASN C 68 -25.95 29.33 -13.28
CA ASN C 68 -25.10 28.13 -13.07
C ASN C 68 -25.97 26.91 -12.73
N LYS C 69 -27.24 26.92 -13.15
CA LYS C 69 -28.18 25.77 -13.02
C LYS C 69 -28.72 25.43 -14.41
N PHE C 70 -29.39 24.28 -14.54
CA PHE C 70 -29.92 23.73 -15.82
C PHE C 70 -31.30 23.13 -15.60
N ARG C 71 -32.22 23.34 -16.55
CA ARG C 71 -33.55 22.67 -16.62
C ARG C 71 -33.70 22.04 -18.01
N LEU C 72 -34.55 21.02 -18.14
CA LEU C 72 -34.98 20.46 -19.45
C LEU C 72 -35.83 21.51 -20.17
N SER C 73 -35.67 21.62 -21.50
CA SER C 73 -36.44 22.54 -22.38
C SER C 73 -37.92 22.12 -22.39
N ASP C 74 -38.82 23.02 -22.79
CA ASP C 74 -40.28 22.76 -22.90
C ASP C 74 -40.50 21.50 -23.73
N GLU C 75 -39.75 21.35 -24.82
CA GLU C 75 -39.84 20.21 -25.78
C GLU C 75 -39.36 18.92 -25.11
N CYS C 76 -38.29 18.99 -24.31
CA CYS C 76 -37.53 17.83 -23.77
C CYS C 76 -37.94 17.50 -22.33
N HIS C 77 -39.18 17.81 -21.92
CA HIS C 77 -39.74 17.42 -20.60
C HIS C 77 -39.90 15.88 -20.54
N VAL C 78 -40.10 15.26 -21.71
CA VAL C 78 -40.29 13.79 -21.89
C VAL C 78 -39.04 13.03 -21.39
N PHE C 79 -37.85 13.65 -21.45
CA PHE C 79 -36.57 13.04 -21.02
C PHE C 79 -36.53 12.82 -19.51
N ALA C 80 -37.41 13.49 -18.76
CA ALA C 80 -37.57 13.30 -17.29
C ALA C 80 -38.35 11.99 -17.04
N ASN C 81 -39.28 11.65 -17.94
CA ASN C 81 -40.21 10.51 -17.80
C ASN C 81 -39.55 9.25 -18.38
N PRO C 82 -39.31 8.19 -17.57
CA PRO C 82 -38.81 6.93 -18.10
C PRO C 82 -39.81 6.21 -19.03
N GLU C 83 -41.11 6.39 -18.80
CA GLU C 83 -42.21 5.73 -19.54
C GLU C 83 -42.48 6.44 -20.87
N SER C 84 -41.83 7.58 -21.13
CA SER C 84 -41.94 8.36 -22.39
C SER C 84 -41.37 7.56 -23.57
N PHE C 85 -42.02 7.64 -24.73
CA PHE C 85 -41.61 6.89 -25.97
C PHE C 85 -40.22 7.36 -26.40
N GLU C 86 -39.90 8.64 -26.17
CA GLU C 86 -38.59 9.27 -26.50
C GLU C 86 -37.47 8.56 -25.71
N SER C 87 -37.73 8.19 -24.45
CA SER C 87 -36.75 7.50 -23.55
C SER C 87 -36.46 6.09 -24.09
N PHE C 88 -37.50 5.36 -24.50
CA PHE C 88 -37.40 4.02 -25.13
C PHE C 88 -36.73 4.14 -26.51
N MET C 89 -37.06 5.20 -27.25
CA MET C 89 -36.49 5.52 -28.59
C MET C 89 -34.97 5.63 -28.47
N ILE C 90 -34.48 6.39 -27.48
CA ILE C 90 -33.03 6.65 -27.23
C ILE C 90 -32.32 5.34 -26.89
N LYS C 91 -32.96 4.50 -26.06
CA LYS C 91 -32.40 3.21 -25.54
C LYS C 91 -31.97 2.30 -26.70
N LEU C 92 -32.77 2.25 -27.77
CA LEU C 92 -32.57 1.35 -28.94
C LEU C 92 -31.71 2.04 -30.01
N GLU C 93 -31.85 3.36 -30.18
CA GLU C 93 -31.36 4.15 -31.34
C GLU C 93 -29.88 3.84 -31.62
N ILE C 94 -29.03 3.88 -30.59
CA ILE C 94 -27.55 3.68 -30.72
C ILE C 94 -27.09 2.49 -29.85
N CYS C 95 -27.98 1.54 -29.56
CA CYS C 95 -27.64 0.27 -28.87
C CYS C 95 -26.71 -0.55 -29.77
N SER C 96 -25.90 -1.42 -29.17
CA SER C 96 -24.89 -2.29 -29.83
C SER C 96 -25.45 -2.88 -31.13
N HIS C 97 -26.68 -3.38 -31.11
CA HIS C 97 -27.31 -4.16 -32.20
C HIS C 97 -27.70 -3.25 -33.38
N TYR C 98 -28.16 -2.03 -33.10
CA TYR C 98 -28.50 -1.00 -34.11
C TYR C 98 -27.20 -0.45 -34.72
N SER C 99 -26.22 -0.14 -33.87
CA SER C 99 -24.86 0.33 -34.25
C SER C 99 -24.24 -0.62 -35.29
N ASN C 100 -24.16 -1.91 -34.96
CA ASN C 100 -23.53 -2.97 -35.81
C ASN C 100 -24.31 -3.13 -37.12
N ALA C 101 -25.63 -2.98 -37.08
CA ALA C 101 -26.54 -3.06 -38.25
C ALA C 101 -26.27 -1.88 -39.20
N TRP C 102 -26.06 -0.68 -38.64
CA TRP C 102 -25.77 0.57 -39.41
C TRP C 102 -24.43 0.43 -40.14
N LEU C 103 -23.42 -0.19 -39.50
CA LEU C 103 -22.06 -0.37 -40.06
C LEU C 103 -22.08 -1.35 -41.26
N MET C 104 -23.16 -2.12 -41.42
CA MET C 104 -23.34 -3.09 -42.54
C MET C 104 -24.20 -2.45 -43.65
N TYR C 105 -24.80 -1.29 -43.42
CA TYR C 105 -25.76 -0.62 -44.34
C TYR C 105 -25.11 -0.39 -45.71
N GLY C 106 -23.88 0.14 -45.72
CA GLY C 106 -23.11 0.39 -46.95
C GLY C 106 -22.99 -0.86 -47.81
N LYS C 107 -22.57 -1.98 -47.20
CA LYS C 107 -22.32 -3.27 -47.88
C LYS C 107 -23.65 -3.93 -48.27
N SER C 108 -24.74 -3.60 -47.57
CA SER C 108 -26.11 -4.17 -47.80
C SER C 108 -26.64 -3.72 -49.17
N LEU C 109 -26.28 -2.52 -49.61
CA LEU C 109 -26.79 -1.88 -50.86
C LEU C 109 -26.34 -2.66 -52.11
N PHE C 110 -25.22 -3.38 -52.03
CA PHE C 110 -24.60 -4.12 -53.15
C PHE C 110 -25.22 -5.52 -53.28
N GLU C 111 -25.58 -6.15 -52.15
CA GLU C 111 -26.15 -7.52 -52.10
C GLU C 111 -27.65 -7.47 -52.45
N ASP C 112 -28.09 -8.39 -53.33
CA ASP C 112 -29.51 -8.53 -53.78
C ASP C 112 -30.03 -9.90 -53.32
N ASP C 113 -29.54 -10.39 -52.18
CA ASP C 113 -29.94 -11.69 -51.57
C ASP C 113 -31.26 -11.52 -50.80
N GLY C 114 -31.64 -10.28 -50.51
CA GLY C 114 -32.86 -9.93 -49.74
C GLY C 114 -32.59 -9.96 -48.24
N LYS C 115 -31.31 -9.87 -47.84
CA LYS C 115 -30.86 -9.87 -46.43
C LYS C 115 -30.59 -8.43 -45.99
N SER C 116 -31.24 -7.99 -44.90
CA SER C 116 -31.11 -6.63 -44.32
C SER C 116 -29.72 -6.49 -43.67
N ALA C 117 -29.21 -5.25 -43.59
CA ALA C 117 -27.95 -4.90 -42.91
C ALA C 117 -27.95 -5.44 -41.47
N PHE C 118 -29.13 -5.56 -40.85
CA PHE C 118 -29.34 -6.18 -39.52
C PHE C 118 -29.13 -7.69 -39.60
N GLU C 119 -29.71 -8.34 -40.61
CA GLU C 119 -29.58 -9.81 -40.84
C GLU C 119 -28.11 -10.14 -41.11
N MET C 120 -27.44 -9.35 -41.95
CA MET C 120 -26.02 -9.54 -42.34
C MET C 120 -25.13 -9.42 -41.10
N ALA C 121 -25.42 -8.47 -40.20
CA ALA C 121 -24.63 -8.18 -38.97
C ALA C 121 -24.85 -9.29 -37.93
N HIS C 122 -26.09 -9.75 -37.74
CA HIS C 122 -26.55 -10.54 -36.57
C HIS C 122 -26.85 -12.00 -36.92
N GLY C 123 -27.35 -12.28 -38.13
CA GLY C 123 -27.48 -13.65 -38.68
C GLY C 123 -28.92 -14.08 -38.91
N ARG C 124 -29.89 -13.29 -38.40
CA ARG C 124 -31.35 -13.55 -38.58
C ARG C 124 -32.07 -12.22 -38.80
N PRO C 125 -33.26 -12.22 -39.45
CA PRO C 125 -34.07 -11.00 -39.59
C PRO C 125 -34.52 -10.46 -38.22
N PHE C 126 -34.88 -9.17 -38.18
CA PHE C 126 -35.04 -8.34 -36.95
C PHE C 126 -35.92 -9.05 -35.91
N PHE C 127 -37.15 -9.41 -36.30
CA PHE C 127 -38.20 -9.96 -35.40
C PHE C 127 -37.83 -11.37 -34.94
N GLU C 128 -37.26 -12.19 -35.85
CA GLU C 128 -36.79 -13.57 -35.54
C GLU C 128 -35.64 -13.50 -34.53
N TYR C 129 -34.79 -12.46 -34.62
CA TYR C 129 -33.66 -12.22 -33.68
C TYR C 129 -34.20 -11.74 -32.32
N LEU C 130 -35.24 -10.89 -32.34
CA LEU C 130 -35.89 -10.31 -31.12
C LEU C 130 -36.45 -11.44 -30.24
N ASP C 131 -36.79 -12.60 -30.83
CA ASP C 131 -37.15 -13.84 -30.08
C ASP C 131 -36.00 -14.17 -29.11
N GLY C 132 -34.77 -14.18 -29.61
CA GLY C 132 -33.54 -14.54 -28.85
C GLY C 132 -33.21 -13.49 -27.79
N ASN C 133 -33.14 -12.21 -28.18
CA ASN C 133 -32.64 -11.11 -27.32
C ASN C 133 -33.81 -10.47 -26.57
N LYS C 134 -33.73 -10.43 -25.23
CA LYS C 134 -34.78 -9.92 -24.31
C LYS C 134 -34.74 -8.38 -24.28
N PHE C 135 -33.52 -7.80 -24.28
CA PHE C 135 -33.27 -6.33 -24.22
C PHE C 135 -34.01 -5.62 -25.37
N LEU C 136 -33.85 -6.13 -26.61
CA LEU C 136 -34.39 -5.49 -27.84
C LEU C 136 -35.92 -5.61 -27.89
N LYS C 137 -36.47 -6.79 -27.55
CA LYS C 137 -37.93 -7.08 -27.67
C LYS C 137 -38.71 -6.24 -26.65
N SER C 138 -38.28 -6.23 -25.39
CA SER C 138 -38.92 -5.50 -24.27
C SER C 138 -38.96 -3.99 -24.57
N ASN C 139 -37.85 -3.43 -25.06
CA ASN C 139 -37.69 -1.97 -25.34
C ASN C 139 -38.48 -1.60 -26.60
N PHE C 140 -38.44 -2.44 -27.63
CA PHE C 140 -39.15 -2.23 -28.93
C PHE C 140 -40.67 -2.29 -28.72
N ASP C 141 -41.15 -3.32 -28.00
CA ASP C 141 -42.58 -3.52 -27.68
C ASP C 141 -43.08 -2.36 -26.80
N ALA C 142 -42.24 -1.89 -25.87
CA ALA C 142 -42.51 -0.71 -25.01
C ALA C 142 -42.65 0.55 -25.89
N LEU C 143 -41.74 0.74 -26.84
CA LEU C 143 -41.79 1.87 -27.80
C LEU C 143 -43.15 1.84 -28.52
N MET C 144 -43.48 0.69 -29.14
CA MET C 144 -44.76 0.47 -29.88
C MET C 144 -45.96 0.76 -28.96
N THR C 145 -45.85 0.40 -27.68
CA THR C 145 -46.91 0.60 -26.65
C THR C 145 -47.11 2.10 -26.41
N ARG C 146 -46.04 2.87 -26.28
CA ARG C 146 -46.10 4.33 -25.92
C ARG C 146 -46.62 5.14 -27.11
N VAL C 147 -46.23 4.78 -28.35
CA VAL C 147 -46.66 5.50 -29.59
C VAL C 147 -48.12 5.14 -29.90
N SER C 148 -48.53 3.92 -29.56
CA SER C 148 -49.94 3.43 -29.68
C SER C 148 -50.83 4.20 -28.70
N ASN C 149 -50.36 4.41 -27.47
CA ASN C 149 -51.06 5.15 -26.39
C ASN C 149 -51.47 6.54 -26.89
N LEU C 150 -50.58 7.23 -27.61
CA LEU C 150 -50.73 8.65 -28.01
C LEU C 150 -51.72 8.81 -29.17
N ILE C 151 -51.97 7.75 -29.97
CA ILE C 151 -52.82 7.83 -31.20
C ILE C 151 -54.23 7.30 -30.92
N VAL C 152 -54.52 6.79 -29.71
CA VAL C 152 -55.83 6.15 -29.36
C VAL C 152 -56.95 7.18 -29.46
N GLU C 153 -56.87 8.24 -28.65
CA GLU C 153 -57.91 9.30 -28.51
C GLU C 153 -58.18 9.93 -29.89
N LYS C 154 -57.13 10.09 -30.71
CA LYS C 154 -57.21 10.59 -32.12
C LYS C 154 -58.11 9.67 -32.95
N LEU C 155 -57.79 8.37 -32.98
CA LEU C 155 -58.48 7.34 -33.81
C LEU C 155 -59.96 7.25 -33.39
N LEU C 156 -60.24 7.18 -32.09
CA LEU C 156 -61.60 7.09 -31.52
C LEU C 156 -62.46 8.26 -32.02
N GLY C 157 -61.86 9.43 -32.24
CA GLY C 157 -62.53 10.65 -32.72
C GLY C 157 -62.96 10.56 -34.18
N ILE C 158 -62.04 10.12 -35.05
CA ILE C 158 -62.19 10.18 -36.55
C ILE C 158 -62.97 8.96 -37.08
N TYR C 159 -63.21 7.94 -36.25
CA TYR C 159 -63.91 6.69 -36.64
C TYR C 159 -64.82 6.20 -35.51
N ASP C 160 -66.02 5.72 -35.88
CA ASP C 160 -67.01 5.10 -34.95
C ASP C 160 -66.70 3.60 -34.84
N PHE C 161 -65.97 3.21 -33.79
CA PHE C 161 -65.58 1.81 -33.48
C PHE C 161 -66.77 1.04 -32.87
N ASN C 162 -67.80 1.75 -32.43
CA ASN C 162 -68.97 1.18 -31.70
C ASN C 162 -69.85 0.37 -32.66
N GLN C 163 -69.87 0.72 -33.95
CA GLN C 163 -70.72 0.08 -34.99
C GLN C 163 -70.35 -1.40 -35.15
N HIS C 164 -69.07 -1.73 -34.93
CA HIS C 164 -68.49 -3.10 -35.10
C HIS C 164 -68.71 -3.92 -33.83
N ASN C 165 -68.53 -5.25 -33.92
CA ASN C 165 -68.80 -6.22 -32.82
C ASN C 165 -67.49 -6.98 -32.47
N ARG C 166 -66.89 -7.63 -33.47
CA ARG C 166 -65.61 -8.40 -33.32
C ARG C 166 -64.47 -7.63 -34.00
N ILE C 167 -63.39 -7.36 -33.26
CA ILE C 167 -62.23 -6.54 -33.72
C ILE C 167 -60.94 -7.34 -33.53
N LEU C 168 -60.03 -7.28 -34.51
CA LEU C 168 -58.71 -7.97 -34.49
C LEU C 168 -57.60 -7.00 -34.94
N ASP C 169 -56.66 -6.70 -34.03
CA ASP C 169 -55.43 -5.92 -34.32
C ASP C 169 -54.32 -6.90 -34.73
N VAL C 170 -54.02 -6.94 -36.04
CA VAL C 170 -52.99 -7.85 -36.64
C VAL C 170 -51.62 -7.22 -36.43
N GLY C 171 -50.70 -7.97 -35.80
CA GLY C 171 -49.37 -7.48 -35.39
C GLY C 171 -49.49 -6.35 -34.38
N GLY C 172 -50.29 -6.56 -33.33
CA GLY C 172 -50.63 -5.54 -32.32
C GLY C 172 -49.65 -5.52 -31.16
N GLY C 173 -48.72 -6.48 -31.09
CA GLY C 173 -47.69 -6.58 -30.04
C GLY C 173 -48.32 -6.80 -28.66
N GLU C 174 -48.08 -5.88 -27.72
CA GLU C 174 -48.62 -5.95 -26.33
C GLU C 174 -50.12 -5.64 -26.33
N GLY C 175 -50.63 -5.04 -27.42
CA GLY C 175 -52.08 -4.84 -27.67
C GLY C 175 -52.61 -3.61 -26.96
N GLU C 176 -51.76 -2.60 -26.75
CA GLU C 176 -52.08 -1.36 -25.98
C GLU C 176 -53.21 -0.58 -26.67
N LEU C 177 -53.30 -0.65 -28.00
CA LEU C 177 -54.32 0.06 -28.81
C LEU C 177 -55.73 -0.38 -28.38
N LEU C 178 -56.05 -1.67 -28.51
CA LEU C 178 -57.40 -2.24 -28.25
C LEU C 178 -57.74 -2.18 -26.75
N VAL C 179 -56.74 -2.32 -25.88
CA VAL C 179 -56.89 -2.18 -24.39
C VAL C 179 -57.47 -0.79 -24.10
N ARG C 180 -56.84 0.26 -24.64
CA ARG C 180 -57.23 1.68 -24.40
C ARG C 180 -58.48 2.03 -25.21
N ILE C 181 -58.80 1.27 -26.27
CA ILE C 181 -60.05 1.42 -27.07
C ILE C 181 -61.20 0.71 -26.32
N SER C 182 -60.93 -0.44 -25.70
CA SER C 182 -61.92 -1.28 -24.98
C SER C 182 -62.46 -0.55 -23.74
N GLU C 183 -61.66 0.35 -23.16
CA GLU C 183 -62.04 1.15 -21.95
C GLU C 183 -63.01 2.27 -22.33
N LYS C 184 -63.07 2.66 -23.61
CA LYS C 184 -63.99 3.71 -24.15
C LYS C 184 -65.18 3.03 -24.86
N VAL C 185 -64.91 2.06 -25.73
CA VAL C 185 -65.94 1.31 -26.51
C VAL C 185 -66.10 -0.08 -25.86
N LYS C 186 -67.25 -0.31 -25.19
CA LYS C 186 -67.50 -1.49 -24.33
C LYS C 186 -68.54 -2.41 -24.97
N GLY C 187 -68.54 -3.69 -24.57
CA GLY C 187 -69.47 -4.73 -25.03
C GLY C 187 -69.04 -5.33 -26.36
N LYS C 188 -67.73 -5.36 -26.63
CA LYS C 188 -67.14 -5.81 -27.92
C LYS C 188 -66.13 -6.94 -27.67
N HIS C 189 -65.91 -7.80 -28.68
CA HIS C 189 -64.91 -8.89 -28.68
C HIS C 189 -63.58 -8.36 -29.24
N TYR C 190 -62.54 -8.29 -28.39
CA TYR C 190 -61.20 -7.73 -28.72
C TYR C 190 -60.17 -8.86 -28.78
N ALA C 191 -59.40 -8.91 -29.87
CA ALA C 191 -58.33 -9.89 -30.11
C ALA C 191 -57.10 -9.20 -30.71
N VAL C 192 -55.90 -9.67 -30.35
CA VAL C 192 -54.59 -9.11 -30.81
C VAL C 192 -53.71 -10.27 -31.30
N LEU C 193 -53.48 -10.33 -32.62
CA LEU C 193 -52.65 -11.37 -33.30
C LEU C 193 -51.21 -10.86 -33.43
N ASP C 194 -50.22 -11.72 -33.13
CA ASP C 194 -48.77 -11.38 -33.18
C ASP C 194 -47.93 -12.65 -33.04
N ARG C 195 -46.67 -12.62 -33.49
CA ARG C 195 -45.65 -13.66 -33.20
C ARG C 195 -45.30 -13.60 -31.71
N TYR C 196 -45.92 -14.45 -30.90
CA TYR C 196 -45.82 -14.44 -29.41
C TYR C 196 -44.86 -15.54 -28.93
N SER C 197 -43.76 -15.13 -28.31
CA SER C 197 -42.87 -15.95 -27.45
C SER C 197 -43.52 -16.10 -26.06
N GLU C 198 -44.17 -15.02 -25.59
CA GLU C 198 -44.86 -14.92 -24.27
C GLU C 198 -46.25 -14.32 -24.48
N LEU C 199 -47.30 -15.12 -24.28
CA LEU C 199 -48.73 -14.71 -24.36
C LEU C 199 -49.03 -13.68 -23.26
N PRO C 200 -49.34 -12.42 -23.61
CA PRO C 200 -49.81 -11.44 -22.62
C PRO C 200 -51.25 -11.76 -22.17
N VAL C 201 -51.75 -11.04 -21.16
CA VAL C 201 -53.14 -11.19 -20.64
C VAL C 201 -53.69 -9.80 -20.24
N SER C 202 -54.94 -9.54 -20.63
CA SER C 202 -55.73 -8.32 -20.31
C SER C 202 -57.21 -8.67 -20.38
N ASP C 203 -57.93 -8.53 -19.26
CA ASP C 203 -59.34 -9.00 -19.06
C ASP C 203 -60.10 -9.00 -20.39
N ASN C 204 -60.22 -7.83 -21.03
CA ASN C 204 -61.10 -7.59 -22.20
C ASN C 204 -60.51 -8.20 -23.47
N ILE C 205 -59.18 -8.42 -23.52
CA ILE C 205 -58.43 -8.80 -24.74
C ILE C 205 -58.30 -10.33 -24.82
N ASP C 206 -58.28 -10.87 -26.06
CA ASP C 206 -58.14 -12.31 -26.39
C ASP C 206 -56.94 -12.47 -27.32
N PHE C 207 -55.75 -12.73 -26.75
CA PHE C 207 -54.44 -12.77 -27.47
C PHE C 207 -54.28 -14.07 -28.25
N ILE C 208 -53.78 -13.98 -29.48
CA ILE C 208 -53.63 -15.10 -30.46
C ILE C 208 -52.20 -15.07 -31.04
N ASN C 209 -51.54 -16.23 -31.15
CA ASN C 209 -50.22 -16.39 -31.81
C ASN C 209 -50.44 -16.83 -33.25
N GLY C 210 -50.07 -15.98 -34.22
CA GLY C 210 -50.24 -16.24 -35.67
C GLY C 210 -49.12 -15.65 -36.50
N ASN C 211 -49.24 -15.72 -37.82
CA ASN C 211 -48.26 -15.21 -38.82
C ASN C 211 -49.03 -14.64 -40.01
N PHE C 212 -49.09 -13.31 -40.13
CA PHE C 212 -49.94 -12.59 -41.12
C PHE C 212 -49.44 -12.85 -42.55
N LEU C 213 -48.19 -13.33 -42.70
CA LEU C 213 -47.62 -13.78 -44.00
C LEU C 213 -48.31 -15.08 -44.42
N ASN C 214 -48.60 -15.96 -43.46
CA ASN C 214 -49.21 -17.30 -43.69
C ASN C 214 -50.74 -17.17 -43.82
N SER C 215 -51.42 -16.67 -42.78
CA SER C 215 -52.90 -16.62 -42.70
C SER C 215 -53.38 -15.52 -41.74
N ILE C 216 -54.59 -15.00 -41.99
CA ILE C 216 -55.36 -14.10 -41.07
C ILE C 216 -56.66 -14.81 -40.72
N PRO C 217 -56.97 -15.02 -39.42
CA PRO C 217 -58.17 -15.74 -39.02
C PRO C 217 -59.45 -14.95 -39.33
N SER C 218 -60.40 -15.57 -40.04
CA SER C 218 -61.69 -14.98 -40.48
C SER C 218 -62.67 -14.90 -39.30
N GLY C 219 -63.77 -14.17 -39.47
CA GLY C 219 -64.84 -14.01 -38.48
C GLY C 219 -64.67 -12.74 -37.65
N TYR C 220 -64.21 -11.66 -38.27
CA TYR C 220 -64.12 -10.30 -37.68
C TYR C 220 -64.61 -9.29 -38.72
N ASP C 221 -65.50 -8.38 -38.31
CA ASP C 221 -66.06 -7.31 -39.19
C ASP C 221 -65.15 -6.08 -39.16
N LEU C 222 -64.21 -6.01 -38.22
CA LEU C 222 -63.15 -4.95 -38.16
C LEU C 222 -61.78 -5.59 -37.95
N TYR C 223 -60.84 -5.31 -38.86
CA TYR C 223 -59.40 -5.65 -38.74
C TYR C 223 -58.59 -4.36 -38.66
N ILE C 224 -57.44 -4.41 -37.99
CA ILE C 224 -56.50 -3.26 -37.83
C ILE C 224 -55.08 -3.76 -38.14
N LEU C 225 -54.34 -2.98 -38.95
CA LEU C 225 -52.93 -3.22 -39.31
C LEU C 225 -52.17 -1.90 -39.17
N LYS C 226 -51.70 -1.58 -37.96
CA LYS C 226 -51.01 -0.30 -37.63
C LYS C 226 -49.49 -0.53 -37.54
N ASN C 227 -48.73 0.26 -38.29
CA ASN C 227 -47.23 0.33 -38.24
C ASN C 227 -46.63 -1.06 -38.45
N VAL C 228 -47.11 -1.79 -39.46
CA VAL C 228 -46.63 -3.15 -39.84
C VAL C 228 -45.93 -3.07 -41.21
N LEU C 229 -46.64 -2.57 -42.23
CA LEU C 229 -46.25 -2.64 -43.67
C LEU C 229 -44.83 -2.09 -43.91
N HIS C 230 -44.44 -1.00 -43.23
CA HIS C 230 -43.13 -0.32 -43.46
C HIS C 230 -41.97 -1.20 -42.97
N ASN C 231 -42.25 -2.36 -42.37
CA ASN C 231 -41.24 -3.38 -41.98
C ASN C 231 -41.13 -4.47 -43.07
N TRP C 232 -41.80 -4.28 -44.22
CA TRP C 232 -41.94 -5.31 -45.29
C TRP C 232 -41.74 -4.70 -46.68
N SER C 233 -41.32 -5.53 -47.64
CA SER C 233 -41.15 -5.19 -49.07
C SER C 233 -42.52 -5.07 -49.74
N ASP C 234 -42.56 -4.53 -50.97
CA ASP C 234 -43.80 -4.41 -51.80
C ASP C 234 -44.46 -5.78 -51.93
N SER C 235 -43.66 -6.84 -52.15
CA SER C 235 -44.12 -8.23 -52.39
C SER C 235 -44.69 -8.83 -51.09
N ASP C 236 -43.99 -8.66 -49.97
CA ASP C 236 -44.39 -9.17 -48.64
C ASP C 236 -45.63 -8.42 -48.14
N SER C 237 -45.74 -7.13 -48.49
CA SER C 237 -46.90 -6.25 -48.14
C SER C 237 -48.17 -6.77 -48.85
N ILE C 238 -48.08 -7.07 -50.15
CA ILE C 238 -49.20 -7.57 -51.00
C ILE C 238 -49.67 -8.92 -50.45
N LEU C 239 -48.74 -9.81 -50.10
CA LEU C 239 -49.00 -11.14 -49.49
C LEU C 239 -49.87 -10.96 -48.24
N ILE C 240 -49.52 -10.01 -47.37
CA ILE C 240 -50.24 -9.70 -46.09
C ILE C 240 -51.64 -9.18 -46.41
N LEU C 241 -51.76 -8.25 -47.37
CA LEU C 241 -53.04 -7.60 -47.75
C LEU C 241 -53.95 -8.62 -48.44
N GLU C 242 -53.38 -9.55 -49.21
CA GLU C 242 -54.12 -10.67 -49.87
C GLU C 242 -54.71 -11.59 -48.80
N ASN C 243 -53.97 -11.83 -47.71
CA ASN C 243 -54.38 -12.70 -46.58
C ASN C 243 -55.56 -12.07 -45.84
N PHE C 244 -55.62 -10.73 -45.77
CA PHE C 244 -56.77 -9.96 -45.23
C PHE C 244 -57.99 -10.18 -46.12
N ARG C 245 -57.81 -10.06 -47.45
CA ARG C 245 -58.89 -10.16 -48.46
C ARG C 245 -59.56 -11.54 -48.39
N LYS C 246 -58.77 -12.60 -48.23
CA LYS C 246 -59.26 -14.01 -48.11
C LYS C 246 -60.03 -14.17 -46.79
N ALA C 247 -59.52 -13.57 -45.71
CA ALA C 247 -60.09 -13.65 -44.33
C ALA C 247 -61.37 -12.82 -44.23
N MET C 248 -61.38 -11.62 -44.81
CA MET C 248 -62.52 -10.67 -44.77
C MET C 248 -63.67 -11.17 -45.65
N ASP C 249 -64.89 -10.71 -45.36
CA ASP C 249 -66.10 -10.85 -46.22
C ASP C 249 -66.53 -9.44 -46.65
N LYS C 250 -67.66 -9.32 -47.38
CA LYS C 250 -68.13 -8.05 -48.00
C LYS C 250 -68.53 -7.04 -46.92
N ASN C 251 -68.92 -7.51 -45.72
CA ASN C 251 -69.39 -6.65 -44.60
C ASN C 251 -68.24 -6.35 -43.63
N SER C 252 -67.02 -6.82 -43.92
CA SER C 252 -65.80 -6.62 -43.10
C SER C 252 -65.03 -5.38 -43.58
N SER C 253 -64.32 -4.72 -42.66
CA SER C 253 -63.49 -3.51 -42.90
C SER C 253 -62.07 -3.72 -42.33
N LEU C 254 -61.06 -3.20 -43.04
CA LEU C 254 -59.63 -3.21 -42.61
C LEU C 254 -59.14 -1.76 -42.51
N LEU C 255 -58.69 -1.35 -41.33
CA LEU C 255 -58.09 0.00 -41.09
C LEU C 255 -56.57 -0.12 -41.19
N LEU C 256 -56.01 0.28 -42.33
CA LEU C 256 -54.54 0.41 -42.54
C LEU C 256 -54.09 1.76 -41.98
N ILE C 257 -53.47 1.73 -40.79
CA ILE C 257 -52.98 2.93 -40.06
C ILE C 257 -51.45 2.84 -39.99
N ASN C 258 -50.74 3.61 -40.83
CA ASN C 258 -49.27 3.58 -40.92
C ASN C 258 -48.73 5.00 -41.11
N MET C 259 -47.51 5.25 -40.62
CA MET C 259 -46.75 6.50 -40.88
C MET C 259 -46.57 6.65 -42.40
N VAL C 260 -46.80 7.86 -42.92
CA VAL C 260 -46.86 8.15 -44.38
C VAL C 260 -45.67 9.06 -44.75
N LYS C 261 -45.18 8.91 -45.99
CA LYS C 261 -44.12 9.78 -46.58
C LYS C 261 -44.74 11.14 -46.96
N GLU C 262 -44.16 12.23 -46.46
CA GLU C 262 -44.50 13.62 -46.87
C GLU C 262 -43.21 14.43 -46.98
N PRO C 263 -43.00 15.17 -48.09
CA PRO C 263 -41.73 15.86 -48.35
C PRO C 263 -41.17 16.69 -47.19
N GLU C 264 -42.04 17.35 -46.42
CA GLU C 264 -41.65 18.27 -45.31
C GLU C 264 -40.79 17.51 -44.30
N PHE C 265 -41.21 16.31 -43.91
CA PHE C 265 -40.60 15.49 -42.83
C PHE C 265 -39.32 14.81 -43.33
N SER C 266 -38.55 14.21 -42.41
CA SER C 266 -37.21 13.62 -42.67
C SER C 266 -37.34 12.24 -43.32
N ARG C 267 -36.36 11.88 -44.15
CA ARG C 267 -36.23 10.56 -44.83
C ARG C 267 -35.45 9.59 -43.93
N SER C 268 -34.92 10.08 -42.80
CA SER C 268 -34.05 9.32 -41.84
C SER C 268 -34.70 7.99 -41.45
N PHE C 269 -36.03 7.98 -41.24
CA PHE C 269 -36.81 6.78 -40.84
C PHE C 269 -36.89 5.80 -42.01
N ASP C 270 -36.99 6.32 -43.24
CA ASP C 270 -37.01 5.52 -44.49
C ASP C 270 -35.74 4.67 -44.58
N ILE C 271 -34.60 5.24 -44.12
CA ILE C 271 -33.26 4.59 -44.18
C ILE C 271 -33.17 3.54 -43.05
N LEU C 272 -33.69 3.85 -41.86
CA LEU C 272 -33.69 2.92 -40.70
C LEU C 272 -34.48 1.65 -41.04
N MET C 273 -35.65 1.80 -41.67
CA MET C 273 -36.53 0.67 -42.10
C MET C 273 -35.78 -0.22 -43.10
N ASP C 274 -34.99 0.38 -43.99
CA ASP C 274 -34.14 -0.35 -44.98
C ASP C 274 -33.03 -1.11 -44.27
N VAL C 275 -32.45 -0.53 -43.22
CA VAL C 275 -31.31 -1.11 -42.44
C VAL C 275 -31.82 -2.31 -41.62
N LEU C 276 -33.01 -2.19 -41.03
CA LEU C 276 -33.55 -3.17 -40.05
C LEU C 276 -34.33 -4.29 -40.75
N PHE C 277 -35.08 -3.96 -41.81
CA PHE C 277 -36.10 -4.86 -42.43
C PHE C 277 -35.98 -4.95 -43.96
N LEU C 278 -35.15 -4.13 -44.60
CA LEU C 278 -35.24 -3.80 -46.06
C LEU C 278 -36.66 -3.30 -46.36
N GLY C 279 -37.23 -2.51 -45.44
CA GLY C 279 -38.54 -1.87 -45.58
C GLY C 279 -38.40 -0.44 -46.08
N LYS C 280 -39.53 0.25 -46.27
CA LYS C 280 -39.57 1.66 -46.75
C LYS C 280 -40.86 2.33 -46.25
N GLU C 281 -40.80 3.65 -46.04
CA GLU C 281 -41.98 4.52 -45.82
C GLU C 281 -42.65 4.74 -47.19
N ARG C 282 -43.97 4.91 -47.21
CA ARG C 282 -44.79 4.98 -48.45
C ARG C 282 -45.75 6.18 -48.36
N SER C 283 -46.09 6.76 -49.52
CA SER C 283 -47.18 7.75 -49.69
C SER C 283 -48.52 7.02 -49.71
N PHE C 284 -49.64 7.75 -49.58
CA PHE C 284 -51.01 7.19 -49.66
C PHE C 284 -51.21 6.48 -51.00
N THR C 285 -50.75 7.12 -52.09
CA THR C 285 -50.81 6.59 -53.48
C THR C 285 -50.26 5.15 -53.49
N GLU C 286 -49.10 4.95 -52.89
CA GLU C 286 -48.35 3.65 -52.89
C GLU C 286 -49.09 2.63 -52.00
N PHE C 287 -49.65 3.08 -50.86
CA PHE C 287 -50.48 2.24 -49.95
C PHE C 287 -51.72 1.74 -50.71
N GLU C 288 -52.37 2.63 -51.46
CA GLU C 288 -53.59 2.34 -52.26
C GLU C 288 -53.26 1.30 -53.34
N TYR C 289 -52.11 1.45 -54.02
CA TYR C 289 -51.63 0.56 -55.11
C TYR C 289 -51.47 -0.86 -54.57
N LEU C 290 -50.70 -1.03 -53.48
CA LEU C 290 -50.43 -2.34 -52.83
C LEU C 290 -51.75 -3.02 -52.44
N ALA C 291 -52.70 -2.25 -51.92
CA ALA C 291 -54.06 -2.70 -51.55
C ALA C 291 -54.80 -3.17 -52.81
N ASN C 292 -54.82 -2.36 -53.86
CA ASN C 292 -55.49 -2.64 -55.17
C ASN C 292 -54.92 -3.93 -55.77
N GLN C 293 -53.61 -4.14 -55.65
CA GLN C 293 -52.89 -5.33 -56.18
C GLN C 293 -53.13 -6.55 -55.28
N ALA C 294 -53.75 -6.36 -54.10
CA ALA C 294 -54.18 -7.42 -53.16
C ALA C 294 -55.70 -7.63 -53.24
N GLY C 295 -56.42 -6.77 -53.98
CA GLY C 295 -57.86 -6.91 -54.28
C GLY C 295 -58.73 -5.98 -53.45
N LEU C 296 -58.13 -5.24 -52.51
CA LEU C 296 -58.85 -4.30 -51.59
C LEU C 296 -59.03 -2.94 -52.29
N VAL C 297 -60.14 -2.25 -51.99
CA VAL C 297 -60.46 -0.88 -52.50
C VAL C 297 -60.60 0.08 -51.31
N VAL C 298 -60.23 1.34 -51.50
CA VAL C 298 -60.24 2.41 -50.47
C VAL C 298 -61.65 3.02 -50.40
N GLN C 299 -62.28 2.95 -49.22
CA GLN C 299 -63.66 3.45 -48.96
C GLN C 299 -63.60 4.85 -48.34
N GLU C 300 -62.61 5.09 -47.46
CA GLU C 300 -62.42 6.38 -46.74
C GLU C 300 -60.93 6.59 -46.47
N THR C 301 -60.49 7.87 -46.45
CA THR C 301 -59.09 8.30 -46.18
C THR C 301 -59.12 9.51 -45.24
N LYS C 302 -58.19 9.54 -44.27
CA LYS C 302 -58.03 10.65 -43.29
C LYS C 302 -56.55 10.83 -42.98
N VAL C 303 -56.12 12.09 -42.76
CA VAL C 303 -54.75 12.44 -42.31
C VAL C 303 -54.77 12.57 -40.78
N ILE C 304 -53.77 11.99 -40.11
CA ILE C 304 -53.56 12.10 -38.64
C ILE C 304 -52.15 12.65 -38.41
N ASP C 305 -52.00 13.59 -37.47
CA ASP C 305 -50.71 14.25 -37.12
C ASP C 305 -50.30 13.83 -35.70
N GLN C 306 -49.26 13.00 -35.59
CA GLN C 306 -48.48 12.78 -34.35
C GLN C 306 -47.28 13.73 -34.40
N SER C 307 -46.69 14.05 -33.23
CA SER C 307 -45.52 14.96 -33.10
C SER C 307 -44.35 14.48 -33.95
N TYR C 308 -44.14 13.15 -34.01
CA TYR C 308 -42.95 12.50 -34.60
C TYR C 308 -43.14 12.25 -36.11
N SER C 309 -44.38 12.09 -36.58
CA SER C 309 -44.69 11.72 -37.99
C SER C 309 -46.15 11.99 -38.32
N PRO C 310 -46.48 12.27 -39.60
CA PRO C 310 -47.86 12.17 -40.08
C PRO C 310 -48.24 10.70 -40.31
N TYR C 311 -49.54 10.40 -40.23
CA TYR C 311 -50.12 9.05 -40.41
C TYR C 311 -51.20 9.11 -41.48
N SER C 312 -51.32 8.05 -42.28
CA SER C 312 -52.45 7.80 -43.20
C SER C 312 -53.43 6.83 -42.54
N PHE C 313 -54.73 7.10 -42.64
CA PHE C 313 -55.84 6.25 -42.15
C PHE C 313 -56.69 5.79 -43.35
N ILE C 314 -56.54 4.54 -43.78
CA ILE C 314 -57.18 3.98 -45.00
C ILE C 314 -58.14 2.85 -44.59
N LYS C 315 -59.44 3.06 -44.80
CA LYS C 315 -60.50 2.03 -44.64
C LYS C 315 -60.54 1.18 -45.91
N LEU C 316 -60.20 -0.12 -45.79
CA LEU C 316 -60.11 -1.07 -46.93
C LEU C 316 -61.21 -2.13 -46.79
N GLN C 317 -62.04 -2.29 -47.84
CA GLN C 317 -63.04 -3.37 -47.99
C GLN C 317 -62.77 -4.12 -49.30
N ILE C 318 -63.12 -5.40 -49.36
CA ILE C 318 -62.98 -6.24 -50.58
C ILE C 318 -63.90 -5.67 -51.68
N LYS C 319 -63.45 -5.73 -52.94
CA LYS C 319 -64.15 -5.17 -54.12
C LYS C 319 -65.59 -5.72 -54.19
N SER D 1 10.35 -21.89 -52.26
CA SER D 1 11.58 -21.42 -51.53
C SER D 1 11.77 -22.23 -50.25
N MET D 2 12.91 -22.04 -49.59
CA MET D 2 13.21 -22.60 -48.25
C MET D 2 12.59 -21.69 -47.18
N LEU D 3 12.42 -20.40 -47.50
CA LEU D 3 11.95 -19.35 -46.56
C LEU D 3 10.43 -19.48 -46.34
N THR D 4 9.66 -19.70 -47.40
CA THR D 4 8.18 -19.82 -47.37
C THR D 4 7.77 -21.12 -46.66
N GLU D 5 8.54 -22.20 -46.83
CA GLU D 5 8.30 -23.51 -46.18
C GLU D 5 8.71 -23.45 -44.71
N LEU D 6 9.64 -22.54 -44.36
CA LEU D 6 10.02 -22.24 -42.95
C LEU D 6 8.90 -21.43 -42.28
N ILE D 7 8.31 -20.46 -43.00
CA ILE D 7 7.14 -19.66 -42.53
C ILE D 7 5.96 -20.60 -42.28
N ALA D 8 5.71 -21.53 -43.21
CA ALA D 8 4.61 -22.52 -43.16
C ALA D 8 5.09 -23.82 -42.49
N SER D 9 5.77 -23.70 -41.36
CA SER D 9 6.25 -24.84 -40.52
C SER D 9 5.08 -25.36 -39.66
N ASN D 10 4.03 -24.55 -39.49
CA ASN D 10 2.79 -24.91 -38.75
C ASN D 10 2.03 -26.01 -39.52
N ARG D 11 2.07 -25.97 -40.85
CA ARG D 11 1.36 -26.92 -41.75
C ARG D 11 1.85 -28.35 -41.46
N ARG D 12 3.15 -28.51 -41.17
CA ARG D 12 3.79 -29.80 -40.81
C ARG D 12 3.08 -30.39 -39.59
N SER D 13 3.02 -29.61 -38.49
CA SER D 13 2.35 -29.99 -37.21
C SER D 13 0.86 -30.26 -37.46
N ALA D 14 0.22 -29.42 -38.28
CA ALA D 14 -1.24 -29.44 -38.56
C ALA D 14 -1.62 -30.72 -39.32
N ALA D 15 -0.79 -31.13 -40.29
CA ALA D 15 -0.99 -32.35 -41.11
C ALA D 15 -0.85 -33.60 -40.24
N ILE D 16 0.10 -33.61 -39.30
CA ILE D 16 0.36 -34.76 -38.37
C ILE D 16 -0.76 -34.83 -37.33
N HIS D 17 -1.34 -33.67 -36.97
CA HIS D 17 -2.49 -33.57 -36.01
C HIS D 17 -3.74 -34.21 -36.62
N ALA D 18 -4.06 -33.86 -37.88
CA ALA D 18 -5.19 -34.40 -38.66
C ALA D 18 -5.05 -35.92 -38.82
N PHE D 19 -3.81 -36.43 -38.90
CA PHE D 19 -3.48 -37.85 -39.13
C PHE D 19 -3.65 -38.66 -37.83
N VAL D 20 -3.25 -38.08 -36.69
CA VAL D 20 -3.10 -38.79 -35.38
C VAL D 20 -4.37 -38.59 -34.52
N ASP D 21 -4.92 -37.38 -34.46
CA ASP D 21 -6.10 -37.04 -33.61
C ASP D 21 -7.35 -37.78 -34.12
N THR D 22 -7.44 -38.00 -35.44
CA THR D 22 -8.56 -38.75 -36.10
C THR D 22 -8.45 -40.25 -35.79
N GLY D 23 -7.26 -40.72 -35.43
CA GLY D 23 -6.98 -42.15 -35.17
C GLY D 23 -6.82 -42.93 -36.45
N LEU D 24 -6.51 -42.25 -37.56
CA LEU D 24 -6.20 -42.88 -38.87
C LEU D 24 -4.80 -43.51 -38.80
N SER D 25 -3.92 -42.98 -37.95
CA SER D 25 -2.54 -43.46 -37.72
C SER D 25 -2.54 -44.82 -37.02
N THR D 26 -3.58 -45.14 -36.25
CA THR D 26 -3.70 -46.39 -35.44
C THR D 26 -3.94 -47.60 -36.35
N HIS D 27 -4.43 -47.36 -37.58
CA HIS D 27 -4.63 -48.41 -38.63
C HIS D 27 -3.28 -48.81 -39.26
N PHE D 28 -2.24 -47.99 -39.08
CA PHE D 28 -0.85 -48.23 -39.59
C PHE D 28 -0.04 -48.97 -38.51
N LYS D 29 -0.66 -49.97 -37.88
CA LYS D 29 -0.09 -50.74 -36.73
C LYS D 29 1.02 -51.66 -37.24
N ASP D 30 2.09 -51.81 -36.45
CA ASP D 30 3.16 -52.83 -36.61
C ASP D 30 3.83 -52.69 -37.98
N GLY D 31 3.95 -51.46 -38.49
CA GLY D 31 4.67 -51.14 -39.75
C GLY D 31 4.19 -51.97 -40.93
N ILE D 32 2.87 -52.05 -41.14
CA ILE D 32 2.25 -52.73 -42.32
C ILE D 32 1.87 -51.66 -43.35
N TYR D 33 1.94 -52.01 -44.64
CA TYR D 33 1.58 -51.13 -45.78
C TYR D 33 0.06 -51.09 -45.92
N VAL D 34 -0.52 -49.91 -45.68
CA VAL D 34 -2.00 -49.66 -45.72
C VAL D 34 -2.39 -49.26 -47.15
N ASP D 35 -3.39 -49.93 -47.72
CA ASP D 35 -4.06 -49.53 -48.99
C ASP D 35 -5.07 -48.44 -48.63
N ILE D 36 -4.78 -47.20 -49.01
CA ILE D 36 -5.59 -45.99 -48.66
C ILE D 36 -7.02 -46.18 -49.19
N SER D 37 -7.16 -46.87 -50.33
CA SER D 37 -8.45 -47.34 -50.87
C SER D 37 -9.16 -48.18 -49.81
N GLU D 38 -8.49 -49.22 -49.29
CA GLU D 38 -9.04 -50.17 -48.28
C GLU D 38 -9.38 -49.43 -46.98
N LEU D 39 -8.61 -48.40 -46.61
CA LEU D 39 -8.86 -47.59 -45.38
C LEU D 39 -10.08 -46.70 -45.62
N SER D 40 -10.22 -46.13 -46.83
CA SER D 40 -11.38 -45.29 -47.24
C SER D 40 -12.67 -46.11 -47.21
N ARG D 41 -12.59 -47.43 -47.44
CA ARG D 41 -13.72 -48.39 -47.37
C ARG D 41 -14.18 -48.47 -45.90
N LYS D 42 -13.25 -48.84 -45.00
CA LYS D 42 -13.50 -49.17 -43.58
C LYS D 42 -13.88 -47.90 -42.80
N SER D 43 -12.98 -46.91 -42.77
CA SER D 43 -13.11 -45.65 -41.98
C SER D 43 -14.26 -44.78 -42.52
N GLY D 44 -14.41 -44.73 -43.84
CA GLY D 44 -15.39 -43.87 -44.53
C GLY D 44 -14.84 -42.47 -44.76
N VAL D 45 -13.53 -42.37 -45.04
CA VAL D 45 -12.80 -41.11 -45.32
C VAL D 45 -12.77 -40.88 -46.84
N ASN D 46 -12.55 -39.64 -47.27
CA ASN D 46 -12.34 -39.26 -48.69
C ASN D 46 -10.96 -39.79 -49.14
N TYR D 47 -10.94 -40.69 -50.13
CA TYR D 47 -9.72 -41.35 -50.65
C TYR D 47 -8.77 -40.31 -51.25
N ALA D 48 -9.25 -39.55 -52.24
CA ALA D 48 -8.48 -38.55 -53.02
C ALA D 48 -7.80 -37.55 -52.06
N ARG D 49 -8.57 -37.00 -51.12
CA ARG D 49 -8.14 -35.90 -50.22
C ARG D 49 -7.13 -36.43 -49.19
N PHE D 50 -7.33 -37.66 -48.70
CA PHE D 50 -6.41 -38.31 -47.71
C PHE D 50 -5.14 -38.81 -48.42
N SER D 51 -5.25 -39.21 -49.70
CA SER D 51 -4.11 -39.60 -50.57
C SER D 51 -3.13 -38.42 -50.67
N ARG D 52 -3.64 -37.21 -50.78
CA ARG D 52 -2.85 -35.95 -50.87
C ARG D 52 -2.16 -35.67 -49.52
N LEU D 53 -2.84 -35.92 -48.40
CA LEU D 53 -2.28 -35.75 -47.04
C LEU D 53 -1.10 -36.72 -46.85
N CYS D 54 -1.24 -37.95 -47.35
CA CYS D 54 -0.21 -39.02 -47.23
C CYS D 54 1.03 -38.66 -48.07
N ASP D 55 0.84 -38.05 -49.25
CA ASP D 55 1.93 -37.57 -50.14
C ASP D 55 2.77 -36.53 -49.38
N PHE D 56 2.12 -35.65 -48.61
CA PHE D 56 2.75 -34.59 -47.78
C PHE D 56 3.43 -35.22 -46.57
N LEU D 57 2.83 -36.29 -46.03
CA LEU D 57 3.37 -37.05 -44.86
C LEU D 57 4.59 -37.89 -45.29
N VAL D 58 4.63 -38.32 -46.55
CA VAL D 58 5.81 -39.01 -47.16
C VAL D 58 6.97 -38.00 -47.26
N GLU D 59 6.67 -36.79 -47.72
CA GLU D 59 7.64 -35.65 -47.83
C GLU D 59 8.28 -35.36 -46.47
N MET D 60 7.48 -35.39 -45.39
CA MET D 60 7.92 -35.08 -44.00
C MET D 60 8.73 -36.24 -43.42
N GLY D 61 8.52 -37.46 -43.91
CA GLY D 61 9.19 -38.69 -43.44
C GLY D 61 8.40 -39.41 -42.36
N VAL D 62 7.09 -39.18 -42.31
CA VAL D 62 6.13 -39.86 -41.38
C VAL D 62 5.66 -41.15 -42.05
N LEU D 63 5.39 -41.11 -43.36
CA LEU D 63 4.97 -42.28 -44.18
C LEU D 63 6.05 -42.62 -45.21
N VAL D 64 6.19 -43.89 -45.56
CA VAL D 64 7.06 -44.43 -46.64
C VAL D 64 6.16 -45.00 -47.73
N SER D 65 6.51 -44.77 -49.01
CA SER D 65 5.68 -45.12 -50.20
C SER D 65 6.31 -46.30 -50.96
N ASN D 66 5.56 -47.39 -51.10
CA ASN D 66 5.93 -48.59 -51.93
C ASN D 66 4.64 -49.27 -52.42
N ASP D 67 4.54 -49.50 -53.73
CA ASP D 67 3.42 -50.23 -54.41
C ASP D 67 2.13 -49.39 -54.29
N ASN D 68 2.25 -48.07 -54.30
CA ASN D 68 1.14 -47.09 -54.08
C ASN D 68 0.40 -47.43 -52.78
N LYS D 69 1.16 -47.84 -51.76
CA LYS D 69 0.67 -48.08 -50.38
C LYS D 69 1.60 -47.35 -49.40
N PHE D 70 1.12 -47.09 -48.17
CA PHE D 70 1.82 -46.25 -47.17
C PHE D 70 1.94 -47.02 -45.85
N ARG D 71 3.16 -47.06 -45.28
CA ARG D 71 3.45 -47.51 -43.89
C ARG D 71 4.06 -46.32 -43.14
N LEU D 72 3.93 -46.31 -41.80
CA LEU D 72 4.63 -45.36 -40.91
C LEU D 72 6.14 -45.61 -41.03
N SER D 73 6.96 -44.56 -40.92
CA SER D 73 8.44 -44.64 -40.93
C SER D 73 8.91 -45.32 -39.64
N ASP D 74 10.13 -45.89 -39.66
CA ASP D 74 10.70 -46.70 -38.54
C ASP D 74 10.80 -45.81 -37.28
N GLU D 75 10.94 -44.50 -37.44
CA GLU D 75 10.99 -43.51 -36.32
C GLU D 75 9.57 -43.18 -35.86
N CYS D 76 8.61 -43.11 -36.78
CA CYS D 76 7.22 -42.61 -36.55
C CYS D 76 6.23 -43.78 -36.33
N HIS D 77 6.71 -44.93 -35.83
CA HIS D 77 5.87 -46.11 -35.51
C HIS D 77 4.95 -45.78 -34.32
N VAL D 78 5.37 -44.83 -33.47
CA VAL D 78 4.68 -44.41 -32.21
C VAL D 78 3.29 -43.83 -32.52
N PHE D 79 3.05 -43.30 -33.72
CA PHE D 79 1.76 -42.69 -34.14
C PHE D 79 0.65 -43.75 -34.24
N ALA D 80 1.02 -45.02 -34.41
CA ALA D 80 0.08 -46.16 -34.44
C ALA D 80 -0.46 -46.42 -33.02
N ASN D 81 0.35 -46.15 -31.99
CA ASN D 81 0.01 -46.33 -30.56
C ASN D 81 -0.52 -45.01 -30.00
N PRO D 82 -1.83 -44.90 -29.70
CA PRO D 82 -2.39 -43.66 -29.16
C PRO D 82 -2.11 -43.42 -27.67
N GLU D 83 -1.40 -44.34 -27.00
CA GLU D 83 -0.94 -44.19 -25.58
C GLU D 83 0.46 -43.56 -25.54
N SER D 84 1.17 -43.56 -26.68
CA SER D 84 2.55 -43.01 -26.83
C SER D 84 2.56 -41.52 -26.45
N PHE D 85 3.68 -41.02 -25.96
CA PHE D 85 3.85 -39.61 -25.53
C PHE D 85 3.77 -38.68 -26.75
N GLU D 86 4.20 -39.17 -27.92
CA GLU D 86 4.18 -38.42 -29.21
C GLU D 86 2.73 -38.15 -29.63
N SER D 87 1.83 -39.12 -29.44
CA SER D 87 0.38 -39.01 -29.78
C SER D 87 -0.28 -37.93 -28.91
N PHE D 88 0.11 -37.85 -27.62
CA PHE D 88 -0.38 -36.83 -26.65
C PHE D 88 0.26 -35.46 -26.95
N MET D 89 1.54 -35.45 -27.32
CA MET D 89 2.31 -34.22 -27.65
C MET D 89 1.59 -33.45 -28.77
N ILE D 90 1.31 -34.12 -29.89
CA ILE D 90 0.67 -33.53 -31.11
C ILE D 90 -0.65 -32.85 -30.72
N LYS D 91 -1.48 -33.53 -29.91
CA LYS D 91 -2.81 -33.05 -29.46
C LYS D 91 -2.70 -31.64 -28.86
N LEU D 92 -1.90 -31.50 -27.80
CA LEU D 92 -1.71 -30.22 -27.06
C LEU D 92 -1.00 -29.19 -27.94
N GLU D 93 -0.01 -29.62 -28.72
CA GLU D 93 1.01 -28.75 -29.38
C GLU D 93 0.32 -27.61 -30.13
N ILE D 94 -0.65 -27.92 -31.00
CA ILE D 94 -1.35 -26.92 -31.86
C ILE D 94 -2.85 -26.89 -31.50
N CYS D 95 -3.21 -27.26 -30.27
CA CYS D 95 -4.59 -27.11 -29.74
C CYS D 95 -4.88 -25.61 -29.55
N SER D 96 -6.16 -25.25 -29.57
CA SER D 96 -6.65 -23.85 -29.49
C SER D 96 -5.88 -23.06 -28.42
N HIS D 97 -5.72 -23.63 -27.23
CA HIS D 97 -5.21 -22.94 -26.01
C HIS D 97 -3.72 -22.64 -26.12
N TYR D 98 -2.98 -23.39 -26.96
CA TYR D 98 -1.54 -23.16 -27.25
C TYR D 98 -1.42 -22.13 -28.39
N SER D 99 -2.24 -22.27 -29.43
CA SER D 99 -2.31 -21.36 -30.61
C SER D 99 -2.47 -19.91 -30.16
N ASN D 100 -3.48 -19.64 -29.33
CA ASN D 100 -3.85 -18.27 -28.84
C ASN D 100 -2.76 -17.75 -27.89
N ALA D 101 -2.03 -18.66 -27.22
CA ALA D 101 -0.90 -18.33 -26.33
C ALA D 101 0.33 -17.91 -27.17
N TRP D 102 0.50 -18.53 -28.33
CA TRP D 102 1.61 -18.21 -29.28
C TRP D 102 1.36 -16.85 -29.94
N LEU D 103 0.10 -16.47 -30.13
CA LEU D 103 -0.31 -15.19 -30.77
C LEU D 103 -0.06 -14.02 -29.81
N MET D 104 0.08 -14.29 -28.51
CA MET D 104 0.35 -13.26 -27.46
C MET D 104 1.84 -13.28 -27.08
N TYR D 105 2.63 -14.23 -27.59
CA TYR D 105 4.07 -14.39 -27.25
C TYR D 105 4.83 -13.11 -27.63
N GLY D 106 4.63 -12.60 -28.84
CA GLY D 106 5.17 -11.32 -29.30
C GLY D 106 4.94 -10.22 -28.28
N LYS D 107 3.67 -9.94 -27.98
CA LYS D 107 3.21 -8.87 -27.05
C LYS D 107 3.86 -9.06 -25.66
N SER D 108 3.93 -10.31 -25.19
CA SER D 108 4.42 -10.68 -23.83
C SER D 108 5.84 -10.17 -23.62
N LEU D 109 6.64 -10.09 -24.69
CA LEU D 109 8.07 -9.68 -24.65
C LEU D 109 8.20 -8.23 -24.15
N PHE D 110 7.18 -7.39 -24.38
CA PHE D 110 7.20 -5.93 -24.06
C PHE D 110 6.76 -5.67 -22.61
N GLU D 111 5.85 -6.51 -22.08
CA GLU D 111 5.23 -6.32 -20.74
C GLU D 111 6.03 -7.08 -19.68
N ASP D 112 6.22 -6.46 -18.50
CA ASP D 112 6.97 -7.03 -17.34
C ASP D 112 6.00 -7.25 -16.16
N ASP D 113 4.79 -7.74 -16.44
CA ASP D 113 3.73 -7.98 -15.42
C ASP D 113 4.06 -9.24 -14.60
N GLY D 114 4.87 -10.14 -15.15
CA GLY D 114 5.07 -11.50 -14.60
C GLY D 114 4.01 -12.47 -15.14
N LYS D 115 3.20 -12.01 -16.09
CA LYS D 115 2.15 -12.81 -16.78
C LYS D 115 2.76 -13.46 -18.04
N SER D 116 2.65 -14.77 -18.17
CA SER D 116 3.09 -15.52 -19.37
C SER D 116 2.18 -15.13 -20.55
N ALA D 117 2.59 -15.50 -21.77
CA ALA D 117 1.78 -15.33 -23.00
C ALA D 117 0.45 -16.09 -22.85
N PHE D 118 0.47 -17.25 -22.17
CA PHE D 118 -0.72 -18.10 -21.92
C PHE D 118 -1.73 -17.38 -21.01
N GLU D 119 -1.25 -16.79 -19.89
CA GLU D 119 -2.09 -16.05 -18.91
C GLU D 119 -2.74 -14.84 -19.60
N MET D 120 -2.01 -14.15 -20.47
CA MET D 120 -2.48 -12.96 -21.24
C MET D 120 -3.64 -13.33 -22.16
N ALA D 121 -3.66 -14.56 -22.69
CA ALA D 121 -4.64 -15.06 -23.68
C ALA D 121 -5.89 -15.59 -22.98
N HIS D 122 -5.74 -16.22 -21.80
CA HIS D 122 -6.77 -17.12 -21.19
C HIS D 122 -7.32 -16.54 -19.88
N GLY D 123 -6.48 -15.91 -19.05
CA GLY D 123 -6.92 -15.14 -17.87
C GLY D 123 -6.27 -15.61 -16.59
N ARG D 124 -5.70 -16.82 -16.57
CA ARG D 124 -4.97 -17.40 -15.41
C ARG D 124 -3.64 -17.98 -15.89
N PRO D 125 -2.64 -18.15 -14.99
CA PRO D 125 -1.43 -18.92 -15.32
C PRO D 125 -1.78 -20.37 -15.64
N PHE D 126 -0.85 -21.07 -16.31
CA PHE D 126 -1.06 -22.39 -16.97
C PHE D 126 -1.72 -23.40 -16.02
N PHE D 127 -1.10 -23.68 -14.88
CA PHE D 127 -1.47 -24.79 -13.96
C PHE D 127 -2.77 -24.46 -13.21
N GLU D 128 -3.11 -23.17 -13.08
CA GLU D 128 -4.37 -22.71 -12.43
C GLU D 128 -5.52 -22.83 -13.43
N TYR D 129 -5.28 -22.50 -14.70
CA TYR D 129 -6.27 -22.61 -15.80
C TYR D 129 -6.65 -24.08 -16.03
N LEU D 130 -5.65 -24.97 -15.97
CA LEU D 130 -5.80 -26.44 -16.16
C LEU D 130 -6.81 -27.01 -15.14
N ASP D 131 -6.84 -26.46 -13.91
CA ASP D 131 -7.83 -26.81 -12.85
C ASP D 131 -9.26 -26.77 -13.40
N GLY D 132 -9.52 -25.83 -14.33
CA GLY D 132 -10.84 -25.62 -14.95
C GLY D 132 -11.07 -26.48 -16.18
N ASN D 133 -10.04 -26.72 -16.99
CA ASN D 133 -10.13 -27.42 -18.30
C ASN D 133 -9.68 -28.88 -18.14
N LYS D 134 -10.55 -29.83 -18.49
CA LYS D 134 -10.28 -31.29 -18.42
C LYS D 134 -9.38 -31.72 -19.58
N PHE D 135 -9.73 -31.30 -20.81
CA PHE D 135 -8.99 -31.61 -22.07
C PHE D 135 -7.49 -31.36 -21.87
N LEU D 136 -7.12 -30.14 -21.47
CA LEU D 136 -5.70 -29.72 -21.27
C LEU D 136 -5.06 -30.59 -20.19
N LYS D 137 -5.68 -30.68 -19.00
CA LYS D 137 -5.11 -31.37 -17.81
C LYS D 137 -4.97 -32.87 -18.09
N SER D 138 -6.01 -33.51 -18.62
CA SER D 138 -6.05 -34.98 -18.89
C SER D 138 -4.93 -35.34 -19.88
N ASN D 139 -4.71 -34.52 -20.92
CA ASN D 139 -3.72 -34.76 -22.00
C ASN D 139 -2.32 -34.37 -21.51
N PHE D 140 -2.18 -33.22 -20.83
CA PHE D 140 -0.89 -32.72 -20.28
C PHE D 140 -0.33 -33.75 -19.30
N ASP D 141 -1.16 -34.18 -18.33
CA ASP D 141 -0.79 -35.20 -17.31
C ASP D 141 -0.49 -36.53 -18.01
N ALA D 142 -1.24 -36.85 -19.08
CA ALA D 142 -1.03 -38.06 -19.91
C ALA D 142 0.39 -38.02 -20.49
N LEU D 143 0.78 -36.89 -21.10
CA LEU D 143 2.14 -36.67 -21.68
C LEU D 143 3.19 -36.93 -20.58
N MET D 144 3.10 -36.20 -19.47
CA MET D 144 4.07 -36.26 -18.34
C MET D 144 4.18 -37.69 -17.83
N THR D 145 3.06 -38.43 -17.80
CA THR D 145 2.97 -39.84 -17.35
C THR D 145 3.76 -40.77 -18.29
N ARG D 146 3.73 -40.51 -19.61
CA ARG D 146 4.41 -41.35 -20.64
C ARG D 146 5.92 -41.07 -20.61
N VAL D 147 6.33 -39.79 -20.54
CA VAL D 147 7.77 -39.37 -20.53
C VAL D 147 8.40 -39.80 -19.20
N SER D 148 7.60 -39.90 -18.14
CA SER D 148 8.00 -40.46 -16.82
C SER D 148 8.27 -41.96 -16.96
N ASN D 149 7.38 -42.68 -17.65
CA ASN D 149 7.46 -44.14 -17.86
C ASN D 149 8.79 -44.50 -18.56
N LEU D 150 9.22 -43.66 -19.52
CA LEU D 150 10.37 -43.94 -20.41
C LEU D 150 11.71 -43.71 -19.68
N ILE D 151 11.73 -42.90 -18.61
CA ILE D 151 12.99 -42.55 -17.87
C ILE D 151 13.15 -43.44 -16.62
N VAL D 152 12.13 -44.25 -16.27
CA VAL D 152 12.09 -45.06 -15.01
C VAL D 152 13.37 -45.91 -14.88
N GLU D 153 13.64 -46.76 -15.88
CA GLU D 153 14.70 -47.81 -15.83
C GLU D 153 16.08 -47.16 -15.92
N LYS D 154 16.18 -46.02 -16.61
CA LYS D 154 17.41 -45.18 -16.71
C LYS D 154 17.76 -44.62 -15.33
N LEU D 155 16.76 -44.27 -14.51
CA LEU D 155 16.95 -43.72 -13.14
C LEU D 155 17.36 -44.84 -12.19
N LEU D 156 16.64 -45.96 -12.21
CA LEU D 156 16.91 -47.17 -11.38
C LEU D 156 18.31 -47.69 -11.69
N GLY D 157 18.74 -47.60 -12.95
CA GLY D 157 20.04 -48.09 -13.44
C GLY D 157 21.21 -47.31 -12.87
N ILE D 158 21.09 -45.99 -12.73
CA ILE D 158 22.21 -45.07 -12.38
C ILE D 158 22.25 -44.81 -10.87
N TYR D 159 21.11 -44.91 -10.16
CA TYR D 159 20.99 -44.56 -8.72
C TYR D 159 20.38 -45.74 -7.95
N ASP D 160 20.80 -45.89 -6.68
CA ASP D 160 20.36 -46.98 -5.77
C ASP D 160 19.27 -46.44 -4.84
N PHE D 161 18.00 -46.70 -5.17
CA PHE D 161 16.80 -46.24 -4.42
C PHE D 161 16.55 -47.17 -3.22
N ASN D 162 17.23 -48.32 -3.17
CA ASN D 162 17.12 -49.34 -2.08
C ASN D 162 17.75 -48.79 -0.80
N GLN D 163 18.67 -47.83 -0.91
CA GLN D 163 19.41 -47.23 0.24
C GLN D 163 18.46 -46.32 1.05
N HIS D 164 17.35 -45.88 0.45
CA HIS D 164 16.35 -44.95 1.04
C HIS D 164 15.17 -45.74 1.65
N ASN D 165 14.27 -45.05 2.35
CA ASN D 165 13.13 -45.64 3.11
C ASN D 165 11.83 -44.88 2.80
N ARG D 166 11.83 -43.55 3.00
CA ARG D 166 10.66 -42.65 2.75
C ARG D 166 10.99 -41.73 1.56
N ILE D 167 10.20 -41.86 0.48
CA ILE D 167 10.44 -41.19 -0.84
C ILE D 167 9.25 -40.28 -1.15
N LEU D 168 9.52 -39.00 -1.43
CA LEU D 168 8.50 -37.99 -1.84
C LEU D 168 8.85 -37.41 -3.21
N ASP D 169 8.00 -37.67 -4.21
CA ASP D 169 8.10 -37.09 -5.57
C ASP D 169 7.29 -35.77 -5.59
N VAL D 170 7.98 -34.63 -5.55
CA VAL D 170 7.37 -33.26 -5.51
C VAL D 170 7.09 -32.81 -6.93
N GLY D 171 5.82 -32.56 -7.26
CA GLY D 171 5.36 -32.30 -8.64
C GLY D 171 5.48 -33.56 -9.49
N GLY D 172 4.89 -34.66 -9.02
CA GLY D 172 4.96 -35.99 -9.66
C GLY D 172 3.72 -36.30 -10.49
N GLY D 173 2.75 -35.38 -10.52
CA GLY D 173 1.55 -35.45 -11.37
C GLY D 173 0.67 -36.64 -11.03
N GLU D 174 0.54 -37.59 -11.95
CA GLU D 174 -0.25 -38.85 -11.75
C GLU D 174 0.59 -39.85 -10.94
N GLY D 175 1.89 -39.59 -10.78
CA GLY D 175 2.79 -40.33 -9.87
C GLY D 175 3.36 -41.58 -10.49
N GLU D 176 3.33 -41.69 -11.82
CA GLU D 176 3.75 -42.91 -12.57
C GLU D 176 5.17 -43.30 -12.19
N LEU D 177 6.06 -42.31 -12.00
CA LEU D 177 7.49 -42.51 -11.63
C LEU D 177 7.61 -43.42 -10.40
N LEU D 178 6.89 -43.10 -9.31
CA LEU D 178 6.96 -43.87 -8.04
C LEU D 178 6.14 -45.16 -8.15
N VAL D 179 5.05 -45.16 -8.93
CA VAL D 179 4.23 -46.37 -9.23
C VAL D 179 5.15 -47.44 -9.83
N ARG D 180 6.02 -47.06 -10.78
CA ARG D 180 6.91 -47.98 -11.52
C ARG D 180 8.13 -48.34 -10.66
N ILE D 181 8.69 -47.36 -9.92
CA ILE D 181 9.87 -47.55 -9.03
C ILE D 181 9.49 -48.44 -7.84
N SER D 182 8.24 -48.34 -7.36
CA SER D 182 7.71 -49.12 -6.20
C SER D 182 7.58 -50.60 -6.56
N GLU D 183 7.36 -50.91 -7.84
CA GLU D 183 7.23 -52.30 -8.36
C GLU D 183 8.61 -52.98 -8.43
N LYS D 184 9.67 -52.20 -8.71
CA LYS D 184 11.07 -52.71 -8.80
C LYS D 184 11.72 -52.72 -7.41
N VAL D 185 11.50 -51.65 -6.63
CA VAL D 185 12.07 -51.46 -5.26
C VAL D 185 10.92 -51.55 -4.24
N LYS D 186 10.89 -52.61 -3.41
CA LYS D 186 9.78 -52.93 -2.47
C LYS D 186 10.15 -52.49 -1.05
N GLY D 187 9.13 -52.26 -0.20
CA GLY D 187 9.26 -52.09 1.26
C GLY D 187 9.60 -50.66 1.67
N LYS D 188 9.26 -49.69 0.82
CA LYS D 188 9.54 -48.23 1.05
C LYS D 188 8.22 -47.47 1.13
N HIS D 189 8.21 -46.34 1.85
CA HIS D 189 7.06 -45.39 1.90
C HIS D 189 7.14 -44.47 0.68
N TYR D 190 6.21 -44.63 -0.26
CA TYR D 190 6.11 -43.83 -1.51
C TYR D 190 5.04 -42.76 -1.34
N ALA D 191 5.42 -41.50 -1.59
CA ALA D 191 4.54 -40.31 -1.52
C ALA D 191 4.76 -39.45 -2.78
N VAL D 192 3.66 -39.00 -3.39
CA VAL D 192 3.65 -38.08 -4.56
C VAL D 192 2.86 -36.83 -4.17
N LEU D 193 3.49 -35.66 -4.26
CA LEU D 193 2.88 -34.33 -3.95
C LEU D 193 2.60 -33.59 -5.27
N ASP D 194 1.37 -33.12 -5.45
CA ASP D 194 0.94 -32.29 -6.60
C ASP D 194 -0.30 -31.48 -6.21
N ARG D 195 -0.71 -30.53 -7.07
CA ARG D 195 -1.95 -29.73 -6.91
C ARG D 195 -3.15 -30.60 -7.31
N TYR D 196 -3.78 -31.27 -6.35
CA TYR D 196 -4.92 -32.19 -6.56
C TYR D 196 -6.22 -31.57 -6.02
N SER D 197 -7.33 -31.89 -6.69
CA SER D 197 -8.70 -31.84 -6.13
C SER D 197 -9.13 -33.28 -5.81
N GLU D 198 -9.37 -34.08 -6.86
CA GLU D 198 -9.51 -35.57 -6.79
C GLU D 198 -8.11 -36.18 -6.67
N LEU D 199 -7.85 -36.93 -5.59
CA LEU D 199 -6.54 -37.62 -5.36
C LEU D 199 -6.47 -38.87 -6.23
N PRO D 200 -5.34 -39.13 -6.92
CA PRO D 200 -5.12 -40.41 -7.59
C PRO D 200 -5.08 -41.58 -6.60
N VAL D 201 -5.38 -42.78 -7.07
CA VAL D 201 -5.48 -44.03 -6.25
C VAL D 201 -4.46 -45.05 -6.79
N SER D 202 -3.43 -45.35 -5.99
CA SER D 202 -2.44 -46.44 -6.21
C SER D 202 -2.01 -47.04 -4.87
N ASP D 203 -2.05 -48.37 -4.75
CA ASP D 203 -1.92 -49.15 -3.49
C ASP D 203 -0.64 -48.76 -2.73
N ASN D 204 0.46 -48.54 -3.45
CA ASN D 204 1.81 -48.31 -2.88
C ASN D 204 2.02 -46.81 -2.58
N ILE D 205 1.23 -45.93 -3.22
CA ILE D 205 1.49 -44.46 -3.29
C ILE D 205 0.56 -43.72 -2.32
N ASP D 206 1.13 -42.79 -1.54
CA ASP D 206 0.40 -41.82 -0.68
C ASP D 206 0.34 -40.47 -1.42
N PHE D 207 -0.74 -40.21 -2.15
CA PHE D 207 -0.96 -38.98 -2.95
C PHE D 207 -1.42 -37.85 -2.02
N ILE D 208 -0.63 -36.77 -1.95
CA ILE D 208 -0.82 -35.62 -1.01
C ILE D 208 -0.99 -34.33 -1.82
N ASN D 209 -2.15 -33.67 -1.69
CA ASN D 209 -2.39 -32.31 -2.22
C ASN D 209 -1.50 -31.31 -1.47
N GLY D 210 -0.78 -30.46 -2.19
CA GLY D 210 0.11 -29.44 -1.62
C GLY D 210 0.50 -28.37 -2.63
N ASN D 211 1.37 -27.44 -2.22
CA ASN D 211 1.91 -26.34 -3.05
C ASN D 211 3.38 -26.12 -2.66
N PHE D 212 4.32 -26.48 -3.55
CA PHE D 212 5.78 -26.47 -3.28
C PHE D 212 6.31 -25.03 -3.20
N LEU D 213 5.51 -24.04 -3.60
CA LEU D 213 5.82 -22.60 -3.43
C LEU D 213 5.65 -22.21 -1.95
N ASN D 214 4.74 -22.87 -1.24
CA ASN D 214 4.36 -22.54 0.16
C ASN D 214 5.19 -23.39 1.14
N SER D 215 5.22 -24.71 0.99
CA SER D 215 5.96 -25.64 1.90
C SER D 215 6.06 -27.06 1.34
N ILE D 216 7.19 -27.72 1.59
CA ILE D 216 7.43 -29.18 1.34
C ILE D 216 7.33 -29.91 2.69
N PRO D 217 6.56 -31.00 2.81
CA PRO D 217 6.48 -31.74 4.07
C PRO D 217 7.76 -32.55 4.37
N SER D 218 8.28 -32.42 5.60
CA SER D 218 9.53 -33.08 6.07
C SER D 218 9.26 -34.56 6.40
N GLY D 219 10.30 -35.27 6.83
CA GLY D 219 10.23 -36.69 7.24
C GLY D 219 10.36 -37.64 6.05
N TYR D 220 11.18 -37.27 5.06
CA TYR D 220 11.57 -38.12 3.92
C TYR D 220 13.09 -38.01 3.69
N ASP D 221 13.77 -39.14 3.56
CA ASP D 221 15.25 -39.19 3.35
C ASP D 221 15.55 -39.00 1.86
N LEU D 222 14.58 -39.27 0.97
CA LEU D 222 14.72 -39.02 -0.50
C LEU D 222 13.57 -38.11 -0.99
N TYR D 223 13.93 -37.04 -1.70
CA TYR D 223 13.01 -36.13 -2.43
C TYR D 223 13.33 -36.20 -3.93
N ILE D 224 12.30 -36.12 -4.77
CA ILE D 224 12.43 -36.11 -6.27
C ILE D 224 11.67 -34.89 -6.79
N LEU D 225 12.35 -34.07 -7.60
CA LEU D 225 11.76 -32.90 -8.31
C LEU D 225 12.13 -33.00 -9.79
N LYS D 226 11.30 -33.68 -10.59
CA LYS D 226 11.58 -33.99 -12.03
C LYS D 226 10.72 -33.09 -12.92
N ASN D 227 11.36 -32.32 -13.81
CA ASN D 227 10.71 -31.52 -14.87
C ASN D 227 9.74 -30.50 -14.23
N VAL D 228 10.21 -29.78 -13.21
CA VAL D 228 9.44 -28.70 -12.51
C VAL D 228 10.12 -27.35 -12.76
N LEU D 229 11.41 -27.24 -12.45
CA LEU D 229 12.17 -25.96 -12.35
C LEU D 229 12.07 -25.14 -13.66
N HIS D 230 11.88 -25.79 -14.81
CA HIS D 230 11.78 -25.11 -16.13
C HIS D 230 10.36 -24.58 -16.37
N ASN D 231 9.46 -24.71 -15.39
CA ASN D 231 8.09 -24.12 -15.41
C ASN D 231 8.05 -22.83 -14.57
N TRP D 232 9.20 -22.35 -14.09
CA TRP D 232 9.28 -21.22 -13.10
C TRP D 232 10.49 -20.33 -13.40
N SER D 233 10.46 -19.10 -12.86
CA SER D 233 11.55 -18.09 -12.96
C SER D 233 12.72 -18.50 -12.06
N ASP D 234 13.84 -17.79 -12.15
CA ASP D 234 15.02 -17.97 -11.27
C ASP D 234 14.60 -17.82 -9.81
N SER D 235 13.88 -16.73 -9.48
CA SER D 235 13.48 -16.36 -8.10
C SER D 235 12.54 -17.43 -7.51
N ASP D 236 11.55 -17.88 -8.29
CA ASP D 236 10.54 -18.89 -7.87
C ASP D 236 11.22 -20.26 -7.76
N SER D 237 12.23 -20.54 -8.57
CA SER D 237 13.03 -21.79 -8.52
C SER D 237 13.83 -21.83 -7.21
N ILE D 238 14.47 -20.72 -6.84
CA ILE D 238 15.21 -20.55 -5.55
C ILE D 238 14.22 -20.71 -4.39
N LEU D 239 12.99 -20.21 -4.53
CA LEU D 239 11.92 -20.32 -3.50
C LEU D 239 11.61 -21.81 -3.27
N ILE D 240 11.28 -22.54 -4.34
CA ILE D 240 10.96 -24.00 -4.32
C ILE D 240 12.09 -24.75 -3.59
N LEU D 241 13.34 -24.47 -3.96
CA LEU D 241 14.56 -25.15 -3.44
C LEU D 241 14.85 -24.70 -2.00
N GLU D 242 14.48 -23.48 -1.63
CA GLU D 242 14.57 -22.97 -0.24
C GLU D 242 13.61 -23.77 0.65
N ASN D 243 12.41 -24.06 0.15
CA ASN D 243 11.35 -24.83 0.85
C ASN D 243 11.79 -26.29 1.02
N PHE D 244 12.54 -26.83 0.05
CA PHE D 244 13.15 -28.18 0.11
C PHE D 244 14.17 -28.22 1.25
N ARG D 245 15.05 -27.22 1.32
CA ARG D 245 16.14 -27.10 2.33
C ARG D 245 15.54 -27.04 3.74
N LYS D 246 14.41 -26.36 3.92
CA LYS D 246 13.70 -26.21 5.22
C LYS D 246 13.02 -27.53 5.62
N ALA D 247 12.63 -28.34 4.63
CA ALA D 247 11.92 -29.63 4.82
C ALA D 247 12.92 -30.77 5.04
N MET D 248 14.17 -30.61 4.58
CA MET D 248 15.22 -31.65 4.63
C MET D 248 16.08 -31.49 5.90
N ASP D 249 16.65 -32.59 6.37
CA ASP D 249 17.71 -32.63 7.40
C ASP D 249 19.03 -33.04 6.73
N LYS D 250 20.13 -33.05 7.48
CA LYS D 250 21.50 -33.36 6.97
C LYS D 250 21.56 -34.79 6.42
N ASN D 251 20.62 -35.66 6.81
CA ASN D 251 20.51 -37.06 6.34
C ASN D 251 19.79 -37.13 4.99
N SER D 252 18.85 -36.21 4.73
CA SER D 252 17.96 -36.21 3.54
C SER D 252 18.74 -35.87 2.27
N SER D 253 18.31 -36.41 1.13
CA SER D 253 18.86 -36.16 -0.23
C SER D 253 17.72 -35.74 -1.16
N LEU D 254 17.98 -34.74 -2.02
CA LEU D 254 17.04 -34.26 -3.08
C LEU D 254 17.61 -34.64 -4.45
N LEU D 255 16.84 -35.36 -5.26
CA LEU D 255 17.14 -35.62 -6.69
C LEU D 255 16.50 -34.52 -7.54
N LEU D 256 17.34 -33.62 -8.08
CA LEU D 256 16.96 -32.61 -9.11
C LEU D 256 17.21 -33.23 -10.49
N ILE D 257 16.15 -33.72 -11.14
CA ILE D 257 16.19 -34.44 -12.45
C ILE D 257 15.41 -33.60 -13.46
N ASN D 258 16.09 -32.84 -14.31
CA ASN D 258 15.45 -31.91 -15.28
C ASN D 258 16.11 -32.06 -16.65
N MET D 259 15.37 -31.77 -17.72
CA MET D 259 15.91 -31.57 -19.09
C MET D 259 16.90 -30.41 -19.04
N VAL D 260 18.11 -30.62 -19.55
CA VAL D 260 19.26 -29.65 -19.44
C VAL D 260 19.50 -29.02 -20.82
N LYS D 261 19.97 -27.77 -20.82
CA LYS D 261 20.33 -26.99 -22.03
C LYS D 261 21.68 -27.49 -22.56
N GLU D 262 21.71 -28.04 -23.77
CA GLU D 262 22.96 -28.40 -24.50
C GLU D 262 22.89 -27.77 -25.90
N PRO D 263 23.96 -27.04 -26.34
CA PRO D 263 23.94 -26.32 -27.62
C PRO D 263 23.57 -27.15 -28.87
N GLU D 264 23.79 -28.46 -28.83
CA GLU D 264 23.53 -29.37 -29.98
C GLU D 264 22.04 -29.37 -30.30
N PHE D 265 21.19 -29.47 -29.27
CA PHE D 265 19.72 -29.69 -29.39
C PHE D 265 19.01 -28.34 -29.58
N SER D 266 17.72 -28.38 -29.93
CA SER D 266 16.91 -27.20 -30.31
C SER D 266 16.66 -26.30 -29.10
N ARG D 267 16.37 -25.01 -29.36
CA ARG D 267 15.97 -24.01 -28.35
C ARG D 267 14.44 -23.89 -28.32
N SER D 268 13.74 -24.49 -29.28
CA SER D 268 12.27 -24.33 -29.49
C SER D 268 11.54 -24.50 -28.15
N PHE D 269 11.95 -25.48 -27.35
CA PHE D 269 11.33 -25.82 -26.04
C PHE D 269 11.55 -24.69 -25.04
N ASP D 270 12.73 -24.05 -25.06
CA ASP D 270 13.11 -22.90 -24.20
C ASP D 270 12.14 -21.73 -24.41
N ILE D 271 11.62 -21.60 -25.64
CA ILE D 271 10.65 -20.52 -26.02
C ILE D 271 9.25 -20.94 -25.55
N LEU D 272 8.90 -22.22 -25.67
CA LEU D 272 7.57 -22.75 -25.26
C LEU D 272 7.42 -22.57 -23.74
N MET D 273 8.48 -22.80 -22.96
CA MET D 273 8.49 -22.58 -21.49
C MET D 273 8.22 -21.10 -21.20
N ASP D 274 8.79 -20.21 -22.01
CA ASP D 274 8.59 -18.73 -21.90
C ASP D 274 7.12 -18.37 -22.14
N VAL D 275 6.52 -18.97 -23.18
CA VAL D 275 5.12 -18.73 -23.62
C VAL D 275 4.16 -19.14 -22.50
N LEU D 276 4.37 -20.30 -21.89
CA LEU D 276 3.38 -20.98 -21.01
C LEU D 276 3.57 -20.57 -19.55
N PHE D 277 4.81 -20.37 -19.10
CA PHE D 277 5.16 -20.20 -17.65
C PHE D 277 6.07 -19.00 -17.40
N LEU D 278 6.60 -18.34 -18.44
CA LEU D 278 7.81 -17.48 -18.38
C LEU D 278 8.95 -18.28 -17.73
N GLY D 279 9.09 -19.56 -18.10
CA GLY D 279 10.16 -20.45 -17.65
C GLY D 279 11.34 -20.41 -18.59
N LYS D 280 12.24 -21.40 -18.50
CA LYS D 280 13.45 -21.52 -19.34
C LYS D 280 14.14 -22.86 -19.05
N GLU D 281 14.76 -23.47 -20.06
CA GLU D 281 15.70 -24.60 -19.89
C GLU D 281 17.02 -24.02 -19.35
N ARG D 282 17.75 -24.79 -18.53
CA ARG D 282 18.98 -24.32 -17.83
C ARG D 282 20.11 -25.34 -18.02
N SER D 283 21.35 -24.86 -18.04
CA SER D 283 22.59 -25.68 -17.95
C SER D 283 22.73 -26.20 -16.52
N PHE D 284 23.56 -27.23 -16.31
CA PHE D 284 23.90 -27.78 -14.98
C PHE D 284 24.41 -26.65 -14.07
N THR D 285 25.35 -25.84 -14.59
CA THR D 285 25.98 -24.70 -13.88
C THR D 285 24.88 -23.79 -13.30
N GLU D 286 23.83 -23.52 -14.09
CA GLU D 286 22.71 -22.59 -13.72
C GLU D 286 21.85 -23.24 -12.64
N PHE D 287 21.53 -24.53 -12.76
CA PHE D 287 20.79 -25.33 -11.74
C PHE D 287 21.56 -25.33 -10.41
N GLU D 288 22.88 -25.48 -10.48
CA GLU D 288 23.80 -25.52 -9.31
C GLU D 288 23.80 -24.16 -8.61
N TYR D 289 23.76 -23.07 -9.38
CA TYR D 289 23.76 -21.67 -8.88
C TYR D 289 22.46 -21.42 -8.08
N LEU D 290 21.31 -21.77 -8.65
CA LEU D 290 19.97 -21.65 -8.00
C LEU D 290 19.97 -22.48 -6.72
N ALA D 291 20.48 -23.72 -6.79
CA ALA D 291 20.61 -24.65 -5.65
C ALA D 291 21.52 -24.05 -4.57
N ASN D 292 22.61 -23.40 -4.98
CA ASN D 292 23.61 -22.77 -4.08
C ASN D 292 22.96 -21.58 -3.34
N GLN D 293 22.17 -20.77 -4.05
CA GLN D 293 21.42 -19.61 -3.48
C GLN D 293 20.36 -20.11 -2.50
N ALA D 294 19.75 -21.26 -2.80
CA ALA D 294 18.69 -21.92 -1.99
C ALA D 294 19.29 -22.53 -0.72
N GLY D 295 20.60 -22.81 -0.72
CA GLY D 295 21.35 -23.30 0.46
C GLY D 295 21.65 -24.79 0.39
N LEU D 296 21.64 -25.38 -0.82
CA LEU D 296 21.96 -26.81 -1.08
C LEU D 296 23.28 -26.89 -1.85
N VAL D 297 24.01 -27.99 -1.71
CA VAL D 297 25.30 -28.25 -2.43
C VAL D 297 25.14 -29.54 -3.26
N VAL D 298 25.86 -29.62 -4.38
CA VAL D 298 25.86 -30.79 -5.30
C VAL D 298 26.80 -31.85 -4.74
N GLN D 299 26.28 -33.07 -4.52
CA GLN D 299 27.03 -34.25 -4.01
C GLN D 299 27.49 -35.13 -5.17
N GLU D 300 26.67 -35.24 -6.21
CA GLU D 300 26.90 -36.13 -7.38
C GLU D 300 26.13 -35.58 -8.59
N THR D 301 26.67 -35.77 -9.79
CA THR D 301 26.04 -35.39 -11.08
C THR D 301 26.21 -36.54 -12.08
N LYS D 302 25.19 -36.79 -12.89
CA LYS D 302 25.18 -37.83 -13.95
C LYS D 302 24.36 -37.31 -15.14
N VAL D 303 24.57 -37.90 -16.32
CA VAL D 303 23.87 -37.52 -17.59
C VAL D 303 22.94 -38.67 -17.97
N ILE D 304 21.70 -38.34 -18.32
CA ILE D 304 20.67 -39.28 -18.86
C ILE D 304 20.26 -38.78 -20.24
N ASP D 305 20.29 -39.64 -21.25
CA ASP D 305 19.89 -39.33 -22.64
C ASP D 305 18.51 -39.93 -22.91
N GLN D 306 17.50 -39.08 -23.12
CA GLN D 306 16.19 -39.47 -23.69
C GLN D 306 16.18 -39.09 -25.17
N SER D 307 15.42 -39.82 -25.99
CA SER D 307 15.26 -39.57 -27.45
C SER D 307 15.02 -38.07 -27.70
N TYR D 308 14.15 -37.45 -26.91
CA TYR D 308 13.61 -36.08 -27.12
C TYR D 308 14.56 -35.01 -26.55
N SER D 309 15.35 -35.34 -25.52
CA SER D 309 16.23 -34.37 -24.82
C SER D 309 17.20 -35.08 -23.88
N PRO D 310 18.41 -34.52 -23.64
CA PRO D 310 19.26 -34.96 -22.54
C PRO D 310 18.72 -34.43 -21.21
N TYR D 311 19.06 -35.10 -20.10
CA TYR D 311 18.63 -34.76 -18.72
C TYR D 311 19.86 -34.55 -17.84
N SER D 312 19.75 -33.67 -16.85
CA SER D 312 20.74 -33.46 -15.76
C SER D 312 20.20 -34.10 -14.48
N PHE D 313 20.92 -35.09 -13.95
CA PHE D 313 20.63 -35.78 -12.66
C PHE D 313 21.53 -35.17 -11.57
N ILE D 314 20.96 -34.41 -10.65
CA ILE D 314 21.70 -33.63 -9.61
C ILE D 314 21.22 -34.09 -8.22
N LYS D 315 22.12 -34.72 -7.45
CA LYS D 315 21.88 -35.14 -6.04
C LYS D 315 22.27 -33.98 -5.11
N LEU D 316 21.30 -33.43 -4.37
CA LEU D 316 21.46 -32.20 -3.56
C LEU D 316 21.23 -32.52 -2.07
N GLN D 317 22.09 -31.96 -1.21
CA GLN D 317 21.96 -32.02 0.27
C GLN D 317 22.16 -30.59 0.83
N ILE D 318 21.70 -30.36 2.06
CA ILE D 318 21.81 -29.03 2.74
C ILE D 318 23.27 -28.83 3.18
N LYS D 319 23.72 -27.58 3.25
CA LYS D 319 25.07 -27.19 3.73
C LYS D 319 25.14 -27.39 5.25
N SER E 1 -42.49 -22.88 2.49
CA SER E 1 -43.64 -23.49 1.77
C SER E 1 -43.18 -24.75 1.02
N MET E 2 -44.12 -25.48 0.43
CA MET E 2 -43.86 -26.66 -0.45
C MET E 2 -43.73 -26.18 -1.90
N LEU E 3 -44.03 -24.90 -2.17
CA LEU E 3 -44.06 -24.32 -3.54
C LEU E 3 -42.72 -23.66 -3.86
N THR E 4 -42.25 -22.75 -3.00
CA THR E 4 -40.99 -21.99 -3.19
C THR E 4 -39.80 -22.95 -3.29
N GLU E 5 -39.85 -24.08 -2.59
CA GLU E 5 -38.78 -25.12 -2.63
C GLU E 5 -38.96 -26.00 -3.87
N LEU E 6 -40.19 -26.16 -4.36
CA LEU E 6 -40.46 -26.83 -5.67
C LEU E 6 -39.96 -25.93 -6.80
N ILE E 7 -40.08 -24.60 -6.65
CA ILE E 7 -39.56 -23.59 -7.61
C ILE E 7 -38.03 -23.60 -7.55
N ALA E 8 -37.47 -23.85 -6.36
CA ALA E 8 -36.01 -23.86 -6.09
C ALA E 8 -35.46 -25.29 -6.18
N SER E 9 -36.07 -26.15 -7.01
CA SER E 9 -35.64 -27.56 -7.24
C SER E 9 -34.26 -27.57 -7.92
N ASN E 10 -34.00 -26.59 -8.80
CA ASN E 10 -32.71 -26.39 -9.51
C ASN E 10 -31.54 -26.39 -8.51
N ARG E 11 -31.73 -25.80 -7.32
CA ARG E 11 -30.67 -25.63 -6.29
C ARG E 11 -30.17 -27.01 -5.83
N ARG E 12 -31.05 -28.03 -5.82
CA ARG E 12 -30.71 -29.44 -5.49
C ARG E 12 -29.65 -29.95 -6.47
N SER E 13 -29.91 -29.80 -7.78
CA SER E 13 -29.01 -30.22 -8.90
C SER E 13 -27.69 -29.47 -8.81
N ALA E 14 -27.73 -28.17 -8.54
CA ALA E 14 -26.55 -27.27 -8.47
C ALA E 14 -25.64 -27.68 -7.30
N ALA E 15 -26.23 -28.01 -6.15
CA ALA E 15 -25.52 -28.45 -4.92
C ALA E 15 -24.77 -29.75 -5.20
N ILE E 16 -25.42 -30.71 -5.86
CA ILE E 16 -24.82 -32.02 -6.25
C ILE E 16 -23.69 -31.79 -7.26
N HIS E 17 -23.90 -30.89 -8.24
CA HIS E 17 -22.89 -30.54 -9.27
C HIS E 17 -21.60 -30.05 -8.58
N ALA E 18 -21.71 -29.00 -7.75
CA ALA E 18 -20.59 -28.38 -7.00
C ALA E 18 -19.84 -29.45 -6.21
N PHE E 19 -20.56 -30.38 -5.60
CA PHE E 19 -20.03 -31.48 -4.75
C PHE E 19 -19.27 -32.49 -5.61
N VAL E 20 -19.86 -32.92 -6.73
CA VAL E 20 -19.37 -34.03 -7.61
C VAL E 20 -18.36 -33.49 -8.63
N ASP E 21 -18.65 -32.34 -9.27
CA ASP E 21 -17.85 -31.77 -10.39
C ASP E 21 -16.48 -31.29 -9.88
N THR E 22 -16.41 -30.73 -8.67
CA THR E 22 -15.14 -30.31 -8.01
C THR E 22 -14.28 -31.54 -7.73
N GLY E 23 -14.92 -32.69 -7.50
CA GLY E 23 -14.26 -33.94 -7.08
C GLY E 23 -14.15 -34.05 -5.57
N LEU E 24 -14.96 -33.27 -4.84
CA LEU E 24 -15.04 -33.31 -3.35
C LEU E 24 -15.68 -34.64 -2.91
N SER E 25 -16.63 -35.15 -3.70
CA SER E 25 -17.37 -36.41 -3.42
C SER E 25 -16.42 -37.62 -3.46
N THR E 26 -15.29 -37.52 -4.15
CA THR E 26 -14.28 -38.60 -4.30
C THR E 26 -13.60 -38.90 -2.96
N HIS E 27 -13.70 -37.99 -1.98
CA HIS E 27 -13.13 -38.13 -0.61
C HIS E 27 -14.09 -38.89 0.31
N PHE E 28 -15.27 -39.30 -0.20
CA PHE E 28 -16.32 -40.06 0.55
C PHE E 28 -16.40 -41.49 0.03
N LYS E 29 -15.28 -42.04 -0.48
CA LYS E 29 -15.19 -43.44 -1.00
C LYS E 29 -15.54 -44.43 0.12
N ASP E 30 -16.26 -45.50 -0.24
CA ASP E 30 -16.53 -46.69 0.63
C ASP E 30 -17.41 -46.29 1.83
N GLY E 31 -18.27 -45.27 1.66
CA GLY E 31 -19.20 -44.79 2.70
C GLY E 31 -18.49 -44.41 3.99
N ILE E 32 -17.28 -43.85 3.87
CA ILE E 32 -16.45 -43.37 5.02
C ILE E 32 -17.12 -42.13 5.62
N TYR E 33 -17.07 -41.98 6.95
CA TYR E 33 -17.50 -40.76 7.68
C TYR E 33 -16.35 -39.74 7.60
N VAL E 34 -16.54 -38.67 6.83
CA VAL E 34 -15.50 -37.64 6.53
C VAL E 34 -15.55 -36.55 7.61
N ASP E 35 -14.37 -36.08 8.03
CA ASP E 35 -14.18 -34.89 8.90
C ASP E 35 -13.94 -33.69 7.98
N ILE E 36 -14.89 -32.75 7.94
CA ILE E 36 -14.85 -31.55 7.03
C ILE E 36 -13.63 -30.71 7.37
N SER E 37 -13.26 -30.67 8.66
CA SER E 37 -12.04 -29.98 9.17
C SER E 37 -10.79 -30.58 8.48
N GLU E 38 -10.68 -31.92 8.47
CA GLU E 38 -9.61 -32.66 7.75
C GLU E 38 -9.63 -32.29 6.27
N LEU E 39 -10.80 -32.36 5.63
CA LEU E 39 -10.99 -32.13 4.18
C LEU E 39 -10.61 -30.69 3.81
N SER E 40 -10.84 -29.73 4.71
CA SER E 40 -10.48 -28.30 4.53
C SER E 40 -8.96 -28.14 4.46
N ARG E 41 -8.23 -28.74 5.40
CA ARG E 41 -6.74 -28.69 5.48
C ARG E 41 -6.13 -29.27 4.20
N LYS E 42 -6.55 -30.47 3.80
CA LYS E 42 -5.95 -31.26 2.70
C LYS E 42 -6.35 -30.67 1.35
N SER E 43 -7.65 -30.53 1.08
CA SER E 43 -8.22 -30.10 -0.22
C SER E 43 -8.07 -28.58 -0.41
N GLY E 44 -7.91 -27.82 0.69
CA GLY E 44 -7.86 -26.35 0.68
C GLY E 44 -9.24 -25.73 0.48
N VAL E 45 -10.31 -26.52 0.62
CA VAL E 45 -11.72 -26.04 0.49
C VAL E 45 -12.09 -25.30 1.79
N ASN E 46 -12.95 -24.29 1.67
CA ASN E 46 -13.46 -23.48 2.81
C ASN E 46 -14.25 -24.39 3.75
N TYR E 47 -13.95 -24.35 5.05
CA TYR E 47 -14.52 -25.26 6.07
C TYR E 47 -15.99 -24.89 6.34
N ALA E 48 -16.21 -23.64 6.75
CA ALA E 48 -17.54 -23.09 7.13
C ALA E 48 -18.52 -23.24 5.96
N ARG E 49 -18.10 -22.83 4.76
CA ARG E 49 -18.96 -22.72 3.56
C ARG E 49 -19.27 -24.11 2.99
N PHE E 50 -18.36 -25.08 3.14
CA PHE E 50 -18.56 -26.48 2.67
C PHE E 50 -19.38 -27.28 3.69
N SER E 51 -19.26 -26.95 4.99
CA SER E 51 -20.12 -27.49 6.07
C SER E 51 -21.59 -27.19 5.76
N ARG E 52 -21.88 -25.96 5.30
CA ARG E 52 -23.24 -25.48 4.99
C ARG E 52 -23.81 -26.24 3.80
N LEU E 53 -23.00 -26.44 2.75
CA LEU E 53 -23.38 -27.29 1.58
C LEU E 53 -23.70 -28.70 2.08
N CYS E 54 -22.82 -29.28 2.91
CA CYS E 54 -22.99 -30.64 3.50
C CYS E 54 -24.33 -30.73 4.23
N ASP E 55 -24.70 -29.67 4.97
CA ASP E 55 -25.99 -29.56 5.68
C ASP E 55 -27.15 -29.68 4.69
N PHE E 56 -27.05 -28.97 3.56
CA PHE E 56 -28.08 -28.99 2.48
C PHE E 56 -28.15 -30.39 1.86
N LEU E 57 -27.02 -31.08 1.77
CA LEU E 57 -26.90 -32.42 1.13
C LEU E 57 -27.42 -33.51 2.10
N VAL E 58 -27.38 -33.28 3.42
CA VAL E 58 -27.98 -34.18 4.45
C VAL E 58 -29.51 -34.14 4.30
N GLU E 59 -30.07 -32.93 4.18
CA GLU E 59 -31.53 -32.65 4.00
C GLU E 59 -32.05 -33.37 2.75
N MET E 60 -31.29 -33.34 1.65
CA MET E 60 -31.64 -34.02 0.37
C MET E 60 -31.62 -35.54 0.56
N GLY E 61 -30.69 -36.05 1.40
CA GLY E 61 -30.49 -37.48 1.65
C GLY E 61 -29.20 -37.99 1.02
N VAL E 62 -28.42 -37.11 0.38
CA VAL E 62 -27.14 -37.45 -0.32
C VAL E 62 -26.09 -37.82 0.74
N LEU E 63 -25.95 -36.98 1.78
CA LEU E 63 -25.05 -37.23 2.95
C LEU E 63 -25.89 -37.69 4.15
N VAL E 64 -25.23 -38.29 5.14
CA VAL E 64 -25.79 -38.68 6.47
C VAL E 64 -24.87 -38.10 7.55
N SER E 65 -25.45 -37.40 8.53
CA SER E 65 -24.73 -36.69 9.62
C SER E 65 -24.61 -37.61 10.85
N ASN E 66 -23.38 -37.77 11.34
CA ASN E 66 -23.07 -38.54 12.58
C ASN E 66 -21.81 -37.95 13.25
N ASP E 67 -22.00 -37.31 14.41
CA ASP E 67 -20.91 -36.84 15.30
C ASP E 67 -20.02 -35.83 14.56
N ASN E 68 -20.62 -34.75 14.04
CA ASN E 68 -19.91 -33.64 13.36
C ASN E 68 -19.13 -34.15 12.14
N LYS E 69 -19.56 -35.27 11.56
CA LYS E 69 -18.92 -35.90 10.37
C LYS E 69 -20.01 -36.31 9.38
N PHE E 70 -19.64 -36.49 8.11
CA PHE E 70 -20.56 -36.75 6.98
C PHE E 70 -20.06 -37.93 6.16
N ARG E 71 -20.99 -38.83 5.77
CA ARG E 71 -20.75 -39.94 4.81
C ARG E 71 -21.84 -39.86 3.73
N LEU E 72 -21.55 -40.38 2.53
CA LEU E 72 -22.56 -40.58 1.45
C LEU E 72 -23.55 -41.65 1.89
N SER E 73 -24.84 -41.45 1.59
CA SER E 73 -25.93 -42.43 1.84
C SER E 73 -25.69 -43.69 1.01
N ASP E 74 -26.35 -44.79 1.36
CA ASP E 74 -26.19 -46.13 0.71
C ASP E 74 -26.51 -45.99 -0.78
N GLU E 75 -27.52 -45.19 -1.13
CA GLU E 75 -27.97 -44.97 -2.53
C GLU E 75 -26.95 -44.11 -3.31
N CYS E 76 -26.19 -43.24 -2.62
CA CYS E 76 -25.36 -42.16 -3.22
C CYS E 76 -23.86 -42.45 -3.15
N HIS E 77 -23.45 -43.72 -3.05
CA HIS E 77 -22.02 -44.14 -3.05
C HIS E 77 -21.40 -43.83 -4.42
N VAL E 78 -22.23 -43.87 -5.49
CA VAL E 78 -21.82 -43.68 -6.92
C VAL E 78 -21.14 -42.33 -7.12
N PHE E 79 -21.48 -41.32 -6.31
CA PHE E 79 -20.92 -39.94 -6.40
C PHE E 79 -19.45 -39.93 -6.01
N ALA E 80 -19.00 -40.90 -5.21
CA ALA E 80 -17.58 -41.07 -4.82
C ALA E 80 -16.74 -41.45 -6.05
N ASN E 81 -17.35 -42.16 -7.00
CA ASN E 81 -16.73 -42.71 -8.23
C ASN E 81 -16.97 -41.76 -9.40
N PRO E 82 -15.93 -41.06 -9.92
CA PRO E 82 -16.08 -40.25 -11.13
C PRO E 82 -16.42 -41.02 -12.41
N GLU E 83 -16.15 -42.34 -12.43
CA GLU E 83 -16.43 -43.23 -13.58
C GLU E 83 -17.92 -43.57 -13.65
N SER E 84 -18.66 -43.43 -12.54
CA SER E 84 -20.10 -43.80 -12.44
C SER E 84 -20.92 -42.91 -13.38
N PHE E 85 -22.02 -43.43 -13.92
CA PHE E 85 -22.91 -42.74 -14.89
C PHE E 85 -23.54 -41.51 -14.24
N GLU E 86 -23.93 -41.63 -12.96
CA GLU E 86 -24.56 -40.53 -12.18
C GLU E 86 -23.62 -39.32 -12.14
N SER E 87 -22.31 -39.57 -11.93
CA SER E 87 -21.23 -38.54 -11.95
C SER E 87 -21.24 -37.79 -13.29
N PHE E 88 -21.39 -38.51 -14.42
CA PHE E 88 -21.43 -37.94 -15.79
C PHE E 88 -22.79 -37.26 -16.02
N MET E 89 -23.88 -37.88 -15.53
CA MET E 89 -25.27 -37.37 -15.69
C MET E 89 -25.39 -35.97 -15.11
N ILE E 90 -24.83 -35.75 -13.91
CA ILE E 90 -24.84 -34.45 -13.17
C ILE E 90 -24.19 -33.37 -14.03
N LYS E 91 -22.97 -33.64 -14.54
CA LYS E 91 -22.16 -32.69 -15.34
C LYS E 91 -23.02 -32.07 -16.46
N LEU E 92 -23.68 -32.91 -17.26
CA LEU E 92 -24.47 -32.51 -18.45
C LEU E 92 -25.77 -31.81 -18.04
N GLU E 93 -26.40 -32.28 -16.95
CA GLU E 93 -27.78 -31.89 -16.53
C GLU E 93 -27.92 -30.37 -16.52
N ILE E 94 -27.08 -29.67 -15.73
CA ILE E 94 -27.16 -28.20 -15.54
C ILE E 94 -25.93 -27.51 -16.16
N CYS E 95 -25.33 -28.11 -17.20
CA CYS E 95 -24.24 -27.48 -17.99
C CYS E 95 -24.82 -26.29 -18.76
N SER E 96 -23.98 -25.32 -19.10
CA SER E 96 -24.35 -24.07 -19.82
C SER E 96 -25.30 -24.37 -20.98
N HIS E 97 -24.99 -25.41 -21.78
CA HIS E 97 -25.68 -25.74 -23.05
C HIS E 97 -27.09 -26.29 -22.79
N TYR E 98 -27.26 -27.10 -21.74
CA TYR E 98 -28.57 -27.68 -21.34
C TYR E 98 -29.45 -26.59 -20.72
N SER E 99 -28.86 -25.76 -19.84
CA SER E 99 -29.49 -24.59 -19.20
C SER E 99 -30.16 -23.70 -20.25
N ASN E 100 -29.37 -23.17 -21.19
CA ASN E 100 -29.82 -22.21 -22.24
C ASN E 100 -30.91 -22.85 -23.10
N ALA E 101 -30.86 -24.18 -23.29
CA ALA E 101 -31.86 -24.96 -24.06
C ALA E 101 -33.17 -25.04 -23.27
N TRP E 102 -33.11 -25.15 -21.95
CA TRP E 102 -34.30 -25.16 -21.04
C TRP E 102 -34.97 -23.78 -21.05
N LEU E 103 -34.20 -22.70 -21.19
CA LEU E 103 -34.70 -21.31 -21.21
C LEU E 103 -35.50 -21.05 -22.49
N MET E 104 -35.18 -21.75 -23.57
CA MET E 104 -35.87 -21.63 -24.88
C MET E 104 -37.06 -22.59 -24.96
N TYR E 105 -37.17 -23.54 -24.02
CA TYR E 105 -38.18 -24.63 -24.03
C TYR E 105 -39.60 -24.05 -24.12
N GLY E 106 -39.93 -23.08 -23.27
CA GLY E 106 -41.23 -22.38 -23.26
C GLY E 106 -41.60 -21.84 -24.63
N LYS E 107 -40.62 -21.25 -25.33
CA LYS E 107 -40.80 -20.56 -26.63
C LYS E 107 -40.89 -21.58 -27.76
N SER E 108 -40.26 -22.75 -27.59
CA SER E 108 -40.26 -23.89 -28.55
C SER E 108 -41.70 -24.41 -28.76
N LEU E 109 -42.56 -24.23 -27.76
CA LEU E 109 -43.97 -24.73 -27.75
C LEU E 109 -44.84 -23.94 -28.73
N PHE E 110 -44.36 -22.80 -29.22
CA PHE E 110 -45.10 -21.88 -30.15
C PHE E 110 -44.68 -22.15 -31.60
N GLU E 111 -43.37 -22.12 -31.89
CA GLU E 111 -42.81 -22.20 -33.27
C GLU E 111 -43.08 -23.59 -33.87
N ASP E 112 -43.42 -23.62 -35.18
CA ASP E 112 -43.73 -24.86 -35.96
C ASP E 112 -42.65 -25.08 -37.03
N ASP E 113 -41.39 -24.77 -36.71
CA ASP E 113 -40.23 -24.87 -37.64
C ASP E 113 -39.75 -26.32 -37.68
N GLY E 114 -40.00 -27.10 -36.63
CA GLY E 114 -39.43 -28.44 -36.43
C GLY E 114 -38.07 -28.38 -35.75
N LYS E 115 -37.71 -27.21 -35.20
CA LYS E 115 -36.42 -26.97 -34.50
C LYS E 115 -36.65 -27.14 -32.98
N SER E 116 -35.76 -27.89 -32.32
CA SER E 116 -35.79 -28.15 -30.86
C SER E 116 -35.36 -26.88 -30.10
N ALA E 117 -35.67 -26.82 -28.82
CA ALA E 117 -35.25 -25.73 -27.88
C ALA E 117 -33.73 -25.61 -27.91
N PHE E 118 -33.02 -26.75 -27.94
CA PHE E 118 -31.53 -26.81 -28.01
C PHE E 118 -31.04 -26.16 -29.30
N GLU E 119 -31.70 -26.42 -30.43
CA GLU E 119 -31.35 -25.89 -31.77
C GLU E 119 -31.62 -24.38 -31.82
N MET E 120 -32.74 -23.93 -31.23
CA MET E 120 -33.14 -22.50 -31.14
C MET E 120 -32.09 -21.70 -30.36
N ALA E 121 -31.41 -22.34 -29.39
CA ALA E 121 -30.46 -21.70 -28.46
C ALA E 121 -29.02 -21.78 -28.99
N HIS E 122 -28.69 -22.80 -29.79
CA HIS E 122 -27.30 -23.14 -30.21
C HIS E 122 -27.11 -23.06 -31.73
N GLY E 123 -28.17 -23.29 -32.51
CA GLY E 123 -28.16 -23.11 -33.99
C GLY E 123 -28.30 -24.43 -34.73
N ARG E 124 -27.58 -25.47 -34.30
CA ARG E 124 -27.63 -26.84 -34.88
C ARG E 124 -28.36 -27.77 -33.91
N PRO E 125 -28.96 -28.88 -34.39
CA PRO E 125 -29.49 -29.91 -33.50
C PRO E 125 -28.40 -30.51 -32.62
N PHE E 126 -28.80 -31.25 -31.58
CA PHE E 126 -27.93 -31.79 -30.49
C PHE E 126 -26.71 -32.51 -31.08
N PHE E 127 -26.93 -33.55 -31.88
CA PHE E 127 -25.88 -34.50 -32.35
C PHE E 127 -24.93 -33.81 -33.33
N GLU E 128 -25.44 -32.91 -34.17
CA GLU E 128 -24.62 -32.11 -35.13
C GLU E 128 -23.75 -31.12 -34.35
N TYR E 129 -24.31 -30.45 -33.33
CA TYR E 129 -23.59 -29.48 -32.45
C TYR E 129 -22.50 -30.20 -31.66
N LEU E 130 -22.77 -31.45 -31.23
CA LEU E 130 -21.82 -32.29 -30.46
C LEU E 130 -20.54 -32.53 -31.28
N ASP E 131 -20.66 -32.61 -32.61
CA ASP E 131 -19.51 -32.74 -33.55
C ASP E 131 -18.51 -31.62 -33.28
N GLY E 132 -18.99 -30.40 -33.03
CA GLY E 132 -18.17 -29.20 -32.80
C GLY E 132 -18.20 -28.75 -31.35
N ASN E 133 -18.23 -29.69 -30.39
CA ASN E 133 -18.18 -29.41 -28.93
C ASN E 133 -17.58 -30.63 -28.21
N LYS E 134 -16.32 -30.49 -27.77
CA LYS E 134 -15.52 -31.56 -27.11
C LYS E 134 -16.18 -31.96 -25.79
N PHE E 135 -16.62 -30.97 -24.99
CA PHE E 135 -17.19 -31.14 -23.63
C PHE E 135 -18.45 -32.02 -23.68
N LEU E 136 -19.40 -31.66 -24.56
CA LEU E 136 -20.74 -32.32 -24.66
C LEU E 136 -20.57 -33.76 -25.16
N LYS E 137 -19.77 -33.96 -26.21
CA LYS E 137 -19.62 -35.29 -26.88
C LYS E 137 -18.88 -36.26 -25.96
N SER E 138 -17.80 -35.81 -25.31
CA SER E 138 -16.93 -36.63 -24.42
C SER E 138 -17.71 -37.14 -23.21
N ASN E 139 -18.62 -36.31 -22.66
CA ASN E 139 -19.40 -36.61 -21.43
C ASN E 139 -20.68 -37.37 -21.80
N PHE E 140 -21.34 -37.01 -22.91
CA PHE E 140 -22.55 -37.70 -23.42
C PHE E 140 -22.20 -39.15 -23.77
N ASP E 141 -21.17 -39.37 -24.59
CA ASP E 141 -20.73 -40.72 -25.03
C ASP E 141 -20.25 -41.52 -23.81
N ALA E 142 -19.64 -40.87 -22.82
CA ALA E 142 -19.21 -41.48 -21.54
C ALA E 142 -20.45 -42.00 -20.80
N LEU E 143 -21.50 -41.16 -20.68
CA LEU E 143 -22.79 -41.50 -20.02
C LEU E 143 -23.37 -42.76 -20.68
N MET E 144 -23.57 -42.74 -22.00
CA MET E 144 -24.15 -43.86 -22.79
C MET E 144 -23.37 -45.14 -22.51
N THR E 145 -22.03 -45.05 -22.51
CA THR E 145 -21.08 -46.15 -22.25
C THR E 145 -21.36 -46.75 -20.87
N ARG E 146 -21.56 -45.92 -19.84
CA ARG E 146 -21.73 -46.35 -18.43
C ARG E 146 -23.10 -47.05 -18.25
N VAL E 147 -24.17 -46.51 -18.85
CA VAL E 147 -25.55 -47.09 -18.76
C VAL E 147 -25.59 -48.39 -19.59
N SER E 148 -24.90 -48.42 -20.74
CA SER E 148 -24.73 -49.64 -21.58
C SER E 148 -24.05 -50.75 -20.76
N ASN E 149 -22.97 -50.40 -20.04
CA ASN E 149 -22.14 -51.34 -19.22
C ASN E 149 -23.03 -52.02 -18.16
N LEU E 150 -24.01 -51.30 -17.63
CA LEU E 150 -24.89 -51.76 -16.51
C LEU E 150 -26.01 -52.68 -17.02
N ILE E 151 -26.34 -52.64 -18.32
CA ILE E 151 -27.48 -53.40 -18.92
C ILE E 151 -26.96 -54.64 -19.65
N VAL E 152 -25.64 -54.86 -19.70
CA VAL E 152 -24.97 -55.94 -20.50
C VAL E 152 -25.43 -57.31 -19.97
N GLU E 153 -25.09 -57.63 -18.72
CA GLU E 153 -25.42 -58.92 -18.06
C GLU E 153 -26.92 -59.19 -18.17
N LYS E 154 -27.74 -58.17 -17.92
CA LYS E 154 -29.23 -58.21 -18.00
C LYS E 154 -29.68 -58.65 -19.40
N LEU E 155 -29.02 -58.14 -20.46
CA LEU E 155 -29.37 -58.44 -21.87
C LEU E 155 -28.94 -59.86 -22.24
N LEU E 156 -27.73 -60.27 -21.82
CA LEU E 156 -27.18 -61.62 -22.07
C LEU E 156 -28.07 -62.69 -21.41
N GLY E 157 -28.52 -62.43 -20.18
CA GLY E 157 -29.28 -63.39 -19.35
C GLY E 157 -30.65 -63.72 -19.93
N ILE E 158 -31.23 -62.84 -20.77
CA ILE E 158 -32.63 -62.95 -21.26
C ILE E 158 -32.67 -63.44 -22.72
N TYR E 159 -31.57 -63.28 -23.46
CA TYR E 159 -31.50 -63.60 -24.91
C TYR E 159 -30.27 -64.46 -25.24
N ASP E 160 -30.42 -65.37 -26.20
CA ASP E 160 -29.35 -66.24 -26.73
C ASP E 160 -28.68 -65.53 -27.92
N PHE E 161 -27.57 -64.82 -27.68
CA PHE E 161 -26.78 -64.09 -28.70
C PHE E 161 -25.90 -65.08 -29.49
N ASN E 162 -25.58 -66.23 -28.89
CA ASN E 162 -24.61 -67.22 -29.43
C ASN E 162 -25.15 -67.84 -30.74
N GLN E 163 -26.49 -67.92 -30.90
CA GLN E 163 -27.13 -68.51 -32.10
C GLN E 163 -26.80 -67.67 -33.34
N HIS E 164 -26.54 -66.37 -33.16
CA HIS E 164 -26.23 -65.39 -34.23
C HIS E 164 -24.74 -65.48 -34.60
N ASN E 165 -24.36 -64.91 -35.75
CA ASN E 165 -22.99 -64.94 -36.33
C ASN E 165 -22.48 -63.51 -36.56
N ARG E 166 -23.24 -62.70 -37.30
CA ARG E 166 -22.90 -61.30 -37.64
C ARG E 166 -23.86 -60.35 -36.90
N ILE E 167 -23.31 -59.45 -36.09
CA ILE E 167 -24.07 -58.58 -35.12
C ILE E 167 -23.72 -57.11 -35.39
N LEU E 168 -24.73 -56.28 -35.70
CA LEU E 168 -24.58 -54.82 -35.98
C LEU E 168 -25.38 -54.01 -34.95
N ASP E 169 -24.69 -53.29 -34.06
CA ASP E 169 -25.28 -52.33 -33.10
C ASP E 169 -25.39 -50.96 -33.80
N VAL E 170 -26.62 -50.53 -34.11
CA VAL E 170 -26.91 -49.29 -34.90
C VAL E 170 -27.07 -48.11 -33.92
N GLY E 171 -26.16 -47.15 -33.98
CA GLY E 171 -26.10 -46.01 -33.04
C GLY E 171 -25.59 -46.45 -31.69
N GLY E 172 -24.45 -47.14 -31.65
CA GLY E 172 -23.86 -47.76 -30.44
C GLY E 172 -22.82 -46.88 -29.77
N GLY E 173 -22.64 -45.64 -30.23
CA GLY E 173 -21.67 -44.67 -29.68
C GLY E 173 -20.24 -45.22 -29.74
N GLU E 174 -19.57 -45.27 -28.58
CA GLU E 174 -18.22 -45.88 -28.42
C GLU E 174 -18.29 -47.39 -28.64
N GLY E 175 -19.49 -47.97 -28.60
CA GLY E 175 -19.76 -49.38 -28.96
C GLY E 175 -19.53 -50.34 -27.81
N GLU E 176 -19.68 -49.86 -26.57
CA GLU E 176 -19.32 -50.62 -25.33
C GLU E 176 -20.20 -51.88 -25.20
N LEU E 177 -21.43 -51.83 -25.73
CA LEU E 177 -22.41 -52.95 -25.66
C LEU E 177 -21.81 -54.21 -26.28
N LEU E 178 -21.24 -54.11 -27.48
CA LEU E 178 -20.66 -55.26 -28.23
C LEU E 178 -19.26 -55.61 -27.68
N VAL E 179 -18.50 -54.60 -27.23
CA VAL E 179 -17.14 -54.79 -26.63
C VAL E 179 -17.26 -55.75 -25.43
N ARG E 180 -18.35 -55.66 -24.66
CA ARG E 180 -18.59 -56.46 -23.42
C ARG E 180 -19.34 -57.76 -23.78
N ILE E 181 -20.23 -57.72 -24.78
CA ILE E 181 -20.97 -58.92 -25.27
C ILE E 181 -19.96 -59.89 -25.93
N SER E 182 -18.99 -59.34 -26.67
CA SER E 182 -17.90 -60.10 -27.35
C SER E 182 -17.07 -60.89 -26.33
N GLU E 183 -16.83 -60.31 -25.14
CA GLU E 183 -15.97 -60.88 -24.08
C GLU E 183 -16.59 -62.15 -23.49
N LYS E 184 -17.91 -62.32 -23.61
CA LYS E 184 -18.65 -63.52 -23.12
C LYS E 184 -18.95 -64.46 -24.30
N VAL E 185 -19.53 -63.92 -25.39
CA VAL E 185 -19.87 -64.66 -26.64
C VAL E 185 -18.73 -64.49 -27.65
N LYS E 186 -17.86 -65.49 -27.79
CA LYS E 186 -16.65 -65.46 -28.65
C LYS E 186 -16.97 -65.96 -30.06
N GLY E 187 -16.06 -65.72 -31.00
CA GLY E 187 -16.08 -66.28 -32.37
C GLY E 187 -17.23 -65.75 -33.21
N LYS E 188 -17.39 -64.42 -33.26
CA LYS E 188 -18.46 -63.71 -34.01
C LYS E 188 -17.85 -62.54 -34.78
N HIS E 189 -18.64 -61.91 -35.66
CA HIS E 189 -18.35 -60.61 -36.32
C HIS E 189 -19.20 -59.52 -35.65
N TYR E 190 -18.55 -58.57 -34.98
CA TYR E 190 -19.20 -57.46 -34.22
C TYR E 190 -18.99 -56.14 -34.97
N ALA E 191 -20.09 -55.45 -35.29
CA ALA E 191 -20.11 -54.17 -36.04
C ALA E 191 -20.87 -53.12 -35.23
N VAL E 192 -20.34 -51.89 -35.17
CA VAL E 192 -20.96 -50.71 -34.51
C VAL E 192 -21.08 -49.57 -35.53
N LEU E 193 -22.31 -49.14 -35.83
CA LEU E 193 -22.61 -48.03 -36.77
C LEU E 193 -22.92 -46.76 -35.97
N ASP E 194 -22.29 -45.64 -36.31
CA ASP E 194 -22.50 -44.32 -35.65
C ASP E 194 -21.91 -43.21 -36.53
N ARG E 195 -22.17 -41.95 -36.17
CA ARG E 195 -21.60 -40.73 -36.82
C ARG E 195 -20.25 -40.42 -36.17
N TYR E 196 -19.14 -40.73 -36.86
CA TYR E 196 -17.76 -40.75 -36.29
C TYR E 196 -16.92 -39.61 -36.88
N SER E 197 -16.57 -38.64 -36.02
CA SER E 197 -15.58 -37.56 -36.28
C SER E 197 -14.17 -38.16 -36.24
N GLU E 198 -13.96 -39.16 -35.37
CA GLU E 198 -12.76 -40.02 -35.30
C GLU E 198 -13.22 -41.48 -35.28
N LEU E 199 -12.45 -42.38 -35.90
CA LEU E 199 -12.78 -43.83 -36.01
C LEU E 199 -12.18 -44.56 -34.79
N PRO E 200 -13.02 -45.02 -33.82
CA PRO E 200 -12.52 -45.76 -32.67
C PRO E 200 -12.00 -47.15 -33.09
N VAL E 201 -11.03 -47.69 -32.34
CA VAL E 201 -10.37 -49.01 -32.62
C VAL E 201 -10.55 -49.92 -31.40
N SER E 202 -11.14 -51.10 -31.61
CA SER E 202 -11.25 -52.22 -30.64
C SER E 202 -11.01 -53.54 -31.38
N ASP E 203 -10.21 -54.44 -30.78
CA ASP E 203 -9.71 -55.69 -31.43
C ASP E 203 -10.85 -56.44 -32.12
N ASN E 204 -11.96 -56.65 -31.40
CA ASN E 204 -13.06 -57.57 -31.82
C ASN E 204 -14.09 -56.82 -32.66
N ILE E 205 -14.19 -55.49 -32.52
CA ILE E 205 -15.29 -54.65 -33.08
C ILE E 205 -14.84 -54.00 -34.40
N ASP E 206 -15.72 -53.98 -35.40
CA ASP E 206 -15.53 -53.31 -36.71
C ASP E 206 -16.46 -52.09 -36.78
N PHE E 207 -15.92 -50.90 -36.50
CA PHE E 207 -16.66 -49.62 -36.43
C PHE E 207 -16.89 -49.06 -37.84
N ILE E 208 -18.16 -48.78 -38.19
CA ILE E 208 -18.60 -48.29 -39.53
C ILE E 208 -19.23 -46.90 -39.36
N ASN E 209 -18.75 -45.90 -40.10
CA ASN E 209 -19.31 -44.52 -40.14
C ASN E 209 -20.50 -44.52 -41.10
N GLY E 210 -21.72 -44.30 -40.58
CA GLY E 210 -22.97 -44.38 -41.35
C GLY E 210 -23.99 -43.33 -40.94
N ASN E 211 -25.26 -43.60 -41.25
CA ASN E 211 -26.43 -42.70 -41.00
C ASN E 211 -27.72 -43.51 -41.20
N PHE E 212 -28.40 -43.85 -40.10
CA PHE E 212 -29.58 -44.76 -40.08
C PHE E 212 -30.83 -44.06 -40.64
N LEU E 213 -30.75 -42.77 -40.93
CA LEU E 213 -31.82 -41.99 -41.63
C LEU E 213 -31.73 -42.29 -43.14
N ASN E 214 -30.56 -42.68 -43.63
CA ASN E 214 -30.29 -42.99 -45.05
C ASN E 214 -30.41 -44.51 -45.28
N SER E 215 -29.51 -45.29 -44.69
CA SER E 215 -29.28 -46.73 -45.01
C SER E 215 -28.77 -47.49 -43.78
N ILE E 216 -29.28 -48.72 -43.60
CA ILE E 216 -28.75 -49.76 -42.66
C ILE E 216 -28.05 -50.81 -43.51
N PRO E 217 -26.73 -51.09 -43.30
CA PRO E 217 -26.03 -52.09 -44.10
C PRO E 217 -26.60 -53.50 -43.85
N SER E 218 -27.04 -54.16 -44.92
CA SER E 218 -27.59 -55.55 -44.90
C SER E 218 -26.45 -56.56 -44.74
N GLY E 219 -26.80 -57.82 -44.43
CA GLY E 219 -25.86 -58.94 -44.30
C GLY E 219 -25.81 -59.49 -42.88
N TYR E 220 -26.12 -58.65 -41.89
CA TYR E 220 -26.11 -59.00 -40.44
C TYR E 220 -27.41 -59.72 -40.08
N ASP E 221 -27.30 -60.85 -39.38
CA ASP E 221 -28.45 -61.68 -38.95
C ASP E 221 -29.01 -61.13 -37.63
N LEU E 222 -28.20 -60.38 -36.86
CA LEU E 222 -28.65 -59.67 -35.63
C LEU E 222 -28.35 -58.16 -35.75
N TYR E 223 -29.39 -57.33 -35.60
CA TYR E 223 -29.30 -55.86 -35.51
C TYR E 223 -29.72 -55.41 -34.10
N ILE E 224 -29.08 -54.36 -33.56
CA ILE E 224 -29.42 -53.78 -32.23
C ILE E 224 -29.65 -52.27 -32.41
N LEU E 225 -30.71 -51.76 -31.78
CA LEU E 225 -31.03 -50.32 -31.70
C LEU E 225 -31.46 -49.99 -30.26
N LYS E 226 -30.49 -49.60 -29.42
CA LYS E 226 -30.70 -49.37 -27.96
C LYS E 226 -30.74 -47.87 -27.67
N ASN E 227 -31.88 -47.38 -27.16
CA ASN E 227 -32.10 -45.99 -26.68
C ASN E 227 -31.83 -44.98 -27.81
N VAL E 228 -32.37 -45.25 -29.00
CA VAL E 228 -32.22 -44.37 -30.20
C VAL E 228 -33.56 -43.66 -30.49
N LEU E 229 -34.66 -44.41 -30.55
CA LEU E 229 -35.97 -43.94 -31.09
C LEU E 229 -36.54 -42.78 -30.26
N HIS E 230 -36.09 -42.60 -29.00
CA HIS E 230 -36.58 -41.52 -28.11
C HIS E 230 -35.82 -40.20 -28.38
N ASN E 231 -34.94 -40.18 -29.38
CA ASN E 231 -34.17 -38.97 -29.82
C ASN E 231 -34.77 -38.43 -31.13
N TRP E 232 -35.91 -38.96 -31.57
CA TRP E 232 -36.50 -38.68 -32.92
C TRP E 232 -38.03 -38.59 -32.82
N SER E 233 -38.64 -37.94 -33.82
CA SER E 233 -40.11 -37.85 -34.00
C SER E 233 -40.66 -39.23 -34.40
N ASP E 234 -42.00 -39.33 -34.53
CA ASP E 234 -42.70 -40.57 -34.94
C ASP E 234 -42.30 -40.92 -36.39
N SER E 235 -42.41 -39.95 -37.30
CA SER E 235 -42.08 -40.10 -38.75
C SER E 235 -40.63 -40.59 -38.90
N ASP E 236 -39.69 -39.97 -38.18
CA ASP E 236 -38.23 -40.26 -38.26
C ASP E 236 -37.94 -41.63 -37.64
N SER E 237 -38.74 -42.08 -36.66
CA SER E 237 -38.60 -43.41 -36.02
C SER E 237 -39.02 -44.51 -37.01
N ILE E 238 -40.16 -44.33 -37.68
CA ILE E 238 -40.68 -45.25 -38.73
C ILE E 238 -39.64 -45.34 -39.86
N LEU E 239 -39.08 -44.20 -40.27
CA LEU E 239 -38.05 -44.10 -41.35
C LEU E 239 -36.84 -44.96 -41.00
N ILE E 240 -36.36 -44.88 -39.74
CA ILE E 240 -35.22 -45.68 -39.21
C ILE E 240 -35.58 -47.17 -39.24
N LEU E 241 -36.82 -47.52 -38.86
CA LEU E 241 -37.32 -48.92 -38.77
C LEU E 241 -37.54 -49.48 -40.19
N GLU E 242 -37.98 -48.65 -41.14
CA GLU E 242 -38.11 -49.00 -42.58
C GLU E 242 -36.73 -49.37 -43.14
N ASN E 243 -35.69 -48.60 -42.78
CA ASN E 243 -34.29 -48.81 -43.28
C ASN E 243 -33.73 -50.12 -42.73
N PHE E 244 -34.24 -50.57 -41.57
CA PHE E 244 -33.94 -51.90 -40.97
C PHE E 244 -34.60 -53.01 -41.81
N ARG E 245 -35.90 -52.86 -42.10
CA ARG E 245 -36.72 -53.84 -42.86
C ARG E 245 -36.10 -54.06 -44.24
N LYS E 246 -35.72 -52.98 -44.93
CA LYS E 246 -35.10 -53.01 -46.29
C LYS E 246 -33.75 -53.74 -46.23
N ALA E 247 -33.04 -53.65 -45.09
CA ALA E 247 -31.72 -54.25 -44.85
C ALA E 247 -31.84 -55.69 -44.34
N MET E 248 -33.03 -56.07 -43.85
CA MET E 248 -33.29 -57.38 -43.17
C MET E 248 -33.85 -58.39 -44.18
N ASP E 249 -33.34 -59.63 -44.14
CA ASP E 249 -33.94 -60.81 -44.80
C ASP E 249 -34.81 -61.56 -43.77
N LYS E 250 -35.51 -62.60 -44.20
CA LYS E 250 -36.53 -63.33 -43.39
C LYS E 250 -35.90 -63.90 -42.10
N ASN E 251 -34.62 -64.25 -42.13
CA ASN E 251 -33.89 -64.89 -41.00
C ASN E 251 -33.20 -63.83 -40.13
N SER E 252 -33.36 -62.53 -40.46
CA SER E 252 -32.76 -61.40 -39.70
C SER E 252 -33.64 -61.05 -38.50
N SER E 253 -33.02 -60.56 -37.42
CA SER E 253 -33.69 -60.13 -36.16
C SER E 253 -33.13 -58.78 -35.70
N LEU E 254 -34.03 -57.85 -35.36
CA LEU E 254 -33.70 -56.51 -34.80
C LEU E 254 -34.13 -56.48 -33.33
N LEU E 255 -33.21 -56.14 -32.42
CA LEU E 255 -33.48 -55.95 -30.98
C LEU E 255 -33.66 -54.47 -30.68
N LEU E 256 -34.91 -54.04 -30.49
CA LEU E 256 -35.28 -52.67 -30.03
C LEU E 256 -35.28 -52.66 -28.49
N ILE E 257 -34.18 -52.16 -27.90
CA ILE E 257 -33.94 -52.10 -26.42
C ILE E 257 -34.00 -50.63 -26.00
N ASN E 258 -35.17 -50.15 -25.57
CA ASN E 258 -35.42 -48.71 -25.28
C ASN E 258 -36.07 -48.56 -23.90
N MET E 259 -35.85 -47.42 -23.24
CA MET E 259 -36.62 -47.00 -22.04
C MET E 259 -38.08 -46.80 -22.43
N VAL E 260 -39.01 -47.33 -21.63
CA VAL E 260 -40.47 -47.38 -21.92
C VAL E 260 -41.21 -46.45 -20.95
N LYS E 261 -42.32 -45.85 -21.41
CA LYS E 261 -43.22 -44.99 -20.60
C LYS E 261 -44.11 -45.90 -19.72
N GLU E 262 -43.89 -45.86 -18.41
CA GLU E 262 -44.74 -46.54 -17.38
C GLU E 262 -45.27 -45.47 -16.43
N PRO E 263 -46.58 -45.48 -16.08
CA PRO E 263 -47.18 -44.42 -15.28
C PRO E 263 -46.55 -44.20 -13.90
N GLU E 264 -45.94 -45.24 -13.32
CA GLU E 264 -45.38 -45.24 -11.95
C GLU E 264 -43.96 -44.65 -11.93
N PHE E 265 -43.47 -44.15 -13.07
CA PHE E 265 -42.14 -43.48 -13.20
C PHE E 265 -42.33 -42.04 -13.69
N SER E 266 -41.31 -41.20 -13.50
CA SER E 266 -41.33 -39.74 -13.74
C SER E 266 -41.44 -39.46 -15.25
N ARG E 267 -42.09 -38.35 -15.61
CA ARG E 267 -42.25 -37.87 -17.02
C ARG E 267 -41.09 -36.92 -17.37
N SER E 268 -40.23 -36.60 -16.40
CA SER E 268 -39.17 -35.55 -16.53
C SER E 268 -38.30 -35.84 -17.76
N PHE E 269 -38.02 -37.11 -18.04
CA PHE E 269 -37.16 -37.56 -19.17
C PHE E 269 -37.86 -37.30 -20.51
N ASP E 270 -39.20 -37.45 -20.54
CA ASP E 270 -40.05 -37.13 -21.72
C ASP E 270 -39.88 -35.65 -22.10
N ILE E 271 -39.70 -34.77 -21.12
CA ILE E 271 -39.58 -33.29 -21.33
C ILE E 271 -38.15 -32.97 -21.80
N LEU E 272 -37.14 -33.64 -21.25
CA LEU E 272 -35.72 -33.49 -21.66
C LEU E 272 -35.56 -33.87 -23.14
N MET E 273 -36.13 -35.00 -23.56
CA MET E 273 -36.09 -35.47 -24.98
C MET E 273 -36.70 -34.41 -25.89
N ASP E 274 -37.79 -33.76 -25.46
CA ASP E 274 -38.48 -32.69 -26.21
C ASP E 274 -37.53 -31.50 -26.38
N VAL E 275 -36.92 -31.05 -25.27
CA VAL E 275 -36.01 -29.87 -25.22
C VAL E 275 -34.84 -30.09 -26.19
N LEU E 276 -34.16 -31.25 -26.09
CA LEU E 276 -32.88 -31.52 -26.78
C LEU E 276 -33.11 -31.95 -28.23
N PHE E 277 -34.02 -32.90 -28.46
CA PHE E 277 -34.14 -33.63 -29.76
C PHE E 277 -35.51 -33.42 -30.44
N LEU E 278 -36.47 -32.79 -29.76
CA LEU E 278 -37.92 -32.95 -30.06
C LEU E 278 -38.20 -34.46 -30.14
N GLY E 279 -37.68 -35.20 -29.15
CA GLY E 279 -37.95 -36.63 -28.96
C GLY E 279 -39.15 -36.85 -28.07
N LYS E 280 -39.35 -38.08 -27.58
CA LYS E 280 -40.43 -38.47 -26.64
C LYS E 280 -40.21 -39.92 -26.19
N GLU E 281 -40.48 -40.20 -24.91
CA GLU E 281 -40.59 -41.59 -24.38
C GLU E 281 -41.89 -42.18 -24.94
N ARG E 282 -41.94 -43.51 -25.08
CA ARG E 282 -43.10 -44.25 -25.65
C ARG E 282 -43.37 -45.51 -24.82
N SER E 283 -44.63 -45.96 -24.80
CA SER E 283 -45.06 -47.29 -24.27
C SER E 283 -44.68 -48.37 -25.29
N PHE E 284 -44.70 -49.65 -24.89
CA PHE E 284 -44.52 -50.81 -25.80
C PHE E 284 -45.53 -50.73 -26.94
N THR E 285 -46.79 -50.40 -26.60
CA THR E 285 -47.93 -50.25 -27.54
C THR E 285 -47.60 -49.18 -28.60
N GLU E 286 -46.88 -48.13 -28.22
CA GLU E 286 -46.50 -46.99 -29.10
C GLU E 286 -45.30 -47.38 -29.96
N PHE E 287 -44.36 -48.16 -29.42
CA PHE E 287 -43.21 -48.75 -30.16
C PHE E 287 -43.72 -49.75 -31.20
N GLU E 288 -44.65 -50.62 -30.81
CA GLU E 288 -45.28 -51.67 -31.65
C GLU E 288 -45.92 -51.01 -32.88
N TYR E 289 -46.66 -49.92 -32.66
CA TYR E 289 -47.40 -49.16 -33.71
C TYR E 289 -46.43 -48.70 -34.80
N LEU E 290 -45.37 -47.98 -34.41
CA LEU E 290 -44.32 -47.44 -35.32
C LEU E 290 -43.67 -48.58 -36.10
N ALA E 291 -43.37 -49.70 -35.42
CA ALA E 291 -42.73 -50.91 -36.00
C ALA E 291 -43.66 -51.56 -37.04
N ASN E 292 -44.97 -51.58 -36.76
CA ASN E 292 -46.02 -52.13 -37.68
C ASN E 292 -46.11 -51.27 -38.94
N GLN E 293 -45.89 -49.94 -38.82
CA GLN E 293 -45.95 -48.98 -39.95
C GLN E 293 -44.70 -49.12 -40.81
N ALA E 294 -43.58 -49.58 -40.23
CA ALA E 294 -42.28 -49.77 -40.90
C ALA E 294 -42.17 -51.18 -41.50
N GLY E 295 -43.17 -52.04 -41.28
CA GLY E 295 -43.26 -53.39 -41.87
C GLY E 295 -42.59 -54.47 -41.03
N LEU E 296 -42.54 -54.26 -39.70
CA LEU E 296 -41.93 -55.21 -38.74
C LEU E 296 -43.03 -55.67 -37.76
N VAL E 297 -42.96 -56.94 -37.33
CA VAL E 297 -43.94 -57.57 -36.40
C VAL E 297 -43.21 -57.99 -35.12
N VAL E 298 -43.91 -57.94 -33.98
CA VAL E 298 -43.37 -58.29 -32.63
C VAL E 298 -43.45 -59.82 -32.49
N GLN E 299 -42.29 -60.46 -32.30
CA GLN E 299 -42.13 -61.93 -32.14
C GLN E 299 -42.09 -62.29 -30.65
N GLU E 300 -41.36 -61.51 -29.85
CA GLU E 300 -41.15 -61.71 -28.39
C GLU E 300 -41.01 -60.34 -27.70
N THR E 301 -41.52 -60.22 -26.47
CA THR E 301 -41.42 -58.99 -25.63
C THR E 301 -40.97 -59.38 -24.22
N LYS E 302 -40.09 -58.58 -23.61
CA LYS E 302 -39.58 -58.78 -22.23
C LYS E 302 -39.34 -57.41 -21.57
N VAL E 303 -39.60 -57.33 -20.26
CA VAL E 303 -39.38 -56.11 -19.44
C VAL E 303 -38.03 -56.24 -18.72
N ILE E 304 -37.19 -55.19 -18.80
CA ILE E 304 -35.90 -55.08 -18.08
C ILE E 304 -36.00 -53.88 -17.13
N ASP E 305 -35.66 -54.07 -15.85
CA ASP E 305 -35.70 -53.01 -14.80
C ASP E 305 -34.26 -52.57 -14.49
N GLN E 306 -33.88 -51.40 -15.01
CA GLN E 306 -32.67 -50.65 -14.56
C GLN E 306 -33.09 -49.72 -13.40
N SER E 307 -32.16 -49.38 -12.52
CA SER E 307 -32.38 -48.49 -11.35
C SER E 307 -33.10 -47.21 -11.79
N TYR E 308 -32.62 -46.58 -12.87
CA TYR E 308 -33.05 -45.24 -13.34
C TYR E 308 -34.34 -45.33 -14.16
N SER E 309 -34.59 -46.45 -14.85
CA SER E 309 -35.72 -46.60 -15.80
C SER E 309 -36.05 -48.06 -16.06
N PRO E 310 -37.32 -48.41 -16.30
CA PRO E 310 -37.65 -49.68 -16.94
C PRO E 310 -37.26 -49.64 -18.42
N TYR E 311 -37.14 -50.81 -19.05
CA TYR E 311 -36.77 -50.99 -20.48
C TYR E 311 -37.74 -51.97 -21.15
N SER E 312 -38.04 -51.72 -22.42
CA SER E 312 -38.75 -52.66 -23.33
C SER E 312 -37.71 -53.35 -24.21
N PHE E 313 -37.57 -54.67 -24.07
CA PHE E 313 -36.81 -55.56 -24.99
C PHE E 313 -37.81 -56.14 -26.00
N ILE E 314 -37.72 -55.69 -27.26
CA ILE E 314 -38.64 -56.07 -28.37
C ILE E 314 -37.82 -56.68 -29.50
N LYS E 315 -37.86 -58.01 -29.65
CA LYS E 315 -37.27 -58.74 -30.80
C LYS E 315 -38.20 -58.56 -32.00
N LEU E 316 -37.71 -57.94 -33.07
CA LEU E 316 -38.49 -57.59 -34.29
C LEU E 316 -37.96 -58.40 -35.48
N GLN E 317 -38.87 -58.93 -36.29
CA GLN E 317 -38.59 -59.64 -37.57
C GLN E 317 -39.55 -59.10 -38.64
N ILE E 318 -39.17 -59.20 -39.92
CA ILE E 318 -39.99 -58.74 -41.09
C ILE E 318 -41.21 -59.66 -41.22
N LYS E 319 -42.33 -59.13 -41.74
CA LYS E 319 -43.64 -59.81 -41.83
C LYS E 319 -43.43 -61.27 -42.26
N SER F 1 1.27 -17.15 45.00
CA SER F 1 2.27 -16.88 46.08
C SER F 1 2.00 -15.51 46.71
N MET F 2 2.16 -15.40 48.03
CA MET F 2 2.03 -14.12 48.78
C MET F 2 3.28 -13.27 48.53
N LEU F 3 4.44 -13.91 48.38
CA LEU F 3 5.75 -13.23 48.24
C LEU F 3 5.83 -12.51 46.90
N THR F 4 5.51 -13.20 45.80
CA THR F 4 5.61 -12.67 44.42
C THR F 4 4.70 -11.43 44.28
N GLU F 5 3.49 -11.50 44.84
CA GLU F 5 2.50 -10.38 44.80
C GLU F 5 2.95 -9.25 45.73
N LEU F 6 3.69 -9.57 46.79
CA LEU F 6 4.35 -8.57 47.68
C LEU F 6 5.52 -7.93 46.94
N ILE F 7 6.21 -8.69 46.08
CA ILE F 7 7.30 -8.18 45.18
C ILE F 7 6.67 -7.38 44.05
N ALA F 8 5.46 -7.76 43.61
CA ALA F 8 4.68 -7.09 42.54
C ALA F 8 3.66 -6.12 43.14
N SER F 9 4.01 -5.47 44.26
CA SER F 9 3.16 -4.48 44.98
C SER F 9 3.03 -3.20 44.15
N ASN F 10 4.10 -2.82 43.43
CA ASN F 10 4.12 -1.67 42.48
C ASN F 10 2.91 -1.72 41.54
N ARG F 11 2.56 -2.91 41.05
CA ARG F 11 1.50 -3.13 40.02
C ARG F 11 0.15 -2.58 40.51
N ARG F 12 -0.09 -2.64 41.82
CA ARG F 12 -1.33 -2.11 42.47
C ARG F 12 -1.39 -0.60 42.25
N SER F 13 -0.28 0.10 42.52
CA SER F 13 -0.16 1.59 42.44
C SER F 13 -0.27 2.06 40.99
N ALA F 14 0.33 1.33 40.05
CA ALA F 14 0.33 1.64 38.60
C ALA F 14 -1.06 1.38 38.00
N ALA F 15 -1.80 0.39 38.54
CA ALA F 15 -3.18 0.06 38.13
C ALA F 15 -4.14 1.19 38.52
N ILE F 16 -3.99 1.74 39.73
CA ILE F 16 -4.76 2.91 40.25
C ILE F 16 -4.37 4.15 39.42
N HIS F 17 -3.06 4.38 39.26
CA HIS F 17 -2.47 5.53 38.54
C HIS F 17 -3.09 5.64 37.14
N ALA F 18 -3.10 4.53 36.40
CA ALA F 18 -3.68 4.43 35.03
C ALA F 18 -5.15 4.84 35.07
N PHE F 19 -5.92 4.24 35.98
CA PHE F 19 -7.37 4.46 36.16
C PHE F 19 -7.64 5.95 36.45
N VAL F 20 -6.85 6.55 37.34
CA VAL F 20 -7.09 7.91 37.92
C VAL F 20 -6.47 8.99 37.02
N ASP F 21 -5.19 8.86 36.68
CA ASP F 21 -4.39 9.90 35.97
C ASP F 21 -4.95 10.11 34.55
N THR F 22 -5.51 9.06 33.93
CA THR F 22 -6.20 9.13 32.62
C THR F 22 -7.53 9.88 32.76
N GLY F 23 -8.11 9.89 33.96
CA GLY F 23 -9.42 10.52 34.24
C GLY F 23 -10.57 9.59 33.91
N LEU F 24 -10.31 8.28 33.85
CA LEU F 24 -11.36 7.23 33.68
C LEU F 24 -12.16 7.11 34.97
N SER F 25 -11.52 7.30 36.12
CA SER F 25 -12.13 7.21 37.47
C SER F 25 -13.21 8.29 37.65
N THR F 26 -13.12 9.41 36.93
CA THR F 26 -14.07 10.56 37.01
C THR F 26 -15.44 10.17 36.42
N HIS F 27 -15.51 9.08 35.65
CA HIS F 27 -16.77 8.52 35.09
C HIS F 27 -17.48 7.63 36.13
N PHE F 28 -16.85 7.39 37.29
CA PHE F 28 -17.40 6.58 38.41
C PHE F 28 -17.84 7.49 39.56
N LYS F 29 -18.40 8.65 39.24
CA LYS F 29 -18.91 9.66 40.22
C LYS F 29 -20.15 9.09 40.93
N ASP F 30 -20.27 9.36 42.24
CA ASP F 30 -21.50 9.15 43.05
C ASP F 30 -21.83 7.65 43.11
N GLY F 31 -20.82 6.80 43.30
CA GLY F 31 -20.97 5.33 43.44
C GLY F 31 -21.93 4.72 42.42
N ILE F 32 -21.93 5.22 41.18
CA ILE F 32 -22.77 4.70 40.06
C ILE F 32 -22.16 3.39 39.55
N TYR F 33 -22.98 2.44 39.14
CA TYR F 33 -22.56 1.18 38.46
C TYR F 33 -22.37 1.49 36.97
N VAL F 34 -21.13 1.43 36.50
CA VAL F 34 -20.70 1.82 35.12
C VAL F 34 -20.76 0.59 34.21
N ASP F 35 -21.29 0.76 33.00
CA ASP F 35 -21.19 -0.22 31.88
C ASP F 35 -19.92 0.13 31.08
N ILE F 36 -18.96 -0.79 31.05
CA ILE F 36 -17.63 -0.60 30.40
C ILE F 36 -17.82 -0.53 28.88
N SER F 37 -18.85 -1.20 28.37
CA SER F 37 -19.26 -1.15 26.94
C SER F 37 -19.74 0.28 26.59
N GLU F 38 -20.46 0.94 27.51
CA GLU F 38 -20.89 2.36 27.36
C GLU F 38 -19.68 3.28 27.44
N LEU F 39 -18.82 3.08 28.45
CA LEU F 39 -17.63 3.94 28.72
C LEU F 39 -16.66 3.83 27.55
N SER F 40 -16.48 2.63 27.00
CA SER F 40 -15.66 2.35 25.79
C SER F 40 -16.09 3.27 24.64
N ARG F 41 -17.38 3.24 24.29
CA ARG F 41 -17.98 4.03 23.17
C ARG F 41 -17.74 5.53 23.40
N LYS F 42 -18.01 6.03 24.62
CA LYS F 42 -18.04 7.48 24.93
C LYS F 42 -16.62 8.03 25.13
N SER F 43 -15.74 7.27 25.82
CA SER F 43 -14.37 7.71 26.21
C SER F 43 -13.34 7.30 25.16
N GLY F 44 -13.65 6.29 24.32
CA GLY F 44 -12.73 5.74 23.31
C GLY F 44 -11.64 4.89 23.94
N VAL F 45 -11.87 4.33 25.14
CA VAL F 45 -10.95 3.38 25.83
C VAL F 45 -11.27 1.98 25.32
N ASN F 46 -10.26 1.12 25.20
CA ASN F 46 -10.41 -0.29 24.75
C ASN F 46 -11.26 -1.05 25.78
N TYR F 47 -12.33 -1.71 25.31
CA TYR F 47 -13.30 -2.45 26.16
C TYR F 47 -12.60 -3.63 26.85
N ALA F 48 -12.19 -4.63 26.07
CA ALA F 48 -11.57 -5.89 26.54
C ALA F 48 -10.45 -5.58 27.54
N ARG F 49 -9.53 -4.68 27.19
CA ARG F 49 -8.29 -4.39 27.97
C ARG F 49 -8.63 -3.61 29.25
N PHE F 50 -9.64 -2.75 29.22
CA PHE F 50 -10.07 -1.95 30.40
C PHE F 50 -10.94 -2.83 31.32
N SER F 51 -11.71 -3.76 30.74
CA SER F 51 -12.44 -4.82 31.48
C SER F 51 -11.46 -5.56 32.40
N ARG F 52 -10.29 -5.93 31.86
CA ARG F 52 -9.24 -6.71 32.56
C ARG F 52 -8.66 -5.89 33.72
N LEU F 53 -8.45 -4.58 33.51
CA LEU F 53 -7.97 -3.65 34.57
C LEU F 53 -9.00 -3.58 35.69
N CYS F 54 -10.29 -3.51 35.35
CA CYS F 54 -11.42 -3.41 36.33
C CYS F 54 -11.46 -4.67 37.20
N ASP F 55 -11.27 -5.85 36.61
CA ASP F 55 -11.18 -7.14 37.35
C ASP F 55 -10.12 -7.02 38.46
N PHE F 56 -8.94 -6.50 38.12
CA PHE F 56 -7.79 -6.33 39.04
C PHE F 56 -8.15 -5.31 40.13
N LEU F 57 -8.84 -4.24 39.75
CA LEU F 57 -9.27 -3.16 40.68
C LEU F 57 -10.34 -3.71 41.65
N VAL F 58 -11.14 -4.69 41.22
CA VAL F 58 -12.13 -5.40 42.08
C VAL F 58 -11.39 -6.23 43.13
N GLU F 59 -10.33 -6.95 42.73
CA GLU F 59 -9.47 -7.78 43.61
C GLU F 59 -8.84 -6.90 44.69
N MET F 60 -8.30 -5.74 44.32
CA MET F 60 -7.67 -4.75 45.24
C MET F 60 -8.71 -4.22 46.23
N GLY F 61 -9.96 -4.02 45.75
CA GLY F 61 -11.09 -3.46 46.52
C GLY F 61 -11.41 -2.03 46.11
N VAL F 62 -10.77 -1.51 45.06
CA VAL F 62 -10.98 -0.14 44.50
C VAL F 62 -12.35 -0.10 43.82
N LEU F 63 -12.71 -1.15 43.08
CA LEU F 63 -14.01 -1.29 42.37
C LEU F 63 -14.84 -2.43 43.01
N VAL F 64 -16.15 -2.40 42.76
CA VAL F 64 -17.12 -3.46 43.18
C VAL F 64 -17.84 -3.96 41.92
N SER F 65 -17.92 -5.28 41.75
CA SER F 65 -18.53 -5.96 40.58
C SER F 65 -19.98 -6.35 40.89
N ASN F 66 -20.92 -5.97 40.01
CA ASN F 66 -22.35 -6.39 40.08
C ASN F 66 -22.94 -6.40 38.66
N ASP F 67 -23.46 -7.57 38.23
CA ASP F 67 -24.15 -7.78 36.93
C ASP F 67 -23.32 -7.14 35.81
N ASN F 68 -22.06 -7.56 35.67
CA ASN F 68 -21.12 -7.14 34.58
C ASN F 68 -21.07 -5.60 34.50
N LYS F 69 -21.10 -4.92 35.65
CA LYS F 69 -20.89 -3.46 35.78
C LYS F 69 -19.96 -3.23 36.98
N PHE F 70 -19.36 -2.04 37.07
CA PHE F 70 -18.34 -1.69 38.10
C PHE F 70 -18.68 -0.33 38.72
N ARG F 71 -18.59 -0.25 40.05
CA ARG F 71 -18.69 1.00 40.84
C ARG F 71 -17.48 1.11 41.76
N LEU F 72 -16.99 2.33 42.01
CA LEU F 72 -15.98 2.62 43.06
C LEU F 72 -16.52 2.14 44.40
N SER F 73 -15.66 1.55 45.24
CA SER F 73 -15.98 1.09 46.61
C SER F 73 -16.36 2.31 47.47
N ASP F 74 -17.00 2.05 48.61
CA ASP F 74 -17.38 3.08 49.60
C ASP F 74 -16.13 3.91 49.93
N GLU F 75 -14.99 3.24 50.14
CA GLU F 75 -13.71 3.83 50.59
C GLU F 75 -13.02 4.62 49.46
N CYS F 76 -13.27 4.26 48.19
CA CYS F 76 -12.51 4.72 46.99
C CYS F 76 -13.34 5.68 46.12
N HIS F 77 -14.41 6.27 46.66
CA HIS F 77 -15.24 7.29 45.94
C HIS F 77 -14.33 8.46 45.52
N VAL F 78 -13.38 8.84 46.39
CA VAL F 78 -12.42 9.98 46.24
C VAL F 78 -11.74 9.94 44.85
N PHE F 79 -11.48 8.75 44.30
CA PHE F 79 -10.79 8.57 42.99
C PHE F 79 -11.62 9.19 41.85
N ALA F 80 -12.94 9.33 42.02
CA ALA F 80 -13.85 9.99 41.06
C ALA F 80 -13.57 11.50 41.03
N ASN F 81 -13.20 12.07 42.18
CA ASN F 81 -12.92 13.52 42.36
C ASN F 81 -11.46 13.80 42.03
N PRO F 82 -11.15 14.58 40.97
CA PRO F 82 -9.77 14.91 40.65
C PRO F 82 -9.16 16.01 41.53
N GLU F 83 -9.96 16.62 42.42
CA GLU F 83 -9.52 17.67 43.38
C GLU F 83 -9.21 17.04 44.74
N SER F 84 -9.46 15.73 44.91
CA SER F 84 -9.19 14.97 46.15
C SER F 84 -7.67 14.82 46.36
N PHE F 85 -7.22 14.78 47.61
CA PHE F 85 -5.78 14.70 47.99
C PHE F 85 -5.21 13.34 47.55
N GLU F 86 -6.04 12.30 47.54
CA GLU F 86 -5.64 10.93 47.11
C GLU F 86 -5.29 10.93 45.62
N SER F 87 -6.00 11.71 44.81
CA SER F 87 -5.79 11.82 43.33
C SER F 87 -4.41 12.41 43.03
N PHE F 88 -4.00 13.45 43.77
CA PHE F 88 -2.69 14.15 43.63
C PHE F 88 -1.57 13.26 44.18
N MET F 89 -1.86 12.53 45.27
CA MET F 89 -0.93 11.57 45.92
C MET F 89 -0.50 10.51 44.89
N ILE F 90 -1.47 9.93 44.18
CA ILE F 90 -1.26 8.89 43.13
C ILE F 90 -0.29 9.40 42.06
N LYS F 91 -0.53 10.62 41.56
CA LYS F 91 0.22 11.21 40.41
C LYS F 91 1.70 11.32 40.75
N LEU F 92 2.03 11.75 41.97
CA LEU F 92 3.44 11.95 42.45
C LEU F 92 4.06 10.60 42.84
N GLU F 93 3.26 9.67 43.36
CA GLU F 93 3.73 8.42 44.04
C GLU F 93 4.68 7.65 43.11
N ILE F 94 4.25 7.33 41.88
CA ILE F 94 5.05 6.55 40.89
C ILE F 94 5.34 7.41 39.65
N CYS F 95 5.55 8.72 39.82
CA CYS F 95 6.09 9.62 38.76
C CYS F 95 7.57 9.31 38.56
N SER F 96 8.10 9.63 37.38
CA SER F 96 9.51 9.36 36.96
C SER F 96 10.49 9.73 38.08
N HIS F 97 10.34 10.92 38.67
CA HIS F 97 11.30 11.52 39.64
C HIS F 97 11.27 10.73 40.96
N TYR F 98 10.11 10.22 41.37
CA TYR F 98 9.93 9.41 42.59
C TYR F 98 10.48 8.00 42.36
N SER F 99 10.19 7.40 41.20
CA SER F 99 10.67 6.06 40.78
C SER F 99 12.21 6.02 40.84
N ASN F 100 12.87 7.00 40.21
CA ASN F 100 14.34 7.08 40.08
C ASN F 100 14.99 7.36 41.45
N ALA F 101 14.22 7.92 42.40
CA ALA F 101 14.65 8.14 43.80
C ALA F 101 14.63 6.80 44.56
N TRP F 102 13.63 5.95 44.31
CA TRP F 102 13.48 4.61 44.94
C TRP F 102 14.58 3.66 44.47
N LEU F 103 15.05 3.81 43.22
CA LEU F 103 16.10 2.95 42.60
C LEU F 103 17.47 3.30 43.21
N MET F 104 17.63 4.49 43.78
CA MET F 104 18.88 4.97 44.41
C MET F 104 18.86 4.71 45.92
N TYR F 105 17.69 4.40 46.49
CA TYR F 105 17.45 4.25 47.94
C TYR F 105 18.46 3.24 48.54
N GLY F 106 18.58 2.07 47.92
CA GLY F 106 19.55 1.02 48.32
C GLY F 106 20.96 1.59 48.47
N LYS F 107 21.45 2.26 47.42
CA LYS F 107 22.84 2.80 47.33
C LYS F 107 23.04 3.92 48.36
N SER F 108 21.97 4.64 48.72
CA SER F 108 21.99 5.82 49.63
C SER F 108 22.31 5.39 51.07
N LEU F 109 22.08 4.12 51.42
CA LEU F 109 22.32 3.56 52.78
C LEU F 109 23.81 3.30 53.02
N PHE F 110 24.64 3.31 51.97
CA PHE F 110 26.10 3.03 52.03
C PHE F 110 26.89 4.34 52.20
N GLU F 111 26.29 5.49 51.89
CA GLU F 111 26.94 6.82 51.90
C GLU F 111 26.59 7.57 53.20
N ASP F 112 27.41 8.55 53.56
CA ASP F 112 27.16 9.50 54.69
C ASP F 112 27.59 10.90 54.25
N ASP F 113 27.26 11.26 52.99
CA ASP F 113 27.57 12.58 52.36
C ASP F 113 26.42 13.56 52.65
N GLY F 114 25.38 13.11 53.34
CA GLY F 114 24.16 13.89 53.62
C GLY F 114 23.35 14.13 52.36
N LYS F 115 23.58 13.32 51.31
CA LYS F 115 22.84 13.38 50.02
C LYS F 115 21.74 12.31 50.03
N SER F 116 20.49 12.73 49.91
CA SER F 116 19.29 11.86 49.86
C SER F 116 19.31 11.02 48.58
N ALA F 117 18.50 9.96 48.53
CA ALA F 117 18.30 9.10 47.34
C ALA F 117 17.86 9.95 46.15
N PHE F 118 17.01 10.96 46.41
CA PHE F 118 16.46 11.90 45.42
C PHE F 118 17.59 12.77 44.84
N GLU F 119 18.45 13.32 45.71
CA GLU F 119 19.59 14.20 45.33
C GLU F 119 20.58 13.40 44.48
N MET F 120 20.88 12.16 44.88
CA MET F 120 21.79 11.23 44.17
C MET F 120 21.27 10.93 42.75
N ALA F 121 19.94 10.98 42.55
CA ALA F 121 19.26 10.65 41.27
C ALA F 121 19.11 11.89 40.38
N HIS F 122 18.86 13.07 40.97
CA HIS F 122 18.42 14.30 40.24
C HIS F 122 19.42 15.45 40.37
N GLY F 123 20.38 15.37 41.29
CA GLY F 123 21.49 16.34 41.42
C GLY F 123 21.31 17.28 42.61
N ARG F 124 20.10 17.81 42.80
CA ARG F 124 19.75 18.76 43.89
C ARG F 124 18.75 18.11 44.85
N PRO F 125 18.66 18.58 46.11
CA PRO F 125 17.63 18.09 47.03
C PRO F 125 16.21 18.44 46.56
N PHE F 126 15.20 17.85 47.21
CA PHE F 126 13.78 17.85 46.76
C PHE F 126 13.30 19.29 46.48
N PHE F 127 13.38 20.18 47.47
CA PHE F 127 12.74 21.52 47.45
C PHE F 127 13.49 22.44 46.47
N GLU F 128 14.82 22.33 46.41
CA GLU F 128 15.67 23.08 45.44
C GLU F 128 15.37 22.60 44.01
N TYR F 129 15.12 21.30 43.83
CA TYR F 129 14.83 20.69 42.50
C TYR F 129 13.41 21.07 42.04
N LEU F 130 12.46 21.15 42.97
CA LEU F 130 11.04 21.53 42.68
C LEU F 130 10.98 22.96 42.12
N ASP F 131 12.02 23.77 42.32
CA ASP F 131 12.16 25.11 41.69
C ASP F 131 12.05 24.96 40.17
N GLY F 132 12.94 24.16 39.58
CA GLY F 132 13.04 23.96 38.12
C GLY F 132 11.82 23.25 37.55
N ASN F 133 11.26 22.28 38.29
CA ASN F 133 10.21 21.35 37.80
C ASN F 133 8.83 21.89 38.18
N LYS F 134 8.00 22.20 37.17
CA LYS F 134 6.62 22.74 37.34
C LYS F 134 5.67 21.60 37.76
N PHE F 135 5.85 20.40 37.22
CA PHE F 135 4.99 19.21 37.47
C PHE F 135 5.10 18.77 38.94
N LEU F 136 6.31 18.80 39.51
CA LEU F 136 6.58 18.36 40.91
C LEU F 136 6.08 19.42 41.90
N LYS F 137 6.30 20.71 41.63
CA LYS F 137 5.95 21.82 42.56
C LYS F 137 4.43 22.02 42.61
N SER F 138 3.76 22.01 41.44
CA SER F 138 2.30 22.24 41.31
C SER F 138 1.51 21.12 41.98
N ASN F 139 1.95 19.86 41.81
CA ASN F 139 1.24 18.65 42.32
C ASN F 139 1.51 18.47 43.82
N PHE F 140 2.75 18.72 44.28
CA PHE F 140 3.12 18.65 45.72
C PHE F 140 2.32 19.68 46.51
N ASP F 141 2.39 20.95 46.08
CA ASP F 141 1.63 22.09 46.68
C ASP F 141 0.13 21.75 46.67
N ALA F 142 -0.37 21.24 45.55
CA ALA F 142 -1.79 20.81 45.37
C ALA F 142 -2.15 19.78 46.44
N LEU F 143 -1.27 18.78 46.66
CA LEU F 143 -1.48 17.72 47.69
C LEU F 143 -1.52 18.39 49.06
N MET F 144 -0.52 19.21 49.39
CA MET F 144 -0.38 19.92 50.68
C MET F 144 -1.62 20.78 50.95
N THR F 145 -2.20 21.38 49.90
CA THR F 145 -3.40 22.26 49.97
C THR F 145 -4.63 21.42 50.31
N ARG F 146 -4.69 20.15 49.89
CA ARG F 146 -5.87 19.26 50.07
C ARG F 146 -5.85 18.65 51.48
N VAL F 147 -4.68 18.28 52.01
CA VAL F 147 -4.54 17.72 53.38
C VAL F 147 -4.68 18.86 54.41
N SER F 148 -4.27 20.07 54.04
CA SER F 148 -4.47 21.30 54.84
C SER F 148 -5.97 21.62 54.96
N ASN F 149 -6.72 21.42 53.87
CA ASN F 149 -8.18 21.69 53.79
C ASN F 149 -8.94 20.74 54.74
N LEU F 150 -8.46 19.51 54.89
CA LEU F 150 -9.14 18.42 55.64
C LEU F 150 -8.84 18.49 57.14
N ILE F 151 -7.93 19.37 57.58
CA ILE F 151 -7.49 19.49 59.01
C ILE F 151 -7.79 20.89 59.56
N VAL F 152 -8.41 21.78 58.76
CA VAL F 152 -8.74 23.17 59.18
C VAL F 152 -9.77 23.12 60.31
N GLU F 153 -10.90 22.43 60.05
CA GLU F 153 -12.08 22.36 60.95
C GLU F 153 -11.68 21.66 62.26
N LYS F 154 -10.87 20.59 62.17
CA LYS F 154 -10.39 19.79 63.32
C LYS F 154 -9.52 20.67 64.24
N LEU F 155 -8.72 21.57 63.67
CA LEU F 155 -7.80 22.48 64.42
C LEU F 155 -8.63 23.57 65.12
N LEU F 156 -9.52 24.24 64.39
CA LEU F 156 -10.40 25.32 64.90
C LEU F 156 -11.19 24.80 66.12
N GLY F 157 -11.60 23.54 66.09
CA GLY F 157 -12.42 22.90 67.14
C GLY F 157 -11.66 22.68 68.44
N ILE F 158 -10.33 22.50 68.37
CA ILE F 158 -9.48 22.12 69.55
C ILE F 158 -8.74 23.34 70.10
N TYR F 159 -8.61 24.42 69.33
CA TYR F 159 -7.84 25.63 69.71
C TYR F 159 -8.65 26.90 69.38
N ASP F 160 -8.48 27.94 70.20
CA ASP F 160 -9.09 29.28 70.01
C ASP F 160 -8.05 30.19 69.32
N PHE F 161 -8.19 30.37 68.00
CA PHE F 161 -7.31 31.22 67.15
C PHE F 161 -7.69 32.70 67.34
N ASN F 162 -8.91 32.96 67.81
CA ASN F 162 -9.51 34.32 67.93
C ASN F 162 -8.82 35.12 69.03
N GLN F 163 -8.15 34.44 69.99
CA GLN F 163 -7.43 35.09 71.13
C GLN F 163 -6.20 35.85 70.61
N HIS F 164 -5.63 35.41 69.48
CA HIS F 164 -4.38 35.97 68.87
C HIS F 164 -4.73 37.17 67.98
N ASN F 165 -3.71 37.83 67.44
CA ASN F 165 -3.85 39.07 66.62
C ASN F 165 -3.03 38.95 65.33
N ARG F 166 -1.74 38.60 65.44
CA ARG F 166 -0.79 38.43 64.32
C ARG F 166 -0.43 36.95 64.19
N ILE F 167 -0.73 36.33 63.03
CA ILE F 167 -0.59 34.87 62.78
C ILE F 167 0.30 34.64 61.57
N LEU F 168 1.43 33.95 61.76
CA LEU F 168 2.39 33.58 60.67
C LEU F 168 2.50 32.06 60.57
N ASP F 169 2.09 31.49 59.42
CA ASP F 169 2.27 30.06 59.07
C ASP F 169 3.61 29.91 58.35
N VAL F 170 4.57 29.24 58.98
CA VAL F 170 5.96 29.02 58.45
C VAL F 170 5.95 27.73 57.61
N GLY F 171 6.34 27.86 56.33
CA GLY F 171 6.26 26.78 55.33
C GLY F 171 4.82 26.37 55.08
N GLY F 172 3.96 27.35 54.76
CA GLY F 172 2.50 27.17 54.62
C GLY F 172 2.06 26.97 53.18
N GLY F 173 3.01 26.83 52.25
CA GLY F 173 2.77 26.53 50.83
C GLY F 173 1.87 27.56 50.16
N GLU F 174 0.68 27.14 49.72
CA GLU F 174 -0.32 28.00 49.02
C GLU F 174 -1.15 28.79 50.04
N GLY F 175 -0.89 28.60 51.34
CA GLY F 175 -1.53 29.33 52.45
C GLY F 175 -2.96 28.91 52.69
N GLU F 176 -3.36 27.74 52.18
CA GLU F 176 -4.74 27.19 52.27
C GLU F 176 -5.24 27.19 53.71
N LEU F 177 -4.38 26.80 54.66
CA LEU F 177 -4.70 26.70 56.11
C LEU F 177 -5.22 28.05 56.61
N LEU F 178 -4.43 29.12 56.44
CA LEU F 178 -4.76 30.48 56.96
C LEU F 178 -5.84 31.14 56.09
N VAL F 179 -6.02 30.70 54.84
CA VAL F 179 -7.11 31.17 53.94
C VAL F 179 -8.45 30.71 54.54
N ARG F 180 -8.55 29.43 54.91
CA ARG F 180 -9.80 28.81 55.45
C ARG F 180 -10.00 29.22 56.92
N ILE F 181 -8.92 29.55 57.65
CA ILE F 181 -8.99 30.03 59.06
C ILE F 181 -9.47 31.49 59.08
N SER F 182 -8.99 32.32 58.15
CA SER F 182 -9.39 33.75 57.99
C SER F 182 -10.88 33.85 57.60
N GLU F 183 -11.41 32.83 56.93
CA GLU F 183 -12.82 32.76 56.47
C GLU F 183 -13.76 32.45 57.64
N LYS F 184 -13.22 32.00 58.78
CA LYS F 184 -14.00 31.71 60.03
C LYS F 184 -13.65 32.75 61.11
N VAL F 185 -12.36 32.94 61.39
CA VAL F 185 -11.84 33.93 62.38
C VAL F 185 -11.42 35.20 61.61
N LYS F 186 -12.15 36.30 61.81
CA LYS F 186 -11.99 37.58 61.06
C LYS F 186 -11.24 38.62 61.91
N GLY F 187 -10.79 39.71 61.26
CA GLY F 187 -10.21 40.90 61.90
C GLY F 187 -8.78 40.68 62.37
N LYS F 188 -8.07 39.73 61.76
CA LYS F 188 -6.68 39.34 62.15
C LYS F 188 -5.73 39.61 60.98
N HIS F 189 -4.45 39.85 61.29
CA HIS F 189 -3.32 39.96 60.31
C HIS F 189 -2.79 38.56 60.00
N TYR F 190 -3.02 38.08 58.78
CA TYR F 190 -2.64 36.72 58.30
C TYR F 190 -1.43 36.83 57.36
N ALA F 191 -0.35 36.10 57.70
CA ALA F 191 0.92 36.03 56.94
C ALA F 191 1.29 34.57 56.71
N VAL F 192 1.91 34.27 55.56
CA VAL F 192 2.41 32.92 55.17
C VAL F 192 3.85 33.07 54.65
N LEU F 193 4.79 32.36 55.24
CA LEU F 193 6.23 32.34 54.85
C LEU F 193 6.56 31.01 54.16
N ASP F 194 7.30 31.06 53.05
CA ASP F 194 7.73 29.87 52.26
C ASP F 194 8.80 30.31 51.26
N ARG F 195 9.45 29.33 50.60
CA ARG F 195 10.38 29.57 49.45
C ARG F 195 9.54 29.73 48.18
N TYR F 196 9.30 30.98 47.77
CA TYR F 196 8.38 31.33 46.65
C TYR F 196 9.18 31.78 45.41
N SER F 197 8.82 31.22 44.26
CA SER F 197 9.21 31.68 42.90
C SER F 197 8.08 32.50 42.29
N GLU F 198 6.84 32.01 42.41
CA GLU F 198 5.58 32.75 42.14
C GLU F 198 4.99 33.20 43.48
N LEU F 199 4.29 34.34 43.51
CA LEU F 199 3.61 34.87 44.73
C LEU F 199 2.11 34.70 44.57
N PRO F 200 1.47 33.75 45.28
CA PRO F 200 0.02 33.66 45.29
C PRO F 200 -0.57 34.79 46.14
N VAL F 201 -1.68 35.41 45.68
CA VAL F 201 -2.35 36.56 46.35
C VAL F 201 -3.73 36.10 46.82
N SER F 202 -4.08 36.44 48.07
CA SER F 202 -5.39 36.17 48.73
C SER F 202 -5.75 37.37 49.61
N ASP F 203 -6.87 38.03 49.30
CA ASP F 203 -7.33 39.31 49.91
C ASP F 203 -6.73 39.50 51.31
N ASN F 204 -7.03 38.58 52.24
CA ASN F 204 -6.73 38.70 53.69
C ASN F 204 -5.27 38.37 53.98
N ILE F 205 -4.65 37.49 53.17
CA ILE F 205 -3.32 36.88 53.44
C ILE F 205 -2.20 37.79 52.91
N ASP F 206 -1.04 37.78 53.58
CA ASP F 206 0.18 38.56 53.23
C ASP F 206 1.35 37.58 53.05
N PHE F 207 1.67 37.22 51.81
CA PHE F 207 2.66 36.17 51.45
C PHE F 207 4.08 36.74 51.44
N ILE F 208 4.94 36.27 52.37
CA ILE F 208 6.34 36.72 52.59
C ILE F 208 7.29 35.60 52.16
N ASN F 209 8.23 35.89 51.25
CA ASN F 209 9.32 34.96 50.84
C ASN F 209 10.41 34.98 51.92
N GLY F 210 10.93 33.81 52.30
CA GLY F 210 11.94 33.67 53.36
C GLY F 210 12.61 32.31 53.34
N ASN F 211 13.23 31.93 54.46
CA ASN F 211 14.05 30.70 54.61
C ASN F 211 14.21 30.40 56.11
N PHE F 212 13.42 29.47 56.66
CA PHE F 212 13.30 29.20 58.12
C PHE F 212 14.60 28.59 58.67
N LEU F 213 15.52 28.14 57.80
CA LEU F 213 16.88 27.71 58.19
C LEU F 213 17.70 28.94 58.62
N ASN F 214 17.51 30.08 57.94
CA ASN F 214 18.25 31.35 58.18
C ASN F 214 17.63 32.09 59.38
N SER F 215 16.36 32.48 59.27
CA SER F 215 15.69 33.39 60.24
C SER F 215 14.16 33.29 60.11
N ILE F 216 13.45 33.50 61.23
CA ILE F 216 11.97 33.67 61.30
C ILE F 216 11.68 35.14 61.61
N PRO F 217 10.78 35.81 60.86
CA PRO F 217 10.48 37.22 61.12
C PRO F 217 9.63 37.40 62.39
N SER F 218 10.12 38.21 63.33
CA SER F 218 9.48 38.51 64.63
C SER F 218 8.29 39.46 64.43
N GLY F 219 7.44 39.59 65.46
CA GLY F 219 6.25 40.47 65.47
C GLY F 219 4.96 39.69 65.26
N TYR F 220 4.91 38.44 65.71
CA TYR F 220 3.71 37.56 65.67
C TYR F 220 3.55 36.85 67.02
N ASP F 221 2.31 36.72 67.48
CA ASP F 221 1.95 36.05 68.77
C ASP F 221 1.59 34.58 68.51
N LEU F 222 1.21 34.23 67.27
CA LEU F 222 0.96 32.82 66.85
C LEU F 222 1.85 32.47 65.65
N TYR F 223 2.68 31.43 65.79
CA TYR F 223 3.50 30.81 64.72
C TYR F 223 2.98 29.39 64.45
N ILE F 224 2.80 29.03 63.19
CA ILE F 224 2.33 27.67 62.75
C ILE F 224 3.44 27.01 61.93
N LEU F 225 3.77 25.76 62.26
CA LEU F 225 4.75 24.91 61.52
C LEU F 225 4.11 23.52 61.32
N LYS F 226 3.29 23.38 60.28
CA LYS F 226 2.47 22.16 60.01
C LYS F 226 3.18 21.28 58.96
N ASN F 227 3.47 20.03 59.32
CA ASN F 227 4.04 18.98 58.42
C ASN F 227 5.33 19.48 57.76
N VAL F 228 6.28 19.98 58.56
CA VAL F 228 7.57 20.54 58.06
C VAL F 228 8.74 19.69 58.57
N LEU F 229 8.75 19.32 59.86
CA LEU F 229 9.93 18.73 60.56
C LEU F 229 10.27 17.35 59.97
N HIS F 230 9.30 16.62 59.44
CA HIS F 230 9.51 15.27 58.85
C HIS F 230 10.24 15.38 57.49
N ASN F 231 10.48 16.59 57.00
CA ASN F 231 11.26 16.87 55.75
C ASN F 231 12.73 17.17 56.08
N TRP F 232 13.17 16.94 57.33
CA TRP F 232 14.50 17.41 57.84
C TRP F 232 15.09 16.42 58.84
N SER F 233 16.41 16.49 59.02
CA SER F 233 17.20 15.73 60.02
C SER F 233 17.00 16.35 61.41
N ASP F 234 17.54 15.71 62.45
CA ASP F 234 17.43 16.16 63.88
C ASP F 234 18.05 17.56 64.04
N SER F 235 19.30 17.74 63.56
CA SER F 235 20.09 18.98 63.73
C SER F 235 19.44 20.14 62.96
N ASP F 236 18.99 19.89 61.72
CA ASP F 236 18.30 20.88 60.86
C ASP F 236 16.96 21.26 61.51
N SER F 237 16.25 20.29 62.09
CA SER F 237 14.96 20.48 62.80
C SER F 237 15.16 21.36 64.03
N ILE F 238 16.22 21.12 64.81
CA ILE F 238 16.60 21.91 66.02
C ILE F 238 16.90 23.35 65.61
N LEU F 239 17.66 23.53 64.53
CA LEU F 239 18.07 24.86 63.97
C LEU F 239 16.82 25.71 63.67
N ILE F 240 15.80 25.10 63.04
CA ILE F 240 14.52 25.76 62.67
C ILE F 240 13.82 26.22 63.95
N LEU F 241 13.67 25.33 64.92
CA LEU F 241 12.97 25.59 66.23
C LEU F 241 13.73 26.69 67.00
N GLU F 242 15.06 26.75 66.85
CA GLU F 242 15.91 27.81 67.48
C GLU F 242 15.62 29.16 66.82
N ASN F 243 15.38 29.17 65.50
CA ASN F 243 15.08 30.41 64.73
C ASN F 243 13.68 30.93 65.12
N PHE F 244 12.80 30.05 65.59
CA PHE F 244 11.47 30.39 66.17
C PHE F 244 11.67 31.08 67.53
N ARG F 245 12.47 30.47 68.41
CA ARG F 245 12.71 30.93 69.80
C ARG F 245 13.35 32.33 69.79
N LYS F 246 14.19 32.61 68.79
CA LYS F 246 14.92 33.91 68.65
C LYS F 246 13.98 34.98 68.04
N ALA F 247 12.88 34.56 67.41
CA ALA F 247 11.87 35.44 66.77
C ALA F 247 10.68 35.67 67.71
N MET F 248 10.47 34.80 68.70
CA MET F 248 9.29 34.80 69.61
C MET F 248 9.62 35.60 70.89
N ASP F 249 8.59 36.23 71.48
CA ASP F 249 8.63 36.86 72.83
C ASP F 249 7.87 35.95 73.79
N LYS F 250 7.78 36.31 75.07
CA LYS F 250 7.22 35.45 76.15
C LYS F 250 5.70 35.30 75.99
N ASN F 251 5.05 36.19 75.23
CA ASN F 251 3.59 36.15 74.94
C ASN F 251 3.31 35.39 73.64
N SER F 252 4.33 35.16 72.82
CA SER F 252 4.22 34.43 71.51
C SER F 252 3.96 32.94 71.78
N SER F 253 3.39 32.25 70.78
CA SER F 253 3.06 30.80 70.81
C SER F 253 3.40 30.17 69.46
N LEU F 254 3.98 28.96 69.48
CA LEU F 254 4.31 28.15 68.26
C LEU F 254 3.44 26.89 68.28
N LEU F 255 2.63 26.69 67.23
CA LEU F 255 1.86 25.43 67.01
C LEU F 255 2.68 24.53 66.07
N LEU F 256 3.20 23.42 66.61
CA LEU F 256 3.83 22.31 65.85
C LEU F 256 2.77 21.24 65.59
N ILE F 257 2.25 21.20 64.35
CA ILE F 257 1.17 20.26 63.92
C ILE F 257 1.77 19.31 62.85
N ASN F 258 2.16 18.11 63.25
CA ASN F 258 2.90 17.15 62.37
C ASN F 258 2.31 15.76 62.53
N MET F 259 2.41 14.94 61.47
CA MET F 259 2.14 13.48 61.49
C MET F 259 3.12 12.83 62.48
N VAL F 260 2.59 12.08 63.46
CA VAL F 260 3.38 11.45 64.55
C VAL F 260 3.45 9.93 64.28
N LYS F 261 4.53 9.29 64.74
CA LYS F 261 4.76 7.82 64.65
C LYS F 261 3.99 7.13 65.77
N GLU F 262 3.14 6.15 65.43
CA GLU F 262 2.45 5.24 66.37
C GLU F 262 2.55 3.82 65.84
N PRO F 263 2.98 2.85 66.67
CA PRO F 263 3.16 1.46 66.24
C PRO F 263 2.03 0.89 65.36
N GLU F 264 0.78 1.27 65.66
CA GLU F 264 -0.46 0.76 65.01
C GLU F 264 -0.43 1.01 63.50
N PHE F 265 0.24 2.07 63.05
CA PHE F 265 0.22 2.57 61.64
C PHE F 265 1.51 2.15 60.92
N SER F 266 1.53 2.34 59.59
CA SER F 266 2.57 1.84 58.66
C SER F 266 3.85 2.69 58.78
N ARG F 267 5.00 2.06 58.51
CA ARG F 267 6.34 2.70 58.47
C ARG F 267 6.67 3.16 57.04
N SER F 268 5.78 2.91 56.07
CA SER F 268 6.02 3.17 54.62
C SER F 268 6.41 4.64 54.41
N PHE F 269 5.75 5.57 55.13
CA PHE F 269 5.98 7.03 55.03
C PHE F 269 7.32 7.42 55.66
N ASP F 270 7.77 6.68 56.69
CA ASP F 270 9.09 6.87 57.34
C ASP F 270 10.20 6.73 56.29
N ILE F 271 10.07 5.75 55.39
CA ILE F 271 11.09 5.39 54.36
C ILE F 271 11.07 6.44 53.24
N LEU F 272 9.87 6.88 52.82
CA LEU F 272 9.70 7.93 51.78
C LEU F 272 10.42 9.22 52.23
N MET F 273 10.26 9.62 53.49
CA MET F 273 10.91 10.83 54.08
C MET F 273 12.44 10.66 54.04
N ASP F 274 12.94 9.45 54.33
CA ASP F 274 14.37 9.10 54.21
C ASP F 274 14.79 9.30 52.74
N VAL F 275 14.04 8.71 51.80
CA VAL F 275 14.32 8.71 50.32
C VAL F 275 14.39 10.15 49.82
N LEU F 276 13.35 10.95 50.06
CA LEU F 276 13.15 12.29 49.44
C LEU F 276 14.03 13.35 50.12
N PHE F 277 14.13 13.33 51.46
CA PHE F 277 14.64 14.46 52.28
C PHE F 277 15.78 14.07 53.24
N LEU F 278 16.06 12.78 53.42
CA LEU F 278 16.79 12.24 54.60
C LEU F 278 16.11 12.76 55.88
N GLY F 279 14.79 12.81 55.87
CA GLY F 279 13.95 13.14 57.04
C GLY F 279 13.47 11.87 57.71
N LYS F 280 12.49 11.97 58.61
CA LYS F 280 11.88 10.83 59.34
C LYS F 280 10.61 11.28 60.07
N GLU F 281 9.63 10.39 60.19
CA GLU F 281 8.47 10.57 61.11
C GLU F 281 8.96 10.35 62.54
N ARG F 282 8.36 11.03 63.52
CA ARG F 282 8.83 11.04 64.93
C ARG F 282 7.65 10.82 65.88
N SER F 283 7.91 10.31 67.07
CA SER F 283 6.96 10.26 68.22
C SER F 283 6.87 11.66 68.84
N PHE F 284 5.80 11.93 69.60
CA PHE F 284 5.63 13.19 70.39
C PHE F 284 6.83 13.36 71.31
N THR F 285 7.28 12.25 71.92
CA THR F 285 8.48 12.16 72.80
C THR F 285 9.69 12.77 72.08
N GLU F 286 9.85 12.44 70.79
CA GLU F 286 11.00 12.88 69.94
C GLU F 286 10.81 14.35 69.54
N PHE F 287 9.57 14.80 69.31
CA PHE F 287 9.23 16.22 69.00
C PHE F 287 9.50 17.09 70.24
N GLU F 288 9.07 16.61 71.41
CA GLU F 288 9.28 17.27 72.73
C GLU F 288 10.78 17.47 72.96
N TYR F 289 11.59 16.45 72.62
CA TYR F 289 13.07 16.45 72.75
C TYR F 289 13.66 17.60 71.93
N LEU F 290 13.46 17.56 70.60
CA LEU F 290 14.03 18.52 69.62
C LEU F 290 13.69 19.96 70.05
N ALA F 291 12.46 20.18 70.52
CA ALA F 291 11.96 21.49 71.01
C ALA F 291 12.75 21.93 72.24
N ASN F 292 13.01 21.02 73.18
CA ASN F 292 13.75 21.27 74.44
C ASN F 292 15.20 21.67 74.13
N GLN F 293 15.79 21.10 73.06
CA GLN F 293 17.18 21.38 72.61
C GLN F 293 17.26 22.82 72.08
N ALA F 294 16.17 23.35 71.52
CA ALA F 294 16.05 24.70 70.94
C ALA F 294 15.62 25.73 72.00
N GLY F 295 15.26 25.25 73.21
CA GLY F 295 14.88 26.10 74.36
C GLY F 295 13.40 26.46 74.33
N LEU F 296 12.54 25.48 74.07
CA LEU F 296 11.06 25.64 74.01
C LEU F 296 10.41 24.60 74.92
N VAL F 297 9.31 24.97 75.59
CA VAL F 297 8.53 24.08 76.52
C VAL F 297 7.18 23.77 75.90
N VAL F 298 6.74 22.52 76.02
CA VAL F 298 5.36 22.05 75.70
C VAL F 298 4.42 22.59 76.78
N GLN F 299 3.50 23.48 76.40
CA GLN F 299 2.44 24.02 77.28
C GLN F 299 1.22 23.09 77.24
N GLU F 300 0.81 22.67 76.04
CA GLU F 300 -0.38 21.80 75.82
C GLU F 300 -0.06 20.80 74.69
N THR F 301 -0.68 19.61 74.74
CA THR F 301 -0.55 18.51 73.74
C THR F 301 -1.93 17.94 73.42
N LYS F 302 -2.21 17.67 72.14
CA LYS F 302 -3.50 17.08 71.67
C LYS F 302 -3.23 16.18 70.46
N VAL F 303 -3.93 15.04 70.41
CA VAL F 303 -3.90 14.06 69.28
C VAL F 303 -5.03 14.43 68.32
N ILE F 304 -4.74 14.50 67.02
CA ILE F 304 -5.72 14.75 65.92
C ILE F 304 -5.70 13.55 64.98
N ASP F 305 -6.83 12.85 64.82
CA ASP F 305 -6.97 11.68 63.91
C ASP F 305 -7.43 12.17 62.54
N GLN F 306 -6.53 12.15 61.55
CA GLN F 306 -6.86 12.23 60.10
C GLN F 306 -6.90 10.79 59.57
N SER F 307 -7.77 10.53 58.58
CA SER F 307 -7.99 9.19 57.97
C SER F 307 -6.67 8.50 57.65
N TYR F 308 -5.70 9.24 57.09
CA TYR F 308 -4.42 8.71 56.55
C TYR F 308 -3.37 8.55 57.66
N SER F 309 -3.45 9.35 58.74
CA SER F 309 -2.40 9.42 59.79
C SER F 309 -2.92 10.12 61.03
N PRO F 310 -2.47 9.71 62.25
CA PRO F 310 -2.66 10.53 63.45
C PRO F 310 -1.66 11.70 63.46
N TYR F 311 -2.06 12.82 64.05
CA TYR F 311 -1.23 14.06 64.20
C TYR F 311 -0.97 14.34 65.68
N SER F 312 0.13 15.04 65.94
CA SER F 312 0.47 15.61 67.27
C SER F 312 0.36 17.15 67.19
N PHE F 313 -0.65 17.72 67.86
CA PHE F 313 -0.79 19.17 68.09
C PHE F 313 0.02 19.52 69.35
N ILE F 314 1.09 20.30 69.17
CA ILE F 314 2.06 20.67 70.25
C ILE F 314 2.16 22.21 70.31
N LYS F 315 1.62 22.81 71.37
CA LYS F 315 1.77 24.26 71.66
C LYS F 315 3.09 24.48 72.40
N LEU F 316 4.01 25.24 71.79
CA LEU F 316 5.37 25.53 72.31
C LEU F 316 5.49 27.03 72.62
N GLN F 317 6.25 27.37 73.66
CA GLN F 317 6.58 28.77 74.07
C GLN F 317 8.02 28.80 74.59
N ILE F 318 8.67 29.97 74.53
CA ILE F 318 10.04 30.20 75.07
C ILE F 318 9.98 30.04 76.59
N LYS F 319 10.95 29.35 77.18
CA LYS F 319 10.99 28.97 78.62
C LYS F 319 11.21 30.24 79.48
N SER G 1 -41.15 15.61 -35.30
CA SER G 1 -40.67 16.60 -34.30
C SER G 1 -39.17 16.86 -34.50
N MET G 2 -38.67 17.99 -34.01
CA MET G 2 -37.22 18.34 -34.01
C MET G 2 -36.49 17.44 -33.01
N LEU G 3 -37.20 17.04 -31.93
CA LEU G 3 -36.64 16.25 -30.80
C LEU G 3 -36.28 14.84 -31.28
N THR G 4 -37.22 14.15 -31.94
CA THR G 4 -37.02 12.78 -32.49
C THR G 4 -35.85 12.77 -33.47
N GLU G 5 -35.72 13.81 -34.30
CA GLU G 5 -34.63 13.94 -35.30
C GLU G 5 -33.30 14.18 -34.57
N LEU G 6 -33.31 14.94 -33.47
CA LEU G 6 -32.12 15.17 -32.61
C LEU G 6 -31.71 13.84 -31.95
N ILE G 7 -32.68 13.06 -31.48
CA ILE G 7 -32.47 11.71 -30.85
C ILE G 7 -31.81 10.79 -31.88
N ALA G 8 -32.25 10.85 -33.15
CA ALA G 8 -31.81 9.99 -34.27
C ALA G 8 -30.73 10.69 -35.10
N SER G 9 -29.85 11.48 -34.45
CA SER G 9 -28.72 12.19 -35.09
C SER G 9 -27.64 11.19 -35.54
N ASN G 10 -27.60 10.00 -34.93
CA ASN G 10 -26.70 8.88 -35.32
C ASN G 10 -26.95 8.49 -36.78
N ARG G 11 -28.21 8.54 -37.24
CA ARG G 11 -28.63 8.18 -38.62
C ARG G 11 -27.91 9.08 -39.65
N ARG G 12 -27.61 10.32 -39.29
CA ARG G 12 -26.89 11.30 -40.16
C ARG G 12 -25.45 10.80 -40.37
N SER G 13 -24.75 10.47 -39.28
CA SER G 13 -23.36 9.93 -39.29
C SER G 13 -23.32 8.61 -40.08
N ALA G 14 -24.38 7.82 -40.00
CA ALA G 14 -24.48 6.45 -40.57
C ALA G 14 -24.72 6.51 -42.08
N ALA G 15 -25.58 7.43 -42.54
CA ALA G 15 -25.88 7.69 -43.96
C ALA G 15 -24.62 8.14 -44.70
N ILE G 16 -23.78 8.93 -44.03
CA ILE G 16 -22.51 9.48 -44.59
C ILE G 16 -21.46 8.37 -44.60
N HIS G 17 -21.48 7.46 -43.60
CA HIS G 17 -20.57 6.29 -43.50
C HIS G 17 -20.82 5.32 -44.66
N ALA G 18 -22.08 4.97 -44.91
CA ALA G 18 -22.52 4.05 -45.99
C ALA G 18 -22.19 4.67 -47.36
N PHE G 19 -22.20 6.00 -47.47
CA PHE G 19 -21.97 6.76 -48.72
C PHE G 19 -20.47 6.85 -49.03
N VAL G 20 -19.64 7.09 -48.01
CA VAL G 20 -18.19 7.39 -48.15
C VAL G 20 -17.36 6.10 -48.03
N ASP G 21 -17.67 5.22 -47.07
CA ASP G 21 -16.84 4.04 -46.71
C ASP G 21 -17.01 2.93 -47.75
N THR G 22 -18.10 2.96 -48.55
CA THR G 22 -18.30 2.07 -49.73
C THR G 22 -17.55 2.63 -50.94
N GLY G 23 -17.14 3.91 -50.89
CA GLY G 23 -16.41 4.58 -51.98
C GLY G 23 -17.34 5.04 -53.09
N LEU G 24 -18.66 5.03 -52.84
CA LEU G 24 -19.70 5.53 -53.79
C LEU G 24 -19.52 7.04 -54.00
N SER G 25 -19.06 7.75 -52.96
CA SER G 25 -18.82 9.22 -52.97
C SER G 25 -17.72 9.59 -53.97
N THR G 26 -16.81 8.65 -54.28
CA THR G 26 -15.65 8.88 -55.17
C THR G 26 -16.11 9.02 -56.62
N HIS G 27 -17.34 8.61 -56.95
CA HIS G 27 -17.96 8.76 -58.29
C HIS G 27 -18.45 10.20 -58.51
N PHE G 28 -18.55 11.01 -57.45
CA PHE G 28 -19.06 12.40 -57.46
C PHE G 28 -17.89 13.40 -57.48
N LYS G 29 -16.76 13.01 -58.07
CA LYS G 29 -15.51 13.82 -58.11
C LYS G 29 -15.73 15.11 -58.91
N ASP G 30 -15.13 16.21 -58.45
CA ASP G 30 -15.06 17.52 -59.15
C ASP G 30 -16.47 18.08 -59.36
N GLY G 31 -17.35 17.94 -58.37
CA GLY G 31 -18.74 18.48 -58.39
C GLY G 31 -19.48 18.12 -59.67
N ILE G 32 -19.41 16.85 -60.07
CA ILE G 32 -20.14 16.29 -61.26
C ILE G 32 -21.58 15.97 -60.83
N TYR G 33 -22.55 16.12 -61.73
CA TYR G 33 -23.96 15.70 -61.55
C TYR G 33 -24.10 14.23 -61.96
N VAL G 34 -24.10 13.34 -60.97
CA VAL G 34 -24.11 11.86 -61.14
C VAL G 34 -25.55 11.39 -61.35
N ASP G 35 -25.79 10.65 -62.44
CA ASP G 35 -27.05 9.88 -62.67
C ASP G 35 -26.97 8.59 -61.85
N ILE G 36 -28.02 8.29 -61.07
CA ILE G 36 -28.06 7.15 -60.09
C ILE G 36 -28.29 5.84 -60.87
N SER G 37 -29.13 5.88 -61.91
CA SER G 37 -29.37 4.75 -62.85
C SER G 37 -28.04 4.29 -63.46
N GLU G 38 -27.24 5.24 -63.96
CA GLU G 38 -25.91 4.97 -64.60
C GLU G 38 -24.93 4.41 -63.56
N LEU G 39 -24.84 5.05 -62.39
CA LEU G 39 -23.96 4.61 -61.27
C LEU G 39 -24.37 3.20 -60.82
N SER G 40 -25.67 2.93 -60.72
CA SER G 40 -26.25 1.61 -60.34
C SER G 40 -25.72 0.51 -61.25
N ARG G 41 -25.70 0.73 -62.57
CA ARG G 41 -25.17 -0.20 -63.60
C ARG G 41 -23.70 -0.47 -63.30
N LYS G 42 -22.89 0.60 -63.25
CA LYS G 42 -21.40 0.57 -63.16
C LYS G 42 -20.96 -0.06 -61.83
N SER G 43 -21.54 0.40 -60.72
CA SER G 43 -21.15 0.00 -59.34
C SER G 43 -21.79 -1.35 -58.95
N GLY G 44 -22.98 -1.65 -59.47
CA GLY G 44 -23.77 -2.83 -59.12
C GLY G 44 -24.51 -2.64 -57.81
N VAL G 45 -24.82 -1.38 -57.47
CA VAL G 45 -25.60 -0.99 -56.25
C VAL G 45 -27.09 -0.96 -56.62
N ASN G 46 -27.98 -1.28 -55.67
CA ASN G 46 -29.46 -1.20 -55.84
C ASN G 46 -29.82 0.26 -56.14
N TYR G 47 -30.55 0.48 -57.24
CA TYR G 47 -30.96 1.84 -57.72
C TYR G 47 -31.88 2.49 -56.70
N ALA G 48 -33.06 1.89 -56.48
CA ALA G 48 -34.19 2.45 -55.70
C ALA G 48 -33.77 2.71 -54.25
N ARG G 49 -32.91 1.86 -53.69
CA ARG G 49 -32.49 1.90 -52.26
C ARG G 49 -31.37 2.92 -52.06
N PHE G 50 -30.51 3.12 -53.06
CA PHE G 50 -29.44 4.16 -53.04
C PHE G 50 -30.04 5.52 -53.42
N SER G 51 -31.06 5.54 -54.29
CA SER G 51 -31.85 6.74 -54.64
C SER G 51 -32.41 7.38 -53.36
N ARG G 52 -32.92 6.54 -52.45
CA ARG G 52 -33.54 6.94 -51.16
C ARG G 52 -32.47 7.48 -50.19
N LEU G 53 -31.27 6.88 -50.19
CA LEU G 53 -30.11 7.38 -49.41
C LEU G 53 -29.71 8.77 -49.93
N CYS G 54 -29.71 8.95 -51.25
CA CYS G 54 -29.39 10.24 -51.93
C CYS G 54 -30.42 11.32 -51.53
N ASP G 55 -31.70 10.93 -51.42
CA ASP G 55 -32.82 11.84 -51.05
C ASP G 55 -32.62 12.34 -49.62
N PHE G 56 -32.12 11.47 -48.72
CA PHE G 56 -31.79 11.81 -47.31
C PHE G 56 -30.51 12.66 -47.28
N LEU G 57 -29.56 12.39 -48.18
CA LEU G 57 -28.28 13.12 -48.28
C LEU G 57 -28.52 14.54 -48.84
N VAL G 58 -29.60 14.71 -49.61
CA VAL G 58 -30.07 16.05 -50.10
C VAL G 58 -30.60 16.85 -48.90
N GLU G 59 -31.36 16.19 -48.02
CA GLU G 59 -31.94 16.79 -46.78
C GLU G 59 -30.82 17.30 -45.87
N MET G 60 -29.72 16.54 -45.76
CA MET G 60 -28.54 16.87 -44.91
C MET G 60 -27.67 17.94 -45.58
N GLY G 61 -27.88 18.21 -46.87
CA GLY G 61 -27.11 19.20 -47.66
C GLY G 61 -25.77 18.65 -48.11
N VAL G 62 -25.62 17.32 -48.10
CA VAL G 62 -24.39 16.59 -48.56
C VAL G 62 -24.42 16.52 -50.09
N LEU G 63 -25.61 16.39 -50.67
CA LEU G 63 -25.85 16.40 -52.14
C LEU G 63 -26.82 17.53 -52.50
N VAL G 64 -26.67 18.08 -53.72
CA VAL G 64 -27.65 19.02 -54.36
C VAL G 64 -28.37 18.24 -55.47
N SER G 65 -29.67 18.51 -55.66
CA SER G 65 -30.58 17.78 -56.57
C SER G 65 -31.04 18.69 -57.71
N ASN G 66 -30.87 18.25 -58.97
CA ASN G 66 -31.36 18.95 -60.19
C ASN G 66 -31.54 17.93 -61.33
N ASP G 67 -32.71 17.94 -61.97
CA ASP G 67 -33.04 17.13 -63.18
C ASP G 67 -32.93 15.63 -62.85
N ASN G 68 -33.28 15.24 -61.62
CA ASN G 68 -33.28 13.83 -61.14
C ASN G 68 -31.84 13.29 -61.12
N LYS G 69 -30.86 14.19 -60.85
CA LYS G 69 -29.42 13.85 -60.68
C LYS G 69 -28.90 14.51 -59.40
N PHE G 70 -27.69 14.15 -58.97
CA PHE G 70 -27.10 14.53 -57.65
C PHE G 70 -25.62 14.85 -57.80
N ARG G 71 -25.17 15.98 -57.22
CA ARG G 71 -23.74 16.35 -57.06
C ARG G 71 -23.45 16.63 -55.59
N LEU G 72 -22.21 16.44 -55.15
CA LEU G 72 -21.73 16.83 -53.80
C LEU G 72 -21.88 18.34 -53.64
N SER G 73 -22.24 18.81 -52.43
CA SER G 73 -22.29 20.25 -52.06
C SER G 73 -20.86 20.79 -52.04
N ASP G 74 -20.69 22.08 -52.32
CA ASP G 74 -19.37 22.76 -52.42
C ASP G 74 -18.53 22.41 -51.19
N GLU G 75 -19.15 22.38 -50.00
CA GLU G 75 -18.49 22.12 -48.71
C GLU G 75 -18.06 20.65 -48.61
N CYS G 76 -18.83 19.73 -49.22
CA CYS G 76 -18.69 18.25 -49.07
C CYS G 76 -17.84 17.64 -50.20
N HIS G 77 -17.22 18.46 -51.06
CA HIS G 77 -16.35 18.00 -52.19
C HIS G 77 -15.31 17.00 -51.67
N VAL G 78 -14.87 17.17 -50.41
CA VAL G 78 -13.85 16.34 -49.72
C VAL G 78 -14.29 14.86 -49.66
N PHE G 79 -15.59 14.57 -49.64
CA PHE G 79 -16.14 13.18 -49.55
C PHE G 79 -15.82 12.38 -50.82
N ALA G 80 -15.54 13.05 -51.95
CA ALA G 80 -15.12 12.43 -53.22
C ALA G 80 -13.66 11.96 -53.12
N ASN G 81 -12.88 12.58 -52.23
CA ASN G 81 -11.45 12.27 -51.99
C ASN G 81 -11.32 11.30 -50.82
N PRO G 82 -10.90 10.04 -51.03
CA PRO G 82 -10.68 9.10 -49.94
C PRO G 82 -9.40 9.38 -49.12
N GLU G 83 -8.56 10.31 -49.57
CA GLU G 83 -7.33 10.77 -48.86
C GLU G 83 -7.66 11.89 -47.86
N SER G 84 -8.86 12.49 -47.95
CA SER G 84 -9.30 13.65 -47.13
C SER G 84 -9.49 13.24 -45.67
N PHE G 85 -9.22 14.15 -44.74
CA PHE G 85 -9.34 13.93 -43.27
C PHE G 85 -10.81 13.64 -42.92
N GLU G 86 -11.75 14.24 -43.67
CA GLU G 86 -13.20 14.06 -43.48
C GLU G 86 -13.57 12.59 -43.73
N SER G 87 -13.07 12.01 -44.83
CA SER G 87 -13.30 10.59 -45.23
C SER G 87 -12.82 9.65 -44.10
N PHE G 88 -11.64 9.91 -43.53
CA PHE G 88 -11.04 9.12 -42.42
C PHE G 88 -11.82 9.37 -41.12
N MET G 89 -12.36 10.57 -40.95
CA MET G 89 -13.15 10.99 -39.76
C MET G 89 -14.44 10.15 -39.67
N ILE G 90 -15.09 9.90 -40.80
CA ILE G 90 -16.39 9.15 -40.89
C ILE G 90 -16.17 7.70 -40.44
N LYS G 91 -15.08 7.06 -40.90
CA LYS G 91 -14.72 5.66 -40.56
C LYS G 91 -14.65 5.51 -39.03
N LEU G 92 -13.70 6.19 -38.40
CA LEU G 92 -13.42 6.10 -36.93
C LEU G 92 -14.64 6.55 -36.12
N GLU G 93 -15.39 7.55 -36.60
CA GLU G 93 -16.44 8.25 -35.82
C GLU G 93 -17.44 7.23 -35.24
N ILE G 94 -18.05 6.43 -36.12
CA ILE G 94 -19.12 5.45 -35.74
C ILE G 94 -18.63 4.02 -35.96
N CYS G 95 -17.32 3.78 -35.95
CA CYS G 95 -16.74 2.41 -35.94
C CYS G 95 -17.16 1.74 -34.62
N SER G 96 -17.14 0.40 -34.59
CA SER G 96 -17.66 -0.44 -33.49
C SER G 96 -17.03 -0.02 -32.15
N HIS G 97 -15.72 0.24 -32.14
CA HIS G 97 -14.91 0.52 -30.92
C HIS G 97 -15.33 1.87 -30.31
N TYR G 98 -15.69 2.85 -31.15
CA TYR G 98 -16.19 4.18 -30.74
C TYR G 98 -17.64 4.07 -30.21
N SER G 99 -18.48 3.31 -30.91
CA SER G 99 -19.90 3.03 -30.52
C SER G 99 -19.96 2.46 -29.09
N ASN G 100 -19.19 1.40 -28.84
CA ASN G 100 -19.16 0.64 -27.55
C ASN G 100 -18.51 1.50 -26.46
N ALA G 101 -17.66 2.45 -26.84
CA ALA G 101 -17.04 3.44 -25.93
C ALA G 101 -18.09 4.48 -25.51
N TRP G 102 -18.96 4.88 -26.43
CA TRP G 102 -20.07 5.85 -26.18
C TRP G 102 -21.13 5.21 -25.27
N LEU G 103 -21.40 3.91 -25.46
CA LEU G 103 -22.44 3.16 -24.71
C LEU G 103 -22.07 3.06 -23.22
N MET G 104 -20.79 3.29 -22.89
CA MET G 104 -20.24 3.19 -21.51
C MET G 104 -20.03 4.58 -20.90
N TYR G 105 -20.28 5.66 -21.66
CA TYR G 105 -19.98 7.06 -21.23
C TYR G 105 -20.86 7.41 -20.03
N GLY G 106 -22.17 7.14 -20.13
CA GLY G 106 -23.12 7.28 -19.02
C GLY G 106 -22.56 6.68 -17.74
N LYS G 107 -22.27 5.37 -17.74
CA LYS G 107 -21.77 4.61 -16.57
C LYS G 107 -20.46 5.21 -16.06
N SER G 108 -19.57 5.64 -16.97
CA SER G 108 -18.21 6.16 -16.67
C SER G 108 -18.28 7.38 -15.75
N LEU G 109 -19.35 8.19 -15.87
CA LEU G 109 -19.54 9.44 -15.09
C LEU G 109 -19.61 9.14 -13.58
N PHE G 110 -20.07 7.95 -13.20
CA PHE G 110 -20.28 7.52 -11.78
C PHE G 110 -19.01 6.85 -11.23
N GLU G 111 -18.07 6.46 -12.10
CA GLU G 111 -16.78 5.81 -11.73
C GLU G 111 -15.69 6.88 -11.55
N ASP G 112 -14.73 6.63 -10.65
CA ASP G 112 -13.59 7.54 -10.35
C ASP G 112 -12.30 6.71 -10.14
N ASP G 113 -12.14 5.61 -10.90
CA ASP G 113 -10.95 4.72 -10.87
C ASP G 113 -9.94 5.18 -11.93
N GLY G 114 -10.26 6.24 -12.69
CA GLY G 114 -9.43 6.78 -13.78
C GLY G 114 -9.67 6.04 -15.09
N LYS G 115 -10.75 5.25 -15.16
CA LYS G 115 -11.10 4.38 -16.31
C LYS G 115 -11.99 5.15 -17.29
N SER G 116 -11.46 5.49 -18.46
CA SER G 116 -12.22 6.13 -19.57
C SER G 116 -13.32 5.18 -20.05
N ALA G 117 -14.36 5.73 -20.67
CA ALA G 117 -15.52 4.98 -21.23
C ALA G 117 -15.03 3.99 -22.30
N PHE G 118 -13.96 4.35 -23.03
CA PHE G 118 -13.27 3.47 -24.00
C PHE G 118 -12.58 2.31 -23.27
N GLU G 119 -11.88 2.60 -22.18
CA GLU G 119 -11.13 1.60 -21.37
C GLU G 119 -12.11 0.64 -20.69
N MET G 120 -13.32 1.11 -20.34
CA MET G 120 -14.38 0.30 -19.67
C MET G 120 -14.97 -0.73 -20.64
N ALA G 121 -14.99 -0.41 -21.94
CA ALA G 121 -15.63 -1.23 -23.00
C ALA G 121 -14.63 -2.23 -23.60
N HIS G 122 -13.33 -1.93 -23.54
CA HIS G 122 -12.26 -2.64 -24.31
C HIS G 122 -11.18 -3.25 -23.39
N GLY G 123 -10.92 -2.65 -22.22
CA GLY G 123 -10.07 -3.24 -21.15
C GLY G 123 -8.72 -2.56 -21.00
N ARG G 124 -8.30 -1.77 -21.99
CA ARG G 124 -7.03 -0.97 -21.97
C ARG G 124 -7.32 0.45 -22.44
N PRO G 125 -6.50 1.45 -22.03
CA PRO G 125 -6.68 2.83 -22.50
C PRO G 125 -6.41 2.95 -24.00
N PHE G 126 -6.95 4.00 -24.63
CA PHE G 126 -7.05 4.20 -26.10
C PHE G 126 -5.75 3.78 -26.80
N PHE G 127 -4.66 4.54 -26.57
CA PHE G 127 -3.37 4.42 -27.30
C PHE G 127 -2.70 3.08 -27.02
N GLU G 128 -2.86 2.55 -25.80
CA GLU G 128 -2.35 1.22 -25.41
C GLU G 128 -3.13 0.13 -26.16
N TYR G 129 -4.43 0.30 -26.35
CA TYR G 129 -5.32 -0.64 -27.09
C TYR G 129 -5.01 -0.58 -28.59
N LEU G 130 -4.66 0.60 -29.10
CA LEU G 130 -4.29 0.81 -30.53
C LEU G 130 -3.03 0.00 -30.88
N ASP G 131 -2.18 -0.31 -29.89
CA ASP G 131 -0.97 -1.16 -30.07
C ASP G 131 -1.33 -2.47 -30.78
N GLY G 132 -2.43 -3.10 -30.39
CA GLY G 132 -2.83 -4.46 -30.83
C GLY G 132 -3.95 -4.46 -31.85
N ASN G 133 -4.39 -3.28 -32.33
CA ASN G 133 -5.47 -3.15 -33.34
C ASN G 133 -4.95 -2.35 -34.54
N LYS G 134 -4.90 -2.99 -35.72
CA LYS G 134 -4.37 -2.44 -37.00
C LYS G 134 -5.30 -1.35 -37.54
N PHE G 135 -6.59 -1.70 -37.70
CA PHE G 135 -7.67 -0.83 -38.23
C PHE G 135 -7.63 0.54 -37.52
N LEU G 136 -7.71 0.55 -36.19
CA LEU G 136 -7.79 1.78 -35.35
C LEU G 136 -6.53 2.62 -35.51
N LYS G 137 -5.35 2.05 -35.25
CA LYS G 137 -4.05 2.75 -35.31
C LYS G 137 -3.83 3.32 -36.72
N SER G 138 -4.08 2.53 -37.76
CA SER G 138 -3.86 2.91 -39.19
C SER G 138 -4.75 4.12 -39.53
N ASN G 139 -6.05 4.02 -39.31
CA ASN G 139 -7.05 5.08 -39.62
C ASN G 139 -6.77 6.33 -38.78
N PHE G 140 -6.53 6.14 -37.47
CA PHE G 140 -6.27 7.24 -36.50
C PHE G 140 -5.02 8.02 -36.94
N ASP G 141 -3.87 7.34 -37.06
CA ASP G 141 -2.58 7.92 -37.52
C ASP G 141 -2.77 8.61 -38.87
N ALA G 142 -3.63 8.05 -39.74
CA ALA G 142 -3.96 8.60 -41.08
C ALA G 142 -4.71 9.93 -40.92
N LEU G 143 -5.69 9.98 -40.01
CA LEU G 143 -6.49 11.20 -39.72
C LEU G 143 -5.55 12.29 -39.20
N MET G 144 -4.68 11.95 -38.25
CA MET G 144 -3.67 12.86 -37.64
C MET G 144 -2.73 13.41 -38.73
N THR G 145 -2.45 12.59 -39.76
CA THR G 145 -1.54 12.93 -40.88
C THR G 145 -2.19 13.99 -41.79
N ARG G 146 -3.49 13.84 -42.10
CA ARG G 146 -4.23 14.71 -43.04
C ARG G 146 -4.52 16.07 -42.40
N VAL G 147 -4.87 16.10 -41.11
CA VAL G 147 -5.11 17.38 -40.36
C VAL G 147 -3.78 18.11 -40.18
N SER G 148 -2.68 17.36 -39.92
CA SER G 148 -1.29 17.89 -39.84
C SER G 148 -0.90 18.55 -41.17
N ASN G 149 -1.27 17.94 -42.30
CA ASN G 149 -0.97 18.41 -43.68
C ASN G 149 -1.66 19.76 -43.94
N LEU G 150 -2.88 19.93 -43.42
CA LEU G 150 -3.71 21.16 -43.63
C LEU G 150 -3.11 22.35 -42.88
N ILE G 151 -2.42 22.11 -41.75
CA ILE G 151 -1.99 23.18 -40.80
C ILE G 151 -0.50 23.51 -40.98
N VAL G 152 0.22 22.82 -41.88
CA VAL G 152 1.69 22.99 -42.09
C VAL G 152 1.98 24.46 -42.44
N GLU G 153 1.46 24.92 -43.58
CA GLU G 153 1.82 26.22 -44.21
C GLU G 153 1.36 27.39 -43.33
N LYS G 154 0.34 27.16 -42.49
CA LYS G 154 -0.20 28.15 -41.51
C LYS G 154 0.82 28.37 -40.38
N LEU G 155 1.54 27.33 -39.96
CA LEU G 155 2.59 27.41 -38.89
C LEU G 155 3.84 28.08 -39.44
N LEU G 156 4.26 27.70 -40.65
CA LEU G 156 5.47 28.22 -41.34
C LEU G 156 5.34 29.73 -41.56
N GLY G 157 4.13 30.22 -41.86
CA GLY G 157 3.84 31.64 -42.14
C GLY G 157 3.94 32.52 -40.91
N ILE G 158 3.51 32.02 -39.74
CA ILE G 158 3.39 32.82 -38.48
C ILE G 158 4.71 32.77 -37.68
N TYR G 159 5.51 31.71 -37.84
CA TYR G 159 6.71 31.42 -37.01
C TYR G 159 7.91 31.11 -37.90
N ASP G 160 9.09 31.56 -37.49
CA ASP G 160 10.39 31.36 -38.22
C ASP G 160 11.04 30.07 -37.71
N PHE G 161 10.96 29.00 -38.50
CA PHE G 161 11.58 27.67 -38.24
C PHE G 161 13.04 27.66 -38.73
N ASN G 162 13.44 28.70 -39.45
CA ASN G 162 14.77 28.80 -40.13
C ASN G 162 15.84 29.21 -39.10
N GLN G 163 15.43 29.81 -37.97
CA GLN G 163 16.33 30.23 -36.87
C GLN G 163 16.82 28.99 -36.08
N HIS G 164 16.03 27.92 -36.08
CA HIS G 164 16.24 26.69 -35.27
C HIS G 164 17.01 25.64 -36.10
N ASN G 165 17.83 24.82 -35.42
CA ASN G 165 18.71 23.78 -36.04
C ASN G 165 18.13 22.38 -35.76
N ARG G 166 18.07 21.99 -34.48
CA ARG G 166 17.60 20.66 -34.02
C ARG G 166 16.15 20.77 -33.54
N ILE G 167 15.24 20.06 -34.21
CA ILE G 167 13.76 20.13 -33.99
C ILE G 167 13.25 18.73 -33.62
N LEU G 168 12.42 18.62 -32.57
CA LEU G 168 11.79 17.36 -32.10
C LEU G 168 10.28 17.56 -31.93
N ASP G 169 9.48 16.93 -32.78
CA ASP G 169 8.01 16.84 -32.65
C ASP G 169 7.67 15.70 -31.69
N VAL G 170 7.23 16.03 -30.47
CA VAL G 170 6.86 15.05 -29.40
C VAL G 170 5.42 14.59 -29.67
N GLY G 171 5.21 13.27 -29.74
CA GLY G 171 3.94 12.63 -30.12
C GLY G 171 3.52 13.05 -31.52
N GLY G 172 4.46 13.05 -32.47
CA GLY G 172 4.26 13.59 -33.83
C GLY G 172 3.57 12.58 -34.76
N GLY G 173 3.25 11.38 -34.27
CA GLY G 173 2.55 10.33 -35.04
C GLY G 173 3.42 9.80 -36.17
N GLU G 174 2.93 9.86 -37.40
CA GLU G 174 3.68 9.41 -38.61
C GLU G 174 4.72 10.47 -39.00
N GLY G 175 4.64 11.67 -38.41
CA GLY G 175 5.66 12.73 -38.53
C GLY G 175 5.42 13.62 -39.74
N GLU G 176 4.18 13.74 -40.20
CA GLU G 176 3.79 14.47 -41.43
C GLU G 176 4.18 15.95 -41.32
N LEU G 177 4.06 16.53 -40.12
CA LEU G 177 4.39 17.95 -39.83
C LEU G 177 5.82 18.24 -40.29
N LEU G 178 6.82 17.58 -39.68
CA LEU G 178 8.26 17.82 -39.95
C LEU G 178 8.64 17.30 -41.35
N VAL G 179 7.94 16.27 -41.85
CA VAL G 179 8.11 15.75 -43.24
C VAL G 179 7.87 16.90 -44.22
N ARG G 180 6.84 17.72 -43.99
CA ARG G 180 6.41 18.82 -44.88
C ARG G 180 7.23 20.09 -44.61
N ILE G 181 7.56 20.37 -43.34
CA ILE G 181 8.38 21.54 -42.92
C ILE G 181 9.81 21.39 -43.46
N SER G 182 10.33 20.15 -43.49
CA SER G 182 11.70 19.80 -43.94
C SER G 182 11.87 20.04 -45.45
N GLU G 183 10.78 20.01 -46.22
CA GLU G 183 10.78 20.23 -47.69
C GLU G 183 10.85 21.74 -48.01
N LYS G 184 10.41 22.60 -47.08
CA LYS G 184 10.47 24.08 -47.19
C LYS G 184 11.71 24.60 -46.48
N VAL G 185 11.95 24.14 -45.24
CA VAL G 185 13.10 24.54 -44.37
C VAL G 185 14.14 23.41 -44.40
N LYS G 186 15.11 23.50 -45.32
CA LYS G 186 16.08 22.42 -45.63
C LYS G 186 17.36 22.60 -44.80
N GLY G 187 18.15 21.52 -44.69
CA GLY G 187 19.46 21.51 -43.99
C GLY G 187 19.32 21.66 -42.50
N LYS G 188 18.25 21.08 -41.91
CA LYS G 188 17.99 21.07 -40.45
C LYS G 188 17.86 19.63 -39.98
N HIS G 189 18.15 19.37 -38.70
CA HIS G 189 17.94 18.07 -38.02
C HIS G 189 16.46 17.96 -37.60
N TYR G 190 15.78 16.91 -38.04
CA TYR G 190 14.34 16.66 -37.78
C TYR G 190 14.17 15.29 -37.10
N ALA G 191 13.52 15.29 -35.94
CA ALA G 191 13.22 14.08 -35.13
C ALA G 191 11.73 14.07 -34.76
N VAL G 192 11.12 12.88 -34.69
CA VAL G 192 9.70 12.67 -34.28
C VAL G 192 9.69 11.57 -33.21
N LEU G 193 9.31 11.92 -31.98
CA LEU G 193 9.13 10.97 -30.85
C LEU G 193 7.66 10.54 -30.80
N ASP G 194 7.42 9.22 -30.67
CA ASP G 194 6.06 8.64 -30.48
C ASP G 194 6.20 7.20 -29.98
N ARG G 195 5.08 6.55 -29.66
CA ARG G 195 5.02 5.13 -29.21
C ARG G 195 5.00 4.22 -30.44
N TYR G 196 6.18 3.79 -30.91
CA TYR G 196 6.35 2.88 -32.07
C TYR G 196 6.80 1.50 -31.59
N SER G 197 6.42 0.46 -32.34
CA SER G 197 7.07 -0.87 -32.35
C SER G 197 7.96 -0.96 -33.61
N GLU G 198 7.38 -0.59 -34.75
CA GLU G 198 8.06 -0.43 -36.07
C GLU G 198 8.27 1.06 -36.35
N LEU G 199 9.53 1.50 -36.45
CA LEU G 199 9.90 2.91 -36.74
C LEU G 199 9.50 3.25 -38.17
N PRO G 200 8.76 4.35 -38.40
CA PRO G 200 8.60 4.91 -39.75
C PRO G 200 9.95 5.38 -40.34
N VAL G 201 10.00 5.54 -41.66
CA VAL G 201 11.22 5.98 -42.41
C VAL G 201 10.86 7.17 -43.30
N SER G 202 11.66 8.24 -43.23
CA SER G 202 11.60 9.43 -44.13
C SER G 202 13.00 10.07 -44.20
N ASP G 203 13.43 10.45 -45.41
CA ASP G 203 14.82 10.85 -45.75
C ASP G 203 15.38 11.86 -44.72
N ASN G 204 14.55 12.79 -44.25
CA ASN G 204 14.98 13.96 -43.43
C ASN G 204 14.69 13.75 -41.95
N ILE G 205 13.98 12.67 -41.59
CA ILE G 205 13.37 12.47 -40.24
C ILE G 205 14.14 11.37 -39.48
N ASP G 206 14.45 11.62 -38.21
CA ASP G 206 15.04 10.65 -37.24
C ASP G 206 13.94 10.23 -36.25
N PHE G 207 13.20 9.17 -36.57
CA PHE G 207 12.06 8.66 -35.77
C PHE G 207 12.57 7.95 -34.51
N ILE G 208 12.20 8.47 -33.34
CA ILE G 208 12.61 7.95 -32.00
C ILE G 208 11.39 7.31 -31.34
N ASN G 209 11.53 6.09 -30.80
CA ASN G 209 10.54 5.47 -29.89
C ASN G 209 10.80 5.98 -28.47
N GLY G 210 9.74 6.39 -27.77
CA GLY G 210 9.83 6.91 -26.39
C GLY G 210 8.47 7.01 -25.74
N ASN G 211 8.40 7.77 -24.64
CA ASN G 211 7.18 7.98 -23.82
C ASN G 211 7.33 9.33 -23.11
N PHE G 212 6.52 10.33 -23.47
CA PHE G 212 6.66 11.74 -22.98
C PHE G 212 6.19 11.85 -21.53
N LEU G 213 5.58 10.78 -20.99
CA LEU G 213 5.20 10.67 -19.56
C LEU G 213 6.44 10.35 -18.71
N ASN G 214 7.38 9.55 -19.26
CA ASN G 214 8.64 9.17 -18.59
C ASN G 214 9.69 10.27 -18.80
N SER G 215 10.02 10.57 -20.05
CA SER G 215 11.19 11.41 -20.44
C SER G 215 11.00 12.04 -21.82
N ILE G 216 11.52 13.26 -21.99
CA ILE G 216 11.75 13.95 -23.30
C ILE G 216 13.26 14.05 -23.48
N PRO G 217 13.84 13.65 -24.63
CA PRO G 217 15.28 13.74 -24.83
C PRO G 217 15.76 15.19 -24.99
N SER G 218 16.81 15.57 -24.26
CA SER G 218 17.44 16.91 -24.30
C SER G 218 18.36 17.03 -25.53
N GLY G 219 18.74 18.25 -25.89
CA GLY G 219 19.63 18.56 -27.02
C GLY G 219 18.87 18.96 -28.26
N TYR G 220 17.74 19.68 -28.10
CA TYR G 220 16.94 20.28 -29.19
C TYR G 220 16.60 21.72 -28.80
N ASP G 221 16.79 22.66 -29.73
CA ASP G 221 16.57 24.11 -29.53
C ASP G 221 15.08 24.44 -29.75
N LEU G 222 14.38 23.64 -30.57
CA LEU G 222 12.91 23.75 -30.75
C LEU G 222 12.25 22.39 -30.45
N TYR G 223 11.19 22.40 -29.65
CA TYR G 223 10.28 21.26 -29.36
C TYR G 223 8.87 21.60 -29.85
N ILE G 224 8.16 20.61 -30.40
CA ILE G 224 6.76 20.75 -30.90
C ILE G 224 5.87 19.73 -30.19
N LEU G 225 4.64 20.12 -29.87
CA LEU G 225 3.60 19.29 -29.19
C LEU G 225 2.22 19.70 -29.71
N LYS G 226 1.77 19.11 -30.82
CA LYS G 226 0.50 19.47 -31.49
C LYS G 226 -0.59 18.47 -31.10
N ASN G 227 -1.74 18.97 -30.61
CA ASN G 227 -2.97 18.20 -30.32
C ASN G 227 -2.63 16.95 -29.49
N VAL G 228 -1.95 17.14 -28.36
CA VAL G 228 -1.54 16.03 -27.43
C VAL G 228 -2.29 16.19 -26.10
N LEU G 229 -2.29 17.40 -25.52
CA LEU G 229 -2.74 17.65 -24.12
C LEU G 229 -4.24 17.38 -23.96
N HIS G 230 -5.04 17.52 -25.02
CA HIS G 230 -6.51 17.27 -24.97
C HIS G 230 -6.81 15.77 -24.85
N ASN G 231 -5.78 14.91 -24.90
CA ASN G 231 -5.89 13.43 -24.69
C ASN G 231 -5.42 13.05 -23.28
N TRP G 232 -5.30 14.02 -22.36
CA TRP G 232 -4.75 13.80 -20.99
C TRP G 232 -5.47 14.70 -19.98
N SER G 233 -5.44 14.29 -18.70
CA SER G 233 -6.02 15.01 -17.54
C SER G 233 -5.15 16.24 -17.21
N ASP G 234 -5.51 16.98 -16.14
CA ASP G 234 -4.75 18.16 -15.65
C ASP G 234 -3.34 17.72 -15.23
N SER G 235 -3.26 16.70 -14.37
CA SER G 235 -2.01 16.19 -13.74
C SER G 235 -1.04 15.65 -14.80
N ASP G 236 -1.54 14.80 -15.71
CA ASP G 236 -0.75 14.22 -16.84
C ASP G 236 -0.18 15.33 -17.72
N SER G 237 -1.00 16.35 -18.04
CA SER G 237 -0.60 17.51 -18.87
C SER G 237 0.55 18.25 -18.19
N ILE G 238 0.45 18.48 -16.87
CA ILE G 238 1.52 19.13 -16.05
C ILE G 238 2.76 18.22 -16.08
N LEU G 239 2.58 16.91 -15.82
CA LEU G 239 3.66 15.90 -15.84
C LEU G 239 4.43 15.97 -17.16
N ILE G 240 3.72 15.99 -18.29
CA ILE G 240 4.30 16.09 -19.66
C ILE G 240 5.17 17.35 -19.73
N LEU G 241 4.58 18.52 -19.45
CA LEU G 241 5.24 19.84 -19.55
C LEU G 241 6.43 19.93 -18.57
N GLU G 242 6.34 19.22 -17.44
CA GLU G 242 7.45 19.10 -16.44
C GLU G 242 8.63 18.37 -17.09
N ASN G 243 8.35 17.35 -17.91
CA ASN G 243 9.37 16.53 -18.63
C ASN G 243 9.99 17.36 -19.76
N PHE G 244 9.21 18.28 -20.37
CA PHE G 244 9.69 19.26 -21.37
C PHE G 244 10.67 20.24 -20.71
N ARG G 245 10.27 20.81 -19.56
CA ARG G 245 11.05 21.82 -18.81
C ARG G 245 12.42 21.24 -18.43
N LYS G 246 12.47 19.99 -17.96
CA LYS G 246 13.72 19.27 -17.63
C LYS G 246 14.61 19.14 -18.87
N ALA G 247 14.02 18.72 -19.99
CA ALA G 247 14.70 18.45 -21.29
C ALA G 247 15.23 19.73 -21.92
N MET G 248 14.54 20.85 -21.71
CA MET G 248 14.86 22.17 -22.33
C MET G 248 15.91 22.91 -21.50
N ASP G 249 16.69 23.77 -22.15
CA ASP G 249 17.57 24.79 -21.52
C ASP G 249 16.94 26.16 -21.73
N LYS G 250 17.59 27.24 -21.26
CA LYS G 250 17.05 28.63 -21.31
C LYS G 250 16.82 29.05 -22.77
N ASN G 251 17.72 28.71 -23.68
CA ASN G 251 17.64 29.07 -25.12
C ASN G 251 16.59 28.22 -25.84
N SER G 252 16.29 27.01 -25.34
CA SER G 252 15.32 26.06 -25.95
C SER G 252 13.93 26.69 -25.99
N SER G 253 13.17 26.40 -27.06
CA SER G 253 11.78 26.89 -27.28
C SER G 253 10.84 25.70 -27.47
N LEU G 254 9.62 25.78 -26.92
CA LEU G 254 8.55 24.76 -27.06
C LEU G 254 7.34 25.41 -27.73
N LEU G 255 6.92 24.89 -28.89
CA LEU G 255 5.67 25.29 -29.58
C LEU G 255 4.53 24.37 -29.10
N LEU G 256 3.74 24.85 -28.13
CA LEU G 256 2.48 24.19 -27.71
C LEU G 256 1.38 24.62 -28.68
N ILE G 257 1.05 23.74 -29.63
CA ILE G 257 -0.05 23.93 -30.62
C ILE G 257 -1.16 22.93 -30.26
N ASN G 258 -2.40 23.39 -30.17
CA ASN G 258 -3.56 22.56 -29.74
C ASN G 258 -4.87 23.28 -30.08
N MET G 259 -5.90 22.51 -30.43
CA MET G 259 -7.29 23.01 -30.54
C MET G 259 -7.68 23.64 -29.20
N VAL G 260 -8.28 24.84 -29.26
CA VAL G 260 -8.57 25.70 -28.06
C VAL G 260 -10.09 25.81 -27.91
N LYS G 261 -10.56 26.00 -26.67
CA LYS G 261 -12.00 26.19 -26.35
C LYS G 261 -12.40 27.64 -26.68
N GLU G 262 -13.42 27.80 -27.53
CA GLU G 262 -14.07 29.11 -27.84
C GLU G 262 -15.58 28.90 -27.82
N PRO G 263 -16.35 29.72 -27.07
CA PRO G 263 -17.81 29.58 -26.99
C PRO G 263 -18.56 29.51 -28.33
N GLU G 264 -17.95 30.01 -29.41
CA GLU G 264 -18.59 30.14 -30.76
C GLU G 264 -18.60 28.79 -31.50
N PHE G 265 -18.02 27.73 -30.91
CA PHE G 265 -17.88 26.39 -31.52
C PHE G 265 -18.47 25.32 -30.59
N SER G 266 -18.73 24.12 -31.13
CA SER G 266 -19.43 22.99 -30.47
C SER G 266 -18.59 22.44 -29.30
N ARG G 267 -19.27 21.85 -28.31
CA ARG G 267 -18.65 21.16 -27.14
C ARG G 267 -18.52 19.65 -27.41
N SER G 268 -18.94 19.18 -28.60
CA SER G 268 -19.03 17.74 -28.93
C SER G 268 -17.65 17.08 -28.82
N PHE G 269 -16.60 17.76 -29.29
CA PHE G 269 -15.20 17.25 -29.25
C PHE G 269 -14.74 17.08 -27.80
N ASP G 270 -15.11 18.02 -26.92
CA ASP G 270 -14.80 17.98 -25.46
C ASP G 270 -15.35 16.69 -24.85
N ILE G 271 -16.59 16.31 -25.22
CA ILE G 271 -17.28 15.07 -24.75
C ILE G 271 -16.52 13.85 -25.28
N LEU G 272 -16.05 13.90 -26.52
CA LEU G 272 -15.29 12.80 -27.19
C LEU G 272 -13.98 12.55 -26.44
N MET G 273 -13.25 13.61 -26.09
CA MET G 273 -11.97 13.52 -25.32
C MET G 273 -12.26 12.96 -23.92
N ASP G 274 -13.47 13.18 -23.39
CA ASP G 274 -13.94 12.61 -22.10
C ASP G 274 -14.11 11.10 -22.26
N VAL G 275 -14.76 10.67 -23.36
CA VAL G 275 -15.08 9.24 -23.66
C VAL G 275 -13.78 8.46 -23.86
N LEU G 276 -12.87 8.95 -24.71
CA LEU G 276 -11.70 8.20 -25.23
C LEU G 276 -10.53 8.22 -24.24
N PHE G 277 -10.24 9.37 -23.61
CA PHE G 277 -8.98 9.64 -22.88
C PHE G 277 -9.21 10.14 -21.44
N LEU G 278 -10.45 10.47 -21.06
CA LEU G 278 -10.78 11.30 -19.86
C LEU G 278 -10.02 12.62 -19.95
N GLY G 279 -9.81 13.13 -21.17
CA GLY G 279 -9.17 14.43 -21.43
C GLY G 279 -10.23 15.52 -21.54
N LYS G 280 -9.83 16.70 -22.03
CA LYS G 280 -10.71 17.89 -22.16
C LYS G 280 -10.11 18.87 -23.17
N GLU G 281 -10.95 19.62 -23.87
CA GLU G 281 -10.56 20.83 -24.63
C GLU G 281 -10.37 21.96 -23.60
N ARG G 282 -9.39 22.84 -23.81
CA ARG G 282 -8.99 23.89 -22.84
C ARG G 282 -8.92 25.25 -23.55
N SER G 283 -9.17 26.33 -22.81
CA SER G 283 -8.93 27.74 -23.23
C SER G 283 -7.43 28.03 -23.14
N PHE G 284 -6.96 29.11 -23.77
CA PHE G 284 -5.57 29.60 -23.67
C PHE G 284 -5.18 29.77 -22.19
N THR G 285 -6.05 30.43 -21.41
CA THR G 285 -5.86 30.70 -19.96
C THR G 285 -5.59 29.39 -19.22
N GLU G 286 -6.33 28.33 -19.56
CA GLU G 286 -6.21 26.99 -18.92
C GLU G 286 -4.89 26.33 -19.32
N PHE G 287 -4.45 26.52 -20.57
CA PHE G 287 -3.13 26.03 -21.08
C PHE G 287 -1.99 26.79 -20.41
N GLU G 288 -2.13 28.11 -20.23
CA GLU G 288 -1.11 28.99 -19.60
C GLU G 288 -0.92 28.57 -18.13
N TYR G 289 -2.00 28.21 -17.43
CA TYR G 289 -1.99 27.76 -16.02
C TYR G 289 -1.08 26.52 -15.88
N LEU G 290 -1.43 25.45 -16.60
CA LEU G 290 -0.75 24.13 -16.55
C LEU G 290 0.75 24.30 -16.86
N ALA G 291 1.08 25.20 -17.80
CA ALA G 291 2.47 25.51 -18.24
C ALA G 291 3.25 26.17 -17.09
N ASN G 292 2.62 27.12 -16.38
CA ASN G 292 3.20 27.83 -15.22
C ASN G 292 3.44 26.84 -14.08
N GLN G 293 2.53 25.86 -13.90
CA GLN G 293 2.60 24.84 -12.82
C GLN G 293 3.72 23.83 -13.13
N ALA G 294 4.14 23.71 -14.39
CA ALA G 294 5.18 22.78 -14.86
C ALA G 294 6.56 23.46 -14.87
N GLY G 295 6.60 24.80 -14.71
CA GLY G 295 7.83 25.62 -14.64
C GLY G 295 8.20 26.23 -15.99
N LEU G 296 7.19 26.57 -16.80
CA LEU G 296 7.35 27.23 -18.13
C LEU G 296 6.61 28.57 -18.12
N VAL G 297 6.94 29.47 -19.06
CA VAL G 297 6.25 30.79 -19.22
C VAL G 297 5.89 30.99 -20.70
N VAL G 298 4.75 31.64 -20.94
CA VAL G 298 4.30 32.08 -22.29
C VAL G 298 5.22 33.22 -22.75
N GLN G 299 5.81 33.08 -23.93
CA GLN G 299 6.64 34.12 -24.61
C GLN G 299 5.80 34.82 -25.69
N GLU G 300 5.00 34.06 -26.43
CA GLU G 300 4.18 34.54 -27.57
C GLU G 300 2.93 33.67 -27.69
N THR G 301 1.80 34.29 -28.09
CA THR G 301 0.49 33.62 -28.32
C THR G 301 -0.09 34.09 -29.66
N LYS G 302 -0.60 33.17 -30.47
CA LYS G 302 -1.21 33.45 -31.79
C LYS G 302 -2.43 32.53 -31.99
N VAL G 303 -3.37 32.95 -32.84
CA VAL G 303 -4.58 32.15 -33.17
C VAL G 303 -4.45 31.64 -34.61
N ILE G 304 -4.71 30.36 -34.82
CA ILE G 304 -4.77 29.69 -36.15
C ILE G 304 -6.19 29.14 -36.32
N ASP G 305 -6.89 29.56 -37.38
CA ASP G 305 -8.27 29.10 -37.70
C ASP G 305 -8.19 27.99 -38.74
N GLN G 306 -8.37 26.74 -38.30
CA GLN G 306 -8.66 25.58 -39.17
C GLN G 306 -10.18 25.54 -39.39
N SER G 307 -10.62 24.94 -40.49
CA SER G 307 -12.05 24.81 -40.90
C SER G 307 -12.87 24.14 -39.78
N TYR G 308 -12.27 23.18 -39.06
CA TYR G 308 -12.96 22.29 -38.08
C TYR G 308 -12.90 22.87 -36.66
N SER G 309 -11.88 23.67 -36.34
CA SER G 309 -11.66 24.22 -34.98
C SER G 309 -10.71 25.41 -35.01
N PRO G 310 -10.81 26.35 -34.04
CA PRO G 310 -9.71 27.29 -33.76
C PRO G 310 -8.60 26.58 -32.98
N TYR G 311 -7.36 27.06 -33.12
CA TYR G 311 -6.15 26.55 -32.43
C TYR G 311 -5.51 27.68 -31.61
N SER G 312 -4.79 27.29 -30.56
CA SER G 312 -3.89 28.18 -29.77
C SER G 312 -2.44 27.78 -30.05
N PHE G 313 -1.69 28.66 -30.72
CA PHE G 313 -0.22 28.59 -30.88
C PHE G 313 0.41 29.29 -29.67
N ILE G 314 1.13 28.54 -28.83
CA ILE G 314 1.74 29.05 -27.58
C ILE G 314 3.24 28.67 -27.55
N LYS G 315 4.11 29.67 -27.70
CA LYS G 315 5.59 29.52 -27.54
C LYS G 315 5.91 29.48 -26.05
N LEU G 316 6.61 28.45 -25.58
CA LEU G 316 6.91 28.18 -24.16
C LEU G 316 8.43 28.08 -23.95
N GLN G 317 8.91 28.61 -22.83
CA GLN G 317 10.34 28.58 -22.40
C GLN G 317 10.40 28.39 -20.88
N ILE G 318 11.47 27.76 -20.38
CA ILE G 318 11.67 27.47 -18.93
C ILE G 318 11.78 28.80 -18.17
N LYS G 319 11.32 28.82 -16.92
CA LYS G 319 11.40 29.99 -16.00
C LYS G 319 12.87 30.24 -15.65
N SER H 1 -4.69 4.88 56.91
CA SER H 1 -5.86 4.33 56.18
C SER H 1 -5.42 3.16 55.29
N MET H 2 -6.36 2.30 54.90
CA MET H 2 -6.11 1.13 54.00
C MET H 2 -5.99 1.63 52.56
N LEU H 3 -6.50 2.83 52.27
CA LEU H 3 -6.53 3.42 50.89
C LEU H 3 -5.15 3.99 50.55
N THR H 4 -4.59 4.84 51.40
CA THR H 4 -3.26 5.50 51.20
C THR H 4 -2.18 4.42 51.09
N GLU H 5 -2.20 3.41 51.95
CA GLU H 5 -1.20 2.30 51.96
C GLU H 5 -1.34 1.49 50.67
N LEU H 6 -2.55 1.35 50.13
CA LEU H 6 -2.80 0.70 48.81
C LEU H 6 -2.22 1.58 47.70
N ILE H 7 -2.50 2.89 47.74
CA ILE H 7 -1.95 3.89 46.78
C ILE H 7 -0.42 3.80 46.79
N ALA H 8 0.18 3.62 47.97
CA ALA H 8 1.64 3.56 48.21
C ALA H 8 2.12 2.10 48.27
N SER H 9 1.52 1.21 47.47
CA SER H 9 1.90 -0.23 47.38
C SER H 9 3.29 -0.37 46.76
N ASN H 10 3.69 0.58 45.91
CA ASN H 10 5.02 0.63 45.23
C ASN H 10 6.13 0.69 46.27
N ARG H 11 5.90 1.30 47.44
CA ARG H 11 6.91 1.45 48.52
C ARG H 11 7.34 0.07 49.01
N ARG H 12 6.42 -0.90 49.02
CA ARG H 12 6.67 -2.31 49.45
C ARG H 12 7.70 -2.94 48.50
N SER H 13 7.49 -2.78 47.19
CA SER H 13 8.40 -3.30 46.12
C SER H 13 9.78 -2.64 46.24
N ALA H 14 9.81 -1.32 46.41
CA ALA H 14 11.03 -0.48 46.45
C ALA H 14 11.84 -0.78 47.71
N ALA H 15 11.17 -1.07 48.83
CA ALA H 15 11.80 -1.41 50.12
C ALA H 15 12.49 -2.78 50.03
N ILE H 16 11.86 -3.74 49.36
CA ILE H 16 12.42 -5.11 49.14
C ILE H 16 13.59 -5.00 48.15
N HIS H 17 13.45 -4.18 47.12
CA HIS H 17 14.49 -3.93 46.09
C HIS H 17 15.78 -3.46 46.75
N ALA H 18 15.70 -2.35 47.50
CA ALA H 18 16.84 -1.72 48.22
C ALA H 18 17.55 -2.75 49.12
N PHE H 19 16.78 -3.65 49.72
CA PHE H 19 17.29 -4.73 50.63
C PHE H 19 18.08 -5.76 49.81
N VAL H 20 17.51 -6.24 48.70
CA VAL H 20 18.04 -7.39 47.89
C VAL H 20 19.04 -6.87 46.85
N ASP H 21 18.71 -5.81 46.10
CA ASP H 21 19.55 -5.24 45.01
C ASP H 21 20.94 -4.84 45.56
N THR H 22 20.99 -4.31 46.79
CA THR H 22 22.25 -3.92 47.49
C THR H 22 23.04 -5.17 47.86
N GLY H 23 22.35 -6.30 48.09
CA GLY H 23 22.94 -7.59 48.48
C GLY H 23 22.93 -7.80 49.99
N LEU H 24 22.39 -6.83 50.74
CA LEU H 24 22.30 -6.87 52.23
C LEU H 24 21.50 -8.11 52.67
N SER H 25 20.58 -8.59 51.82
CA SER H 25 19.75 -9.80 52.06
C SER H 25 20.61 -11.06 52.19
N THR H 26 21.76 -11.09 51.49
CA THR H 26 22.65 -12.28 51.37
C THR H 26 23.38 -12.57 52.69
N HIS H 27 23.30 -11.67 53.68
CA HIS H 27 23.89 -11.83 55.04
C HIS H 27 22.87 -12.45 56.01
N PHE H 28 21.67 -12.75 55.55
CA PHE H 28 20.57 -13.37 56.33
C PHE H 28 20.40 -14.85 55.92
N LYS H 29 21.53 -15.53 55.68
CA LYS H 29 21.57 -16.94 55.20
C LYS H 29 21.13 -17.89 56.32
N ASP H 30 20.35 -18.92 55.97
CA ASP H 30 20.02 -20.09 56.82
C ASP H 30 19.19 -19.65 58.04
N GLY H 31 18.23 -18.74 57.84
CA GLY H 31 17.32 -18.23 58.88
C GLY H 31 18.07 -17.73 60.11
N ILE H 32 19.26 -17.15 59.91
CA ILE H 32 20.11 -16.54 61.00
C ILE H 32 19.44 -15.24 61.48
N TYR H 33 19.51 -14.97 62.78
CA TYR H 33 19.13 -13.67 63.39
C TYR H 33 20.34 -12.73 63.33
N VAL H 34 20.29 -11.77 62.40
CA VAL H 34 21.41 -10.82 62.11
C VAL H 34 21.32 -9.65 63.10
N ASP H 35 22.44 -9.30 63.74
CA ASP H 35 22.61 -8.04 64.50
C ASP H 35 22.94 -6.93 63.49
N ILE H 36 22.07 -5.91 63.40
CA ILE H 36 22.21 -4.76 62.45
C ILE H 36 23.52 -4.04 62.76
N SER H 37 23.85 -3.91 64.05
CA SER H 37 25.12 -3.31 64.55
C SER H 37 26.31 -3.99 63.87
N GLU H 38 26.43 -5.32 64.00
CA GLU H 38 27.52 -6.16 63.42
C GLU H 38 27.57 -5.97 61.90
N LEU H 39 26.41 -5.96 61.23
CA LEU H 39 26.28 -5.79 59.76
C LEU H 39 26.70 -4.36 59.36
N SER H 40 26.32 -3.36 60.15
CA SER H 40 26.64 -1.93 59.94
C SER H 40 28.15 -1.69 60.00
N ARG H 41 28.85 -2.36 60.92
CA ARG H 41 30.34 -2.34 61.03
C ARG H 41 30.94 -2.93 59.75
N LYS H 42 30.55 -4.16 59.42
CA LYS H 42 31.14 -5.02 58.36
C LYS H 42 30.86 -4.40 56.98
N SER H 43 29.58 -4.30 56.60
CA SER H 43 29.12 -3.89 55.25
C SER H 43 29.32 -2.38 55.02
N GLY H 44 29.50 -1.60 56.10
CA GLY H 44 29.66 -0.14 56.04
C GLY H 44 28.37 0.55 55.63
N VAL H 45 27.25 0.15 56.24
CA VAL H 45 25.89 0.72 56.01
C VAL H 45 25.49 1.55 57.23
N ASN H 46 24.68 2.60 57.03
CA ASN H 46 24.13 3.47 58.10
C ASN H 46 23.18 2.64 58.97
N TYR H 47 23.53 2.45 60.25
CA TYR H 47 22.76 1.63 61.22
C TYR H 47 21.33 2.18 61.35
N ALA H 48 21.21 3.44 61.77
CA ALA H 48 19.94 4.11 62.11
C ALA H 48 18.95 4.00 60.93
N ARG H 49 19.41 4.31 59.72
CA ARG H 49 18.57 4.39 58.49
C ARG H 49 18.23 2.98 58.00
N PHE H 50 19.12 2.00 58.17
CA PHE H 50 18.90 0.58 57.78
C PHE H 50 17.99 -0.10 58.80
N SER H 51 18.15 0.22 60.09
CA SER H 51 17.30 -0.28 61.21
C SER H 51 15.82 0.03 60.91
N ARG H 52 15.55 1.21 60.35
CA ARG H 52 14.19 1.70 60.01
C ARG H 52 13.62 0.89 58.84
N LEU H 53 14.44 0.57 57.83
CA LEU H 53 14.04 -0.27 56.66
C LEU H 53 13.67 -1.67 57.14
N CYS H 54 14.36 -2.19 58.16
CA CYS H 54 14.13 -3.54 58.76
C CYS H 54 12.77 -3.58 59.47
N ASP H 55 12.37 -2.47 60.12
CA ASP H 55 11.04 -2.33 60.80
C ASP H 55 9.92 -2.38 59.75
N PHE H 56 10.11 -1.69 58.61
CA PHE H 56 9.15 -1.68 57.48
C PHE H 56 9.08 -3.09 56.86
N LEU H 57 10.23 -3.78 56.80
CA LEU H 57 10.36 -5.15 56.25
C LEU H 57 9.72 -6.17 57.22
N VAL H 58 9.73 -5.87 58.53
CA VAL H 58 9.03 -6.68 59.58
C VAL H 58 7.52 -6.53 59.39
N GLU H 59 7.04 -5.29 59.21
CA GLU H 59 5.60 -4.93 59.01
C GLU H 59 5.04 -5.72 57.82
N MET H 60 5.80 -5.80 56.72
CA MET H 60 5.42 -6.54 55.49
C MET H 60 5.33 -8.04 55.80
N GLY H 61 6.25 -8.57 56.61
CA GLY H 61 6.37 -10.00 56.95
C GLY H 61 7.62 -10.62 56.36
N VAL H 62 8.50 -9.82 55.75
CA VAL H 62 9.77 -10.27 55.08
C VAL H 62 10.80 -10.64 56.15
N LEU H 63 10.95 -9.78 57.17
CA LEU H 63 11.86 -10.00 58.34
C LEU H 63 11.03 -10.32 59.58
N VAL H 64 11.61 -11.10 60.50
CA VAL H 64 11.05 -11.43 61.85
C VAL H 64 11.98 -10.80 62.91
N SER H 65 11.40 -10.08 63.87
CA SER H 65 12.13 -9.31 64.92
C SER H 65 12.17 -10.11 66.22
N ASN H 66 13.36 -10.24 66.82
CA ASN H 66 13.58 -10.94 68.12
C ASN H 66 14.87 -10.42 68.76
N ASP H 67 14.75 -9.77 69.91
CA ASP H 67 15.89 -9.34 70.79
C ASP H 67 16.78 -8.35 70.03
N ASN H 68 16.16 -7.37 69.35
CA ASN H 68 16.84 -6.29 68.60
C ASN H 68 17.66 -6.89 67.44
N LYS H 69 17.22 -8.05 66.93
CA LYS H 69 17.86 -8.76 65.79
C LYS H 69 16.76 -9.22 64.83
N PHE H 70 17.09 -9.33 63.54
CA PHE H 70 16.14 -9.63 62.44
C PHE H 70 16.63 -10.87 61.66
N ARG H 71 15.70 -11.77 61.36
CA ARG H 71 15.91 -12.92 60.42
C ARG H 71 14.87 -12.82 59.30
N LEU H 72 15.18 -13.38 58.13
CA LEU H 72 14.21 -13.56 57.01
C LEU H 72 13.12 -14.55 57.47
N SER H 73 11.86 -14.30 57.09
CA SER H 73 10.71 -15.20 57.36
C SER H 73 10.89 -16.50 56.56
N ASP H 74 10.10 -17.53 56.88
CA ASP H 74 10.20 -18.88 56.27
C ASP H 74 10.07 -18.76 54.75
N GLU H 75 9.07 -18.01 54.27
CA GLU H 75 8.74 -17.84 52.83
C GLU H 75 9.81 -16.99 52.13
N CYS H 76 10.48 -16.09 52.87
CA CYS H 76 11.40 -15.05 52.31
C CYS H 76 12.87 -15.45 52.49
N HIS H 77 13.17 -16.73 52.70
CA HIS H 77 14.56 -17.26 52.79
C HIS H 77 15.26 -17.11 51.44
N VAL H 78 14.47 -17.09 50.34
CA VAL H 78 14.93 -16.99 48.93
C VAL H 78 15.72 -15.69 48.71
N PHE H 79 15.42 -14.62 49.45
CA PHE H 79 16.07 -13.29 49.32
C PHE H 79 17.57 -13.37 49.65
N ALA H 80 17.95 -14.29 50.54
CA ALA H 80 19.36 -14.56 50.94
C ALA H 80 20.15 -15.13 49.76
N ASN H 81 19.48 -15.87 48.87
CA ASN H 81 20.07 -16.53 47.67
C ASN H 81 19.98 -15.56 46.49
N PRO H 82 21.13 -15.03 45.98
CA PRO H 82 21.10 -14.07 44.86
C PRO H 82 20.81 -14.70 43.49
N GLU H 83 20.77 -16.03 43.41
CA GLU H 83 20.50 -16.80 42.16
C GLU H 83 19.00 -17.14 42.07
N SER H 84 18.25 -17.04 43.17
CA SER H 84 16.80 -17.36 43.26
C SER H 84 16.02 -16.50 42.25
N PHE H 85 14.90 -17.00 41.75
CA PHE H 85 14.03 -16.33 40.75
C PHE H 85 13.40 -15.07 41.37
N GLU H 86 13.18 -15.09 42.70
CA GLU H 86 12.59 -13.95 43.45
C GLU H 86 13.55 -12.75 43.41
N SER H 87 14.85 -13.01 43.60
CA SER H 87 15.94 -12.00 43.58
C SER H 87 16.04 -11.35 42.19
N PHE H 88 15.81 -12.11 41.11
CA PHE H 88 15.85 -11.62 39.71
C PHE H 88 14.58 -10.82 39.43
N MET H 89 13.42 -11.33 39.87
CA MET H 89 12.08 -10.70 39.70
C MET H 89 12.11 -9.28 40.28
N ILE H 90 12.64 -9.14 41.49
CA ILE H 90 12.79 -7.84 42.21
C ILE H 90 13.46 -6.81 41.29
N LYS H 91 14.70 -7.11 40.86
CA LYS H 91 15.58 -6.17 40.11
C LYS H 91 14.83 -5.62 38.90
N LEU H 92 14.17 -6.49 38.13
CA LEU H 92 13.40 -6.12 36.90
C LEU H 92 12.13 -5.34 37.25
N GLU H 93 11.42 -5.76 38.30
CA GLU H 93 10.03 -5.32 38.63
C GLU H 93 9.96 -3.79 38.63
N ILE H 94 10.77 -3.13 39.47
CA ILE H 94 10.77 -1.63 39.61
C ILE H 94 12.06 -1.05 38.99
N CYS H 95 12.56 -1.67 37.91
CA CYS H 95 13.64 -1.10 37.07
C CYS H 95 13.09 0.08 36.26
N SER H 96 13.97 1.02 35.88
CA SER H 96 13.63 2.27 35.15
C SER H 96 12.68 1.98 33.97
N HIS H 97 12.95 0.91 33.22
CA HIS H 97 12.26 0.58 31.93
C HIS H 97 10.82 0.12 32.21
N TYR H 98 10.60 -0.71 33.24
CA TYR H 98 9.28 -1.23 33.66
C TYR H 98 8.44 -0.07 34.22
N SER H 99 9.01 0.68 35.17
CA SER H 99 8.46 1.95 35.72
C SER H 99 7.84 2.77 34.59
N ASN H 100 8.67 3.21 33.63
CA ASN H 100 8.29 4.14 32.53
C ASN H 100 7.24 3.51 31.63
N ALA H 101 7.20 2.17 31.54
CA ALA H 101 6.17 1.40 30.80
C ALA H 101 4.82 1.54 31.52
N TRP H 102 4.81 1.41 32.85
CA TRP H 102 3.60 1.54 33.70
C TRP H 102 3.03 2.97 33.60
N LEU H 103 3.90 3.97 33.41
CA LEU H 103 3.49 5.40 33.27
C LEU H 103 2.76 5.61 31.93
N MET H 104 3.06 4.80 30.90
CA MET H 104 2.41 4.90 29.56
C MET H 104 1.20 3.96 29.48
N TYR H 105 0.97 3.11 30.50
CA TYR H 105 -0.13 2.11 30.53
C TYR H 105 -1.49 2.81 30.41
N GLY H 106 -1.68 3.91 31.14
CA GLY H 106 -2.89 4.75 31.07
C GLY H 106 -3.21 5.16 29.64
N LYS H 107 -2.24 5.77 28.95
CA LYS H 107 -2.39 6.32 27.58
C LYS H 107 -2.58 5.18 26.56
N SER H 108 -1.93 4.03 26.80
CA SER H 108 -1.93 2.84 25.90
C SER H 108 -3.36 2.31 25.72
N LEU H 109 -4.22 2.45 26.74
CA LEU H 109 -5.63 1.95 26.76
C LEU H 109 -6.48 2.67 25.71
N PHE H 110 -6.15 3.92 25.36
CA PHE H 110 -6.95 4.79 24.46
C PHE H 110 -6.49 4.61 23.00
N GLU H 111 -5.18 4.57 22.76
CA GLU H 111 -4.57 4.50 21.40
C GLU H 111 -4.48 3.04 20.96
N ASP H 112 -4.98 2.75 19.75
CA ASP H 112 -5.06 1.38 19.15
C ASP H 112 -4.11 1.31 17.96
N ASP H 113 -2.80 1.47 18.22
CA ASP H 113 -1.71 1.37 17.21
C ASP H 113 -1.20 -0.08 17.16
N GLY H 114 -1.50 -0.88 18.18
CA GLY H 114 -0.92 -2.23 18.39
C GLY H 114 0.43 -2.15 19.09
N LYS H 115 0.76 -0.97 19.63
CA LYS H 115 2.03 -0.70 20.35
C LYS H 115 1.77 -0.81 21.86
N SER H 116 2.51 -1.66 22.56
CA SER H 116 2.40 -1.88 24.02
C SER H 116 2.78 -0.58 24.76
N ALA H 117 2.44 -0.49 26.04
CA ALA H 117 2.84 0.62 26.94
C ALA H 117 4.37 0.73 26.96
N PHE H 118 5.07 -0.40 26.84
CA PHE H 118 6.56 -0.48 26.84
C PHE H 118 7.12 0.11 25.53
N GLU H 119 6.52 -0.22 24.39
CA GLU H 119 6.93 0.29 23.05
C GLU H 119 6.76 1.82 23.05
N MET H 120 5.62 2.31 23.54
CA MET H 120 5.25 3.76 23.60
C MET H 120 6.32 4.55 24.36
N ALA H 121 6.91 3.98 25.42
CA ALA H 121 7.89 4.65 26.30
C ALA H 121 9.30 4.60 25.70
N HIS H 122 9.66 3.47 25.07
CA HIS H 122 11.05 3.11 24.72
C HIS H 122 11.30 3.16 23.20
N GLY H 123 10.24 3.02 22.38
CA GLY H 123 10.31 3.22 20.92
C GLY H 123 10.20 1.91 20.15
N ARG H 124 10.61 0.79 20.75
CA ARG H 124 10.55 -0.58 20.14
C ARG H 124 9.84 -1.54 21.08
N PRO H 125 9.21 -2.63 20.57
CA PRO H 125 8.61 -3.65 21.43
C PRO H 125 9.66 -4.34 22.31
N PHE H 126 9.20 -5.08 23.32
CA PHE H 126 9.99 -5.56 24.49
C PHE H 126 11.24 -6.32 24.03
N PHE H 127 11.06 -7.45 23.34
CA PHE H 127 12.13 -8.42 23.00
C PHE H 127 13.12 -7.78 22.01
N GLU H 128 12.61 -6.95 21.09
CA GLU H 128 13.46 -6.19 20.12
C GLU H 128 14.35 -5.21 20.89
N TYR H 129 13.81 -4.51 21.89
CA TYR H 129 14.54 -3.53 22.74
C TYR H 129 15.61 -4.26 23.57
N LEU H 130 15.29 -5.46 24.06
CA LEU H 130 16.21 -6.29 24.90
C LEU H 130 17.48 -6.64 24.12
N ASP H 131 17.40 -6.75 22.78
CA ASP H 131 18.57 -6.97 21.88
C ASP H 131 19.68 -5.97 22.20
N GLY H 132 19.30 -4.70 22.46
CA GLY H 132 20.24 -3.59 22.66
C GLY H 132 20.33 -3.12 24.11
N ASN H 133 19.90 -3.96 25.07
CA ASN H 133 20.00 -3.66 26.53
C ASN H 133 20.42 -4.94 27.27
N LYS H 134 21.67 -4.97 27.73
CA LYS H 134 22.32 -6.15 28.37
C LYS H 134 21.68 -6.41 29.75
N PHE H 135 21.34 -5.35 30.49
CA PHE H 135 20.73 -5.42 31.85
C PHE H 135 19.40 -6.17 31.79
N LEU H 136 18.48 -5.71 30.94
CA LEU H 136 17.12 -6.29 30.79
C LEU H 136 17.23 -7.74 30.32
N LYS H 137 18.02 -7.99 29.27
CA LYS H 137 18.10 -9.33 28.61
C LYS H 137 18.68 -10.35 29.60
N SER H 138 19.80 -10.03 30.25
CA SER H 138 20.54 -10.92 31.17
C SER H 138 19.63 -11.33 32.34
N ASN H 139 18.98 -10.37 32.98
CA ASN H 139 18.14 -10.56 34.19
C ASN H 139 16.82 -11.25 33.82
N PHE H 140 16.25 -10.93 32.66
CA PHE H 140 15.02 -11.56 32.12
C PHE H 140 15.29 -13.03 31.83
N ASP H 141 16.29 -13.31 30.99
CA ASP H 141 16.74 -14.69 30.64
C ASP H 141 17.03 -15.46 31.93
N ALA H 142 17.72 -14.83 32.89
CA ALA H 142 18.07 -15.41 34.22
C ALA H 142 16.79 -15.84 34.94
N LEU H 143 15.78 -14.97 34.99
CA LEU H 143 14.46 -15.25 35.61
C LEU H 143 13.83 -16.47 34.93
N MET H 144 13.66 -16.40 33.61
CA MET H 144 13.02 -17.47 32.79
C MET H 144 13.73 -18.81 33.02
N THR H 145 15.06 -18.76 33.18
CA THR H 145 15.93 -19.95 33.45
C THR H 145 15.58 -20.55 34.82
N ARG H 146 15.41 -19.70 35.85
CA ARG H 146 15.18 -20.14 37.26
C ARG H 146 13.79 -20.78 37.38
N VAL H 147 12.76 -20.20 36.75
CA VAL H 147 11.36 -20.73 36.80
C VAL H 147 11.28 -22.00 35.94
N SER H 148 12.05 -22.06 34.84
CA SER H 148 12.19 -23.25 33.96
C SER H 148 12.81 -24.40 34.76
N ASN H 149 13.81 -24.11 35.61
CA ASN H 149 14.56 -25.09 36.43
C ASN H 149 13.64 -25.73 37.48
N LEU H 150 12.64 -24.98 37.96
CA LEU H 150 11.73 -25.38 39.08
C LEU H 150 10.57 -26.24 38.57
N ILE H 151 10.33 -26.28 37.26
CA ILE H 151 9.16 -26.99 36.64
C ILE H 151 9.62 -28.28 35.95
N VAL H 152 10.93 -28.56 35.91
CA VAL H 152 11.54 -29.69 35.16
C VAL H 152 11.00 -31.01 35.71
N GLU H 153 11.34 -31.31 36.97
CA GLU H 153 10.96 -32.55 37.70
C GLU H 153 9.45 -32.80 37.60
N LYS H 154 8.64 -31.72 37.58
CA LYS H 154 7.16 -31.76 37.49
C LYS H 154 6.72 -32.16 36.08
N LEU H 155 7.43 -31.71 35.04
CA LEU H 155 7.13 -32.03 33.62
C LEU H 155 7.47 -33.50 33.35
N LEU H 156 8.69 -33.92 33.71
CA LEU H 156 9.17 -35.32 33.60
C LEU H 156 8.23 -36.25 34.36
N GLY H 157 7.73 -35.81 35.52
CA GLY H 157 6.88 -36.59 36.44
C GLY H 157 5.53 -36.97 35.83
N ILE H 158 4.94 -36.12 34.99
CA ILE H 158 3.55 -36.27 34.48
C ILE H 158 3.54 -36.72 33.01
N TYR H 159 4.68 -36.62 32.31
CA TYR H 159 4.78 -36.92 30.85
C TYR H 159 5.98 -37.82 30.55
N ASP H 160 5.77 -38.79 29.65
CA ASP H 160 6.80 -39.74 29.15
C ASP H 160 7.49 -39.12 27.94
N PHE H 161 8.64 -38.46 28.16
CA PHE H 161 9.46 -37.78 27.12
C PHE H 161 10.34 -38.81 26.39
N ASN H 162 10.48 -40.01 26.94
CA ASN H 162 11.37 -41.10 26.41
C ASN H 162 10.74 -41.70 25.14
N GLN H 163 9.43 -41.52 24.93
CA GLN H 163 8.69 -42.04 23.74
C GLN H 163 9.11 -41.26 22.49
N HIS H 164 9.62 -40.03 22.65
CA HIS H 164 9.99 -39.10 21.55
C HIS H 164 11.47 -39.25 21.20
N ASN H 165 11.85 -38.79 20.00
CA ASN H 165 13.20 -38.94 19.41
C ASN H 165 13.83 -37.55 19.20
N ARG H 166 13.16 -36.68 18.44
CA ARG H 166 13.59 -35.28 18.15
C ARG H 166 12.63 -34.31 18.86
N ILE H 167 13.17 -33.37 19.65
CA ILE H 167 12.40 -32.44 20.52
C ILE H 167 12.88 -31.00 20.28
N LEU H 168 11.95 -30.11 19.88
CA LEU H 168 12.21 -28.66 19.67
C LEU H 168 11.51 -27.84 20.76
N ASP H 169 12.28 -27.07 21.55
CA ASP H 169 11.77 -26.11 22.57
C ASP H 169 11.72 -24.71 21.92
N VAL H 170 10.56 -24.35 21.35
CA VAL H 170 10.34 -23.06 20.62
C VAL H 170 10.26 -21.93 21.66
N GLY H 171 11.16 -20.95 21.57
CA GLY H 171 11.30 -19.83 22.51
C GLY H 171 11.78 -20.31 23.88
N GLY H 172 12.82 -21.16 23.89
CA GLY H 172 13.35 -21.82 25.09
C GLY H 172 14.43 -21.00 25.80
N GLY H 173 14.62 -19.74 25.38
CA GLY H 173 15.56 -18.78 26.00
C GLY H 173 16.97 -19.31 26.04
N GLU H 174 17.50 -19.58 27.23
CA GLU H 174 18.87 -20.11 27.45
C GLU H 174 18.88 -21.64 27.28
N GLY H 175 17.70 -22.24 27.06
CA GLY H 175 17.52 -23.68 26.79
C GLY H 175 17.65 -24.51 28.06
N GLU H 176 17.31 -23.93 29.22
CA GLU H 176 17.45 -24.55 30.56
C GLU H 176 16.52 -25.76 30.70
N LEU H 177 15.35 -25.72 30.06
CA LEU H 177 14.34 -26.82 30.10
C LEU H 177 14.93 -28.09 29.49
N LEU H 178 15.39 -28.03 28.24
CA LEU H 178 15.92 -29.21 27.48
C LEU H 178 17.28 -29.64 28.04
N VAL H 179 18.04 -28.72 28.66
CA VAL H 179 19.34 -29.02 29.33
C VAL H 179 19.06 -30.02 30.48
N ARG H 180 18.10 -29.71 31.35
CA ARG H 180 17.78 -30.53 32.56
C ARG H 180 17.06 -31.82 32.14
N ILE H 181 16.22 -31.77 31.11
CA ILE H 181 15.47 -32.94 30.56
C ILE H 181 16.47 -33.93 29.94
N SER H 182 17.51 -33.44 29.25
CA SER H 182 18.55 -34.25 28.58
C SER H 182 19.40 -35.01 29.61
N GLU H 183 19.55 -34.44 30.82
CA GLU H 183 20.36 -35.02 31.94
C GLU H 183 19.62 -36.19 32.59
N LYS H 184 18.33 -36.37 32.30
CA LYS H 184 17.50 -37.51 32.79
C LYS H 184 17.18 -38.46 31.62
N VAL H 185 16.62 -37.92 30.52
CA VAL H 185 16.26 -38.69 29.29
C VAL H 185 17.38 -38.51 28.26
N LYS H 186 18.07 -39.61 27.91
CA LYS H 186 19.32 -39.60 27.08
C LYS H 186 19.02 -40.11 25.66
N GLY H 187 19.95 -39.85 24.73
CA GLY H 187 19.98 -40.44 23.38
C GLY H 187 18.93 -39.86 22.45
N LYS H 188 18.61 -38.57 22.61
CA LYS H 188 17.58 -37.83 21.81
C LYS H 188 18.27 -36.69 21.05
N HIS H 189 17.52 -36.05 20.14
CA HIS H 189 17.93 -34.83 19.39
C HIS H 189 17.21 -33.61 20.00
N TYR H 190 17.88 -32.91 20.92
CA TYR H 190 17.37 -31.71 21.64
C TYR H 190 17.73 -30.45 20.86
N ALA H 191 16.71 -29.68 20.44
CA ALA H 191 16.84 -28.40 19.71
C ALA H 191 16.10 -27.30 20.49
N VAL H 192 16.74 -26.13 20.65
CA VAL H 192 16.16 -24.91 21.28
C VAL H 192 16.14 -23.80 20.23
N LEU H 193 14.95 -23.22 19.98
CA LEU H 193 14.74 -22.09 19.03
C LEU H 193 14.43 -20.82 19.84
N ASP H 194 15.01 -19.69 19.45
CA ASP H 194 14.78 -18.35 20.06
C ASP H 194 15.41 -17.28 19.16
N ARG H 195 15.32 -16.01 19.57
CA ARG H 195 15.96 -14.86 18.88
C ARG H 195 17.36 -14.67 19.46
N TYR H 196 18.39 -15.11 18.75
CA TYR H 196 19.83 -15.03 19.15
C TYR H 196 20.62 -14.28 18.08
N SER H 197 21.63 -13.51 18.50
CA SER H 197 22.81 -13.11 17.69
C SER H 197 23.96 -14.08 18.04
N GLU H 198 24.33 -14.12 19.32
CA GLU H 198 25.25 -15.13 19.91
C GLU H 198 24.43 -16.34 20.39
N LEU H 199 24.73 -17.52 19.87
CA LEU H 199 24.05 -18.80 20.24
C LEU H 199 24.57 -19.26 21.60
N PRO H 200 23.69 -19.77 22.51
CA PRO H 200 24.14 -20.43 23.74
C PRO H 200 24.85 -21.76 23.46
N VAL H 201 25.70 -22.21 24.39
CA VAL H 201 26.60 -23.41 24.23
C VAL H 201 26.25 -24.45 25.31
N SER H 202 25.64 -25.57 24.90
CA SER H 202 25.43 -26.79 25.73
C SER H 202 25.50 -28.02 24.82
N ASP H 203 26.28 -29.04 25.22
CA ASP H 203 26.77 -30.14 24.34
C ASP H 203 25.61 -31.03 23.87
N ASN H 204 24.60 -31.24 24.71
CA ASN H 204 23.40 -32.07 24.37
C ASN H 204 22.51 -31.31 23.38
N ILE H 205 22.55 -29.96 23.42
CA ILE H 205 21.56 -29.04 22.81
C ILE H 205 22.09 -28.50 21.47
N ASP H 206 21.19 -28.36 20.49
CA ASP H 206 21.43 -27.70 19.18
C ASP H 206 20.65 -26.37 19.16
N PHE H 207 21.32 -25.24 19.40
CA PHE H 207 20.70 -23.90 19.54
C PHE H 207 20.52 -23.27 18.15
N ILE H 208 19.26 -23.05 17.76
CA ILE H 208 18.86 -22.52 16.42
C ILE H 208 18.28 -21.11 16.62
N ASN H 209 18.76 -20.13 15.84
CA ASN H 209 18.14 -18.79 15.68
C ASN H 209 16.91 -18.94 14.76
N GLY H 210 15.80 -18.29 15.10
CA GLY H 210 14.55 -18.35 14.33
C GLY H 210 13.58 -17.23 14.70
N ASN H 211 12.32 -17.37 14.28
CA ASN H 211 11.23 -16.37 14.52
C ASN H 211 9.88 -17.07 14.33
N PHE H 212 9.23 -17.48 15.44
CA PHE H 212 8.02 -18.34 15.46
C PHE H 212 6.79 -17.60 14.91
N LEU H 213 6.91 -16.30 14.61
CA LEU H 213 5.87 -15.53 13.88
C LEU H 213 6.02 -15.80 12.38
N ASN H 214 7.25 -16.04 11.92
CA ASN H 214 7.59 -16.29 10.49
C ASN H 214 7.50 -17.79 10.21
N SER H 215 8.34 -18.59 10.87
CA SER H 215 8.57 -20.03 10.54
C SER H 215 8.86 -20.84 11.81
N ILE H 216 8.26 -22.03 11.91
CA ILE H 216 8.65 -23.13 12.84
C ILE H 216 9.32 -24.21 11.98
N PRO H 217 10.56 -24.65 12.29
CA PRO H 217 11.20 -25.71 11.53
C PRO H 217 10.51 -27.07 11.75
N SER H 218 10.13 -27.73 10.65
CA SER H 218 9.49 -29.09 10.64
C SER H 218 10.56 -30.17 10.86
N GLY H 219 10.12 -31.40 11.10
CA GLY H 219 11.00 -32.57 11.32
C GLY H 219 11.31 -32.78 12.78
N TYR H 220 10.32 -32.57 13.66
CA TYR H 220 10.37 -32.85 15.12
C TYR H 220 9.05 -33.51 15.51
N ASP H 221 9.12 -34.63 16.24
CA ASP H 221 7.94 -35.42 16.71
C ASP H 221 7.35 -34.74 17.95
N LEU H 222 8.18 -34.14 18.80
CA LEU H 222 7.75 -33.37 20.00
C LEU H 222 8.10 -31.89 19.84
N TYR H 223 7.12 -31.01 20.11
CA TYR H 223 7.29 -29.54 20.20
C TYR H 223 6.90 -29.08 21.62
N ILE H 224 7.65 -28.12 22.17
CA ILE H 224 7.37 -27.45 23.47
C ILE H 224 7.23 -25.95 23.21
N LEU H 225 6.27 -25.30 23.86
CA LEU H 225 6.03 -23.82 23.81
C LEU H 225 5.65 -23.33 25.20
N LYS H 226 6.64 -23.22 26.11
CA LYS H 226 6.42 -22.90 27.55
C LYS H 226 6.49 -21.37 27.76
N ASN H 227 5.42 -20.79 28.30
CA ASN H 227 5.35 -19.38 28.78
C ASN H 227 5.72 -18.42 27.65
N VAL H 228 5.05 -18.56 26.50
CA VAL H 228 5.27 -17.72 25.27
C VAL H 228 3.99 -16.96 24.93
N LEU H 229 2.86 -17.68 24.79
CA LEU H 229 1.59 -17.16 24.20
C LEU H 229 1.09 -15.92 24.95
N HIS H 230 1.35 -15.82 26.26
CA HIS H 230 0.90 -14.67 27.10
C HIS H 230 1.77 -13.43 26.83
N ASN H 231 2.67 -13.48 25.84
CA ASN H 231 3.47 -12.33 25.34
C ASN H 231 2.90 -11.82 24.01
N TRP H 232 1.73 -12.31 23.58
CA TRP H 232 1.17 -12.07 22.22
C TRP H 232 -0.35 -11.94 22.26
N SER H 233 -0.91 -11.15 21.34
CA SER H 233 -2.37 -11.00 21.11
C SER H 233 -2.95 -12.34 20.63
N ASP H 234 -4.28 -12.45 20.60
CA ASP H 234 -5.01 -13.66 20.12
C ASP H 234 -4.56 -13.97 18.67
N SER H 235 -4.48 -12.94 17.82
CA SER H 235 -4.12 -13.03 16.38
C SER H 235 -2.69 -13.60 16.22
N ASP H 236 -1.73 -13.03 16.94
CA ASP H 236 -0.30 -13.44 16.89
C ASP H 236 -0.14 -14.85 17.46
N SER H 237 -0.93 -15.21 18.47
CA SER H 237 -0.94 -16.56 19.09
C SER H 237 -1.48 -17.58 18.09
N ILE H 238 -2.61 -17.26 17.43
CA ILE H 238 -3.20 -18.08 16.33
C ILE H 238 -2.13 -18.27 15.25
N LEU H 239 -1.43 -17.20 14.87
CA LEU H 239 -0.36 -17.19 13.83
C LEU H 239 0.76 -18.16 14.25
N ILE H 240 1.21 -18.07 15.50
CA ILE H 240 2.27 -18.95 16.08
C ILE H 240 1.81 -20.42 15.99
N LEU H 241 0.54 -20.68 16.34
CA LEU H 241 -0.05 -22.05 16.37
C LEU H 241 -0.33 -22.54 14.95
N GLU H 242 -0.59 -21.63 14.01
CA GLU H 242 -0.74 -21.94 12.56
C GLU H 242 0.61 -22.43 12.02
N ASN H 243 1.71 -21.77 12.40
CA ASN H 243 3.10 -22.12 11.97
C ASN H 243 3.45 -23.52 12.47
N PHE H 244 3.08 -23.83 13.72
CA PHE H 244 3.27 -25.18 14.34
C PHE H 244 2.57 -26.23 13.48
N ARG H 245 1.28 -26.02 13.18
CA ARG H 245 0.41 -26.96 12.42
C ARG H 245 1.01 -27.20 11.03
N LYS H 246 1.59 -26.16 10.41
CA LYS H 246 2.30 -26.24 9.10
C LYS H 246 3.56 -27.10 9.23
N ALA H 247 4.26 -26.99 10.38
CA ALA H 247 5.55 -27.66 10.65
C ALA H 247 5.33 -29.11 11.11
N MET H 248 4.09 -29.47 11.49
CA MET H 248 3.74 -30.76 12.13
C MET H 248 3.11 -31.71 11.10
N ASP H 249 3.43 -33.00 11.22
CA ASP H 249 2.74 -34.13 10.54
C ASP H 249 1.71 -34.71 11.52
N LYS H 250 1.00 -35.78 11.13
CA LYS H 250 -0.07 -36.43 11.94
C LYS H 250 0.51 -37.06 13.21
N ASN H 251 1.78 -37.47 13.19
CA ASN H 251 2.47 -38.17 14.32
C ASN H 251 3.17 -37.15 15.22
N SER H 252 3.22 -35.88 14.84
CA SER H 252 3.84 -34.78 15.61
C SER H 252 2.93 -34.37 16.78
N SER H 253 3.52 -33.95 17.90
CA SER H 253 2.82 -33.55 19.14
C SER H 253 3.43 -32.27 19.73
N LEU H 254 2.58 -31.29 20.05
CA LEU H 254 2.97 -29.98 20.65
C LEU H 254 2.55 -29.95 22.13
N LEU H 255 3.48 -29.60 23.02
CA LEU H 255 3.22 -29.35 24.46
C LEU H 255 3.11 -27.84 24.70
N LEU H 256 1.88 -27.32 24.77
CA LEU H 256 1.57 -25.95 25.25
C LEU H 256 1.53 -25.97 26.79
N ILE H 257 2.59 -25.46 27.42
CA ILE H 257 2.79 -25.43 28.90
C ILE H 257 2.90 -23.96 29.33
N ASN H 258 1.83 -23.39 29.89
CA ASN H 258 1.75 -21.93 30.17
C ASN H 258 1.04 -21.68 31.50
N MET H 259 1.40 -20.58 32.18
CA MET H 259 0.66 -20.05 33.36
C MET H 259 -0.80 -19.81 32.93
N VAL H 260 -1.76 -20.34 33.70
CA VAL H 260 -3.21 -20.36 33.35
C VAL H 260 -3.98 -19.44 34.33
N LYS H 261 -4.99 -18.74 33.82
CA LYS H 261 -5.89 -17.86 34.61
C LYS H 261 -6.82 -18.75 35.46
N GLU H 262 -6.86 -18.51 36.78
CA GLU H 262 -7.80 -19.16 37.73
C GLU H 262 -8.27 -18.13 38.75
N PRO H 263 -9.59 -18.01 39.01
CA PRO H 263 -10.15 -16.94 39.85
C PRO H 263 -9.53 -16.75 41.25
N GLU H 264 -8.91 -17.80 41.80
CA GLU H 264 -8.33 -17.81 43.17
C GLU H 264 -7.04 -16.98 43.22
N PHE H 265 -6.41 -16.72 42.06
CA PHE H 265 -5.07 -16.07 41.93
C PHE H 265 -5.24 -14.65 41.38
N SER H 266 -4.18 -13.84 41.51
CA SER H 266 -4.20 -12.37 41.26
C SER H 266 -4.16 -12.08 39.74
N ARG H 267 -4.82 -11.00 39.33
CA ARG H 267 -4.89 -10.53 37.91
C ARG H 267 -3.70 -9.62 37.57
N SER H 268 -2.82 -9.33 38.54
CA SER H 268 -1.72 -8.35 38.38
C SER H 268 -0.87 -8.73 37.16
N PHE H 269 -0.53 -10.01 36.99
CA PHE H 269 0.33 -10.52 35.89
C PHE H 269 -0.37 -10.33 34.54
N ASP H 270 -1.71 -10.41 34.50
CA ASP H 270 -2.51 -10.13 33.28
C ASP H 270 -2.29 -8.69 32.81
N ILE H 271 -2.10 -7.76 33.76
CA ILE H 271 -1.93 -6.31 33.47
C ILE H 271 -0.48 -6.07 33.05
N LEU H 272 0.48 -6.68 33.74
CA LEU H 272 1.92 -6.59 33.40
C LEU H 272 2.12 -6.98 31.93
N MET H 273 1.57 -8.12 31.51
CA MET H 273 1.63 -8.61 30.10
C MET H 273 1.09 -7.52 29.17
N ASP H 274 -0.06 -6.94 29.50
CA ASP H 274 -0.70 -5.86 28.71
C ASP H 274 0.31 -4.71 28.53
N VAL H 275 0.91 -4.25 29.63
CA VAL H 275 1.88 -3.11 29.69
C VAL H 275 3.06 -3.40 28.77
N LEU H 276 3.60 -4.64 28.82
CA LEU H 276 4.88 -5.01 28.18
C LEU H 276 4.65 -5.48 26.73
N PHE H 277 3.59 -6.26 26.47
CA PHE H 277 3.43 -7.06 25.23
C PHE H 277 2.08 -6.84 24.53
N LEU H 278 1.12 -6.18 25.17
CA LEU H 278 -0.33 -6.31 24.84
C LEU H 278 -0.68 -7.81 24.83
N GLY H 279 -0.18 -8.54 25.83
CA GLY H 279 -0.47 -9.96 26.05
C GLY H 279 -1.55 -10.13 27.09
N LYS H 280 -1.98 -11.37 27.33
CA LYS H 280 -3.04 -11.72 28.34
C LYS H 280 -2.80 -13.14 28.85
N GLU H 281 -3.07 -13.38 30.14
CA GLU H 281 -3.16 -14.73 30.75
C GLU H 281 -4.54 -15.30 30.40
N ARG H 282 -4.58 -16.57 29.96
CA ARG H 282 -5.80 -17.22 29.40
C ARG H 282 -6.15 -18.46 30.23
N SER H 283 -7.44 -18.78 30.33
CA SER H 283 -7.96 -20.06 30.87
C SER H 283 -7.69 -21.17 29.86
N PHE H 284 -7.76 -22.44 30.29
CA PHE H 284 -7.61 -23.64 29.42
C PHE H 284 -8.55 -23.52 28.21
N THR H 285 -9.82 -23.20 28.46
CA THR H 285 -10.91 -23.06 27.45
C THR H 285 -10.49 -22.03 26.39
N GLU H 286 -9.84 -20.94 26.80
CA GLU H 286 -9.36 -19.86 25.90
C GLU H 286 -8.15 -20.36 25.09
N PHE H 287 -7.22 -21.09 25.73
CA PHE H 287 -6.06 -21.75 25.08
C PHE H 287 -6.56 -22.74 24.03
N GLU H 288 -7.57 -23.52 24.37
CA GLU H 288 -8.19 -24.54 23.48
C GLU H 288 -8.79 -23.86 22.25
N TYR H 289 -9.43 -22.70 22.43
CA TYR H 289 -10.11 -21.93 21.35
C TYR H 289 -9.08 -21.52 20.28
N LEU H 290 -7.97 -20.92 20.70
CA LEU H 290 -6.89 -20.42 19.79
C LEU H 290 -6.30 -21.61 19.01
N ALA H 291 -6.08 -22.74 19.68
CA ALA H 291 -5.52 -23.98 19.11
C ALA H 291 -6.49 -24.57 18.07
N ASN H 292 -7.79 -24.57 18.38
CA ASN H 292 -8.88 -25.07 17.49
C ASN H 292 -8.96 -24.21 16.23
N GLN H 293 -8.83 -22.88 16.38
CA GLN H 293 -8.80 -21.90 15.26
C GLN H 293 -7.56 -22.12 14.39
N ALA H 294 -6.44 -22.54 15.01
CA ALA H 294 -5.14 -22.78 14.35
C ALA H 294 -5.11 -24.16 13.68
N GLY H 295 -6.15 -24.98 13.88
CA GLY H 295 -6.31 -26.30 13.25
C GLY H 295 -5.75 -27.43 14.10
N LEU H 296 -5.52 -27.19 15.39
CA LEU H 296 -4.99 -28.17 16.38
C LEU H 296 -6.12 -28.62 17.32
N VAL H 297 -5.97 -29.80 17.94
CA VAL H 297 -6.93 -30.37 18.91
C VAL H 297 -6.18 -30.85 20.16
N VAL H 298 -6.80 -30.68 21.32
CA VAL H 298 -6.31 -31.17 22.65
C VAL H 298 -6.45 -32.69 22.67
N GLN H 299 -5.39 -33.41 23.05
CA GLN H 299 -5.38 -34.88 23.25
C GLN H 299 -5.40 -35.20 24.75
N GLU H 300 -4.57 -34.51 25.54
CA GLU H 300 -4.43 -34.74 27.00
C GLU H 300 -4.19 -33.40 27.71
N THR H 301 -4.91 -33.15 28.80
CA THR H 301 -4.79 -31.94 29.66
C THR H 301 -4.34 -32.35 31.06
N LYS H 302 -3.46 -31.57 31.67
CA LYS H 302 -2.98 -31.78 33.06
C LYS H 302 -2.71 -30.41 33.71
N VAL H 303 -2.87 -30.34 35.04
CA VAL H 303 -2.60 -29.12 35.85
C VAL H 303 -1.26 -29.33 36.56
N ILE H 304 -0.43 -28.29 36.61
CA ILE H 304 0.84 -28.24 37.39
C ILE H 304 0.78 -27.03 38.31
N ASP H 305 1.03 -27.22 39.61
CA ASP H 305 1.04 -26.15 40.64
C ASP H 305 2.48 -25.70 40.87
N GLN H 306 2.80 -24.46 40.52
CA GLN H 306 4.05 -23.77 40.93
C GLN H 306 3.70 -22.81 42.07
N SER H 307 4.67 -22.46 42.91
CA SER H 307 4.51 -21.56 44.09
C SER H 307 3.84 -20.25 43.66
N TYR H 308 4.23 -19.70 42.50
CA TYR H 308 3.85 -18.35 42.00
C TYR H 308 2.59 -18.39 41.13
N SER H 309 2.22 -19.54 40.56
CA SER H 309 1.08 -19.64 39.60
C SER H 309 0.69 -21.08 39.32
N PRO H 310 -0.60 -21.35 39.02
CA PRO H 310 -0.99 -22.62 38.41
C PRO H 310 -0.61 -22.61 36.92
N TYR H 311 -0.38 -23.79 36.34
CA TYR H 311 0.06 -24.00 34.93
C TYR H 311 -0.88 -24.98 34.22
N SER H 312 -1.19 -24.69 32.96
CA SER H 312 -1.91 -25.60 32.03
C SER H 312 -0.88 -26.36 31.19
N PHE H 313 -0.89 -27.70 31.30
CA PHE H 313 -0.15 -28.64 30.42
C PHE H 313 -1.14 -29.20 29.39
N ILE H 314 -1.10 -28.68 28.17
CA ILE H 314 -2.03 -29.05 27.05
C ILE H 314 -1.21 -29.74 25.95
N LYS H 315 -1.50 -31.01 25.65
CA LYS H 315 -0.90 -31.77 24.53
C LYS H 315 -1.75 -31.55 23.28
N LEU H 316 -1.13 -31.09 22.19
CA LEU H 316 -1.80 -30.66 20.94
C LEU H 316 -1.23 -31.42 19.75
N GLN H 317 -2.08 -31.72 18.76
CA GLN H 317 -1.69 -32.31 17.45
C GLN H 317 -2.66 -31.78 16.37
N ILE H 318 -2.30 -31.94 15.09
CA ILE H 318 -3.13 -31.48 13.94
C ILE H 318 -4.42 -32.31 13.90
N LYS H 319 -5.56 -31.67 13.60
CA LYS H 319 -6.93 -32.21 13.74
C LYS H 319 -7.04 -33.57 13.02
N SER I 1 50.87 -6.25 24.17
CA SER I 1 50.48 -7.09 22.99
C SER I 1 50.14 -6.19 21.80
N MET I 2 50.18 -6.75 20.59
CA MET I 2 49.80 -6.06 19.33
C MET I 2 48.27 -5.96 19.27
N LEU I 3 47.57 -6.90 19.91
CA LEU I 3 46.08 -7.01 19.92
C LEU I 3 45.48 -5.85 20.70
N THR I 4 45.97 -5.57 21.91
CA THR I 4 45.43 -4.51 22.81
C THR I 4 45.60 -3.13 22.16
N GLU I 5 46.79 -2.86 21.59
CA GLU I 5 47.09 -1.56 20.94
C GLU I 5 46.26 -1.43 19.65
N LEU I 6 45.91 -2.54 18.99
CA LEU I 6 44.96 -2.59 17.86
C LEU I 6 43.54 -2.29 18.39
N ILE I 7 43.18 -2.87 19.54
CA ILE I 7 41.92 -2.57 20.27
C ILE I 7 41.92 -1.09 20.68
N ALA I 8 43.08 -0.55 21.07
CA ALA I 8 43.26 0.84 21.55
C ALA I 8 43.74 1.74 20.41
N SER I 9 43.31 1.45 19.16
CA SER I 9 43.67 2.21 17.93
C SER I 9 43.07 3.63 17.99
N ASN I 10 41.88 3.78 18.59
CA ASN I 10 41.15 5.07 18.67
C ASN I 10 41.95 6.10 19.48
N ARG I 11 42.80 5.64 20.42
CA ARG I 11 43.68 6.51 21.25
C ARG I 11 44.65 7.28 20.35
N ARG I 12 45.05 6.68 19.22
CA ARG I 12 45.97 7.30 18.23
C ARG I 12 45.30 8.53 17.63
N SER I 13 44.04 8.36 17.16
CA SER I 13 43.19 9.43 16.58
C SER I 13 42.92 10.51 17.63
N ALA I 14 42.54 10.08 18.83
CA ALA I 14 42.20 10.95 19.99
C ALA I 14 43.38 11.86 20.32
N ALA I 15 44.60 11.32 20.33
CA ALA I 15 45.86 12.05 20.64
C ALA I 15 46.11 13.15 19.60
N ILE I 16 45.90 12.83 18.32
CA ILE I 16 46.12 13.75 17.16
C ILE I 16 45.07 14.87 17.22
N HIS I 17 43.82 14.53 17.53
CA HIS I 17 42.69 15.49 17.67
C HIS I 17 43.06 16.57 18.69
N ALA I 18 43.45 16.16 19.91
CA ALA I 18 43.84 17.05 21.03
C ALA I 18 45.03 17.92 20.64
N PHE I 19 45.90 17.42 19.77
CA PHE I 19 47.13 18.10 19.29
C PHE I 19 46.77 19.12 18.19
N VAL I 20 45.74 18.82 17.39
CA VAL I 20 45.34 19.61 16.18
C VAL I 20 44.19 20.56 16.54
N ASP I 21 43.15 20.05 17.21
CA ASP I 21 41.86 20.77 17.46
C ASP I 21 42.08 21.92 18.46
N THR I 22 43.06 21.80 19.36
CA THR I 22 43.45 22.84 20.34
C THR I 22 44.27 23.94 19.65
N GLY I 23 44.82 23.64 18.46
CA GLY I 23 45.66 24.56 17.68
C GLY I 23 47.10 24.56 18.18
N LEU I 24 47.47 23.59 19.02
CA LEU I 24 48.84 23.42 19.57
C LEU I 24 49.81 23.07 18.43
N SER I 25 49.32 22.30 17.44
CA SER I 25 50.09 21.84 16.25
C SER I 25 50.55 23.03 15.40
N THR I 26 49.81 24.14 15.42
CA THR I 26 50.08 25.36 14.61
C THR I 26 51.35 26.06 15.11
N HIS I 27 51.79 25.77 16.34
CA HIS I 27 53.04 26.32 16.95
C HIS I 27 54.28 25.58 16.44
N PHE I 28 54.09 24.49 15.68
CA PHE I 28 55.19 23.65 15.10
C PHE I 28 55.36 23.96 13.61
N LYS I 29 55.12 25.21 13.21
CA LYS I 29 55.20 25.68 11.79
C LYS I 29 56.63 25.51 11.26
N ASP I 30 56.75 25.19 9.96
CA ASP I 30 58.03 25.19 9.19
C ASP I 30 59.03 24.22 9.83
N GLY I 31 58.56 23.07 10.31
CA GLY I 31 59.37 21.97 10.88
C GLY I 31 60.52 22.47 11.75
N ILE I 32 60.24 23.38 12.69
CA ILE I 32 61.25 23.87 13.69
C ILE I 32 61.10 23.05 14.98
N TYR I 33 62.19 22.86 15.72
CA TYR I 33 62.23 22.14 17.02
C TYR I 33 61.65 23.07 18.11
N VAL I 34 60.46 22.75 18.60
CA VAL I 34 59.69 23.56 19.60
C VAL I 34 60.11 23.12 21.01
N ASP I 35 60.33 24.10 21.90
CA ASP I 35 60.53 23.90 23.36
C ASP I 35 59.16 23.90 24.04
N ILE I 36 58.73 22.75 24.56
CA ILE I 36 57.40 22.55 25.24
C ILE I 36 57.35 23.44 26.49
N SER I 37 58.50 23.64 27.14
CA SER I 37 58.68 24.56 28.29
C SER I 37 58.24 25.97 27.90
N GLU I 38 58.70 26.47 26.74
CA GLU I 38 58.39 27.83 26.22
C GLU I 38 56.95 27.85 25.70
N LEU I 39 56.50 26.80 25.02
CA LEU I 39 55.11 26.66 24.50
C LEU I 39 54.13 26.69 25.67
N SER I 40 54.43 25.95 26.74
CA SER I 40 53.64 25.87 28.00
C SER I 40 53.41 27.28 28.55
N ARG I 41 54.47 28.11 28.61
CA ARG I 41 54.39 29.54 29.03
C ARG I 41 53.49 30.30 28.04
N LYS I 42 53.95 30.47 26.80
CA LYS I 42 53.29 31.28 25.74
C LYS I 42 51.81 30.90 25.62
N SER I 43 51.51 29.60 25.54
CA SER I 43 50.15 29.05 25.30
C SER I 43 49.34 29.02 26.60
N GLY I 44 49.94 28.54 27.69
CA GLY I 44 49.28 28.31 28.99
C GLY I 44 48.77 26.88 29.11
N VAL I 45 49.49 25.92 28.51
CA VAL I 45 49.18 24.46 28.55
C VAL I 45 50.10 23.81 29.58
N ASN I 46 49.65 22.73 30.23
CA ASN I 46 50.41 21.95 31.24
C ASN I 46 51.62 21.31 30.54
N TYR I 47 52.84 21.66 30.96
CA TYR I 47 54.11 21.12 30.40
C TYR I 47 54.16 19.60 30.61
N ALA I 48 54.10 19.16 31.88
CA ALA I 48 54.29 17.77 32.33
C ALA I 48 53.33 16.83 31.60
N ARG I 49 52.08 17.26 31.43
CA ARG I 49 50.98 16.44 30.85
C ARG I 49 51.05 16.47 29.32
N PHE I 50 51.43 17.61 28.72
CA PHE I 50 51.56 17.77 27.25
C PHE I 50 52.85 17.10 26.75
N SER I 51 53.89 17.06 27.57
CA SER I 51 55.16 16.33 27.29
C SER I 51 54.88 14.84 27.11
N ARG I 52 53.95 14.29 27.90
CA ARG I 52 53.52 12.86 27.86
C ARG I 52 52.75 12.58 26.56
N LEU I 53 51.98 13.57 26.07
CA LEU I 53 51.23 13.46 24.78
C LEU I 53 52.22 13.55 23.61
N CYS I 54 53.27 14.37 23.73
CA CYS I 54 54.37 14.50 22.74
C CYS I 54 55.12 13.17 22.62
N ASP I 55 55.39 12.52 23.76
CA ASP I 55 56.04 11.17 23.83
C ASP I 55 55.21 10.16 23.04
N PHE I 56 53.88 10.20 23.18
CA PHE I 56 52.92 9.31 22.46
C PHE I 56 52.91 9.66 20.96
N LEU I 57 53.07 10.95 20.64
CA LEU I 57 53.13 11.48 19.25
C LEU I 57 54.46 11.10 18.58
N VAL I 58 55.55 11.02 19.35
CA VAL I 58 56.87 10.51 18.88
C VAL I 58 56.72 9.03 18.50
N GLU I 59 56.06 8.24 19.36
CA GLU I 59 55.77 6.79 19.16
C GLU I 59 54.98 6.59 17.86
N MET I 60 53.99 7.46 17.60
CA MET I 60 53.08 7.37 16.42
C MET I 60 53.81 7.84 15.14
N GLY I 61 54.88 8.62 15.30
CA GLY I 61 55.69 9.16 14.18
C GLY I 61 55.21 10.54 13.76
N VAL I 62 54.32 11.16 14.54
CA VAL I 62 53.69 12.49 14.27
C VAL I 62 54.67 13.58 14.72
N LEU I 63 55.54 13.29 15.69
CA LEU I 63 56.61 14.20 16.16
C LEU I 63 57.97 13.47 16.10
N VAL I 64 59.06 14.24 16.13
CA VAL I 64 60.48 13.75 16.17
C VAL I 64 61.18 14.42 17.35
N SER I 65 61.94 13.65 18.13
CA SER I 65 62.60 14.07 19.39
C SER I 65 64.09 14.36 19.14
N ASN I 66 64.59 15.48 19.67
CA ASN I 66 66.01 15.94 19.55
C ASN I 66 66.31 16.97 20.65
N ASP I 67 67.36 16.73 21.44
CA ASP I 67 67.83 17.63 22.54
C ASP I 67 66.63 18.06 23.39
N ASN I 68 65.79 17.09 23.79
CA ASN I 68 64.60 17.29 24.65
C ASN I 68 63.73 18.40 24.04
N LYS I 69 63.46 18.31 22.74
CA LYS I 69 62.55 19.21 21.98
C LYS I 69 61.82 18.39 20.90
N PHE I 70 60.73 18.93 20.35
CA PHE I 70 59.83 18.22 19.41
C PHE I 70 59.57 19.06 18.16
N ARG I 71 59.61 18.43 16.99
CA ARG I 71 59.17 19.00 15.68
C ARG I 71 58.20 18.00 15.02
N LEU I 72 57.35 18.47 14.12
CA LEU I 72 56.47 17.62 13.27
C LEU I 72 57.36 16.79 12.34
N SER I 73 56.92 15.57 11.99
CA SER I 73 57.58 14.71 10.96
C SER I 73 57.33 15.30 9.57
N ASP I 74 58.18 14.94 8.60
CA ASP I 74 58.13 15.46 7.21
C ASP I 74 56.71 15.34 6.66
N GLU I 75 56.05 14.20 6.89
CA GLU I 75 54.70 13.88 6.36
C GLU I 75 53.62 14.65 7.13
N CYS I 76 53.87 14.96 8.41
CA CYS I 76 52.85 15.51 9.37
C CYS I 76 52.97 17.04 9.49
N HIS I 77 53.72 17.69 8.59
CA HIS I 77 53.85 19.18 8.52
C HIS I 77 52.46 19.81 8.36
N VAL I 78 51.55 19.11 7.66
CA VAL I 78 50.16 19.56 7.35
C VAL I 78 49.41 19.91 8.64
N PHE I 79 49.77 19.31 9.79
CA PHE I 79 49.13 19.57 11.10
C PHE I 79 49.46 20.99 11.61
N ALA I 80 50.57 21.58 11.14
CA ALA I 80 50.95 22.99 11.43
C ALA I 80 49.98 23.95 10.73
N ASN I 81 49.34 23.51 9.65
CA ASN I 81 48.41 24.33 8.83
C ASN I 81 46.97 24.02 9.25
N PRO I 82 46.20 25.01 9.74
CA PRO I 82 44.78 24.81 10.05
C PRO I 82 43.86 24.78 8.81
N GLU I 83 44.42 25.05 7.62
CA GLU I 83 43.67 25.10 6.34
C GLU I 83 43.82 23.79 5.56
N SER I 84 44.72 22.90 6.02
CA SER I 84 45.04 21.60 5.37
C SER I 84 43.85 20.64 5.51
N PHE I 85 43.65 19.74 4.54
CA PHE I 85 42.54 18.76 4.47
C PHE I 85 42.63 17.79 5.66
N GLU I 86 43.84 17.49 6.13
CA GLU I 86 44.11 16.54 7.25
C GLU I 86 43.53 17.08 8.55
N SER I 87 43.73 18.37 8.83
CA SER I 87 43.25 19.08 10.05
C SER I 87 41.72 19.02 10.15
N PHE I 88 41.02 19.09 9.01
CA PHE I 88 39.54 19.04 8.93
C PHE I 88 39.06 17.59 9.02
N MET I 89 39.89 16.64 8.56
CA MET I 89 39.60 15.18 8.58
C MET I 89 39.54 14.70 10.03
N ILE I 90 40.56 15.03 10.83
CA ILE I 90 40.69 14.61 12.26
C ILE I 90 39.54 15.20 13.08
N LYS I 91 39.10 16.43 12.77
CA LYS I 91 37.99 17.12 13.49
C LYS I 91 36.68 16.33 13.31
N LEU I 92 36.41 15.86 12.09
CA LEU I 92 35.19 15.07 11.75
C LEU I 92 35.36 13.61 12.20
N GLU I 93 36.59 13.07 12.11
CA GLU I 93 36.87 11.62 12.27
C GLU I 93 36.23 11.09 13.55
N ILE I 94 36.52 11.73 14.70
CA ILE I 94 36.06 11.27 16.04
C ILE I 94 35.19 12.36 16.71
N CYS I 95 34.41 13.12 15.92
CA CYS I 95 33.38 14.06 16.45
C CYS I 95 32.19 13.25 16.95
N SER I 96 31.52 13.73 18.00
CA SER I 96 30.35 13.10 18.67
C SER I 96 29.49 12.34 17.64
N HIS I 97 29.11 13.02 16.56
CA HIS I 97 28.12 12.51 15.55
C HIS I 97 28.65 11.24 14.87
N TYR I 98 29.92 11.26 14.44
CA TYR I 98 30.62 10.12 13.78
C TYR I 98 30.76 8.95 14.78
N SER I 99 31.25 9.24 15.99
CA SER I 99 31.40 8.28 17.11
C SER I 99 30.11 7.47 17.30
N ASN I 100 28.98 8.15 17.49
CA ASN I 100 27.65 7.54 17.78
C ASN I 100 27.12 6.82 16.55
N ALA I 101 27.60 7.17 15.34
CA ALA I 101 27.28 6.48 14.07
C ALA I 101 28.03 5.14 14.03
N TRP I 102 29.28 5.10 14.49
CA TRP I 102 30.10 3.87 14.64
C TRP I 102 29.41 2.92 15.65
N LEU I 103 28.87 3.45 16.73
CA LEU I 103 28.27 2.67 17.84
C LEU I 103 26.98 1.96 17.40
N MET I 104 26.41 2.36 16.26
CA MET I 104 25.19 1.75 15.66
C MET I 104 25.53 0.88 14.45
N TYR I 105 26.82 0.79 14.08
CA TYR I 105 27.30 0.09 12.85
C TYR I 105 27.04 -1.42 12.99
N GLY I 106 27.35 -1.99 14.16
CA GLY I 106 27.07 -3.38 14.51
C GLY I 106 25.59 -3.71 14.31
N LYS I 107 24.70 -2.92 14.90
CA LYS I 107 23.23 -3.12 14.87
C LYS I 107 22.71 -2.93 13.44
N SER I 108 23.31 -2.00 12.68
CA SER I 108 22.92 -1.66 11.28
C SER I 108 23.04 -2.89 10.38
N LEU I 109 24.00 -3.79 10.67
CA LEU I 109 24.29 -5.01 9.87
C LEU I 109 23.13 -6.01 9.95
N PHE I 110 22.29 -5.93 11.00
CA PHE I 110 21.16 -6.87 11.26
C PHE I 110 19.82 -6.21 10.90
N GLU I 111 19.83 -5.14 10.10
CA GLU I 111 18.60 -4.42 9.66
C GLU I 111 18.64 -4.25 8.14
N ASP I 112 17.47 -4.37 7.49
CA ASP I 112 17.27 -4.21 6.02
C ASP I 112 16.18 -3.15 5.79
N ASP I 113 16.24 -2.04 6.53
CA ASP I 113 15.29 -0.90 6.46
C ASP I 113 15.83 0.18 5.50
N GLY I 114 17.06 0.02 5.02
CA GLY I 114 17.74 0.98 4.12
C GLY I 114 18.15 2.25 4.85
N LYS I 115 18.35 2.16 6.16
CA LYS I 115 18.78 3.29 7.04
C LYS I 115 20.22 3.05 7.50
N SER I 116 21.12 4.00 7.26
CA SER I 116 22.56 3.94 7.64
C SER I 116 22.70 3.96 9.17
N ALA I 117 23.90 3.63 9.67
CA ALA I 117 24.25 3.61 11.10
C ALA I 117 24.18 5.04 11.66
N PHE I 118 24.46 6.04 10.82
CA PHE I 118 24.36 7.49 11.13
C PHE I 118 22.88 7.85 11.34
N GLU I 119 22.01 7.43 10.41
CA GLU I 119 20.55 7.71 10.44
C GLU I 119 19.91 7.08 11.69
N MET I 120 20.39 5.91 12.13
CA MET I 120 19.88 5.17 13.31
C MET I 120 20.28 5.89 14.61
N ALA I 121 21.37 6.67 14.59
CA ALA I 121 21.97 7.32 15.78
C ALA I 121 21.56 8.80 15.87
N HIS I 122 20.97 9.36 14.79
CA HIS I 122 20.72 10.82 14.64
C HIS I 122 19.31 11.12 14.12
N GLY I 123 18.65 10.17 13.44
CA GLY I 123 17.23 10.27 13.05
C GLY I 123 17.05 10.46 11.55
N ARG I 124 17.98 11.16 10.89
CA ARG I 124 17.92 11.51 9.44
C ARG I 124 19.20 11.07 8.74
N PRO I 125 19.16 10.83 7.40
CA PRO I 125 20.35 10.48 6.63
C PRO I 125 21.35 11.64 6.54
N PHE I 126 22.65 11.30 6.49
CA PHE I 126 23.82 12.20 6.68
C PHE I 126 23.51 13.62 6.21
N PHE I 127 23.29 13.81 4.90
CA PHE I 127 23.22 15.14 4.23
C PHE I 127 21.99 15.92 4.72
N GLU I 128 20.86 15.24 4.93
CA GLU I 128 19.60 15.85 5.45
C GLU I 128 19.81 16.36 6.88
N TYR I 129 20.66 15.71 7.66
CA TYR I 129 20.98 16.09 9.07
C TYR I 129 21.97 17.26 9.10
N LEU I 130 22.87 17.33 8.10
CA LEU I 130 23.87 18.43 7.95
C LEU I 130 23.15 19.74 7.60
N ASP I 131 21.95 19.66 7.01
CA ASP I 131 21.07 20.82 6.72
C ASP I 131 20.85 21.64 8.01
N GLY I 132 20.68 20.95 9.14
CA GLY I 132 20.36 21.56 10.45
C GLY I 132 21.48 21.40 11.46
N ASN I 133 22.74 21.40 11.01
CA ASN I 133 23.95 21.37 11.89
C ASN I 133 25.09 22.12 11.19
N LYS I 134 25.56 23.20 11.81
CA LYS I 134 26.56 24.15 11.23
C LYS I 134 27.97 23.57 11.41
N PHE I 135 28.27 23.06 12.60
CA PHE I 135 29.57 22.42 12.96
C PHE I 135 29.96 21.39 11.89
N LEU I 136 29.05 20.46 11.56
CA LEU I 136 29.32 19.33 10.62
C LEU I 136 29.43 19.86 9.19
N LYS I 137 28.37 20.48 8.67
CA LYS I 137 28.27 20.93 7.26
C LYS I 137 29.49 21.79 6.88
N SER I 138 29.91 22.70 7.77
CA SER I 138 31.05 23.62 7.56
C SER I 138 32.36 22.82 7.46
N ASN I 139 32.57 21.86 8.37
CA ASN I 139 33.81 21.03 8.46
C ASN I 139 33.85 20.01 7.32
N PHE I 140 32.70 19.41 6.97
CA PHE I 140 32.58 18.46 5.84
C PHE I 140 32.93 19.18 4.53
N ASP I 141 32.20 20.26 4.24
CA ASP I 141 32.37 21.10 3.01
C ASP I 141 33.79 21.67 2.96
N ALA I 142 34.37 22.00 4.12
CA ALA I 142 35.76 22.48 4.27
C ALA I 142 36.74 21.39 3.80
N LEU I 143 36.51 20.15 4.24
CA LEU I 143 37.35 18.97 3.85
C LEU I 143 37.25 18.76 2.33
N MET I 144 36.02 18.68 1.80
CA MET I 144 35.75 18.41 0.36
C MET I 144 36.34 19.53 -0.50
N THR I 145 36.44 20.75 0.03
CA THR I 145 37.03 21.94 -0.63
C THR I 145 38.55 21.76 -0.76
N ARG I 146 39.23 21.37 0.32
CA ARG I 146 40.72 21.23 0.35
C ARG I 146 41.15 20.08 -0.56
N VAL I 147 40.47 18.94 -0.50
CA VAL I 147 40.79 17.73 -1.33
C VAL I 147 40.42 18.01 -2.79
N SER I 148 39.45 18.89 -3.05
CA SER I 148 39.09 19.40 -4.40
C SER I 148 40.26 20.25 -4.94
N ASN I 149 40.78 21.17 -4.11
CA ASN I 149 41.90 22.08 -4.46
C ASN I 149 43.11 21.27 -4.89
N LEU I 150 43.40 20.16 -4.19
CA LEU I 150 44.60 19.32 -4.39
C LEU I 150 44.56 18.60 -5.74
N ILE I 151 43.37 18.29 -6.27
CA ILE I 151 43.20 17.45 -7.48
C ILE I 151 43.07 18.31 -8.74
N VAL I 152 42.95 19.64 -8.60
CA VAL I 152 42.69 20.61 -9.71
C VAL I 152 43.75 20.41 -10.80
N GLU I 153 45.02 20.65 -10.47
CA GLU I 153 46.17 20.65 -11.42
C GLU I 153 46.26 19.30 -12.14
N LYS I 154 46.03 18.20 -11.42
CA LYS I 154 46.07 16.81 -11.97
C LYS I 154 44.99 16.64 -13.05
N LEU I 155 43.80 17.18 -12.83
CA LEU I 155 42.67 17.13 -13.80
C LEU I 155 42.94 18.06 -15.00
N LEU I 156 43.57 19.22 -14.76
CA LEU I 156 43.98 20.17 -15.83
C LEU I 156 45.08 19.56 -16.70
N GLY I 157 45.89 18.66 -16.14
CA GLY I 157 47.01 17.99 -16.82
C GLY I 157 46.54 16.89 -17.77
N ILE I 158 45.54 16.10 -17.37
CA ILE I 158 45.14 14.85 -18.08
C ILE I 158 44.01 15.12 -19.09
N TYR I 159 43.22 16.18 -18.89
CA TYR I 159 42.01 16.47 -19.70
C TYR I 159 42.02 17.92 -20.18
N ASP I 160 41.49 18.14 -21.39
CA ASP I 160 41.38 19.46 -22.05
C ASP I 160 40.00 20.05 -21.80
N PHE I 161 39.89 20.94 -20.79
CA PHE I 161 38.64 21.64 -20.41
C PHE I 161 38.34 22.78 -21.39
N ASN I 162 39.38 23.30 -22.07
CA ASN I 162 39.31 24.48 -22.96
C ASN I 162 38.44 24.18 -24.20
N GLN I 163 38.26 22.90 -24.54
CA GLN I 163 37.42 22.46 -25.70
C GLN I 163 35.93 22.70 -25.42
N HIS I 164 35.55 22.76 -24.13
CA HIS I 164 34.13 22.85 -23.68
C HIS I 164 33.74 24.31 -23.45
N ASN I 165 32.44 24.61 -23.55
CA ASN I 165 31.85 25.97 -23.44
C ASN I 165 31.12 26.11 -22.10
N ARG I 166 30.16 25.21 -21.82
CA ARG I 166 29.31 25.21 -20.60
C ARG I 166 29.65 23.98 -19.74
N ILE I 167 30.03 24.21 -18.48
CA ILE I 167 30.49 23.17 -17.51
C ILE I 167 29.59 23.20 -16.27
N LEU I 168 29.11 22.04 -15.81
CA LEU I 168 28.29 21.88 -14.58
C LEU I 168 28.94 20.81 -13.67
N ASP I 169 29.39 21.23 -12.49
CA ASP I 169 29.85 20.30 -11.40
C ASP I 169 28.63 19.95 -10.55
N VAL I 170 28.23 18.67 -10.55
CA VAL I 170 27.04 18.14 -9.82
C VAL I 170 27.49 17.62 -8.46
N GLY I 171 26.82 18.04 -7.38
CA GLY I 171 27.25 17.81 -5.99
C GLY I 171 28.66 18.34 -5.78
N GLY I 172 28.89 19.60 -6.15
CA GLY I 172 30.22 20.25 -6.13
C GLY I 172 30.56 20.84 -4.76
N GLY I 173 29.57 20.95 -3.87
CA GLY I 173 29.74 21.55 -2.53
C GLY I 173 29.91 23.07 -2.62
N GLU I 174 31.07 23.57 -2.19
CA GLU I 174 31.40 25.02 -2.20
C GLU I 174 31.87 25.45 -3.60
N GLY I 175 32.06 24.48 -4.51
CA GLY I 175 32.39 24.72 -5.93
C GLY I 175 33.87 25.01 -6.16
N GLU I 176 34.73 24.49 -5.28
CA GLU I 176 36.20 24.78 -5.28
C GLU I 176 36.82 24.35 -6.61
N LEU I 177 36.44 23.17 -7.12
CA LEU I 177 36.95 22.59 -8.38
C LEU I 177 36.85 23.63 -9.50
N LEU I 178 35.64 24.09 -9.81
CA LEU I 178 35.35 25.02 -10.95
C LEU I 178 35.89 26.43 -10.64
N VAL I 179 35.88 26.85 -9.38
CA VAL I 179 36.53 28.14 -8.93
C VAL I 179 37.99 28.15 -9.41
N ARG I 180 38.73 27.07 -9.12
CA ARG I 180 40.18 26.95 -9.40
C ARG I 180 40.42 26.72 -10.90
N ILE I 181 39.52 26.02 -11.58
CA ILE I 181 39.61 25.73 -13.04
C ILE I 181 39.32 27.01 -13.84
N SER I 182 38.40 27.85 -13.35
CA SER I 182 37.95 29.10 -14.02
C SER I 182 39.03 30.19 -13.97
N GLU I 183 40.03 30.05 -13.09
CA GLU I 183 41.21 30.96 -12.98
C GLU I 183 42.29 30.56 -14.00
N LYS I 184 42.22 29.34 -14.53
CA LYS I 184 43.14 28.81 -15.57
C LYS I 184 42.46 28.87 -16.93
N VAL I 185 41.26 28.28 -17.05
CA VAL I 185 40.44 28.21 -18.30
C VAL I 185 39.38 29.33 -18.24
N LYS I 186 39.69 30.49 -18.81
CA LYS I 186 38.83 31.71 -18.76
C LYS I 186 37.72 31.63 -19.82
N GLY I 187 36.69 32.46 -19.66
CA GLY I 187 35.64 32.72 -20.67
C GLY I 187 34.78 31.50 -20.96
N LYS I 188 34.48 30.71 -19.93
CA LYS I 188 33.55 29.54 -20.00
C LYS I 188 32.39 29.80 -19.02
N HIS I 189 31.21 29.26 -19.32
CA HIS I 189 30.04 29.24 -18.41
C HIS I 189 30.25 28.14 -17.37
N TYR I 190 30.52 28.52 -16.11
CA TYR I 190 30.71 27.60 -14.96
C TYR I 190 29.44 27.60 -14.10
N ALA I 191 28.90 26.41 -13.83
CA ALA I 191 27.74 26.18 -12.94
C ALA I 191 28.09 25.07 -11.94
N VAL I 192 27.59 25.19 -10.70
CA VAL I 192 27.79 24.19 -9.61
C VAL I 192 26.42 23.88 -9.00
N LEU I 193 25.96 22.62 -9.12
CA LEU I 193 24.69 22.13 -8.52
C LEU I 193 25.00 21.44 -7.18
N ASP I 194 24.19 21.72 -6.16
CA ASP I 194 24.24 21.04 -4.83
C ASP I 194 22.96 21.36 -4.05
N ARG I 195 22.78 20.76 -2.87
CA ARG I 195 21.64 21.02 -1.95
C ARG I 195 21.97 22.25 -1.10
N TYR I 196 21.58 23.43 -1.58
CA TYR I 196 21.82 24.75 -0.94
C TYR I 196 20.52 25.29 -0.33
N SER I 197 20.62 25.86 0.88
CA SER I 197 19.64 26.82 1.45
C SER I 197 20.14 28.23 1.13
N GLU I 198 21.33 28.57 1.64
CA GLU I 198 22.14 29.75 1.21
C GLU I 198 22.99 29.33 0.00
N LEU I 199 22.90 30.08 -1.10
CA LEU I 199 23.73 29.88 -2.32
C LEU I 199 25.12 30.45 -2.06
N PRO I 200 26.23 29.71 -2.35
CA PRO I 200 27.56 30.28 -2.36
C PRO I 200 27.70 31.33 -3.48
N VAL I 201 28.71 32.21 -3.38
CA VAL I 201 28.95 33.33 -4.33
C VAL I 201 30.40 33.23 -4.85
N SER I 202 30.55 33.28 -6.18
CA SER I 202 31.85 33.35 -6.90
C SER I 202 31.59 33.91 -8.30
N ASP I 203 32.24 35.02 -8.65
CA ASP I 203 31.90 35.90 -9.82
C ASP I 203 31.70 35.08 -11.09
N ASN I 204 32.53 34.06 -11.32
CA ASN I 204 32.58 33.28 -12.59
C ASN I 204 31.59 32.10 -12.53
N ILE I 205 30.96 31.86 -11.38
CA ILE I 205 30.22 30.60 -11.06
C ILE I 205 28.73 30.92 -10.83
N ASP I 206 27.84 30.25 -11.56
CA ASP I 206 26.37 30.23 -11.33
C ASP I 206 26.05 29.02 -10.42
N PHE I 207 25.87 29.25 -9.12
CA PHE I 207 25.49 28.22 -8.12
C PHE I 207 23.98 27.96 -8.19
N ILE I 208 23.59 26.71 -8.44
CA ILE I 208 22.18 26.26 -8.62
C ILE I 208 21.82 25.30 -7.49
N ASN I 209 20.72 25.55 -6.78
CA ASN I 209 20.12 24.58 -5.83
C ASN I 209 19.38 23.52 -6.65
N GLY I 210 19.60 22.24 -6.35
CA GLY I 210 19.00 21.11 -7.07
C GLY I 210 19.10 19.81 -6.30
N ASN I 211 18.80 18.70 -6.97
CA ASN I 211 18.73 17.35 -6.38
C ASN I 211 18.94 16.31 -7.49
N PHE I 212 20.12 15.68 -7.53
CA PHE I 212 20.55 14.78 -8.65
C PHE I 212 19.74 13.48 -8.65
N LEU I 213 19.02 13.18 -7.56
CA LEU I 213 18.08 12.03 -7.47
C LEU I 213 16.83 12.31 -8.31
N ASN I 214 16.38 13.57 -8.32
CA ASN I 214 15.18 14.02 -9.07
C ASN I 214 15.55 14.27 -10.54
N SER I 215 16.46 15.22 -10.81
CA SER I 215 16.78 15.70 -12.18
C SER I 215 18.14 16.41 -12.22
N ILE I 216 18.84 16.31 -13.36
CA ILE I 216 20.07 17.08 -13.71
C ILE I 216 19.69 18.09 -14.78
N PRO I 217 20.02 19.39 -14.63
CA PRO I 217 19.66 20.39 -15.64
C PRO I 217 20.44 20.19 -16.94
N SER I 218 19.72 20.08 -18.07
CA SER I 218 20.29 19.87 -19.43
C SER I 218 20.85 21.19 -19.97
N GLY I 219 21.51 21.14 -21.14
CA GLY I 219 22.05 22.31 -21.86
C GLY I 219 23.52 22.57 -21.57
N TYR I 220 24.25 21.57 -21.08
CA TYR I 220 25.71 21.63 -20.79
C TYR I 220 26.44 20.56 -21.62
N ASP I 221 27.66 20.89 -22.06
CA ASP I 221 28.50 19.98 -22.91
C ASP I 221 29.45 19.17 -22.01
N LEU I 222 29.82 19.69 -20.85
CA LEU I 222 30.63 18.96 -19.83
C LEU I 222 29.88 18.93 -18.50
N TYR I 223 29.64 17.74 -17.97
CA TYR I 223 29.15 17.46 -16.59
C TYR I 223 30.28 16.80 -15.80
N ILE I 224 30.43 17.17 -14.52
CA ILE I 224 31.45 16.59 -13.59
C ILE I 224 30.73 16.04 -12.35
N LEU I 225 31.13 14.86 -11.90
CA LEU I 225 30.59 14.17 -10.69
C LEU I 225 31.77 13.58 -9.90
N LYS I 226 32.33 14.36 -8.96
CA LYS I 226 33.55 14.01 -8.20
C LYS I 226 33.16 13.56 -6.78
N ASN I 227 33.57 12.36 -6.39
CA ASN I 227 33.42 11.80 -5.01
C ASN I 227 31.96 11.89 -4.56
N VAL I 228 31.03 11.36 -5.35
CA VAL I 228 29.57 11.33 -5.04
C VAL I 228 29.11 9.87 -4.88
N LEU I 229 29.28 9.06 -5.95
CA LEU I 229 28.68 7.70 -6.09
C LEU I 229 28.94 6.84 -4.84
N HIS I 230 30.14 6.91 -4.27
CA HIS I 230 30.54 6.09 -3.08
C HIS I 230 29.68 6.45 -1.85
N ASN I 231 28.84 7.49 -1.92
CA ASN I 231 27.86 7.86 -0.86
C ASN I 231 26.50 7.21 -1.14
N TRP I 232 26.36 6.42 -2.22
CA TRP I 232 25.06 5.89 -2.69
C TRP I 232 25.14 4.38 -2.97
N SER I 233 24.00 3.69 -2.83
CA SER I 233 23.79 2.27 -3.20
C SER I 233 23.93 2.13 -4.72
N ASP I 234 23.80 0.91 -5.25
CA ASP I 234 23.89 0.61 -6.70
C ASP I 234 22.68 1.23 -7.41
N SER I 235 21.48 1.00 -6.89
CA SER I 235 20.19 1.48 -7.47
C SER I 235 20.15 3.01 -7.49
N ASP I 236 20.56 3.66 -6.38
CA ASP I 236 20.63 5.14 -6.26
C ASP I 236 21.74 5.70 -7.17
N SER I 237 22.84 4.97 -7.34
CA SER I 237 23.96 5.33 -8.24
C SER I 237 23.52 5.22 -9.71
N ILE I 238 22.78 4.16 -10.04
CA ILE I 238 22.20 3.95 -11.41
C ILE I 238 21.22 5.08 -11.72
N LEU I 239 20.38 5.46 -10.76
CA LEU I 239 19.36 6.56 -10.88
C LEU I 239 20.07 7.87 -11.24
N ILE I 240 21.13 8.21 -10.49
CA ILE I 240 21.93 9.46 -10.68
C ILE I 240 22.46 9.50 -12.12
N LEU I 241 22.97 8.36 -12.60
CA LEU I 241 23.59 8.22 -13.95
C LEU I 241 22.50 8.22 -15.04
N GLU I 242 21.30 7.72 -14.72
CA GLU I 242 20.13 7.74 -15.64
C GLU I 242 19.68 9.20 -15.84
N ASN I 243 19.70 10.00 -14.78
CA ASN I 243 19.32 11.44 -14.78
C ASN I 243 20.31 12.23 -15.63
N PHE I 244 21.60 11.87 -15.60
CA PHE I 244 22.67 12.45 -16.45
C PHE I 244 22.38 12.14 -17.92
N ARG I 245 22.17 10.86 -18.24
CA ARG I 245 21.93 10.36 -19.63
C ARG I 245 20.76 11.14 -20.25
N LYS I 246 19.70 11.40 -19.49
CA LYS I 246 18.52 12.19 -19.92
C LYS I 246 18.94 13.65 -20.16
N ALA I 247 19.76 14.20 -19.26
CA ALA I 247 20.23 15.61 -19.26
C ALA I 247 21.27 15.84 -20.36
N MET I 248 21.87 14.78 -20.90
CA MET I 248 22.96 14.83 -21.90
C MET I 248 22.41 14.59 -23.31
N ASP I 249 23.10 15.10 -24.33
CA ASP I 249 22.89 14.77 -25.77
C ASP I 249 24.15 14.05 -26.27
N LYS I 250 24.16 13.64 -27.55
CA LYS I 250 25.24 12.82 -28.16
C LYS I 250 26.59 13.55 -28.13
N ASN I 251 26.58 14.89 -28.00
CA ASN I 251 27.79 15.74 -28.00
C ASN I 251 28.14 16.19 -26.57
N SER I 252 27.43 15.69 -25.55
CA SER I 252 27.68 15.97 -24.12
C SER I 252 28.63 14.92 -23.55
N SER I 253 29.48 15.31 -22.60
CA SER I 253 30.46 14.45 -21.89
C SER I 253 30.23 14.55 -20.38
N LEU I 254 30.39 13.43 -19.66
CA LEU I 254 30.31 13.35 -18.18
C LEU I 254 31.63 12.79 -17.64
N LEU I 255 32.32 13.55 -16.80
CA LEU I 255 33.55 13.10 -16.08
C LEU I 255 33.14 12.53 -14.72
N LEU I 256 33.09 11.20 -14.61
CA LEU I 256 32.97 10.48 -13.32
C LEU I 256 34.38 10.37 -12.71
N ILE I 257 34.65 11.15 -11.66
CA ILE I 257 35.99 11.28 -11.00
C ILE I 257 35.83 10.87 -9.54
N ASN I 258 36.05 9.60 -9.22
CA ASN I 258 35.75 9.02 -7.88
C ASN I 258 36.97 8.25 -7.38
N MET I 259 37.24 8.31 -6.07
CA MET I 259 38.18 7.40 -5.37
C MET I 259 37.83 5.96 -5.75
N VAL I 260 38.83 5.13 -6.05
CA VAL I 260 38.63 3.78 -6.64
C VAL I 260 39.22 2.72 -5.70
N LYS I 261 38.58 1.54 -5.65
CA LYS I 261 39.01 0.38 -4.83
C LYS I 261 40.22 -0.28 -5.51
N GLU I 262 41.35 -0.33 -4.79
CA GLU I 262 42.58 -1.06 -5.21
C GLU I 262 43.07 -1.89 -4.02
N PRO I 263 43.29 -3.22 -4.19
CA PRO I 263 43.63 -4.11 -3.07
C PRO I 263 44.83 -3.69 -2.21
N GLU I 264 45.73 -2.87 -2.75
CA GLU I 264 47.01 -2.46 -2.11
C GLU I 264 46.74 -1.45 -0.98
N PHE I 265 45.62 -0.72 -1.04
CA PHE I 265 45.22 0.34 -0.08
C PHE I 265 44.20 -0.22 0.92
N SER I 266 43.94 0.55 1.99
CA SER I 266 43.07 0.15 3.14
C SER I 266 41.60 0.08 2.70
N ARG I 267 40.81 -0.75 3.38
CA ARG I 267 39.34 -0.88 3.19
C ARG I 267 38.61 0.04 4.18
N SER I 268 39.33 0.64 5.15
CA SER I 268 38.76 1.41 6.28
C SER I 268 37.70 2.40 5.77
N PHE I 269 37.95 3.03 4.62
CA PHE I 269 37.05 4.05 4.01
C PHE I 269 35.77 3.40 3.49
N ASP I 270 35.85 2.15 3.00
CA ASP I 270 34.69 1.36 2.52
C ASP I 270 33.69 1.17 3.67
N ILE I 271 34.21 0.96 4.88
CA ILE I 271 33.39 0.75 6.12
C ILE I 271 32.71 2.08 6.48
N LEU I 272 33.46 3.18 6.46
CA LEU I 272 32.95 4.54 6.80
C LEU I 272 31.80 4.94 5.85
N MET I 273 31.89 4.55 4.56
CA MET I 273 30.84 4.84 3.55
C MET I 273 29.59 4.01 3.84
N ASP I 274 29.77 2.78 4.35
CA ASP I 274 28.64 1.93 4.81
C ASP I 274 27.97 2.62 6.01
N VAL I 275 28.77 3.05 6.99
CA VAL I 275 28.31 3.68 8.27
C VAL I 275 27.45 4.91 7.96
N LEU I 276 28.00 5.88 7.22
CA LEU I 276 27.41 7.24 7.05
C LEU I 276 26.28 7.22 6.01
N PHE I 277 26.38 6.38 4.97
CA PHE I 277 25.54 6.49 3.75
C PHE I 277 24.89 5.16 3.33
N LEU I 278 25.31 4.02 3.88
CA LEU I 278 25.10 2.68 3.26
C LEU I 278 25.62 2.73 1.82
N GLY I 279 26.77 3.37 1.63
CA GLY I 279 27.52 3.40 0.36
C GLY I 279 28.67 2.42 0.41
N LYS I 280 29.48 2.38 -0.66
CA LYS I 280 30.64 1.47 -0.81
C LYS I 280 31.70 2.17 -1.67
N GLU I 281 32.95 1.69 -1.61
CA GLU I 281 34.00 2.02 -2.62
C GLU I 281 33.92 0.94 -3.71
N ARG I 282 34.20 1.32 -4.96
CA ARG I 282 34.02 0.46 -6.16
C ARG I 282 35.29 0.47 -7.01
N SER I 283 35.60 -0.67 -7.64
CA SER I 283 36.64 -0.79 -8.70
C SER I 283 36.11 -0.15 -9.99
N PHE I 284 36.99 0.12 -10.95
CA PHE I 284 36.62 0.68 -12.29
C PHE I 284 35.54 -0.19 -12.93
N THR I 285 35.72 -1.51 -12.90
CA THR I 285 34.81 -2.51 -13.52
C THR I 285 33.40 -2.38 -12.92
N GLU I 286 33.30 -2.05 -11.62
CA GLU I 286 32.02 -1.90 -10.89
C GLU I 286 31.37 -0.55 -11.25
N PHE I 287 32.19 0.49 -11.50
CA PHE I 287 31.73 1.82 -11.97
C PHE I 287 31.19 1.70 -13.40
N GLU I 288 31.96 1.05 -14.28
CA GLU I 288 31.62 0.84 -15.72
C GLU I 288 30.26 0.14 -15.82
N TYR I 289 29.96 -0.79 -14.90
CA TYR I 289 28.70 -1.57 -14.87
C TYR I 289 27.50 -0.62 -14.66
N LEU I 290 27.44 0.04 -13.50
CA LEU I 290 26.37 0.99 -13.11
C LEU I 290 26.09 1.96 -14.27
N ALA I 291 27.15 2.50 -14.89
CA ALA I 291 27.10 3.43 -16.03
C ALA I 291 26.41 2.78 -17.23
N ASN I 292 26.75 1.51 -17.52
CA ASN I 292 26.18 0.72 -18.64
C ASN I 292 24.68 0.49 -18.39
N GLN I 293 24.29 0.19 -17.15
CA GLN I 293 22.87 -0.05 -16.75
C GLN I 293 22.06 1.24 -16.86
N ALA I 294 22.73 2.40 -16.81
CA ALA I 294 22.14 3.75 -16.90
C ALA I 294 22.12 4.24 -18.35
N GLY I 295 22.69 3.48 -19.29
CA GLY I 295 22.72 3.82 -20.73
C GLY I 295 23.85 4.79 -21.05
N LEU I 296 25.01 4.60 -20.43
CA LEU I 296 26.25 5.40 -20.67
C LEU I 296 27.39 4.43 -21.03
N VAL I 297 28.30 4.87 -21.91
CA VAL I 297 29.49 4.08 -22.33
C VAL I 297 30.75 4.86 -21.97
N VAL I 298 31.78 4.15 -21.50
CA VAL I 298 33.13 4.72 -21.19
C VAL I 298 33.80 5.05 -22.51
N GLN I 299 34.31 6.28 -22.65
CA GLN I 299 35.05 6.77 -23.84
C GLN I 299 36.56 6.73 -23.57
N GLU I 300 36.96 7.02 -22.33
CA GLU I 300 38.39 7.16 -21.92
C GLU I 300 38.52 6.86 -20.43
N THR I 301 39.55 6.11 -20.04
CA THR I 301 39.87 5.73 -18.63
C THR I 301 41.28 6.17 -18.29
N LYS I 302 41.46 6.77 -17.11
CA LYS I 302 42.78 7.27 -16.62
C LYS I 302 42.85 7.05 -15.10
N VAL I 303 44.06 6.91 -14.56
CA VAL I 303 44.34 6.77 -13.11
C VAL I 303 44.94 8.09 -12.62
N ILE I 304 44.56 8.52 -11.42
CA ILE I 304 45.08 9.74 -10.74
C ILE I 304 45.50 9.33 -9.32
N ASP I 305 46.78 9.50 -8.99
CA ASP I 305 47.35 9.09 -7.68
C ASP I 305 47.34 10.30 -6.74
N GLN I 306 46.43 10.29 -5.77
CA GLN I 306 46.43 11.23 -4.61
C GLN I 306 47.09 10.52 -3.42
N SER I 307 47.72 11.29 -2.53
CA SER I 307 48.45 10.78 -1.33
C SER I 307 47.56 9.81 -0.55
N TYR I 308 46.28 10.14 -0.39
CA TYR I 308 45.31 9.43 0.48
C TYR I 308 44.66 8.25 -0.26
N SER I 309 44.46 8.37 -1.58
CA SER I 309 43.77 7.32 -2.39
C SER I 309 44.12 7.45 -3.87
N PRO I 310 44.06 6.34 -4.64
CA PRO I 310 43.98 6.43 -6.09
C PRO I 310 42.56 6.82 -6.53
N TYR I 311 42.44 7.47 -7.68
CA TYR I 311 41.15 7.90 -8.28
C TYR I 311 40.99 7.21 -9.65
N SER I 312 39.75 7.08 -10.10
CA SER I 312 39.37 6.59 -11.45
C SER I 312 38.66 7.71 -12.21
N PHE I 313 39.38 8.32 -13.17
CA PHE I 313 38.85 9.31 -14.14
C PHE I 313 38.19 8.55 -15.30
N ILE I 314 36.87 8.69 -15.44
CA ILE I 314 36.05 7.95 -16.45
C ILE I 314 35.23 8.97 -17.25
N LYS I 315 35.61 9.22 -18.50
CA LYS I 315 34.83 10.03 -19.48
C LYS I 315 33.67 9.19 -20.00
N LEU I 316 32.43 9.68 -19.84
CA LEU I 316 31.17 8.98 -20.16
C LEU I 316 30.39 9.75 -21.23
N GLN I 317 29.69 9.03 -22.10
CA GLN I 317 28.75 9.57 -23.12
C GLN I 317 27.57 8.60 -23.30
N ILE I 318 26.45 9.08 -23.84
CA ILE I 318 25.23 8.27 -24.12
C ILE I 318 25.54 7.35 -25.32
N LYS I 319 24.92 6.17 -25.36
CA LYS I 319 25.09 5.16 -26.44
C LYS I 319 24.46 5.71 -27.73
N SER J 1 47.79 7.03 1.95
CA SER J 1 48.98 7.49 2.72
C SER J 1 49.04 6.77 4.07
N MET J 2 50.16 6.91 4.77
CA MET J 2 50.36 6.38 6.15
C MET J 2 49.68 7.32 7.15
N LEU J 3 49.53 8.61 6.79
CA LEU J 3 49.00 9.67 7.68
C LEU J 3 47.49 9.54 7.82
N THR J 4 46.75 9.54 6.70
CA THR J 4 45.26 9.53 6.68
C THR J 4 44.72 8.30 7.42
N GLU J 5 45.43 7.17 7.36
CA GLU J 5 45.02 5.90 8.02
C GLU J 5 45.45 5.90 9.49
N LEU J 6 46.45 6.70 9.85
CA LEU J 6 46.81 6.97 11.27
C LEU J 6 45.73 7.86 11.89
N ILE J 7 45.31 8.92 11.18
CA ILE J 7 44.18 9.82 11.56
C ILE J 7 42.92 8.97 11.74
N ALA J 8 42.65 8.06 10.79
CA ALA J 8 41.48 7.16 10.76
C ALA J 8 41.78 5.85 11.50
N SER J 9 42.54 5.89 12.59
CA SER J 9 42.87 4.73 13.45
C SER J 9 41.62 4.26 14.21
N ASN J 10 40.71 5.18 14.53
CA ASN J 10 39.44 4.89 15.24
C ASN J 10 38.65 3.83 14.49
N ARG J 11 38.67 3.86 13.15
CA ARG J 11 37.92 2.94 12.26
C ARG J 11 38.27 1.49 12.59
N ARG J 12 39.54 1.22 12.95
CA ARG J 12 40.03 -0.13 13.38
C ARG J 12 39.25 -0.56 14.63
N SER J 13 39.31 0.24 15.70
CA SER J 13 38.64 -0.01 17.01
C SER J 13 37.14 -0.21 16.81
N ALA J 14 36.54 0.58 15.92
CA ALA J 14 35.08 0.59 15.63
C ALA J 14 34.69 -0.66 14.84
N ALA J 15 35.55 -1.14 13.94
CA ALA J 15 35.32 -2.34 13.12
C ALA J 15 35.28 -3.58 14.02
N ILE J 16 36.18 -3.64 15.00
CA ILE J 16 36.32 -4.78 15.97
C ILE J 16 35.10 -4.78 16.89
N HIS J 17 34.59 -3.60 17.24
CA HIS J 17 33.44 -3.37 18.16
C HIS J 17 32.15 -3.93 17.53
N ALA J 18 31.90 -3.61 16.25
CA ALA J 18 30.72 -4.08 15.47
C ALA J 18 30.76 -5.59 15.30
N PHE J 19 31.96 -6.19 15.41
CA PHE J 19 32.23 -7.63 15.22
C PHE J 19 32.06 -8.38 16.54
N VAL J 20 32.60 -7.82 17.62
CA VAL J 20 32.64 -8.46 18.98
C VAL J 20 31.36 -8.12 19.74
N ASP J 21 30.95 -6.85 19.77
CA ASP J 21 29.85 -6.35 20.64
C ASP J 21 28.49 -6.86 20.14
N THR J 22 28.32 -7.04 18.82
CA THR J 22 27.12 -7.68 18.22
C THR J 22 27.06 -9.17 18.59
N GLY J 23 28.22 -9.79 18.83
CA GLY J 23 28.36 -11.22 19.15
C GLY J 23 28.57 -12.07 17.90
N LEU J 24 28.96 -11.44 16.79
CA LEU J 24 29.28 -12.13 15.51
C LEU J 24 30.60 -12.91 15.64
N SER J 25 31.52 -12.42 16.48
CA SER J 25 32.88 -13.00 16.70
C SER J 25 32.78 -14.33 17.45
N THR J 26 31.66 -14.61 18.13
CA THR J 26 31.40 -15.85 18.92
C THR J 26 31.01 -17.01 17.99
N HIS J 27 30.84 -16.74 16.69
CA HIS J 27 30.60 -17.76 15.63
C HIS J 27 31.93 -18.26 15.07
N PHE J 28 33.06 -17.70 15.52
CA PHE J 28 34.43 -18.03 15.06
C PHE J 28 35.19 -18.76 16.17
N LYS J 29 34.49 -19.62 16.91
CA LYS J 29 35.07 -20.45 18.01
C LYS J 29 36.04 -21.48 17.42
N ASP J 30 37.18 -21.70 18.08
CA ASP J 30 38.13 -22.83 17.82
C ASP J 30 38.78 -22.68 16.44
N GLY J 31 39.11 -21.44 16.04
CA GLY J 31 39.83 -21.13 14.79
C GLY J 31 39.21 -21.77 13.56
N ILE J 32 37.88 -21.92 13.56
CA ILE J 32 37.08 -22.50 12.44
C ILE J 32 37.04 -21.51 11.27
N TYR J 33 37.02 -22.02 10.03
CA TYR J 33 36.84 -21.24 8.79
C TYR J 33 35.34 -21.14 8.47
N VAL J 34 34.75 -19.97 8.77
CA VAL J 34 33.29 -19.70 8.73
C VAL J 34 32.86 -19.43 7.28
N ASP J 35 31.75 -20.03 6.85
CA ASP J 35 31.04 -19.70 5.59
C ASP J 35 30.10 -18.51 5.88
N ILE J 36 30.45 -17.32 5.37
CA ILE J 36 29.74 -16.03 5.65
C ILE J 36 28.33 -16.08 5.06
N SER J 37 28.17 -16.74 3.90
CA SER J 37 26.87 -17.00 3.25
C SER J 37 25.92 -17.71 4.22
N GLU J 38 26.42 -18.76 4.89
CA GLU J 38 25.64 -19.56 5.89
C GLU J 38 25.40 -18.70 7.14
N LEU J 39 26.46 -18.08 7.69
CA LEU J 39 26.38 -17.19 8.88
C LEU J 39 25.25 -16.17 8.66
N SER J 40 25.19 -15.57 7.46
CA SER J 40 24.16 -14.59 7.04
C SER J 40 22.74 -15.20 7.15
N ARG J 41 22.59 -16.47 6.77
CA ARG J 41 21.28 -17.19 6.75
C ARG J 41 20.84 -17.49 8.19
N LYS J 42 21.78 -17.86 9.06
CA LYS J 42 21.51 -18.34 10.45
C LYS J 42 21.48 -17.15 11.42
N SER J 43 22.36 -16.16 11.25
CA SER J 43 22.48 -14.98 12.15
C SER J 43 21.53 -13.85 11.71
N GLY J 44 21.22 -13.77 10.41
CA GLY J 44 20.33 -12.73 9.84
C GLY J 44 21.07 -11.45 9.52
N VAL J 45 22.41 -11.49 9.49
CA VAL J 45 23.29 -10.33 9.11
C VAL J 45 23.29 -10.21 7.58
N ASN J 46 23.51 -9.00 7.06
CA ASN J 46 23.64 -8.72 5.61
C ASN J 46 24.95 -9.34 5.11
N TYR J 47 24.87 -10.21 4.09
CA TYR J 47 26.01 -11.00 3.55
C TYR J 47 27.05 -10.05 2.94
N ALA J 48 26.63 -9.21 1.98
CA ALA J 48 27.49 -8.27 1.21
C ALA J 48 28.20 -7.31 2.18
N ARG J 49 27.46 -6.70 3.09
CA ARG J 49 27.97 -5.63 4.00
C ARG J 49 28.91 -6.26 5.05
N PHE J 50 28.63 -7.49 5.50
CA PHE J 50 29.46 -8.18 6.52
C PHE J 50 30.74 -8.73 5.88
N SER J 51 30.66 -9.25 4.65
CA SER J 51 31.83 -9.66 3.83
C SER J 51 32.87 -8.54 3.83
N ARG J 52 32.44 -7.29 3.57
CA ARG J 52 33.29 -6.08 3.50
C ARG J 52 33.94 -5.79 4.86
N LEU J 53 33.23 -6.03 5.96
CA LEU J 53 33.78 -5.89 7.34
C LEU J 53 34.89 -6.92 7.54
N CYS J 54 34.65 -8.18 7.14
CA CYS J 54 35.61 -9.30 7.24
C CYS J 54 36.86 -8.97 6.40
N ASP J 55 36.67 -8.41 5.21
CA ASP J 55 37.75 -7.94 4.31
C ASP J 55 38.65 -6.96 5.07
N PHE J 56 38.05 -6.02 5.79
CA PHE J 56 38.79 -5.00 6.61
C PHE J 56 39.44 -5.69 7.81
N LEU J 57 38.80 -6.72 8.37
CA LEU J 57 39.32 -7.49 9.54
C LEU J 57 40.52 -8.36 9.11
N VAL J 58 40.57 -8.82 7.86
CA VAL J 58 41.72 -9.56 7.27
C VAL J 58 42.93 -8.60 7.22
N GLU J 59 42.74 -7.42 6.65
CA GLU J 59 43.76 -6.32 6.55
C GLU J 59 44.38 -6.03 7.93
N MET J 60 43.55 -5.96 8.98
CA MET J 60 43.96 -5.69 10.38
C MET J 60 44.70 -6.90 10.96
N GLY J 61 44.49 -8.09 10.39
CA GLY J 61 45.13 -9.36 10.81
C GLY J 61 44.35 -10.05 11.92
N VAL J 62 43.11 -9.60 12.18
CA VAL J 62 42.19 -10.17 13.21
C VAL J 62 41.59 -11.48 12.65
N LEU J 63 41.12 -11.43 11.40
CA LEU J 63 40.65 -12.62 10.63
C LEU J 63 41.73 -13.08 9.66
N VAL J 64 41.67 -14.35 9.26
CA VAL J 64 42.54 -14.98 8.21
C VAL J 64 41.61 -15.53 7.11
N SER J 65 41.99 -15.32 5.85
CA SER J 65 41.17 -15.64 4.64
C SER J 65 41.69 -16.92 3.97
N ASN J 66 40.77 -17.79 3.52
CA ASN J 66 41.09 -19.06 2.82
C ASN J 66 39.84 -19.56 2.08
N ASP J 67 39.94 -19.68 0.74
CA ASP J 67 38.86 -20.20 -0.16
C ASP J 67 37.56 -19.41 0.09
N ASN J 68 37.68 -18.09 0.23
CA ASN J 68 36.53 -17.15 0.41
C ASN J 68 35.80 -17.45 1.73
N LYS J 69 36.50 -18.01 2.72
CA LYS J 69 36.01 -18.22 4.11
C LYS J 69 36.96 -17.50 5.07
N PHE J 70 36.58 -17.37 6.34
CA PHE J 70 37.27 -16.53 7.35
C PHE J 70 37.36 -17.26 8.69
N ARG J 71 38.54 -17.21 9.32
CA ARG J 71 38.79 -17.66 10.72
C ARG J 71 39.44 -16.52 11.50
N LEU J 72 39.25 -16.46 12.82
CA LEU J 72 40.02 -15.57 13.72
C LEU J 72 41.49 -16.00 13.70
N SER J 73 42.42 -15.04 13.75
CA SER J 73 43.89 -15.27 13.76
C SER J 73 44.29 -16.01 15.03
N ASP J 74 45.58 -16.35 15.19
CA ASP J 74 46.11 -17.13 16.33
C ASP J 74 45.97 -16.33 17.62
N GLU J 75 46.19 -15.02 17.57
CA GLU J 75 46.22 -14.12 18.77
C GLU J 75 44.79 -13.65 19.11
N CYS J 76 43.89 -13.62 18.14
CA CYS J 76 42.53 -13.00 18.25
C CYS J 76 41.45 -14.07 18.50
N HIS J 77 41.82 -15.26 18.96
CA HIS J 77 40.87 -16.35 19.37
C HIS J 77 40.00 -15.84 20.52
N VAL J 78 40.54 -14.94 21.34
CA VAL J 78 39.90 -14.33 22.55
C VAL J 78 38.57 -13.64 22.16
N PHE J 79 38.43 -13.18 20.91
CA PHE J 79 37.21 -12.49 20.40
C PHE J 79 36.04 -13.48 20.26
N ALA J 80 36.31 -14.79 20.26
CA ALA J 80 35.29 -15.87 20.25
C ALA J 80 34.65 -16.01 21.63
N ASN J 81 35.36 -15.61 22.69
CA ASN J 81 34.96 -15.76 24.12
C ASN J 81 34.48 -14.41 24.65
N PRO J 82 33.17 -14.23 24.93
CA PRO J 82 32.67 -13.00 25.56
C PRO J 82 33.23 -12.71 26.96
N GLU J 83 33.74 -13.72 27.67
CA GLU J 83 34.26 -13.63 29.06
C GLU J 83 35.73 -13.17 29.06
N SER J 84 36.40 -13.18 27.90
CA SER J 84 37.80 -12.73 27.72
C SER J 84 37.90 -11.21 27.96
N PHE J 85 39.00 -10.75 28.56
CA PHE J 85 39.20 -9.33 28.97
C PHE J 85 39.23 -8.44 27.71
N GLU J 86 39.76 -8.95 26.60
CA GLU J 86 39.85 -8.23 25.30
C GLU J 86 38.45 -7.85 24.83
N SER J 87 37.46 -8.72 25.05
CA SER J 87 36.04 -8.49 24.69
C SER J 87 35.50 -7.30 25.48
N PHE J 88 35.71 -7.28 26.79
CA PHE J 88 35.28 -6.19 27.70
C PHE J 88 36.05 -4.91 27.38
N MET J 89 37.37 -5.02 27.15
CA MET J 89 38.25 -3.87 26.79
C MET J 89 37.62 -3.09 25.63
N ILE J 90 37.36 -3.78 24.51
CA ILE J 90 36.72 -3.24 23.27
C ILE J 90 35.41 -2.53 23.63
N LYS J 91 34.56 -3.20 24.42
CA LYS J 91 33.18 -2.77 24.76
C LYS J 91 33.22 -1.37 25.40
N LEU J 92 34.17 -1.13 26.31
CA LEU J 92 34.35 0.17 27.03
C LEU J 92 35.08 1.18 26.14
N GLU J 93 36.13 0.75 25.44
CA GLU J 93 37.13 1.62 24.76
C GLU J 93 36.43 2.73 23.98
N ILE J 94 35.51 2.39 23.07
CA ILE J 94 34.86 3.36 22.14
C ILE J 94 33.37 3.53 22.50
N CYS J 95 33.00 3.30 23.77
CA CYS J 95 31.64 3.60 24.30
C CYS J 95 31.49 5.12 24.41
N SER J 96 30.25 5.61 24.36
CA SER J 96 29.87 7.05 24.30
C SER J 96 30.59 7.84 25.39
N HIS J 97 30.73 7.27 26.59
CA HIS J 97 31.26 7.95 27.80
C HIS J 97 32.78 8.10 27.71
N TYR J 98 33.47 7.20 27.00
CA TYR J 98 34.92 7.25 26.73
C TYR J 98 35.19 8.23 25.59
N SER J 99 34.39 8.13 24.51
CA SER J 99 34.42 9.04 23.33
C SER J 99 34.39 10.49 23.80
N ASN J 100 33.31 10.89 24.48
CA ASN J 100 33.03 12.27 24.94
C ASN J 100 34.14 12.76 25.88
N ALA J 101 34.81 11.84 26.57
CA ALA J 101 35.95 12.14 27.47
C ALA J 101 37.19 12.49 26.65
N TRP J 102 37.41 11.80 25.53
CA TRP J 102 38.56 12.01 24.62
C TRP J 102 38.40 13.34 23.85
N LEU J 103 37.16 13.79 23.64
CA LEU J 103 36.84 15.05 22.91
C LEU J 103 37.16 16.27 23.79
N MET J 104 37.19 16.11 25.11
CA MET J 104 37.52 17.19 26.08
C MET J 104 39.00 17.15 26.46
N TYR J 105 39.72 16.09 26.07
CA TYR J 105 41.13 15.82 26.45
C TYR J 105 42.01 17.03 26.11
N GLY J 106 41.92 17.50 24.85
CA GLY J 106 42.67 18.68 24.36
C GLY J 106 42.47 19.89 25.25
N LYS J 107 41.21 20.18 25.62
CA LYS J 107 40.82 21.35 26.44
C LYS J 107 41.28 21.17 27.89
N SER J 108 41.41 19.92 28.35
CA SER J 108 41.82 19.55 29.73
C SER J 108 43.28 19.94 29.99
N LEU J 109 44.10 20.00 28.92
CA LEU J 109 45.56 20.28 28.99
C LEU J 109 45.82 21.71 29.47
N PHE J 110 44.89 22.64 29.23
CA PHE J 110 45.01 24.08 29.55
C PHE J 110 44.50 24.37 30.98
N GLU J 111 43.35 23.81 31.35
CA GLU J 111 42.68 24.05 32.65
C GLU J 111 43.43 23.28 33.76
N ASP J 112 43.79 23.98 34.84
CA ASP J 112 44.56 23.43 35.99
C ASP J 112 43.64 23.32 37.22
N ASP J 113 42.35 23.03 37.00
CA ASP J 113 41.32 22.91 38.05
C ASP J 113 41.61 21.69 38.92
N GLY J 114 42.27 20.67 38.36
CA GLY J 114 42.39 19.32 38.93
C GLY J 114 41.24 18.44 38.47
N LYS J 115 40.49 18.89 37.45
CA LYS J 115 39.35 18.17 36.83
C LYS J 115 39.82 17.47 35.56
N SER J 116 39.53 16.17 35.43
CA SER J 116 39.91 15.30 34.28
C SER J 116 39.10 15.69 33.04
N ALA J 117 39.49 15.17 31.87
CA ALA J 117 38.76 15.30 30.60
C ALA J 117 37.38 14.62 30.71
N PHE J 118 37.32 13.49 31.44
CA PHE J 118 36.08 12.72 31.72
C PHE J 118 35.13 13.57 32.57
N GLU J 119 35.65 14.19 33.63
CA GLU J 119 34.88 15.03 34.59
C GLU J 119 34.26 16.21 33.85
N MET J 120 35.04 16.90 33.00
CA MET J 120 34.60 18.08 32.21
C MET J 120 33.37 17.74 31.36
N ALA J 121 33.32 16.53 30.80
CA ALA J 121 32.27 16.07 29.84
C ALA J 121 31.02 15.60 30.59
N HIS J 122 31.19 14.96 31.75
CA HIS J 122 30.16 14.14 32.45
C HIS J 122 29.69 14.79 33.76
N GLY J 123 30.55 15.55 34.44
CA GLY J 123 30.18 16.38 35.61
C GLY J 123 30.84 15.91 36.90
N ARG J 124 31.12 14.60 37.02
CA ARG J 124 31.79 13.99 38.20
C ARG J 124 33.05 13.24 37.75
N PRO J 125 34.04 13.02 38.65
CA PRO J 125 35.18 12.17 38.33
C PRO J 125 34.72 10.72 38.09
N PHE J 126 35.61 9.89 37.51
CA PHE J 126 35.29 8.57 36.89
C PHE J 126 34.48 7.70 37.85
N PHE J 127 35.04 7.37 39.02
CA PHE J 127 34.53 6.34 39.96
C PHE J 127 33.20 6.77 40.58
N GLU J 128 33.03 8.06 40.87
CA GLU J 128 31.81 8.64 41.48
C GLU J 128 30.67 8.62 40.45
N TYR J 129 30.97 8.82 39.16
CA TYR J 129 30.01 8.73 38.04
C TYR J 129 29.61 7.27 37.81
N LEU J 130 30.55 6.34 38.01
CA LEU J 130 30.35 4.87 37.79
C LEU J 130 29.27 4.33 38.75
N ASP J 131 29.17 4.89 39.96
CA ASP J 131 28.14 4.53 40.97
C ASP J 131 26.75 4.76 40.37
N GLY J 132 26.60 5.79 39.53
CA GLY J 132 25.32 6.19 38.90
C GLY J 132 25.04 5.42 37.61
N ASN J 133 26.08 4.94 36.93
CA ASN J 133 25.99 4.31 35.58
C ASN J 133 26.28 2.81 35.68
N LYS J 134 25.26 1.98 35.46
CA LYS J 134 25.32 0.49 35.56
C LYS J 134 26.20 -0.07 34.44
N PHE J 135 26.08 0.49 33.23
CA PHE J 135 26.80 0.03 32.00
C PHE J 135 28.31 0.16 32.20
N LEU J 136 28.78 1.32 32.67
CA LEU J 136 30.23 1.62 32.84
C LEU J 136 30.83 0.74 33.94
N LYS J 137 30.15 0.59 35.08
CA LYS J 137 30.69 -0.11 36.28
C LYS J 137 30.70 -1.63 36.04
N SER J 138 29.60 -2.20 35.56
CA SER J 138 29.44 -3.66 35.30
C SER J 138 30.49 -4.13 34.30
N ASN J 139 30.84 -3.28 33.32
CA ASN J 139 31.81 -3.60 32.23
C ASN J 139 33.25 -3.36 32.73
N PHE J 140 33.47 -2.29 33.52
CA PHE J 140 34.80 -1.89 34.04
C PHE J 140 35.29 -2.92 35.07
N ASP J 141 34.42 -3.29 36.02
CA ASP J 141 34.72 -4.30 37.08
C ASP J 141 34.92 -5.68 36.42
N ALA J 142 34.10 -6.00 35.42
CA ALA J 142 34.21 -7.23 34.60
C ALA J 142 35.63 -7.31 34.00
N LEU J 143 36.08 -6.23 33.35
CA LEU J 143 37.45 -6.10 32.79
C LEU J 143 38.47 -6.40 33.90
N MET J 144 38.45 -5.59 34.97
CA MET J 144 39.41 -5.68 36.11
C MET J 144 39.43 -7.11 36.66
N THR J 145 38.26 -7.76 36.78
CA THR J 145 38.10 -9.16 37.26
C THR J 145 38.90 -10.11 36.37
N ARG J 146 38.85 -9.93 35.05
CA ARG J 146 39.48 -10.86 34.06
C ARG J 146 41.01 -10.66 34.05
N VAL J 147 41.48 -9.41 34.09
CA VAL J 147 42.95 -9.12 34.07
C VAL J 147 43.56 -9.57 35.41
N SER J 148 42.77 -9.54 36.50
CA SER J 148 43.12 -10.10 37.83
C SER J 148 43.27 -11.62 37.73
N ASN J 149 42.32 -12.28 37.04
CA ASN J 149 42.28 -13.75 36.85
C ASN J 149 43.59 -14.23 36.18
N LEU J 150 44.10 -13.47 35.22
CA LEU J 150 45.29 -13.83 34.39
C LEU J 150 46.59 -13.70 35.19
N ILE J 151 46.61 -12.92 36.27
CA ILE J 151 47.85 -12.64 37.07
C ILE J 151 47.84 -13.47 38.37
N VAL J 152 46.75 -14.18 38.68
CA VAL J 152 46.58 -14.95 39.95
C VAL J 152 47.76 -15.90 40.15
N GLU J 153 47.92 -16.87 39.23
CA GLU J 153 48.86 -18.02 39.37
C GLU J 153 50.32 -17.52 39.31
N LYS J 154 50.56 -16.42 38.60
CA LYS J 154 51.89 -15.74 38.52
C LYS J 154 52.28 -15.22 39.90
N LEU J 155 51.36 -14.55 40.60
CA LEU J 155 51.58 -13.98 41.96
C LEU J 155 51.82 -15.10 42.96
N LEU J 156 50.97 -16.14 42.95
CA LEU J 156 51.07 -17.34 43.84
C LEU J 156 52.46 -17.97 43.68
N GLY J 157 53.02 -17.95 42.47
CA GLY J 157 54.34 -18.54 42.14
C GLY J 157 55.50 -17.79 42.76
N ILE J 158 55.44 -16.45 42.79
CA ILE J 158 56.59 -15.54 43.11
C ILE J 158 56.57 -15.14 44.60
N TYR J 159 55.45 -15.36 45.30
CA TYR J 159 55.25 -14.93 46.71
C TYR J 159 54.53 -16.02 47.51
N ASP J 160 55.01 -16.31 48.73
CA ASP J 160 54.40 -17.29 49.66
C ASP J 160 53.30 -16.58 50.46
N PHE J 161 52.04 -16.77 50.07
CA PHE J 161 50.83 -16.17 50.69
C PHE J 161 50.36 -17.03 51.88
N ASN J 162 50.98 -18.20 52.09
CA ASN J 162 50.62 -19.16 53.16
C ASN J 162 51.18 -18.70 54.51
N GLN J 163 52.22 -17.84 54.49
CA GLN J 163 52.92 -17.35 55.72
C GLN J 163 52.03 -16.37 56.48
N HIS J 164 51.11 -15.69 55.78
CA HIS J 164 50.19 -14.67 56.34
C HIS J 164 48.89 -15.32 56.83
N ASN J 165 48.15 -14.62 57.67
CA ASN J 165 46.87 -15.07 58.31
C ASN J 165 45.72 -14.16 57.87
N ARG J 166 45.87 -12.84 58.08
CA ARG J 166 44.84 -11.81 57.77
C ARG J 166 45.23 -11.08 56.47
N ILE J 167 44.37 -11.13 55.45
CA ILE J 167 44.66 -10.58 54.09
C ILE J 167 43.57 -9.57 53.70
N LEU J 168 43.97 -8.34 53.34
CA LEU J 168 43.07 -7.25 52.89
C LEU J 168 43.55 -6.72 51.53
N ASP J 169 42.73 -6.89 50.49
CA ASP J 169 42.94 -6.32 49.13
C ASP J 169 42.23 -4.97 49.06
N VAL J 170 42.99 -3.87 49.01
CA VAL J 170 42.46 -2.47 49.02
C VAL J 170 42.17 -2.05 47.57
N GLY J 171 40.93 -1.63 47.30
CA GLY J 171 40.41 -1.33 45.95
C GLY J 171 40.36 -2.59 45.09
N GLY J 172 39.79 -3.68 45.63
CA GLY J 172 39.80 -5.03 45.03
C GLY J 172 38.61 -5.27 44.11
N GLY J 173 37.63 -4.35 44.09
CA GLY J 173 36.44 -4.42 43.22
C GLY J 173 35.58 -5.63 43.54
N GLU J 174 35.27 -6.45 42.53
CA GLU J 174 34.52 -7.74 42.69
C GLU J 174 35.32 -8.69 43.58
N GLY J 175 36.63 -8.48 43.71
CA GLY J 175 37.52 -9.19 44.65
C GLY J 175 37.94 -10.56 44.14
N GLU J 176 38.16 -10.67 42.82
CA GLU J 176 38.51 -11.94 42.14
C GLU J 176 39.92 -12.40 42.57
N LEU J 177 40.83 -11.47 42.79
CA LEU J 177 42.25 -11.74 43.16
C LEU J 177 42.30 -12.66 44.38
N LEU J 178 41.54 -12.35 45.44
CA LEU J 178 41.56 -13.11 46.72
C LEU J 178 40.63 -14.33 46.63
N VAL J 179 39.57 -14.28 45.81
CA VAL J 179 38.64 -15.42 45.57
C VAL J 179 39.43 -16.59 44.97
N ARG J 180 40.33 -16.31 44.03
CA ARG J 180 41.16 -17.34 43.33
C ARG J 180 42.34 -17.73 44.23
N ILE J 181 42.84 -16.81 45.05
CA ILE J 181 43.96 -17.07 46.02
C ILE J 181 43.42 -17.95 47.17
N SER J 182 42.16 -17.78 47.55
CA SER J 182 41.49 -18.53 48.65
C SER J 182 41.28 -20.01 48.24
N GLU J 183 41.16 -20.29 46.94
CA GLU J 183 40.98 -21.66 46.39
C GLU J 183 42.30 -22.44 46.45
N LYS J 184 43.44 -21.74 46.55
CA LYS J 184 44.81 -22.33 46.55
C LYS J 184 45.39 -22.28 47.97
N VAL J 185 45.25 -21.15 48.67
CA VAL J 185 45.72 -20.94 50.07
C VAL J 185 44.50 -20.91 51.01
N LYS J 186 44.26 -22.00 51.74
CA LYS J 186 43.08 -22.19 52.64
C LYS J 186 43.43 -21.80 54.08
N GLY J 187 42.39 -21.61 54.91
CA GLY J 187 42.50 -21.45 56.37
C GLY J 187 42.79 -20.02 56.80
N LYS J 188 42.79 -19.06 55.86
CA LYS J 188 43.14 -17.64 56.10
C LYS J 188 41.87 -16.79 56.17
N HIS J 189 41.98 -15.58 56.73
CA HIS J 189 40.93 -14.53 56.74
C HIS J 189 41.14 -13.60 55.54
N TYR J 190 40.21 -13.62 54.57
CA TYR J 190 40.28 -12.85 53.30
C TYR J 190 39.28 -11.69 53.36
N ALA J 191 39.77 -10.47 53.09
CA ALA J 191 38.99 -9.21 53.12
C ALA J 191 39.27 -8.39 51.86
N VAL J 192 38.23 -7.77 51.30
CA VAL J 192 38.29 -6.90 50.07
C VAL J 192 37.60 -5.57 50.38
N LEU J 193 38.36 -4.47 50.33
CA LEU J 193 37.90 -3.07 50.58
C LEU J 193 37.71 -2.34 49.24
N ASP J 194 36.61 -1.61 49.07
CA ASP J 194 36.29 -0.83 47.85
C ASP J 194 35.16 0.17 48.16
N ARG J 195 34.78 1.00 47.16
CA ARG J 195 33.59 1.88 47.21
C ARG J 195 32.37 1.13 46.65
N TYR J 196 31.61 0.48 47.52
CA TYR J 196 30.51 -0.46 47.14
C TYR J 196 29.15 0.26 47.17
N SER J 197 28.45 0.21 46.02
CA SER J 197 27.01 0.52 45.86
C SER J 197 26.19 -0.76 46.04
N GLU J 198 26.78 -1.90 45.64
CA GLU J 198 26.22 -3.28 45.78
C GLU J 198 27.25 -4.13 46.52
N LEU J 199 26.95 -4.54 47.76
CA LEU J 199 27.87 -5.31 48.65
C LEU J 199 27.88 -6.77 48.20
N PRO J 200 29.00 -7.30 47.66
CA PRO J 200 29.08 -8.70 47.23
C PRO J 200 29.19 -9.67 48.41
N VAL J 201 29.05 -10.97 48.15
CA VAL J 201 29.25 -12.05 49.16
C VAL J 201 29.93 -13.25 48.46
N SER J 202 31.06 -13.71 49.02
CA SER J 202 31.79 -14.94 48.64
C SER J 202 32.27 -15.63 49.92
N ASP J 203 31.88 -16.89 50.13
CA ASP J 203 31.98 -17.63 51.41
C ASP J 203 33.27 -17.28 52.17
N ASN J 204 34.42 -17.34 51.51
CA ASN J 204 35.77 -17.18 52.13
C ASN J 204 36.07 -15.68 52.35
N ILE J 205 35.45 -14.79 51.58
CA ILE J 205 35.82 -13.34 51.49
C ILE J 205 34.92 -12.52 52.43
N ASP J 206 35.45 -11.40 52.95
CA ASP J 206 34.74 -10.42 53.80
C ASP J 206 34.81 -9.05 53.12
N PHE J 207 33.70 -8.60 52.53
CA PHE J 207 33.60 -7.37 51.70
C PHE J 207 33.24 -6.16 52.58
N ILE J 208 34.12 -5.16 52.64
CA ILE J 208 33.98 -3.90 53.44
C ILE J 208 33.78 -2.73 52.47
N ASN J 209 32.86 -1.81 52.80
CA ASN J 209 32.70 -0.50 52.11
C ASN J 209 33.58 0.54 52.81
N GLY J 210 34.70 0.93 52.18
CA GLY J 210 35.69 1.87 52.72
C GLY J 210 36.10 2.93 51.71
N ASN J 211 37.14 3.70 52.04
CA ASN J 211 37.68 4.81 51.20
C ASN J 211 39.16 5.03 51.56
N PHE J 212 40.07 4.50 50.73
CA PHE J 212 41.54 4.43 51.02
C PHE J 212 42.16 5.83 51.09
N LEU J 213 41.44 6.87 50.65
CA LEU J 213 41.84 8.29 50.82
C LEU J 213 41.62 8.70 52.28
N ASN J 214 40.56 8.18 52.91
CA ASN J 214 40.12 8.56 54.29
C ASN J 214 40.83 7.68 55.33
N SER J 215 40.71 6.35 55.23
CA SER J 215 41.25 5.39 56.24
C SER J 215 41.43 3.98 55.65
N ILE J 216 42.52 3.30 56.06
CA ILE J 216 42.79 1.86 55.82
C ILE J 216 42.60 1.13 57.15
N PRO J 217 41.70 0.13 57.25
CA PRO J 217 41.48 -0.60 58.51
C PRO J 217 42.66 -1.50 58.87
N SER J 218 43.20 -1.34 60.08
CA SER J 218 44.40 -2.04 60.62
C SER J 218 44.03 -3.49 60.99
N GLY J 219 45.01 -4.24 61.51
CA GLY J 219 44.84 -5.61 62.03
C GLY J 219 45.04 -6.67 60.94
N TYR J 220 45.74 -6.31 59.85
CA TYR J 220 46.07 -7.23 58.72
C TYR J 220 47.59 -7.25 58.53
N ASP J 221 48.17 -8.45 58.42
CA ASP J 221 49.63 -8.67 58.24
C ASP J 221 49.98 -8.72 56.75
N LEU J 222 48.97 -8.82 55.87
CA LEU J 222 49.16 -8.69 54.40
C LEU J 222 48.12 -7.73 53.81
N TYR J 223 48.58 -6.61 53.23
CA TYR J 223 47.78 -5.66 52.42
C TYR J 223 48.15 -5.83 50.94
N ILE J 224 47.18 -5.60 50.05
CA ILE J 224 47.38 -5.67 48.56
C ILE J 224 46.75 -4.42 47.93
N LEU J 225 47.55 -3.62 47.22
CA LEU J 225 47.10 -2.48 46.39
C LEU J 225 47.51 -2.76 44.94
N LYS J 226 46.54 -3.10 44.07
CA LYS J 226 46.80 -3.58 42.68
C LYS J 226 46.05 -2.71 41.68
N ASN J 227 46.77 -2.14 40.70
CA ASN J 227 46.23 -1.32 39.57
C ASN J 227 45.32 -0.22 40.10
N VAL J 228 45.76 0.48 41.15
CA VAL J 228 45.03 1.61 41.80
C VAL J 228 45.79 2.91 41.52
N LEU J 229 47.07 2.96 41.90
CA LEU J 229 47.90 4.21 41.93
C LEU J 229 47.91 4.91 40.57
N HIS J 230 47.73 4.18 39.46
CA HIS J 230 47.71 4.76 38.08
C HIS J 230 46.39 5.50 37.83
N ASN J 231 45.42 5.43 38.76
CA ASN J 231 44.13 6.16 38.71
C ASN J 231 44.21 7.47 39.49
N TRP J 232 45.38 7.84 40.02
CA TRP J 232 45.53 8.98 40.97
C TRP J 232 46.83 9.76 40.72
N SER J 233 46.85 11.01 41.21
CA SER J 233 48.01 11.96 41.14
C SER J 233 49.09 11.57 42.15
N ASP J 234 50.24 12.24 42.09
CA ASP J 234 51.41 12.03 43.00
C ASP J 234 50.96 12.24 44.44
N SER J 235 50.29 13.37 44.72
CA SER J 235 49.78 13.76 46.07
C SER J 235 48.75 12.73 46.55
N ASP J 236 47.73 12.46 45.73
CA ASP J 236 46.61 11.52 46.02
C ASP J 236 47.16 10.11 46.28
N SER J 237 48.27 9.73 45.62
CA SER J 237 48.94 8.42 45.77
C SER J 237 49.67 8.36 47.11
N ILE J 238 50.32 9.46 47.51
CA ILE J 238 51.09 9.56 48.79
C ILE J 238 50.10 9.50 49.96
N LEU J 239 48.92 10.12 49.82
CA LEU J 239 47.81 10.07 50.82
C LEU J 239 47.40 8.60 51.06
N ILE J 240 47.26 7.81 49.99
CA ILE J 240 46.84 6.38 50.05
C ILE J 240 47.88 5.59 50.85
N LEU J 241 49.18 5.83 50.59
CA LEU J 241 50.32 5.09 51.20
C LEU J 241 50.57 5.56 52.64
N GLU J 242 50.21 6.81 52.96
CA GLU J 242 50.27 7.36 54.34
C GLU J 242 49.26 6.62 55.23
N ASN J 243 48.07 6.35 54.68
CA ASN J 243 46.96 5.64 55.38
C ASN J 243 47.34 4.16 55.57
N PHE J 244 48.09 3.59 54.63
CA PHE J 244 48.66 2.21 54.71
C PHE J 244 49.67 2.15 55.87
N ARG J 245 50.59 3.13 55.93
CA ARG J 245 51.71 3.19 56.92
C ARG J 245 51.15 3.43 58.32
N LYS J 246 49.99 4.08 58.44
CA LYS J 246 49.29 4.36 59.73
C LYS J 246 48.56 3.09 60.22
N ALA J 247 48.12 2.23 59.28
CA ALA J 247 47.33 1.01 59.55
C ALA J 247 48.25 -0.22 59.71
N MET J 248 49.52 -0.09 59.31
CA MET J 248 50.52 -1.20 59.32
C MET J 248 51.36 -1.12 60.60
N ASP J 249 51.73 -2.28 61.15
CA ASP J 249 52.74 -2.43 62.23
C ASP J 249 54.06 -2.88 61.58
N LYS J 250 55.12 -3.08 62.38
CA LYS J 250 56.46 -3.47 61.89
C LYS J 250 56.41 -4.83 61.19
N ASN J 251 55.48 -5.71 61.59
CA ASN J 251 55.35 -7.10 61.09
C ASN J 251 54.35 -7.19 59.93
N SER J 252 53.73 -6.06 59.54
CA SER J 252 52.75 -5.97 58.42
C SER J 252 53.50 -5.80 57.09
N SER J 253 52.97 -6.40 56.02
CA SER J 253 53.53 -6.35 54.64
C SER J 253 52.47 -5.88 53.66
N LEU J 254 52.74 -4.78 52.95
CA LEU J 254 51.92 -4.25 51.83
C LEU J 254 52.52 -4.76 50.51
N LEU J 255 51.67 -5.27 49.60
CA LEU J 255 52.04 -5.64 48.21
C LEU J 255 51.52 -4.57 47.25
N LEU J 256 52.43 -3.81 46.63
CA LEU J 256 52.13 -2.81 45.57
C LEU J 256 52.38 -3.46 44.20
N ILE J 257 51.30 -3.92 43.55
CA ILE J 257 51.33 -4.62 42.23
C ILE J 257 50.64 -3.72 41.20
N ASN J 258 51.42 -3.13 40.29
CA ASN J 258 50.95 -2.08 39.35
C ASN J 258 51.64 -2.26 38.00
N MET J 259 50.92 -2.00 36.90
CA MET J 259 51.50 -1.83 35.54
C MET J 259 52.60 -0.77 35.63
N VAL J 260 53.77 -1.03 35.03
CA VAL J 260 55.01 -0.21 35.16
C VAL J 260 55.35 0.40 33.80
N LYS J 261 55.93 1.60 33.80
CA LYS J 261 56.40 2.34 32.61
C LYS J 261 57.71 1.72 32.11
N GLU J 262 57.69 1.09 30.94
CA GLU J 262 58.87 0.50 30.27
C GLU J 262 59.00 1.13 28.89
N PRO J 263 60.20 1.65 28.51
CA PRO J 263 60.38 2.38 27.25
C PRO J 263 59.90 1.65 25.99
N GLU J 264 59.99 0.31 25.98
CA GLU J 264 59.70 -0.54 24.80
C GLU J 264 58.19 -0.56 24.52
N PHE J 265 57.36 -0.45 25.56
CA PHE J 265 55.88 -0.52 25.47
C PHE J 265 55.29 0.86 25.16
N SER J 266 54.02 0.89 24.75
CA SER J 266 53.29 2.09 24.26
C SER J 266 52.93 3.02 25.42
N ARG J 267 52.75 4.31 25.11
CA ARG J 267 52.38 5.38 26.08
C ARG J 267 50.86 5.64 26.01
N SER J 268 50.12 4.87 25.20
CA SER J 268 48.67 5.09 24.93
C SER J 268 47.85 5.00 26.21
N PHE J 269 48.23 4.09 27.12
CA PHE J 269 47.53 3.85 28.41
C PHE J 269 47.80 5.02 29.36
N ASP J 270 49.02 5.58 29.34
CA ASP J 270 49.42 6.76 30.14
C ASP J 270 48.46 7.93 29.84
N ILE J 271 48.08 8.10 28.57
CA ILE J 271 47.18 9.21 28.12
C ILE J 271 45.76 8.90 28.61
N LEU J 272 45.30 7.66 28.47
CA LEU J 272 43.93 7.22 28.91
C LEU J 272 43.76 7.52 30.41
N MET J 273 44.81 7.32 31.21
CA MET J 273 44.83 7.62 32.67
C MET J 273 44.67 9.13 32.89
N ASP J 274 45.35 9.94 32.07
CA ASP J 274 45.27 11.42 32.09
C ASP J 274 43.83 11.86 31.78
N VAL J 275 43.25 11.30 30.70
CA VAL J 275 41.87 11.57 30.21
C VAL J 275 40.86 11.27 31.32
N LEU J 276 40.97 10.09 31.94
CA LEU J 276 39.89 9.50 32.80
C LEU J 276 40.05 9.94 34.26
N PHE J 277 41.29 10.05 34.76
CA PHE J 277 41.58 10.22 36.21
C PHE J 277 42.52 11.40 36.50
N LEU J 278 43.11 12.04 35.48
CA LEU J 278 44.34 12.87 35.59
C LEU J 278 45.45 12.01 36.22
N GLY J 279 45.43 10.70 35.96
CA GLY J 279 46.40 9.73 36.46
C GLY J 279 47.63 9.66 35.56
N LYS J 280 48.50 8.68 35.79
CA LYS J 280 49.75 8.46 35.01
C LYS J 280 50.31 7.07 35.33
N GLU J 281 50.95 6.44 34.34
CA GLU J 281 51.78 5.22 34.56
C GLU J 281 53.12 5.69 35.15
N ARG J 282 53.78 4.84 35.93
CA ARG J 282 55.04 5.18 36.66
C ARG J 282 56.03 4.03 36.54
N SER J 283 57.33 4.33 36.54
CA SER J 283 58.45 3.36 36.62
C SER J 283 58.60 2.89 38.08
N PHE J 284 59.40 1.84 38.30
CA PHE J 284 59.67 1.28 39.65
C PHE J 284 60.21 2.40 40.57
N THR J 285 61.19 3.15 40.08
CA THR J 285 61.84 4.30 40.78
C THR J 285 60.77 5.28 41.25
N GLU J 286 59.81 5.63 40.38
CA GLU J 286 58.73 6.60 40.66
C GLU J 286 57.75 6.03 41.69
N PHE J 287 57.53 4.71 41.69
CA PHE J 287 56.69 3.99 42.69
C PHE J 287 57.41 3.97 44.05
N GLU J 288 58.73 3.79 44.04
CA GLU J 288 59.60 3.73 45.24
C GLU J 288 59.60 5.10 45.94
N TYR J 289 59.62 6.20 45.15
CA TYR J 289 59.62 7.59 45.66
C TYR J 289 58.38 7.85 46.51
N LEU J 290 57.19 7.70 45.91
CA LEU J 290 55.87 7.92 46.56
C LEU J 290 55.81 7.12 47.88
N ALA J 291 56.34 5.90 47.88
CA ALA J 291 56.41 5.00 49.06
C ALA J 291 57.35 5.58 50.11
N ASN J 292 58.55 6.03 49.70
CA ASN J 292 59.59 6.62 50.59
C ASN J 292 59.04 7.90 51.25
N GLN J 293 58.33 8.73 50.49
CA GLN J 293 57.72 10.00 50.96
C GLN J 293 56.65 9.69 52.02
N ALA J 294 55.93 8.56 51.86
CA ALA J 294 54.82 8.12 52.74
C ALA J 294 55.34 7.37 53.96
N GLY J 295 56.64 7.02 53.97
CA GLY J 295 57.31 6.35 55.10
C GLY J 295 57.30 4.84 54.96
N LEU J 296 57.39 4.33 53.73
CA LEU J 296 57.50 2.88 53.40
C LEU J 296 58.83 2.64 52.66
N VAL J 297 59.53 1.55 52.97
CA VAL J 297 60.79 1.13 52.30
C VAL J 297 60.52 -0.16 51.52
N VAL J 298 61.10 -0.27 50.32
CA VAL J 298 61.00 -1.46 49.42
C VAL J 298 61.88 -2.57 50.02
N GLN J 299 61.29 -3.74 50.30
CA GLN J 299 61.98 -4.92 50.89
C GLN J 299 62.38 -5.90 49.79
N GLU J 300 61.57 -6.00 48.72
CA GLU J 300 61.81 -6.92 47.57
C GLU J 300 61.05 -6.40 46.35
N THR J 301 61.64 -6.56 45.15
CA THR J 301 61.04 -6.20 43.83
C THR J 301 61.15 -7.39 42.88
N LYS J 302 60.10 -7.64 42.09
CA LYS J 302 60.04 -8.71 41.06
C LYS J 302 59.25 -8.18 39.86
N VAL J 303 59.67 -8.54 38.64
CA VAL J 303 59.00 -8.15 37.37
C VAL J 303 58.03 -9.27 36.98
N ILE J 304 56.81 -8.91 36.61
CA ILE J 304 55.76 -9.84 36.08
C ILE J 304 55.39 -9.34 34.66
N ASP J 305 55.36 -10.25 33.69
CA ASP J 305 54.99 -9.94 32.27
C ASP J 305 53.59 -10.50 31.99
N GLN J 306 52.63 -9.60 31.77
CA GLN J 306 51.29 -9.91 31.22
C GLN J 306 51.30 -9.51 29.74
N SER J 307 50.60 -10.29 28.90
CA SER J 307 50.48 -10.08 27.43
C SER J 307 50.28 -8.59 27.11
N TYR J 308 49.45 -7.90 27.90
CA TYR J 308 48.99 -6.51 27.65
C TYR J 308 49.95 -5.47 28.26
N SER J 309 50.71 -5.84 29.31
CA SER J 309 51.63 -4.91 30.01
C SER J 309 52.60 -5.66 30.92
N PRO J 310 53.82 -5.13 31.15
CA PRO J 310 54.66 -5.57 32.27
C PRO J 310 54.13 -4.98 33.59
N TYR J 311 54.45 -5.63 34.71
CA TYR J 311 54.04 -5.27 36.09
C TYR J 311 55.25 -5.17 37.00
N SER J 312 55.15 -4.38 38.07
CA SER J 312 56.13 -4.26 39.17
C SER J 312 55.51 -4.80 40.46
N PHE J 313 56.13 -5.82 41.06
CA PHE J 313 55.73 -6.43 42.35
C PHE J 313 56.65 -5.89 43.45
N ILE J 314 56.16 -4.91 44.22
CA ILE J 314 56.95 -4.18 45.26
C ILE J 314 56.37 -4.50 46.64
N LYS J 315 57.14 -5.19 47.49
CA LYS J 315 56.80 -5.48 48.90
C LYS J 315 57.24 -4.30 49.76
N LEU J 316 56.29 -3.63 50.42
CA LEU J 316 56.51 -2.41 51.24
C LEU J 316 56.33 -2.74 52.73
N GLN J 317 57.28 -2.33 53.56
CA GLN J 317 57.22 -2.43 55.06
C GLN J 317 57.74 -1.11 55.65
N ILE J 318 57.27 -0.76 56.85
CA ILE J 318 57.53 0.56 57.52
C ILE J 318 59.01 0.64 57.91
N LYS J 319 59.58 1.85 57.82
CA LYS J 319 61.00 2.15 58.14
C LYS J 319 61.26 1.86 59.63
N SER K 1 15.35 -35.64 -30.48
CA SER K 1 15.03 -36.44 -31.71
C SER K 1 14.53 -35.49 -32.81
N MET K 2 14.33 -36.04 -34.02
CA MET K 2 13.78 -35.30 -35.19
C MET K 2 12.26 -35.30 -35.12
N LEU K 3 11.65 -36.39 -34.65
CA LEU K 3 10.18 -36.60 -34.59
C LEU K 3 9.52 -35.53 -33.71
N THR K 4 10.03 -35.30 -32.50
CA THR K 4 9.48 -34.31 -31.54
C THR K 4 9.56 -32.90 -32.14
N GLU K 5 10.68 -32.57 -32.79
CA GLU K 5 10.91 -31.25 -33.43
C GLU K 5 10.02 -31.12 -34.67
N LEU K 6 9.75 -32.23 -35.37
CA LEU K 6 8.79 -32.28 -36.50
C LEU K 6 7.37 -32.10 -35.97
N ILE K 7 7.05 -32.70 -34.81
CA ILE K 7 5.76 -32.50 -34.08
C ILE K 7 5.67 -31.03 -33.64
N ALA K 8 6.80 -30.42 -33.28
CA ALA K 8 6.90 -29.04 -32.73
C ALA K 8 7.33 -28.05 -33.82
N SER K 9 7.11 -28.38 -35.10
CA SER K 9 7.42 -27.52 -36.26
C SER K 9 6.69 -26.17 -36.14
N ASN K 10 5.45 -26.17 -35.63
CA ASN K 10 4.58 -24.98 -35.43
C ASN K 10 5.31 -23.88 -34.66
N ARG K 11 6.21 -24.25 -33.73
CA ARG K 11 6.99 -23.30 -32.89
C ARG K 11 7.83 -22.38 -33.79
N ARG K 12 8.36 -22.92 -34.90
CA ARG K 12 9.15 -22.17 -35.90
C ARG K 12 8.29 -21.03 -36.47
N SER K 13 7.06 -21.35 -36.89
CA SER K 13 6.09 -20.39 -37.48
C SER K 13 5.79 -19.27 -36.49
N ALA K 14 5.56 -19.65 -35.22
CA ALA K 14 5.15 -18.73 -34.12
C ALA K 14 6.32 -17.82 -33.72
N ALA K 15 7.55 -18.35 -33.67
CA ALA K 15 8.78 -17.57 -33.38
C ALA K 15 8.98 -16.49 -34.46
N ILE K 16 8.82 -16.86 -35.73
CA ILE K 16 8.88 -15.93 -36.90
C ILE K 16 7.77 -14.89 -36.75
N HIS K 17 6.56 -15.30 -36.36
CA HIS K 17 5.37 -14.43 -36.17
C HIS K 17 5.65 -13.39 -35.09
N ALA K 18 6.05 -13.84 -33.90
CA ALA K 18 6.42 -12.99 -32.74
C ALA K 18 7.44 -11.93 -33.19
N PHE K 19 8.43 -12.33 -33.99
CA PHE K 19 9.55 -11.47 -34.46
C PHE K 19 9.02 -10.41 -35.44
N VAL K 20 8.24 -10.83 -36.44
CA VAL K 20 7.77 -9.97 -37.57
C VAL K 20 6.54 -9.16 -37.13
N ASP K 21 5.54 -9.81 -36.53
CA ASP K 21 4.20 -9.21 -36.24
C ASP K 21 4.34 -8.04 -35.25
N THR K 22 5.23 -8.15 -34.26
CA THR K 22 5.52 -7.09 -33.27
C THR K 22 6.18 -5.89 -33.98
N GLY K 23 6.90 -6.14 -35.08
CA GLY K 23 7.66 -5.13 -35.83
C GLY K 23 9.11 -5.07 -35.39
N LEU K 24 9.56 -6.07 -34.62
CA LEU K 24 10.96 -6.18 -34.10
C LEU K 24 11.91 -6.46 -35.26
N SER K 25 11.46 -7.20 -36.29
CA SER K 25 12.25 -7.58 -37.50
C SER K 25 12.64 -6.32 -38.30
N THR K 26 11.84 -5.25 -38.22
CA THR K 26 12.04 -3.99 -38.98
C THR K 26 13.23 -3.20 -38.41
N HIS K 27 13.75 -3.58 -37.24
CA HIS K 27 14.98 -2.99 -36.61
C HIS K 27 16.24 -3.61 -37.21
N PHE K 28 16.11 -4.63 -38.07
CA PHE K 28 17.25 -5.39 -38.67
C PHE K 28 17.37 -5.03 -40.16
N LYS K 29 17.09 -3.78 -40.53
CA LYS K 29 17.13 -3.27 -41.93
C LYS K 29 18.58 -3.24 -42.42
N ASP K 30 18.79 -3.48 -43.72
CA ASP K 30 20.07 -3.29 -44.44
C ASP K 30 21.17 -4.17 -43.83
N GLY K 31 20.86 -5.45 -43.57
CA GLY K 31 21.81 -6.47 -43.05
C GLY K 31 22.70 -5.94 -41.95
N ILE K 32 22.20 -5.03 -41.11
CA ILE K 32 22.95 -4.41 -39.97
C ILE K 32 23.08 -5.43 -38.84
N TYR K 33 24.19 -5.36 -38.09
CA TYR K 33 24.42 -6.17 -36.86
C TYR K 33 23.85 -5.44 -35.65
N VAL K 34 22.60 -5.76 -35.30
CA VAL K 34 21.82 -5.13 -34.20
C VAL K 34 22.41 -5.55 -32.86
N ASP K 35 22.46 -4.62 -31.90
CA ASP K 35 22.79 -4.89 -30.48
C ASP K 35 21.47 -5.01 -29.70
N ILE K 36 21.17 -6.20 -29.19
CA ILE K 36 19.90 -6.53 -28.48
C ILE K 36 19.79 -5.67 -27.21
N SER K 37 20.92 -5.44 -26.54
CA SER K 37 21.04 -4.53 -25.37
C SER K 37 20.51 -3.14 -25.75
N GLU K 38 20.98 -2.58 -26.87
CA GLU K 38 20.51 -1.28 -27.42
C GLU K 38 19.04 -1.39 -27.84
N LEU K 39 18.69 -2.43 -28.59
CA LEU K 39 17.32 -2.66 -29.13
C LEU K 39 16.31 -2.71 -27.98
N SER K 40 16.63 -3.46 -26.92
CA SER K 40 15.85 -3.54 -25.65
C SER K 40 15.67 -2.14 -25.07
N ARG K 41 16.75 -1.35 -25.04
CA ARG K 41 16.81 0.01 -24.45
C ARG K 41 15.88 0.96 -25.21
N LYS K 42 15.86 0.87 -26.54
CA LYS K 42 15.15 1.82 -27.44
C LYS K 42 13.73 1.34 -27.73
N SER K 43 13.52 0.03 -27.86
CA SER K 43 12.21 -0.59 -28.21
C SER K 43 11.35 -0.84 -26.95
N GLY K 44 11.98 -1.24 -25.85
CA GLY K 44 11.32 -1.56 -24.57
C GLY K 44 11.17 -3.05 -24.35
N VAL K 45 11.53 -3.88 -25.34
CA VAL K 45 11.43 -5.37 -25.28
C VAL K 45 12.43 -5.90 -24.25
N ASN K 46 12.08 -7.00 -23.56
CA ASN K 46 12.93 -7.65 -22.54
C ASN K 46 14.19 -8.20 -23.22
N TYR K 47 15.37 -7.81 -22.71
CA TYR K 47 16.71 -8.21 -23.24
C TYR K 47 16.89 -9.72 -23.14
N ALA K 48 16.77 -10.26 -21.92
CA ALA K 48 17.06 -11.68 -21.56
C ALA K 48 16.16 -12.63 -22.35
N ARG K 49 14.89 -12.26 -22.57
CA ARG K 49 13.86 -13.14 -23.18
C ARG K 49 13.91 -13.03 -24.71
N PHE K 50 14.26 -11.87 -25.26
CA PHE K 50 14.41 -11.66 -26.73
C PHE K 50 15.74 -12.25 -27.19
N SER K 51 16.80 -12.13 -26.39
CA SER K 51 18.10 -12.84 -26.60
C SER K 51 17.82 -14.32 -26.92
N ARG K 52 16.95 -14.95 -26.14
CA ARG K 52 16.60 -16.40 -26.24
C ARG K 52 15.84 -16.68 -27.54
N LEU K 53 14.94 -15.77 -27.95
CA LEU K 53 14.20 -15.89 -29.24
C LEU K 53 15.19 -15.76 -30.40
N CYS K 54 16.17 -14.84 -30.29
CA CYS K 54 17.22 -14.62 -31.31
C CYS K 54 18.06 -15.89 -31.49
N ASP K 55 18.41 -16.56 -30.38
CA ASP K 55 19.18 -17.83 -30.38
C ASP K 55 18.42 -18.92 -31.13
N PHE K 56 17.08 -18.89 -31.08
CA PHE K 56 16.17 -19.81 -31.82
C PHE K 56 16.12 -19.40 -33.30
N LEU K 57 16.08 -18.09 -33.57
CA LEU K 57 16.05 -17.52 -34.95
C LEU K 57 17.39 -17.78 -35.64
N VAL K 58 18.50 -17.78 -34.89
CA VAL K 58 19.86 -18.19 -35.40
C VAL K 58 19.80 -19.66 -35.82
N GLU K 59 19.29 -20.54 -34.94
CA GLU K 59 19.19 -22.01 -35.13
C GLU K 59 18.39 -22.32 -36.41
N MET K 60 17.32 -21.57 -36.66
CA MET K 60 16.44 -21.71 -37.87
C MET K 60 17.19 -21.23 -39.12
N GLY K 61 18.08 -20.24 -38.95
CA GLY K 61 18.83 -19.59 -40.05
C GLY K 61 18.20 -18.26 -40.45
N VAL K 62 17.29 -17.73 -39.63
CA VAL K 62 16.58 -16.43 -39.85
C VAL K 62 17.51 -15.28 -39.45
N LEU K 63 18.30 -15.47 -38.39
CA LEU K 63 19.35 -14.51 -37.94
C LEU K 63 20.73 -15.19 -38.07
N VAL K 64 21.78 -14.37 -38.18
CA VAL K 64 23.21 -14.80 -38.10
C VAL K 64 23.83 -14.14 -36.86
N SER K 65 24.80 -14.81 -36.23
CA SER K 65 25.44 -14.40 -34.94
C SER K 65 26.92 -14.11 -35.16
N ASN K 66 27.38 -12.92 -34.75
CA ASN K 66 28.82 -12.52 -34.74
C ASN K 66 29.04 -11.48 -33.65
N ASP K 67 29.96 -11.75 -32.72
CA ASP K 67 30.45 -10.80 -31.68
C ASP K 67 29.28 -10.37 -30.79
N ASN K 68 28.47 -11.33 -30.33
CA ASN K 68 27.33 -11.11 -29.39
C ASN K 68 26.37 -10.06 -29.99
N LYS K 69 26.12 -10.14 -31.29
CA LYS K 69 25.15 -9.29 -32.04
C LYS K 69 24.48 -10.16 -33.11
N PHE K 70 23.39 -9.68 -33.70
CA PHE K 70 22.54 -10.45 -34.66
C PHE K 70 22.23 -9.58 -35.87
N ARG K 71 22.23 -10.20 -37.06
CA ARG K 71 21.73 -9.61 -38.34
C ARG K 71 20.80 -10.63 -38.99
N LEU K 72 19.88 -10.15 -39.86
CA LEU K 72 19.01 -11.02 -40.69
C LEU K 72 19.89 -11.71 -41.74
N SER K 73 19.56 -12.96 -42.07
CA SER K 73 20.23 -13.77 -43.12
C SER K 73 19.89 -13.18 -44.50
N ASP K 74 20.72 -13.46 -45.50
CA ASP K 74 20.60 -12.91 -46.88
C ASP K 74 19.18 -13.17 -47.41
N GLU K 75 18.63 -14.37 -47.16
CA GLU K 75 17.25 -14.77 -47.57
C GLU K 75 16.21 -13.93 -46.82
N CYS K 76 16.38 -13.80 -45.49
CA CYS K 76 15.35 -13.28 -44.55
C CYS K 76 15.42 -11.75 -44.40
N HIS K 77 16.05 -11.04 -45.35
CA HIS K 77 16.08 -9.56 -45.39
C HIS K 77 14.67 -9.01 -45.59
N VAL K 78 13.77 -9.79 -46.19
CA VAL K 78 12.35 -9.44 -46.48
C VAL K 78 11.59 -9.15 -45.17
N PHE K 79 11.96 -9.80 -44.06
CA PHE K 79 11.31 -9.63 -42.74
C PHE K 79 11.52 -8.20 -42.21
N ALA K 80 12.61 -7.54 -42.62
CA ALA K 80 12.93 -6.13 -42.29
C ALA K 80 11.95 -5.18 -43.01
N ASN K 81 11.36 -5.65 -44.12
CA ASN K 81 10.34 -4.92 -44.90
C ASN K 81 8.95 -5.38 -44.44
N PRO K 82 8.13 -4.48 -43.84
CA PRO K 82 6.77 -4.82 -43.44
C PRO K 82 5.73 -4.77 -44.57
N GLU K 83 6.15 -4.45 -45.80
CA GLU K 83 5.28 -4.40 -47.01
C GLU K 83 5.58 -5.59 -47.93
N SER K 84 6.58 -6.41 -47.61
CA SER K 84 6.94 -7.65 -48.35
C SER K 84 5.82 -8.68 -48.18
N PHE K 85 5.66 -9.59 -49.15
CA PHE K 85 4.58 -10.61 -49.17
C PHE K 85 4.79 -11.61 -48.03
N GLU K 86 6.06 -11.89 -47.66
CA GLU K 86 6.44 -12.84 -46.59
C GLU K 86 5.89 -12.34 -45.24
N SER K 87 5.92 -11.03 -45.00
CA SER K 87 5.41 -10.37 -43.78
C SER K 87 3.89 -10.59 -43.67
N PHE K 88 3.18 -10.48 -44.80
CA PHE K 88 1.71 -10.70 -44.90
C PHE K 88 1.40 -12.21 -44.82
N MET K 89 2.31 -13.04 -45.32
CA MET K 89 2.19 -14.52 -45.32
C MET K 89 2.19 -15.04 -43.87
N ILE K 90 3.10 -14.52 -43.05
CA ILE K 90 3.27 -14.92 -41.61
C ILE K 90 2.05 -14.48 -40.81
N LYS K 91 1.52 -13.27 -41.08
CA LYS K 91 0.32 -12.69 -40.42
C LYS K 91 -0.83 -13.71 -40.47
N LEU K 92 -1.21 -14.14 -41.69
CA LEU K 92 -2.36 -15.05 -41.93
C LEU K 92 -2.02 -16.48 -41.53
N GLU K 93 -0.76 -16.91 -41.68
CA GLU K 93 -0.35 -18.34 -41.60
C GLU K 93 -0.82 -18.96 -40.28
N ILE K 94 -0.56 -18.32 -39.13
CA ILE K 94 -0.89 -18.86 -37.79
C ILE K 94 -1.82 -17.89 -37.03
N CYS K 95 -2.67 -17.15 -37.74
CA CYS K 95 -3.75 -16.32 -37.13
C CYS K 95 -4.87 -17.25 -36.61
N SER K 96 -5.62 -16.79 -35.61
CA SER K 96 -6.73 -17.51 -34.94
C SER K 96 -7.56 -18.31 -35.95
N HIS K 97 -7.95 -17.68 -37.06
CA HIS K 97 -8.93 -18.23 -38.06
C HIS K 97 -8.31 -19.42 -38.81
N TYR K 98 -7.06 -19.28 -39.26
CA TYR K 98 -6.29 -20.34 -39.96
C TYR K 98 -6.05 -21.50 -38.99
N SER K 99 -5.62 -21.19 -37.77
CA SER K 99 -5.35 -22.15 -36.66
C SER K 99 -6.55 -23.07 -36.44
N ASN K 100 -7.75 -22.49 -36.28
CA ASN K 100 -9.00 -23.24 -35.96
C ASN K 100 -9.47 -24.01 -37.19
N ALA K 101 -9.12 -23.55 -38.40
CA ALA K 101 -9.44 -24.21 -39.68
C ALA K 101 -8.62 -25.51 -39.79
N TRP K 102 -7.36 -25.49 -39.35
CA TRP K 102 -6.46 -26.66 -39.30
C TRP K 102 -6.97 -27.69 -38.28
N LEU K 103 -7.55 -27.24 -37.16
CA LEU K 103 -8.03 -28.11 -36.05
C LEU K 103 -9.28 -28.90 -36.48
N MET K 104 -9.94 -28.48 -37.56
CA MET K 104 -11.15 -29.16 -38.13
C MET K 104 -10.76 -29.96 -39.38
N TYR K 105 -9.49 -29.90 -39.81
CA TYR K 105 -9.01 -30.54 -41.07
C TYR K 105 -9.14 -32.07 -40.96
N GLY K 106 -8.67 -32.65 -39.84
CA GLY K 106 -8.84 -34.07 -39.53
C GLY K 106 -10.29 -34.50 -39.70
N LYS K 107 -11.22 -33.77 -39.08
CA LYS K 107 -12.67 -34.10 -39.03
C LYS K 107 -13.30 -33.87 -40.43
N SER K 108 -12.74 -32.97 -41.23
CA SER K 108 -13.26 -32.56 -42.57
C SER K 108 -13.08 -33.70 -43.59
N LEU K 109 -12.09 -34.58 -43.37
CA LEU K 109 -11.74 -35.70 -44.29
C LEU K 109 -12.85 -36.76 -44.29
N PHE K 110 -13.63 -36.85 -43.21
CA PHE K 110 -14.75 -37.82 -43.04
C PHE K 110 -16.03 -37.28 -43.70
N GLU K 111 -16.23 -35.96 -43.68
CA GLU K 111 -17.43 -35.29 -44.22
C GLU K 111 -17.38 -35.31 -45.75
N ASP K 112 -18.55 -35.17 -46.40
CA ASP K 112 -18.68 -35.03 -47.88
C ASP K 112 -19.97 -34.27 -48.18
N ASP K 113 -20.14 -33.09 -47.55
CA ASP K 113 -21.25 -32.12 -47.81
C ASP K 113 -20.67 -30.92 -48.56
N GLY K 114 -19.48 -31.05 -49.14
CA GLY K 114 -18.77 -30.01 -49.90
C GLY K 114 -18.34 -28.84 -49.01
N LYS K 115 -18.22 -29.07 -47.70
CA LYS K 115 -17.86 -28.04 -46.69
C LYS K 115 -16.37 -28.15 -46.35
N SER K 116 -15.60 -27.08 -46.56
CA SER K 116 -14.16 -26.99 -46.23
C SER K 116 -13.98 -27.02 -44.71
N ALA K 117 -12.76 -27.30 -44.25
CA ALA K 117 -12.38 -27.30 -42.82
C ALA K 117 -12.61 -25.90 -42.22
N PHE K 118 -12.47 -24.86 -43.04
CA PHE K 118 -12.69 -23.43 -42.67
C PHE K 118 -14.19 -23.18 -42.42
N GLU K 119 -15.06 -23.68 -43.29
CA GLU K 119 -16.54 -23.50 -43.20
C GLU K 119 -17.08 -24.22 -41.96
N MET K 120 -16.52 -25.39 -41.64
CA MET K 120 -16.91 -26.22 -40.46
C MET K 120 -16.53 -25.50 -39.15
N ALA K 121 -15.46 -24.69 -39.18
CA ALA K 121 -14.92 -23.96 -38.00
C ALA K 121 -15.64 -22.63 -37.81
N HIS K 122 -15.93 -21.90 -38.90
CA HIS K 122 -16.38 -20.48 -38.87
C HIS K 122 -17.85 -20.34 -39.29
N GLY K 123 -18.34 -21.19 -40.20
CA GLY K 123 -19.77 -21.30 -40.55
C GLY K 123 -20.06 -20.91 -41.99
N ARG K 124 -19.14 -20.19 -42.64
CA ARG K 124 -19.25 -19.76 -44.06
C ARG K 124 -17.96 -20.08 -44.80
N PRO K 125 -18.00 -20.25 -46.14
CA PRO K 125 -16.78 -20.44 -46.93
C PRO K 125 -15.88 -19.21 -46.87
N PHE K 126 -14.59 -19.39 -47.19
CA PHE K 126 -13.48 -18.43 -46.96
C PHE K 126 -13.88 -17.01 -47.42
N PHE K 127 -14.13 -16.84 -48.72
CA PHE K 127 -14.34 -15.51 -49.36
C PHE K 127 -15.64 -14.87 -48.84
N GLU K 128 -16.68 -15.67 -48.60
CA GLU K 128 -17.99 -15.19 -48.06
C GLU K 128 -17.81 -14.73 -46.61
N TYR K 129 -16.89 -15.36 -45.85
CA TYR K 129 -16.55 -14.98 -44.45
C TYR K 129 -15.68 -13.72 -44.46
N LEU K 130 -14.79 -13.60 -45.45
CA LEU K 130 -13.88 -12.43 -45.62
C LEU K 130 -14.70 -11.16 -45.88
N ASP K 131 -15.95 -11.29 -46.35
CA ASP K 131 -16.93 -10.18 -46.43
C ASP K 131 -17.14 -9.61 -45.03
N GLY K 132 -17.37 -10.48 -44.04
CA GLY K 132 -17.55 -10.11 -42.63
C GLY K 132 -16.26 -9.60 -42.02
N ASN K 133 -15.22 -10.46 -41.96
CA ASN K 133 -13.95 -10.21 -41.24
C ASN K 133 -13.09 -9.24 -42.05
N LYS K 134 -12.62 -8.16 -41.41
CA LYS K 134 -11.78 -7.09 -42.02
C LYS K 134 -10.31 -7.52 -41.94
N PHE K 135 -9.89 -8.10 -40.81
CA PHE K 135 -8.50 -8.54 -40.53
C PHE K 135 -8.02 -9.50 -41.63
N LEU K 136 -8.87 -10.44 -42.05
CA LEU K 136 -8.53 -11.49 -43.04
C LEU K 136 -8.46 -10.88 -44.45
N LYS K 137 -9.50 -10.16 -44.86
CA LYS K 137 -9.66 -9.62 -46.24
C LYS K 137 -8.50 -8.66 -46.57
N SER K 138 -8.18 -7.73 -45.65
CA SER K 138 -7.15 -6.68 -45.82
C SER K 138 -5.76 -7.31 -45.93
N ASN K 139 -5.47 -8.32 -45.11
CA ASN K 139 -4.16 -9.04 -45.06
C ASN K 139 -4.03 -9.99 -46.26
N PHE K 140 -5.11 -10.67 -46.64
CA PHE K 140 -5.15 -11.64 -47.78
C PHE K 140 -4.98 -10.89 -49.10
N ASP K 141 -5.79 -9.84 -49.31
CA ASP K 141 -5.77 -8.99 -50.53
C ASP K 141 -4.41 -8.30 -50.65
N ALA K 142 -3.80 -7.93 -49.52
CA ALA K 142 -2.43 -7.38 -49.44
C ALA K 142 -1.42 -8.44 -49.91
N LEU K 143 -1.55 -9.68 -49.41
CA LEU K 143 -0.69 -10.83 -49.81
C LEU K 143 -0.79 -11.02 -51.32
N MET K 144 -2.02 -11.16 -51.85
CA MET K 144 -2.29 -11.36 -53.29
C MET K 144 -1.73 -10.19 -54.10
N THR K 145 -1.77 -8.97 -53.56
CA THR K 145 -1.28 -7.73 -54.22
C THR K 145 0.25 -7.74 -54.31
N ARG K 146 0.94 -8.17 -53.25
CA ARG K 146 2.43 -8.20 -53.21
C ARG K 146 2.94 -9.29 -54.17
N VAL K 147 2.33 -10.47 -54.17
CA VAL K 147 2.73 -11.60 -55.08
C VAL K 147 2.35 -11.24 -56.52
N SER K 148 1.28 -10.47 -56.72
CA SER K 148 0.86 -9.91 -58.03
C SER K 148 1.93 -8.94 -58.55
N ASN K 149 2.50 -8.12 -57.67
CA ASN K 149 3.52 -7.08 -57.98
C ASN K 149 4.78 -7.75 -58.54
N LEU K 150 5.15 -8.91 -57.98
CA LEU K 150 6.44 -9.61 -58.28
C LEU K 150 6.40 -10.33 -59.63
N ILE K 151 5.21 -10.66 -60.15
CA ILE K 151 5.04 -11.48 -61.39
C ILE K 151 4.71 -10.57 -62.59
N VAL K 152 4.52 -9.26 -62.39
CA VAL K 152 4.11 -8.31 -63.47
C VAL K 152 5.22 -8.25 -64.52
N GLU K 153 6.45 -7.93 -64.09
CA GLU K 153 7.62 -7.68 -64.98
C GLU K 153 7.98 -8.97 -65.74
N LYS K 154 7.70 -10.14 -65.15
CA LYS K 154 7.94 -11.47 -65.76
C LYS K 154 6.90 -11.71 -66.86
N LEU K 155 5.61 -11.47 -66.56
CA LEU K 155 4.47 -11.63 -67.51
C LEU K 155 4.67 -10.69 -68.72
N LEU K 156 4.93 -9.41 -68.45
CA LEU K 156 5.16 -8.37 -69.49
C LEU K 156 6.25 -8.81 -70.47
N GLY K 157 7.29 -9.48 -69.97
CA GLY K 157 8.44 -9.95 -70.77
C GLY K 157 8.07 -11.09 -71.71
N ILE K 158 7.29 -12.06 -71.24
CA ILE K 158 7.02 -13.34 -71.95
C ILE K 158 5.83 -13.20 -72.91
N TYR K 159 4.98 -12.17 -72.73
CA TYR K 159 3.74 -11.98 -73.53
C TYR K 159 3.63 -10.53 -74.02
N ASP K 160 3.22 -10.37 -75.29
CA ASP K 160 2.99 -9.06 -75.96
C ASP K 160 1.55 -8.61 -75.67
N PHE K 161 1.36 -7.84 -74.60
CA PHE K 161 0.03 -7.33 -74.13
C PHE K 161 -0.47 -6.22 -75.06
N ASN K 162 0.45 -5.55 -75.76
CA ASN K 162 0.17 -4.34 -76.59
C ASN K 162 -0.71 -4.70 -77.79
N GLN K 163 -0.73 -5.97 -78.21
CA GLN K 163 -1.49 -6.46 -79.40
C GLN K 163 -3.00 -6.47 -79.11
N HIS K 164 -3.40 -6.39 -77.84
CA HIS K 164 -4.82 -6.37 -77.40
C HIS K 164 -5.29 -4.92 -77.23
N ASN K 165 -6.59 -4.73 -76.98
CA ASN K 165 -7.24 -3.40 -76.79
C ASN K 165 -8.00 -3.37 -75.46
N ARG K 166 -8.97 -4.28 -75.29
CA ARG K 166 -9.81 -4.41 -74.07
C ARG K 166 -9.37 -5.65 -73.27
N ILE K 167 -8.92 -5.45 -72.02
CA ILE K 167 -8.37 -6.50 -71.13
C ILE K 167 -9.27 -6.61 -69.88
N LEU K 168 -9.50 -7.84 -69.40
CA LEU K 168 -10.32 -8.12 -68.18
C LEU K 168 -9.54 -9.05 -67.24
N ASP K 169 -9.35 -8.63 -65.98
CA ASP K 169 -8.70 -9.43 -64.90
C ASP K 169 -9.80 -10.00 -64.00
N VAL K 170 -10.12 -11.28 -64.18
CA VAL K 170 -11.19 -12.01 -63.45
C VAL K 170 -10.62 -12.50 -62.11
N GLY K 171 -11.22 -12.04 -60.99
CA GLY K 171 -10.72 -12.27 -59.63
C GLY K 171 -9.38 -11.60 -59.40
N GLY K 172 -9.29 -10.30 -59.72
CA GLY K 172 -8.04 -9.51 -59.71
C GLY K 172 -7.72 -8.95 -58.34
N GLY K 173 -8.67 -8.98 -57.40
CA GLY K 173 -8.50 -8.49 -56.02
C GLY K 173 -8.52 -6.98 -55.95
N GLU K 174 -7.40 -6.35 -55.57
CA GLU K 174 -7.24 -4.87 -55.49
C GLU K 174 -6.88 -4.31 -56.87
N GLY K 175 -6.58 -5.19 -57.84
CA GLY K 175 -6.32 -4.83 -59.25
C GLY K 175 -4.88 -4.38 -59.49
N GLU K 176 -3.95 -4.87 -58.67
CA GLU K 176 -2.50 -4.51 -58.73
C GLU K 176 -1.92 -4.92 -60.09
N LEU K 177 -2.29 -6.10 -60.58
CA LEU K 177 -1.79 -6.68 -61.85
C LEU K 177 -1.96 -5.67 -62.99
N LEU K 178 -3.21 -5.26 -63.27
CA LEU K 178 -3.55 -4.35 -64.41
C LEU K 178 -3.14 -2.90 -64.09
N VAL K 179 -3.00 -2.53 -62.81
CA VAL K 179 -2.48 -1.19 -62.39
C VAL K 179 -1.03 -1.07 -62.88
N ARG K 180 -0.19 -2.06 -62.58
CA ARG K 180 1.26 -2.08 -62.92
C ARG K 180 1.45 -2.36 -64.42
N ILE K 181 0.52 -3.11 -65.04
CA ILE K 181 0.54 -3.43 -66.50
C ILE K 181 0.20 -2.17 -67.31
N SER K 182 -0.75 -1.36 -66.83
CA SER K 182 -1.20 -0.09 -67.46
C SER K 182 -0.06 0.94 -67.47
N GLU K 183 0.81 0.93 -66.46
CA GLU K 183 1.95 1.87 -66.31
C GLU K 183 2.99 1.63 -67.42
N LYS K 184 3.07 0.40 -67.93
CA LYS K 184 4.00 0.01 -69.03
C LYS K 184 3.27 0.04 -70.38
N VAL K 185 2.04 -0.47 -70.43
CA VAL K 185 1.20 -0.57 -71.66
C VAL K 185 0.01 0.40 -71.54
N LYS K 186 0.18 1.64 -72.01
CA LYS K 186 -0.84 2.71 -71.96
C LYS K 186 -1.82 2.57 -73.13
N GLY K 187 -2.90 3.35 -73.10
CA GLY K 187 -3.90 3.46 -74.20
C GLY K 187 -4.67 2.17 -74.41
N LYS K 188 -5.18 1.58 -73.31
CA LYS K 188 -5.99 0.33 -73.33
C LYS K 188 -7.20 0.51 -72.40
N HIS K 189 -8.24 -0.31 -72.60
CA HIS K 189 -9.45 -0.38 -71.75
C HIS K 189 -9.25 -1.47 -70.68
N TYR K 190 -8.87 -1.07 -69.47
CA TYR K 190 -8.56 -1.97 -68.33
C TYR K 190 -9.81 -2.17 -67.48
N ALA K 191 -10.07 -3.43 -67.09
CA ALA K 191 -11.23 -3.85 -66.25
C ALA K 191 -10.79 -4.95 -65.29
N VAL K 192 -11.15 -4.83 -64.01
CA VAL K 192 -10.83 -5.82 -62.93
C VAL K 192 -12.15 -6.26 -62.28
N LEU K 193 -12.58 -7.50 -62.54
CA LEU K 193 -13.82 -8.09 -61.97
C LEU K 193 -13.47 -8.86 -60.69
N ASP K 194 -14.24 -8.65 -59.62
CA ASP K 194 -14.07 -9.35 -58.30
C ASP K 194 -15.33 -9.12 -57.45
N ARG K 195 -15.45 -9.84 -56.33
CA ARG K 195 -16.53 -9.66 -55.33
C ARG K 195 -16.24 -8.41 -54.50
N TYR K 196 -16.87 -7.28 -54.86
CA TYR K 196 -16.64 -5.94 -54.25
C TYR K 196 -17.87 -5.49 -53.46
N SER K 197 -17.69 -5.24 -52.16
CA SER K 197 -18.66 -4.54 -51.27
C SER K 197 -18.37 -3.04 -51.29
N GLU K 198 -17.11 -2.66 -51.55
CA GLU K 198 -16.66 -1.28 -51.86
C GLU K 198 -15.73 -1.32 -53.07
N LEU K 199 -15.80 -0.32 -53.95
CA LEU K 199 -15.01 -0.24 -55.21
C LEU K 199 -13.75 0.58 -54.98
N PRO K 200 -12.54 0.00 -55.15
CA PRO K 200 -11.32 0.80 -55.28
C PRO K 200 -11.38 1.66 -56.55
N VAL K 201 -10.65 2.77 -56.57
CA VAL K 201 -10.57 3.71 -57.73
C VAL K 201 -9.10 4.02 -58.05
N SER K 202 -8.63 3.53 -59.19
CA SER K 202 -7.34 3.90 -59.83
C SER K 202 -7.62 4.41 -61.25
N ASP K 203 -7.16 5.63 -61.55
CA ASP K 203 -7.54 6.42 -62.77
C ASP K 203 -7.71 5.49 -63.98
N ASN K 204 -6.69 4.71 -64.31
CA ASN K 204 -6.61 3.90 -65.56
C ASN K 204 -7.61 2.73 -65.51
N ILE K 205 -7.91 2.20 -64.32
CA ILE K 205 -8.63 0.91 -64.14
C ILE K 205 -10.13 1.19 -63.91
N ASP K 206 -10.99 0.29 -64.41
CA ASP K 206 -12.47 0.33 -64.26
C ASP K 206 -12.93 -0.96 -63.59
N PHE K 207 -13.14 -0.93 -62.27
CA PHE K 207 -13.48 -2.11 -61.42
C PHE K 207 -14.95 -2.47 -61.58
N ILE K 208 -15.24 -3.73 -61.92
CA ILE K 208 -16.61 -4.28 -62.17
C ILE K 208 -16.98 -5.23 -61.03
N ASN K 209 -18.27 -5.25 -60.65
CA ASN K 209 -18.85 -6.16 -59.63
C ASN K 209 -19.59 -7.29 -60.35
N GLY K 210 -19.12 -8.53 -60.17
CA GLY K 210 -19.68 -9.73 -60.82
C GLY K 210 -19.41 -10.99 -60.02
N ASN K 211 -19.57 -12.16 -60.67
CA ASN K 211 -19.41 -13.51 -60.06
C ASN K 211 -19.08 -14.51 -61.19
N PHE K 212 -17.83 -14.99 -61.25
CA PHE K 212 -17.30 -15.80 -62.37
C PHE K 212 -17.94 -17.20 -62.39
N LEU K 213 -18.55 -17.62 -61.27
CA LEU K 213 -19.40 -18.84 -61.21
C LEU K 213 -20.65 -18.63 -62.07
N ASN K 214 -21.29 -17.45 -61.92
CA ASN K 214 -22.56 -17.09 -62.62
C ASN K 214 -22.27 -16.75 -64.08
N SER K 215 -21.50 -15.68 -64.33
CA SER K 215 -21.33 -15.07 -65.67
C SER K 215 -20.00 -14.29 -65.76
N ILE K 216 -19.31 -14.42 -66.90
CA ILE K 216 -18.16 -13.56 -67.32
C ILE K 216 -18.68 -12.60 -68.38
N PRO K 217 -18.46 -11.27 -68.26
CA PRO K 217 -18.94 -10.31 -69.26
C PRO K 217 -18.16 -10.39 -70.58
N SER K 218 -18.87 -10.58 -71.70
CA SER K 218 -18.30 -10.67 -73.08
C SER K 218 -17.85 -9.27 -73.54
N GLY K 219 -17.14 -9.21 -74.68
CA GLY K 219 -16.69 -7.96 -75.31
C GLY K 219 -15.29 -7.56 -74.86
N TYR K 220 -14.42 -8.54 -74.61
CA TYR K 220 -12.98 -8.34 -74.30
C TYR K 220 -12.16 -9.31 -75.16
N ASP K 221 -11.05 -8.83 -75.73
CA ASP K 221 -10.14 -9.63 -76.59
C ASP K 221 -9.09 -10.33 -75.73
N LEU K 222 -8.85 -9.84 -74.50
CA LEU K 222 -7.97 -10.50 -73.50
C LEU K 222 -8.74 -10.71 -72.19
N TYR K 223 -8.66 -11.93 -71.65
CA TYR K 223 -9.13 -12.31 -70.30
C TYR K 223 -7.96 -12.86 -69.49
N ILE K 224 -7.90 -12.53 -68.20
CA ILE K 224 -6.84 -13.00 -67.25
C ILE K 224 -7.51 -13.68 -66.06
N LEU K 225 -6.97 -14.82 -65.62
CA LEU K 225 -7.44 -15.59 -64.43
C LEU K 225 -6.22 -16.12 -63.68
N LYS K 226 -5.72 -15.35 -62.70
CA LYS K 226 -4.46 -15.61 -61.97
C LYS K 226 -4.78 -16.08 -60.54
N ASN K 227 -4.28 -17.26 -60.16
CA ASN K 227 -4.35 -17.85 -58.80
C ASN K 227 -5.81 -17.88 -58.32
N VAL K 228 -6.73 -18.34 -59.18
CA VAL K 228 -8.17 -18.51 -58.86
C VAL K 228 -8.47 -20.02 -58.77
N LEU K 229 -8.11 -20.78 -59.81
CA LEU K 229 -8.55 -22.19 -60.04
C LEU K 229 -8.18 -23.08 -58.86
N HIS K 230 -7.02 -22.88 -58.21
CA HIS K 230 -6.55 -23.72 -57.08
C HIS K 230 -7.38 -23.45 -55.82
N ASN K 231 -8.35 -22.53 -55.87
CA ASN K 231 -9.30 -22.22 -54.77
C ASN K 231 -10.66 -22.89 -55.01
N TRP K 232 -10.75 -23.87 -55.92
CA TRP K 232 -12.03 -24.48 -56.37
C TRP K 232 -11.86 -25.98 -56.66
N SER K 233 -12.98 -26.70 -56.71
CA SER K 233 -13.07 -28.12 -57.13
C SER K 233 -12.95 -28.20 -58.66
N ASP K 234 -12.80 -29.42 -59.20
CA ASP K 234 -12.74 -29.70 -60.66
C ASP K 234 -14.04 -29.22 -61.31
N SER K 235 -15.19 -29.51 -60.70
CA SER K 235 -16.55 -29.16 -61.20
C SER K 235 -16.76 -27.64 -61.19
N ASP K 236 -16.36 -26.97 -60.11
CA ASP K 236 -16.44 -25.49 -59.96
C ASP K 236 -15.48 -24.82 -60.95
N SER K 237 -14.32 -25.43 -61.22
CA SER K 237 -13.27 -24.92 -62.14
C SER K 237 -13.74 -24.98 -63.60
N ILE K 238 -14.28 -26.13 -64.01
CA ILE K 238 -14.84 -26.36 -65.38
C ILE K 238 -15.93 -25.32 -65.65
N LEU K 239 -16.79 -25.06 -64.65
CA LEU K 239 -17.90 -24.08 -64.72
C LEU K 239 -17.36 -22.68 -65.05
N ILE K 240 -16.26 -22.28 -64.40
CA ILE K 240 -15.61 -20.95 -64.59
C ILE K 240 -15.08 -20.85 -66.03
N LEU K 241 -14.41 -21.89 -66.51
CA LEU K 241 -13.80 -21.94 -67.87
C LEU K 241 -14.90 -21.98 -68.93
N GLU K 242 -16.05 -22.61 -68.62
CA GLU K 242 -17.23 -22.68 -69.52
C GLU K 242 -17.82 -21.27 -69.69
N ASN K 243 -17.86 -20.48 -68.61
CA ASN K 243 -18.37 -19.08 -68.60
C ASN K 243 -17.45 -18.20 -69.46
N PHE K 244 -16.14 -18.45 -69.41
CA PHE K 244 -15.12 -17.79 -70.27
C PHE K 244 -15.41 -18.10 -71.74
N ARG K 245 -15.63 -19.39 -72.05
CA ARG K 245 -15.85 -19.90 -73.43
C ARG K 245 -17.13 -19.29 -74.03
N LYS K 246 -18.13 -18.99 -73.18
CA LYS K 246 -19.45 -18.41 -73.60
C LYS K 246 -19.33 -16.89 -73.74
N ALA K 247 -18.35 -16.28 -73.06
CA ALA K 247 -18.06 -14.83 -73.14
C ALA K 247 -17.12 -14.54 -74.32
N MET K 248 -16.12 -15.40 -74.53
CA MET K 248 -15.07 -15.25 -75.59
C MET K 248 -15.65 -15.59 -76.97
N ASP K 249 -15.20 -14.86 -78.00
CA ASP K 249 -15.40 -15.22 -79.44
C ASP K 249 -14.12 -15.91 -79.93
N LYS K 250 -13.92 -15.99 -81.26
CA LYS K 250 -12.73 -16.65 -81.87
C LYS K 250 -11.49 -15.77 -81.68
N ASN K 251 -11.63 -14.45 -81.86
CA ASN K 251 -10.51 -13.46 -81.78
C ASN K 251 -9.99 -13.38 -80.33
N SER K 252 -10.86 -13.58 -79.33
CA SER K 252 -10.54 -13.43 -77.88
C SER K 252 -9.55 -14.51 -77.44
N SER K 253 -8.74 -14.20 -76.42
CA SER K 253 -7.78 -15.12 -75.77
C SER K 253 -7.91 -15.00 -74.24
N LEU K 254 -7.69 -16.11 -73.53
CA LEU K 254 -7.69 -16.20 -72.05
C LEU K 254 -6.29 -16.63 -71.58
N LEU K 255 -5.68 -15.87 -70.67
CA LEU K 255 -4.36 -16.19 -70.07
C LEU K 255 -4.58 -16.83 -68.69
N LEU K 256 -4.56 -18.17 -68.65
CA LEU K 256 -4.65 -18.97 -67.40
C LEU K 256 -3.27 -18.99 -66.73
N ILE K 257 -3.02 -18.04 -65.83
CA ILE K 257 -1.80 -17.97 -64.99
C ILE K 257 -2.14 -18.59 -63.63
N ASN K 258 -1.29 -19.47 -63.11
CA ASN K 258 -1.56 -20.20 -61.84
C ASN K 258 -0.29 -20.91 -61.36
N MET K 259 -0.18 -21.13 -60.05
CA MET K 259 0.83 -22.04 -59.44
C MET K 259 0.58 -23.46 -59.95
N VAL K 260 1.64 -24.18 -60.32
CA VAL K 260 1.56 -25.53 -60.95
C VAL K 260 2.26 -26.55 -60.03
N LYS K 261 1.73 -27.77 -59.97
CA LYS K 261 2.26 -28.90 -59.17
C LYS K 261 3.55 -29.41 -59.82
N GLU K 262 4.66 -29.43 -59.07
CA GLU K 262 5.95 -30.03 -59.49
C GLU K 262 6.50 -30.87 -58.34
N PRO K 263 6.85 -32.16 -58.59
CA PRO K 263 7.29 -33.08 -57.54
C PRO K 263 8.44 -32.56 -56.65
N GLU K 264 9.30 -31.67 -57.17
CA GLU K 264 10.47 -31.10 -56.44
C GLU K 264 9.98 -30.26 -55.26
N PHE K 265 8.97 -29.42 -55.49
CA PHE K 265 8.44 -28.42 -54.52
C PHE K 265 7.43 -29.09 -53.59
N SER K 266 7.26 -28.52 -52.39
CA SER K 266 6.49 -29.10 -51.26
C SER K 266 5.00 -29.23 -51.61
N ARG K 267 4.30 -30.14 -50.92
CA ARG K 267 2.84 -30.39 -51.07
C ARG K 267 2.06 -29.56 -50.04
N SER K 268 2.76 -28.92 -49.09
CA SER K 268 2.16 -28.18 -47.94
C SER K 268 1.03 -27.26 -48.43
N PHE K 269 1.25 -26.56 -49.55
CA PHE K 269 0.29 -25.59 -50.14
C PHE K 269 -0.95 -26.32 -50.66
N ASP K 270 -0.78 -27.52 -51.21
CA ASP K 270 -1.89 -28.39 -51.70
C ASP K 270 -2.86 -28.68 -50.54
N ILE K 271 -2.32 -28.85 -49.33
CA ILE K 271 -3.11 -29.18 -48.10
C ILE K 271 -3.88 -27.93 -47.66
N LEU K 272 -3.24 -26.76 -47.65
CA LEU K 272 -3.86 -25.47 -47.23
C LEU K 272 -5.07 -25.16 -48.12
N MET K 273 -4.96 -25.40 -49.43
CA MET K 273 -6.06 -25.17 -50.41
C MET K 273 -7.25 -26.09 -50.07
N ASP K 274 -6.98 -27.32 -49.63
CA ASP K 274 -8.02 -28.28 -49.17
C ASP K 274 -8.71 -27.71 -47.93
N VAL K 275 -7.93 -27.28 -46.93
CA VAL K 275 -8.40 -26.72 -45.64
C VAL K 275 -9.35 -25.55 -45.91
N LEU K 276 -8.89 -24.53 -46.64
CA LEU K 276 -9.59 -23.23 -46.80
C LEU K 276 -10.75 -23.34 -47.80
N PHE K 277 -10.55 -24.04 -48.92
CA PHE K 277 -11.45 -23.99 -50.11
C PHE K 277 -11.94 -25.38 -50.56
N LEU K 278 -11.37 -26.47 -50.01
CA LEU K 278 -11.44 -27.84 -50.60
C LEU K 278 -10.82 -27.82 -52.01
N GLY K 279 -9.85 -26.92 -52.23
CA GLY K 279 -9.14 -26.76 -53.50
C GLY K 279 -7.99 -27.75 -53.62
N LYS K 280 -7.15 -27.57 -54.64
CA LYS K 280 -5.98 -28.45 -54.94
C LYS K 280 -5.03 -27.74 -55.91
N GLU K 281 -3.73 -28.02 -55.80
CA GLU K 281 -2.73 -27.65 -56.84
C GLU K 281 -2.88 -28.65 -58.00
N ARG K 282 -2.61 -28.22 -59.23
CA ARG K 282 -2.78 -29.02 -60.47
C ARG K 282 -1.55 -28.86 -61.37
N SER K 283 -1.13 -29.94 -62.03
CA SER K 283 -0.09 -29.94 -63.09
C SER K 283 -0.65 -29.24 -64.33
N PHE K 284 0.22 -28.86 -65.27
CA PHE K 284 -0.15 -28.28 -66.59
C PHE K 284 -1.13 -29.23 -67.31
N THR K 285 -0.89 -30.54 -67.22
CA THR K 285 -1.71 -31.62 -67.83
C THR K 285 -3.14 -31.57 -67.25
N GLU K 286 -3.26 -31.38 -65.93
CA GLU K 286 -4.55 -31.35 -65.20
C GLU K 286 -5.32 -30.07 -65.57
N PHE K 287 -4.62 -28.93 -65.70
CA PHE K 287 -5.20 -27.64 -66.13
C PHE K 287 -5.73 -27.76 -67.57
N GLU K 288 -4.93 -28.34 -68.47
CA GLU K 288 -5.27 -28.55 -69.90
C GLU K 288 -6.60 -29.34 -69.99
N TYR K 289 -6.71 -30.45 -69.24
CA TYR K 289 -7.89 -31.35 -69.22
C TYR K 289 -9.16 -30.54 -68.92
N LEU K 290 -9.18 -29.85 -67.78
CA LEU K 290 -10.34 -29.06 -67.27
C LEU K 290 -10.79 -28.03 -68.33
N ALA K 291 -9.83 -27.47 -69.08
CA ALA K 291 -10.07 -26.50 -70.18
C ALA K 291 -10.62 -27.25 -71.42
N ASN K 292 -10.10 -28.45 -71.69
CA ASN K 292 -10.58 -29.34 -72.79
C ASN K 292 -12.04 -29.75 -72.51
N GLN K 293 -12.43 -29.85 -71.23
CA GLN K 293 -13.82 -30.16 -70.81
C GLN K 293 -14.73 -28.95 -71.07
N ALA K 294 -14.22 -27.73 -70.89
CA ALA K 294 -14.97 -26.45 -70.97
C ALA K 294 -14.95 -25.89 -72.40
N GLY K 295 -14.45 -26.66 -73.38
CA GLY K 295 -14.41 -26.27 -74.80
C GLY K 295 -13.37 -25.21 -75.08
N LEU K 296 -12.16 -25.36 -74.52
CA LEU K 296 -11.00 -24.47 -74.73
C LEU K 296 -9.77 -25.32 -75.07
N VAL K 297 -8.86 -24.78 -75.90
CA VAL K 297 -7.63 -25.48 -76.39
C VAL K 297 -6.40 -24.61 -76.08
N VAL K 298 -5.26 -25.25 -75.81
CA VAL K 298 -3.99 -24.60 -75.36
C VAL K 298 -3.20 -24.16 -76.61
N GLN K 299 -3.22 -22.85 -76.90
CA GLN K 299 -2.50 -22.23 -78.04
C GLN K 299 -1.00 -22.19 -77.72
N GLU K 300 -0.65 -21.76 -76.49
CA GLU K 300 0.74 -21.47 -76.05
C GLU K 300 0.90 -21.82 -74.57
N THR K 301 2.11 -22.26 -74.17
CA THR K 301 2.47 -22.60 -72.76
C THR K 301 3.86 -22.05 -72.43
N LYS K 302 4.03 -21.52 -71.22
CA LYS K 302 5.33 -21.02 -70.69
C LYS K 302 5.39 -21.26 -69.18
N VAL K 303 6.60 -21.41 -68.64
CA VAL K 303 6.87 -21.56 -67.19
C VAL K 303 7.35 -20.19 -66.65
N ILE K 304 6.98 -19.84 -65.42
CA ILE K 304 7.42 -18.61 -64.71
C ILE K 304 7.88 -19.02 -63.32
N ASP K 305 9.19 -18.84 -63.03
CA ASP K 305 9.82 -19.21 -61.73
C ASP K 305 9.73 -18.00 -60.78
N GLN K 306 8.78 -18.04 -59.85
CA GLN K 306 8.75 -17.18 -58.64
C GLN K 306 9.59 -17.86 -57.56
N SER K 307 10.13 -17.09 -56.60
CA SER K 307 10.95 -17.60 -55.48
C SER K 307 10.19 -18.67 -54.69
N TYR K 308 8.87 -18.49 -54.53
CA TYR K 308 7.99 -19.28 -53.61
C TYR K 308 7.33 -20.45 -54.33
N SER K 309 7.20 -20.41 -55.66
CA SER K 309 6.49 -21.44 -56.46
C SER K 309 6.79 -21.31 -57.95
N PRO K 310 6.73 -22.42 -58.72
CA PRO K 310 6.63 -22.34 -60.17
C PRO K 310 5.18 -21.99 -60.58
N TYR K 311 5.02 -21.43 -61.79
CA TYR K 311 3.72 -21.04 -62.38
C TYR K 311 3.60 -21.65 -63.79
N SER K 312 2.37 -21.79 -64.27
CA SER K 312 2.03 -22.23 -65.65
C SER K 312 1.23 -21.13 -66.35
N PHE K 313 1.86 -20.46 -67.33
CA PHE K 313 1.25 -19.48 -68.25
C PHE K 313 0.65 -20.24 -69.44
N ILE K 314 -0.68 -20.32 -69.53
CA ILE K 314 -1.42 -21.11 -70.56
C ILE K 314 -2.38 -20.17 -71.31
N LYS K 315 -2.09 -19.90 -72.59
CA LYS K 315 -2.93 -19.10 -73.51
C LYS K 315 -4.06 -20.00 -74.05
N LEU K 316 -5.31 -19.70 -73.71
CA LEU K 316 -6.52 -20.50 -74.05
C LEU K 316 -7.43 -19.69 -74.99
N GLN K 317 -7.77 -20.27 -76.15
CA GLN K 317 -8.80 -19.75 -77.09
C GLN K 317 -9.92 -20.79 -77.21
N ILE K 318 -11.06 -20.39 -77.78
CA ILE K 318 -12.23 -21.30 -78.03
C ILE K 318 -11.85 -22.24 -79.18
N LYS K 319 -12.45 -23.44 -79.21
CA LYS K 319 -12.27 -24.43 -80.30
C LYS K 319 -12.82 -23.84 -81.60
N SER L 1 -5.58 44.62 19.49
CA SER L 1 -5.21 45.66 20.50
C SER L 1 -3.71 45.97 20.40
N MET L 2 -3.25 46.98 21.15
CA MET L 2 -1.82 47.36 21.29
C MET L 2 -1.16 46.47 22.36
N LEU L 3 -1.96 45.97 23.30
CA LEU L 3 -1.51 45.12 24.43
C LEU L 3 -1.13 43.72 23.93
N THR L 4 -2.06 43.06 23.23
CA THR L 4 -1.91 41.65 22.76
C THR L 4 -0.72 41.52 21.80
N GLU L 5 -0.44 42.54 21.00
CA GLU L 5 0.70 42.58 20.05
C GLU L 5 1.99 42.88 20.83
N LEU L 6 1.91 43.67 21.90
CA LEU L 6 3.06 43.93 22.83
C LEU L 6 3.38 42.64 23.60
N ILE L 7 2.36 41.89 24.03
CA ILE L 7 2.52 40.55 24.68
C ILE L 7 3.12 39.58 23.66
N ALA L 8 2.73 39.70 22.38
CA ALA L 8 3.15 38.82 21.27
C ALA L 8 4.34 39.43 20.51
N SER L 9 5.24 40.11 21.22
CA SER L 9 6.47 40.75 20.65
C SER L 9 7.50 39.68 20.28
N ASN L 10 7.47 38.52 20.95
CA ASN L 10 8.35 37.35 20.66
C ASN L 10 8.20 36.95 19.18
N ARG L 11 6.98 37.00 18.64
CA ARG L 11 6.63 36.55 17.26
C ARG L 11 7.50 37.30 16.24
N ARG L 12 7.76 38.58 16.46
CA ARG L 12 8.57 39.46 15.58
C ARG L 12 9.98 38.87 15.46
N SER L 13 10.64 38.64 16.60
CA SER L 13 12.00 38.06 16.70
C SER L 13 12.04 36.69 16.00
N ALA L 14 10.98 35.89 16.17
CA ALA L 14 10.88 34.49 15.69
C ALA L 14 10.65 34.46 14.17
N ALA L 15 9.87 35.40 13.64
CA ALA L 15 9.56 35.53 12.19
C ALA L 15 10.84 35.95 11.44
N ILE L 16 11.64 36.84 12.05
CA ILE L 16 12.96 37.29 11.52
C ILE L 16 13.94 36.12 11.57
N HIS L 17 13.94 35.35 12.66
CA HIS L 17 14.85 34.19 12.89
C HIS L 17 14.67 33.15 11.78
N ALA L 18 13.43 32.74 11.52
CA ALA L 18 13.06 31.79 10.44
C ALA L 18 13.60 32.29 9.10
N PHE L 19 13.50 33.60 8.86
CA PHE L 19 13.86 34.29 7.59
C PHE L 19 15.38 34.27 7.38
N VAL L 20 16.15 34.54 8.44
CA VAL L 20 17.64 34.75 8.36
C VAL L 20 18.39 33.44 8.67
N ASP L 21 17.88 32.62 9.60
CA ASP L 21 18.56 31.38 10.06
C ASP L 21 18.49 30.31 8.96
N THR L 22 17.34 30.15 8.30
CA THR L 22 17.15 29.26 7.13
C THR L 22 18.04 29.73 5.97
N GLY L 23 18.29 31.03 5.87
CA GLY L 23 19.11 31.65 4.80
C GLY L 23 18.26 32.12 3.63
N LEU L 24 16.93 32.13 3.80
CA LEU L 24 15.95 32.67 2.81
C LEU L 24 16.26 34.16 2.55
N SER L 25 16.71 34.89 3.56
CA SER L 25 17.02 36.35 3.50
C SER L 25 18.21 36.63 2.58
N THR L 26 19.09 35.65 2.36
CA THR L 26 20.32 35.77 1.54
C THR L 26 19.94 35.84 0.05
N HIS L 27 18.71 35.47 -0.31
CA HIS L 27 18.17 35.54 -1.70
C HIS L 27 17.66 36.96 -2.03
N PHE L 28 17.77 37.90 -1.09
CA PHE L 28 17.29 39.30 -1.22
C PHE L 28 18.47 40.27 -1.26
N LYS L 29 19.62 39.83 -1.80
CA LYS L 29 20.88 40.62 -1.89
C LYS L 29 20.65 41.85 -2.77
N ASP L 30 21.25 42.98 -2.39
CA ASP L 30 21.37 44.21 -3.23
C ASP L 30 19.98 44.77 -3.55
N GLY L 31 19.11 44.90 -2.53
CA GLY L 31 17.75 45.45 -2.63
C GLY L 31 16.99 44.98 -3.87
N ILE L 32 17.16 43.72 -4.25
CA ILE L 32 16.50 43.11 -5.44
C ILE L 32 15.04 42.78 -5.09
N TYR L 33 14.12 43.03 -6.02
CA TYR L 33 12.67 42.66 -5.91
C TYR L 33 12.49 41.20 -6.31
N VAL L 34 12.41 40.32 -5.30
CA VAL L 34 12.35 38.84 -5.46
C VAL L 34 10.91 38.44 -5.78
N ASP L 35 10.72 37.60 -6.80
CA ASP L 35 9.46 36.86 -7.09
C ASP L 35 9.46 35.63 -6.17
N ILE L 36 8.47 35.54 -5.26
CA ILE L 36 8.36 34.45 -4.24
C ILE L 36 8.06 33.13 -4.96
N SER L 37 7.37 33.20 -6.11
CA SER L 37 7.10 32.06 -7.02
C SER L 37 8.42 31.43 -7.49
N GLU L 38 9.34 32.24 -8.02
CA GLU L 38 10.69 31.80 -8.49
C GLU L 38 11.46 31.21 -7.32
N LEU L 39 11.58 31.97 -6.22
CA LEU L 39 12.33 31.60 -4.98
C LEU L 39 11.85 30.24 -4.47
N SER L 40 10.53 30.04 -4.41
CA SER L 40 9.88 28.77 -4.00
C SER L 40 10.40 27.62 -4.86
N ARG L 41 10.32 27.78 -6.18
CA ARG L 41 10.72 26.75 -7.18
C ARG L 41 12.21 26.42 -7.00
N LYS L 42 13.05 27.44 -6.84
CA LYS L 42 14.53 27.31 -6.75
C LYS L 42 14.92 26.74 -5.37
N SER L 43 14.45 27.37 -4.28
CA SER L 43 14.89 27.11 -2.89
C SER L 43 14.14 25.91 -2.28
N GLY L 44 12.93 25.62 -2.77
CA GLY L 44 12.10 24.48 -2.31
C GLY L 44 11.20 24.85 -1.14
N VAL L 45 11.13 26.14 -0.78
CA VAL L 45 10.26 26.67 0.31
C VAL L 45 8.82 26.75 -0.24
N ASN L 46 7.82 26.47 0.60
CA ASN L 46 6.37 26.54 0.26
C ASN L 46 6.03 27.98 -0.15
N TYR L 47 5.35 28.16 -1.28
CA TYR L 47 5.00 29.49 -1.87
C TYR L 47 4.01 30.22 -0.96
N ALA L 48 2.86 29.60 -0.71
CA ALA L 48 1.70 30.17 0.02
C ALA L 48 2.11 30.56 1.45
N ARG L 49 2.74 29.63 2.17
CA ARG L 49 3.07 29.77 3.61
C ARG L 49 4.18 30.82 3.80
N PHE L 50 5.05 31.01 2.81
CA PHE L 50 6.18 31.97 2.88
C PHE L 50 5.73 33.37 2.41
N SER L 51 4.84 33.44 1.40
CA SER L 51 4.13 34.68 1.03
C SER L 51 3.55 35.32 2.29
N ARG L 52 2.92 34.51 3.14
CA ARG L 52 2.23 34.93 4.39
C ARG L 52 3.25 35.45 5.42
N LEU L 53 4.42 34.83 5.53
CA LEU L 53 5.52 35.32 6.40
C LEU L 53 6.00 36.67 5.86
N CYS L 54 6.14 36.80 4.53
CA CYS L 54 6.59 38.03 3.83
C CYS L 54 5.62 39.19 4.13
N ASP L 55 4.32 38.91 4.17
CA ASP L 55 3.24 39.88 4.53
C ASP L 55 3.51 40.46 5.93
N PHE L 56 3.82 39.60 6.89
CA PHE L 56 4.14 39.96 8.30
C PHE L 56 5.49 40.68 8.35
N LEU L 57 6.41 40.34 7.44
CA LEU L 57 7.76 40.96 7.35
C LEU L 57 7.66 42.39 6.80
N VAL L 58 6.69 42.64 5.90
CA VAL L 58 6.39 44.00 5.36
C VAL L 58 5.84 44.87 6.51
N GLU L 59 4.88 44.32 7.28
CA GLU L 59 4.23 44.97 8.45
C GLU L 59 5.29 45.43 9.46
N MET L 60 6.27 44.58 9.76
CA MET L 60 7.42 44.87 10.65
C MET L 60 8.34 45.94 10.02
N GLY L 61 8.35 46.02 8.68
CA GLY L 61 9.19 46.95 7.90
C GLY L 61 10.52 46.33 7.54
N VAL L 62 10.62 45.00 7.62
CA VAL L 62 11.81 44.20 7.21
C VAL L 62 11.81 44.09 5.68
N LEU L 63 10.63 43.96 5.07
CA LEU L 63 10.44 43.87 3.60
C LEU L 63 9.59 45.05 3.10
N VAL L 64 9.68 45.33 1.80
CA VAL L 64 8.84 46.33 1.08
C VAL L 64 8.16 45.61 -0.10
N SER L 65 6.85 45.85 -0.28
CA SER L 65 5.99 45.18 -1.29
C SER L 65 5.71 46.13 -2.45
N ASN L 66 6.08 45.72 -3.68
CA ASN L 66 5.79 46.46 -4.94
C ASN L 66 5.61 45.45 -6.08
N ASP L 67 4.39 45.37 -6.62
CA ASP L 67 4.03 44.59 -7.83
C ASP L 67 4.18 43.08 -7.54
N ASN L 68 3.57 42.61 -6.44
CA ASN L 68 3.50 41.18 -6.03
C ASN L 68 4.91 40.61 -5.91
N LYS L 69 5.88 41.43 -5.46
CA LYS L 69 7.28 41.04 -5.21
C LYS L 69 7.76 41.77 -3.94
N PHE L 70 8.87 41.31 -3.35
CA PHE L 70 9.38 41.76 -2.04
C PHE L 70 10.88 42.07 -2.15
N ARG L 71 11.33 43.11 -1.45
CA ARG L 71 12.76 43.43 -1.24
C ARG L 71 12.97 43.73 0.25
N LEU L 72 14.18 43.48 0.76
CA LEU L 72 14.63 43.97 2.08
C LEU L 72 14.56 45.50 2.08
N SER L 73 14.13 46.09 3.20
CA SER L 73 14.17 47.56 3.44
C SER L 73 15.63 48.04 3.38
N ASP L 74 15.84 49.31 3.04
CA ASP L 74 17.17 49.95 2.97
C ASP L 74 17.95 49.65 4.27
N GLU L 75 17.23 49.61 5.40
CA GLU L 75 17.80 49.39 6.77
C GLU L 75 18.13 47.90 6.98
N CYS L 76 17.31 46.99 6.44
CA CYS L 76 17.39 45.53 6.64
C CYS L 76 18.15 44.84 5.50
N HIS L 77 19.06 45.56 4.82
CA HIS L 77 19.96 45.00 3.78
C HIS L 77 20.95 44.01 4.43
N VAL L 78 21.22 44.18 5.72
CA VAL L 78 22.21 43.38 6.51
C VAL L 78 21.75 41.91 6.62
N PHE L 79 20.44 41.64 6.54
CA PHE L 79 19.86 40.27 6.65
C PHE L 79 20.21 39.43 5.42
N ALA L 80 20.64 40.06 4.33
CA ALA L 80 21.13 39.39 3.09
C ALA L 80 22.54 38.84 3.32
N ASN L 81 23.30 39.44 4.24
CA ASN L 81 24.70 39.07 4.57
C ASN L 81 24.69 38.13 5.77
N PRO L 82 25.09 36.84 5.61
CA PRO L 82 25.25 35.93 6.75
C PRO L 82 26.32 36.38 7.76
N GLU L 83 27.33 37.11 7.29
CA GLU L 83 28.52 37.52 8.09
C GLU L 83 28.23 38.81 8.88
N SER L 84 27.09 39.47 8.63
CA SER L 84 26.64 40.69 9.36
C SER L 84 26.41 40.35 10.83
N PHE L 85 26.65 41.32 11.74
CA PHE L 85 26.51 41.15 13.20
C PHE L 85 25.03 40.90 13.53
N GLU L 86 24.13 41.61 12.85
CA GLU L 86 22.66 41.49 13.00
C GLU L 86 22.24 40.02 12.86
N SER L 87 22.78 39.31 11.86
CA SER L 87 22.47 37.89 11.54
C SER L 87 22.86 36.99 12.72
N PHE L 88 24.03 37.23 13.32
CA PHE L 88 24.56 36.44 14.47
C PHE L 88 23.78 36.80 15.73
N MET L 89 23.30 38.04 15.84
CA MET L 89 22.46 38.53 16.98
C MET L 89 21.14 37.77 16.99
N ILE L 90 20.50 37.61 15.82
CA ILE L 90 19.23 36.86 15.63
C ILE L 90 19.41 35.40 16.07
N LYS L 91 20.50 34.76 15.62
CA LYS L 91 20.80 33.33 15.88
C LYS L 91 20.76 33.02 17.38
N LEU L 92 21.38 33.89 18.21
CA LEU L 92 21.48 33.74 19.68
C LEU L 92 20.18 34.16 20.36
N GLU L 93 19.66 35.35 20.00
CA GLU L 93 18.57 36.06 20.73
C GLU L 93 17.48 35.08 21.19
N ILE L 94 16.88 34.32 20.26
CA ILE L 94 15.71 33.42 20.55
C ILE L 94 16.14 31.95 20.45
N CYS L 95 17.42 31.65 20.65
CA CYS L 95 17.95 30.25 20.71
C CYS L 95 17.42 29.57 21.98
N SER L 96 17.38 28.24 21.97
CA SER L 96 16.82 27.39 23.06
C SER L 96 17.40 27.80 24.42
N HIS L 97 18.70 28.09 24.48
CA HIS L 97 19.45 28.39 25.73
C HIS L 97 19.03 29.75 26.29
N TYR L 98 18.91 30.77 25.43
CA TYR L 98 18.48 32.14 25.78
C TYR L 98 17.02 32.11 26.24
N SER L 99 16.17 31.38 25.51
CA SER L 99 14.73 31.20 25.79
C SER L 99 14.53 30.70 27.23
N ASN L 100 15.25 29.65 27.64
CA ASN L 100 15.13 28.99 28.97
C ASN L 100 15.75 29.87 30.05
N ALA L 101 16.72 30.72 29.70
CA ALA L 101 17.37 31.69 30.62
C ALA L 101 16.40 32.82 30.93
N TRP L 102 15.57 33.21 29.96
CA TRP L 102 14.51 34.24 30.11
C TRP L 102 13.37 33.70 31.00
N LEU L 103 13.07 32.40 30.90
CA LEU L 103 11.96 31.76 31.64
C LEU L 103 12.27 31.71 33.15
N MET L 104 13.56 31.80 33.51
CA MET L 104 14.05 31.78 34.91
C MET L 104 14.19 33.22 35.45
N TYR L 105 14.17 34.23 34.58
CA TYR L 105 14.39 35.66 34.93
C TYR L 105 13.47 36.06 36.08
N GLY L 106 12.17 35.83 35.92
CA GLY L 106 11.15 36.07 36.96
C GLY L 106 11.53 35.44 38.29
N LYS L 107 12.04 34.20 38.25
CA LYS L 107 12.45 33.41 39.45
C LYS L 107 13.75 33.99 40.04
N SER L 108 14.66 34.46 39.18
CA SER L 108 16.02 34.94 39.55
C SER L 108 15.94 36.15 40.50
N LEU L 109 14.88 36.96 40.40
CA LEU L 109 14.70 38.23 41.16
C LEU L 109 14.54 37.94 42.66
N PHE L 110 13.86 36.83 43.01
CA PHE L 110 13.47 36.47 44.40
C PHE L 110 14.69 36.03 45.22
N GLU L 111 15.68 35.40 44.58
CA GLU L 111 16.81 34.71 45.25
C GLU L 111 18.05 35.62 45.26
N ASP L 112 18.88 35.52 46.32
CA ASP L 112 20.13 36.29 46.51
C ASP L 112 21.30 35.31 46.68
N ASP L 113 21.53 34.46 45.68
CA ASP L 113 22.63 33.45 45.65
C ASP L 113 23.82 34.01 44.87
N GLY L 114 23.59 35.01 44.03
CA GLY L 114 24.56 35.48 43.01
C GLY L 114 24.56 34.57 41.79
N LYS L 115 23.46 33.83 41.58
CA LYS L 115 23.26 32.92 40.43
C LYS L 115 22.38 33.61 39.38
N SER L 116 22.87 33.74 38.15
CA SER L 116 22.15 34.35 37.00
C SER L 116 21.01 33.44 36.56
N ALA L 117 19.96 34.00 35.97
CA ALA L 117 18.81 33.27 35.38
C ALA L 117 19.31 32.19 34.42
N PHE L 118 20.44 32.45 33.75
CA PHE L 118 21.14 31.50 32.84
C PHE L 118 21.69 30.32 33.63
N GLU L 119 22.37 30.59 34.75
CA GLU L 119 23.00 29.56 35.63
C GLU L 119 21.91 28.68 36.26
N MET L 120 20.77 29.28 36.64
CA MET L 120 19.61 28.58 37.27
C MET L 120 18.98 27.60 36.26
N ALA L 121 19.07 27.88 34.97
CA ALA L 121 18.48 27.07 33.87
C ALA L 121 19.44 25.97 33.41
N HIS L 122 20.74 26.28 33.30
CA HIS L 122 21.75 25.47 32.58
C HIS L 122 22.77 24.84 33.54
N GLY L 123 23.10 25.52 34.66
CA GLY L 123 23.87 24.93 35.78
C GLY L 123 25.25 25.55 35.96
N ARG L 124 25.71 26.40 35.02
CA ARG L 124 27.01 27.10 35.09
C ARG L 124 26.86 28.53 34.56
N PRO L 125 27.68 29.50 35.03
CA PRO L 125 27.64 30.86 34.51
C PRO L 125 28.02 30.92 33.03
N PHE L 126 27.48 31.92 32.31
CA PHE L 126 27.45 32.01 30.82
C PHE L 126 28.75 31.50 30.19
N PHE L 127 29.89 32.12 30.51
CA PHE L 127 31.21 31.87 29.87
C PHE L 127 31.75 30.48 30.29
N GLU L 128 31.41 30.00 31.48
CA GLU L 128 31.80 28.65 31.98
C GLU L 128 31.00 27.58 31.24
N TYR L 129 29.78 27.92 30.76
CA TYR L 129 28.90 27.01 29.98
C TYR L 129 29.30 27.05 28.50
N LEU L 130 29.81 28.19 28.02
CA LEU L 130 30.27 28.38 26.61
C LEU L 130 31.55 27.56 26.37
N ASP L 131 32.20 27.09 27.43
CA ASP L 131 33.29 26.08 27.36
C ASP L 131 32.73 24.79 26.75
N GLY L 132 31.67 24.25 27.37
CA GLY L 132 31.03 22.99 26.95
C GLY L 132 30.39 23.08 25.58
N ASN L 133 29.61 24.14 25.33
CA ASN L 133 28.75 24.30 24.12
C ASN L 133 29.51 25.06 23.03
N LYS L 134 29.57 24.50 21.82
CA LYS L 134 30.29 25.06 20.64
C LYS L 134 29.38 26.03 19.88
N PHE L 135 28.07 25.76 19.83
CA PHE L 135 27.04 26.57 19.13
C PHE L 135 27.01 27.99 19.70
N LEU L 136 27.03 28.12 21.03
CA LEU L 136 26.91 29.42 21.75
C LEU L 136 28.25 30.18 21.68
N LYS L 137 29.38 29.50 21.82
CA LYS L 137 30.74 30.12 21.82
C LYS L 137 31.06 30.64 20.42
N SER L 138 30.86 29.82 19.38
CA SER L 138 31.19 30.13 17.96
C SER L 138 30.36 31.31 17.47
N ASN L 139 29.10 31.42 17.90
CA ASN L 139 28.13 32.46 17.46
C ASN L 139 28.32 33.74 18.30
N PHE L 140 28.53 33.61 19.61
CA PHE L 140 28.76 34.76 20.54
C PHE L 140 30.04 35.51 20.13
N ASP L 141 31.17 34.78 20.06
CA ASP L 141 32.50 35.34 19.70
C ASP L 141 32.44 35.96 18.29
N ALA L 142 31.69 35.35 17.37
CA ALA L 142 31.43 35.88 16.01
C ALA L 142 30.73 37.25 16.12
N LEU L 143 29.72 37.35 16.98
CA LEU L 143 28.96 38.61 17.23
C LEU L 143 29.92 39.68 17.76
N MET L 144 30.69 39.34 18.80
CA MET L 144 31.69 40.25 19.44
C MET L 144 32.80 40.60 18.41
N THR L 145 33.07 39.69 17.46
CA THR L 145 34.04 39.90 16.36
C THR L 145 33.49 40.94 15.38
N ARG L 146 32.22 40.82 14.98
CA ARG L 146 31.58 41.70 13.96
C ARG L 146 31.39 43.11 14.53
N VAL L 147 30.93 43.24 15.78
CA VAL L 147 30.71 44.55 16.46
C VAL L 147 32.07 45.22 16.71
N SER L 148 33.12 44.43 16.97
CA SER L 148 34.52 44.92 17.13
C SER L 148 35.01 45.53 15.81
N ASN L 149 34.66 44.90 14.68
CA ASN L 149 35.10 45.30 13.32
C ASN L 149 34.53 46.67 12.95
N LEU L 150 33.33 46.99 13.43
CA LEU L 150 32.59 48.23 13.08
C LEU L 150 33.09 49.43 13.88
N ILE L 151 33.77 49.20 15.02
CA ILE L 151 34.24 50.28 15.95
C ILE L 151 35.74 50.54 15.76
N VAL L 152 36.43 49.73 14.93
CA VAL L 152 37.91 49.81 14.71
C VAL L 152 38.25 51.22 14.20
N GLU L 153 37.60 51.64 13.11
CA GLU L 153 37.89 52.92 12.40
C GLU L 153 37.56 54.10 13.32
N LYS L 154 36.50 54.00 14.12
CA LYS L 154 36.04 55.06 15.06
C LYS L 154 37.08 55.22 16.18
N LEU L 155 37.64 54.12 16.68
CA LEU L 155 38.65 54.11 17.77
C LEU L 155 39.96 54.73 17.27
N LEU L 156 40.45 54.27 16.11
CA LEU L 156 41.73 54.72 15.49
C LEU L 156 41.68 56.22 15.22
N GLY L 157 40.50 56.76 14.91
CA GLY L 157 40.28 58.18 14.58
C GLY L 157 40.43 59.10 15.78
N ILE L 158 39.93 58.69 16.95
CA ILE L 158 39.81 59.55 18.17
C ILE L 158 41.03 59.37 19.09
N TYR L 159 41.85 58.34 18.86
CA TYR L 159 43.03 58.02 19.71
C TYR L 159 44.25 57.71 18.84
N ASP L 160 45.43 58.14 19.28
CA ASP L 160 46.74 57.89 18.62
C ASP L 160 47.37 56.63 19.24
N PHE L 161 47.22 55.49 18.56
CA PHE L 161 47.77 54.17 18.97
C PHE L 161 49.25 54.06 18.57
N ASN L 162 49.73 55.01 17.75
CA ASN L 162 51.11 55.01 17.17
C ASN L 162 52.12 55.49 18.22
N GLN L 163 51.66 56.14 19.30
CA GLN L 163 52.53 56.65 20.40
C GLN L 163 52.91 55.49 21.33
N HIS L 164 52.11 54.43 21.40
CA HIS L 164 52.30 53.26 22.30
C HIS L 164 53.15 52.20 21.63
N ASN L 165 53.76 51.31 22.43
CA ASN L 165 54.71 50.26 22.00
C ASN L 165 54.08 48.87 22.20
N ARG L 166 53.66 48.57 23.43
N ARG L 166 53.65 48.58 23.43
CA ARG L 166 53.06 47.26 23.84
CA ARG L 166 53.06 47.28 23.87
C ARG L 166 51.59 47.46 24.19
C ARG L 166 51.58 47.48 24.19
N ILE L 167 50.69 46.76 23.48
CA ILE L 167 49.21 46.88 23.62
C ILE L 167 48.64 45.52 24.01
N LEU L 168 47.87 45.44 25.11
CA LEU L 168 47.17 44.22 25.59
C LEU L 168 45.65 44.45 25.59
N ASP L 169 44.92 43.66 24.79
CA ASP L 169 43.43 43.63 24.74
C ASP L 169 42.94 42.58 25.75
N VAL L 170 42.52 43.02 26.94
CA VAL L 170 42.08 42.14 28.07
C VAL L 170 40.64 41.69 27.81
N GLY L 171 40.45 40.42 27.45
CA GLY L 171 39.14 39.81 27.13
C GLY L 171 38.72 40.09 25.69
N GLY L 172 39.67 40.02 24.76
CA GLY L 172 39.48 40.37 23.33
C GLY L 172 38.66 39.34 22.59
N GLY L 173 38.67 38.09 23.04
CA GLY L 173 38.00 36.95 22.37
C GLY L 173 38.83 36.43 21.22
N GLU L 174 38.31 36.52 19.99
CA GLU L 174 39.04 36.11 18.75
C GLU L 174 40.18 37.11 18.47
N GLY L 175 40.08 38.31 19.06
CA GLY L 175 41.15 39.35 19.02
C GLY L 175 41.00 40.27 17.81
N GLU L 176 39.89 40.16 17.07
CA GLU L 176 39.59 40.92 15.82
C GLU L 176 40.06 42.38 15.97
N LEU L 177 39.79 43.00 17.12
CA LEU L 177 40.10 44.42 17.41
C LEU L 177 41.57 44.74 17.07
N LEU L 178 42.52 44.07 17.73
CA LEU L 178 43.98 44.34 17.59
C LEU L 178 44.48 43.85 16.23
N VAL L 179 43.86 42.81 15.66
CA VAL L 179 44.17 42.29 14.30
C VAL L 179 43.97 43.43 13.29
N ARG L 180 42.80 44.07 13.31
CA ARG L 180 42.43 45.17 12.38
C ARG L 180 43.22 46.45 12.73
N ILE L 181 43.52 46.67 14.01
CA ILE L 181 44.32 47.83 14.49
C ILE L 181 45.77 47.69 14.01
N SER L 182 46.29 46.45 13.94
CA SER L 182 47.69 46.15 13.54
C SER L 182 47.90 46.38 12.04
N GLU L 183 46.82 46.35 11.25
CA GLU L 183 46.87 46.49 9.76
C GLU L 183 47.02 47.97 9.38
N LYS L 184 46.73 48.90 10.29
CA LYS L 184 46.92 50.36 10.11
C LYS L 184 48.19 50.81 10.85
N VAL L 185 48.36 50.37 12.09
CA VAL L 185 49.54 50.70 12.97
C VAL L 185 50.46 49.47 13.04
N LYS L 186 51.57 49.49 12.32
CA LYS L 186 52.55 48.37 12.24
C LYS L 186 53.69 48.60 13.24
N GLY L 187 54.54 47.57 13.43
CA GLY L 187 55.77 47.64 14.24
C GLY L 187 55.48 47.83 15.72
N LYS L 188 54.43 47.18 16.23
CA LYS L 188 54.04 47.20 17.67
C LYS L 188 53.87 45.76 18.15
N HIS L 189 54.02 45.54 19.47
CA HIS L 189 53.78 44.24 20.15
C HIS L 189 52.29 44.14 20.53
N TYR L 190 51.54 43.27 19.85
CA TYR L 190 50.08 43.05 20.05
C TYR L 190 49.86 41.75 20.81
N ALA L 191 49.04 41.80 21.87
CA ALA L 191 48.67 40.67 22.75
C ALA L 191 47.17 40.70 23.05
N VAL L 192 46.51 39.54 22.98
CA VAL L 192 45.05 39.37 23.30
C VAL L 192 44.92 38.31 24.40
N LEU L 193 44.60 38.75 25.63
CA LEU L 193 44.42 37.86 26.81
C LEU L 193 42.93 37.50 26.96
N ASP L 194 42.61 36.21 26.90
CA ASP L 194 41.23 35.67 27.04
C ASP L 194 41.28 34.33 27.79
N ARG L 195 40.12 33.76 28.13
CA ARG L 195 39.97 32.36 28.60
C ARG L 195 39.96 31.44 27.37
N TYR L 196 41.09 30.78 27.09
CA TYR L 196 41.32 29.97 25.87
C TYR L 196 41.36 28.48 26.21
N SER L 197 40.41 27.72 25.66
CA SER L 197 40.40 26.23 25.61
C SER L 197 41.23 25.76 24.41
N GLU L 198 41.14 26.49 23.29
CA GLU L 198 42.01 26.36 22.10
C GLU L 198 42.66 27.72 21.82
N LEU L 199 43.91 27.73 21.35
CA LEU L 199 44.67 28.98 21.02
C LEU L 199 44.46 29.33 19.56
N PRO L 200 43.82 30.49 19.23
CA PRO L 200 43.88 31.04 17.89
C PRO L 200 45.26 31.67 17.66
N VAL L 201 45.70 31.77 16.40
CA VAL L 201 47.04 32.31 16.00
C VAL L 201 46.83 33.39 14.93
N SER L 202 47.36 34.59 15.19
CA SER L 202 47.38 35.76 14.25
C SER L 202 48.80 36.31 14.18
N ASP L 203 49.36 36.43 12.96
CA ASP L 203 50.78 36.74 12.68
C ASP L 203 51.32 37.80 13.63
N ASN L 204 50.61 38.92 13.77
CA ASN L 204 51.07 40.13 14.51
C ASN L 204 50.70 40.05 16.00
N ILE L 205 49.75 39.17 16.37
CA ILE L 205 49.16 39.09 17.74
C ILE L 205 49.87 37.99 18.54
N ASP L 206 49.96 38.17 19.86
CA ASP L 206 50.56 37.21 20.82
C ASP L 206 49.47 36.75 21.81
N PHE L 207 48.74 35.69 21.45
CA PHE L 207 47.56 35.16 22.21
C PHE L 207 48.04 34.52 23.52
N ILE L 208 47.50 34.99 24.64
CA ILE L 208 47.81 34.52 26.03
C ILE L 208 46.52 34.02 26.69
N ASN L 209 46.62 32.96 27.50
CA ASN L 209 45.52 32.50 28.41
C ASN L 209 45.68 33.22 29.76
N GLY L 210 44.57 33.69 30.33
CA GLY L 210 44.57 34.44 31.61
C GLY L 210 43.19 34.52 32.23
N ASN L 211 43.06 35.33 33.28
CA ASN L 211 41.81 35.50 34.08
C ASN L 211 41.88 36.85 34.80
N PHE L 212 41.18 37.87 34.28
CA PHE L 212 41.28 39.27 34.77
C PHE L 212 40.59 39.42 36.14
N LEU L 213 39.84 38.40 36.58
CA LEU L 213 39.37 38.28 37.99
C LEU L 213 40.58 38.09 38.90
N ASN L 214 41.55 37.27 38.47
CA ASN L 214 42.78 36.94 39.22
C ASN L 214 43.81 38.06 39.03
N SER L 215 44.51 38.08 37.88
CA SER L 215 45.72 38.92 37.64
C SER L 215 45.78 39.41 36.20
N ILE L 216 46.09 40.71 36.02
CA ILE L 216 46.44 41.36 34.72
C ILE L 216 47.96 41.34 34.60
N PRO L 217 48.54 40.80 33.50
CA PRO L 217 50.00 40.76 33.34
C PRO L 217 50.60 42.14 33.05
N SER L 218 51.49 42.61 33.92
CA SER L 218 52.19 43.92 33.83
C SER L 218 53.17 43.92 32.66
N GLY L 219 53.72 45.09 32.31
CA GLY L 219 54.67 45.28 31.20
C GLY L 219 53.95 45.61 29.90
N TYR L 220 53.00 46.55 29.96
CA TYR L 220 52.24 47.09 28.79
C TYR L 220 51.88 48.55 29.06
N ASP L 221 52.23 49.45 28.14
CA ASP L 221 51.99 50.91 28.27
C ASP L 221 50.57 51.26 27.83
N LEU L 222 49.90 50.36 27.09
CA LEU L 222 48.47 50.51 26.71
C LEU L 222 47.71 49.23 27.07
N TYR L 223 46.53 49.39 27.71
CA TYR L 223 45.58 48.30 28.07
C TYR L 223 44.21 48.63 27.45
N ILE L 224 43.58 47.63 26.82
CA ILE L 224 42.21 47.76 26.20
C ILE L 224 41.28 46.79 26.92
N LEU L 225 40.16 47.31 27.45
CA LEU L 225 39.07 46.53 28.09
C LEU L 225 37.74 46.99 27.48
N LYS L 226 37.28 46.28 26.42
CA LYS L 226 36.09 46.67 25.62
C LYS L 226 34.95 45.68 25.88
N ASN L 227 33.79 46.20 26.32
CA ASN L 227 32.52 45.45 26.51
C ASN L 227 32.76 44.23 27.41
N VAL L 228 33.31 44.47 28.60
CA VAL L 228 33.58 43.42 29.64
C VAL L 228 32.72 43.72 30.88
N LEU L 229 32.88 44.93 31.44
CA LEU L 229 32.35 45.32 32.78
C LEU L 229 30.83 45.13 32.85
N HIS L 230 30.11 45.17 31.72
CA HIS L 230 28.63 44.99 31.67
C HIS L 230 28.25 43.51 31.82
N ASN L 231 29.25 42.61 31.96
CA ASN L 231 29.05 41.16 32.24
C ASN L 231 29.39 40.85 33.70
N TRP L 232 29.53 41.88 34.55
CA TRP L 232 30.01 41.76 35.95
C TRP L 232 29.22 42.69 36.89
N SER L 233 29.21 42.36 38.18
CA SER L 233 28.63 43.17 39.28
C SER L 233 29.59 44.31 39.63
N ASP L 234 29.10 45.30 40.37
CA ASP L 234 29.88 46.50 40.81
C ASP L 234 31.15 46.04 41.55
N SER L 235 31.04 44.99 42.38
CA SER L 235 32.16 44.41 43.17
C SER L 235 33.18 43.76 42.23
N ASP L 236 32.72 42.88 41.33
CA ASP L 236 33.57 42.17 40.34
C ASP L 236 34.19 43.17 39.35
N SER L 237 33.46 44.25 39.03
CA SER L 237 33.91 45.33 38.12
C SER L 237 35.10 46.07 38.74
N ILE L 238 35.01 46.40 40.03
CA ILE L 238 36.07 47.11 40.81
C ILE L 238 37.30 46.21 40.92
N LEU L 239 37.10 44.91 41.18
CA LEU L 239 38.17 43.89 41.32
C LEU L 239 39.05 43.90 40.04
N ILE L 240 38.40 43.87 38.87
CA ILE L 240 39.08 43.87 37.53
C ILE L 240 39.92 45.15 37.40
N LEU L 241 39.31 46.31 37.71
CA LEU L 241 39.95 47.65 37.60
C LEU L 241 41.12 47.77 38.58
N GLU L 242 41.06 47.08 39.72
CA GLU L 242 42.15 47.05 40.75
C GLU L 242 43.31 46.17 40.26
N ASN L 243 43.02 45.10 39.51
CA ASN L 243 44.04 44.20 38.91
C ASN L 243 44.84 44.96 37.86
N PHE L 244 44.20 45.88 37.13
CA PHE L 244 44.84 46.83 36.18
C PHE L 244 45.74 47.79 36.95
N ARG L 245 45.22 48.39 38.03
CA ARG L 245 45.90 49.41 38.86
C ARG L 245 47.15 48.83 39.53
N LYS L 246 47.16 47.52 39.81
CA LYS L 246 48.33 46.79 40.38
C LYS L 246 49.33 46.48 39.27
N ALA L 247 48.85 46.12 38.08
CA ALA L 247 49.67 45.79 36.89
C ALA L 247 50.28 47.05 36.28
N MET L 248 49.51 48.13 36.19
CA MET L 248 49.89 49.41 35.51
C MET L 248 50.92 50.17 36.34
N ASP L 249 51.67 51.06 35.69
CA ASP L 249 52.51 52.13 36.32
C ASP L 249 51.97 53.48 35.86
N LYS L 250 52.63 54.58 36.23
CA LYS L 250 52.20 55.97 35.94
C LYS L 250 52.25 56.24 34.42
N ASN L 251 53.22 55.64 33.72
CA ASN L 251 53.41 55.82 32.25
C ASN L 251 52.33 55.06 31.47
N SER L 252 51.77 53.98 32.05
CA SER L 252 50.75 53.11 31.41
C SER L 252 49.39 53.81 31.39
N SER L 253 48.57 53.49 30.38
CA SER L 253 47.19 54.01 30.17
C SER L 253 46.23 52.84 29.90
N LEU L 254 45.02 52.91 30.46
CA LEU L 254 43.93 51.92 30.25
C LEU L 254 42.78 52.59 29.48
N LEU L 255 42.43 52.01 28.32
CA LEU L 255 41.25 52.43 27.51
C LEU L 255 40.05 51.57 27.92
N LEU L 256 39.05 52.19 28.55
CA LEU L 256 37.77 51.56 28.95
C LEU L 256 36.69 51.93 27.93
N ILE L 257 36.46 51.06 26.95
CA ILE L 257 35.48 51.23 25.84
C ILE L 257 34.26 50.35 26.16
N ASN L 258 33.07 50.93 26.32
CA ASN L 258 31.87 50.18 26.79
C ASN L 258 30.59 50.91 26.37
N MET L 259 29.55 50.13 26.05
CA MET L 259 28.15 50.62 25.81
C MET L 259 27.68 51.35 27.08
N VAL L 260 27.30 52.62 26.93
CA VAL L 260 26.94 53.53 28.06
C VAL L 260 25.42 53.68 28.14
N LYS L 261 24.89 53.90 29.35
CA LYS L 261 23.44 54.09 29.64
C LYS L 261 23.05 55.54 29.32
N GLU L 262 22.00 55.73 28.52
CA GLU L 262 21.39 57.05 28.24
C GLU L 262 19.87 56.89 28.21
N PRO L 263 19.10 57.83 28.83
CA PRO L 263 17.65 57.71 28.90
C PRO L 263 16.95 57.53 27.54
N GLU L 264 17.56 58.07 26.47
CA GLU L 264 16.97 58.10 25.10
C GLU L 264 16.87 56.67 24.55
N PHE L 265 17.91 55.86 24.71
CA PHE L 265 18.03 54.49 24.13
C PHE L 265 17.35 53.48 25.05
N SER L 266 16.98 52.32 24.48
CA SER L 266 16.18 51.24 25.12
C SER L 266 16.94 50.65 26.30
N ARG L 267 16.19 50.13 27.30
CA ARG L 267 16.75 49.48 28.51
C ARG L 267 16.90 47.96 28.28
N SER L 268 16.36 47.44 27.17
CA SER L 268 16.22 45.98 26.91
C SER L 268 17.56 45.26 27.12
N PHE L 269 18.67 45.90 26.77
CA PHE L 269 20.05 45.33 26.89
C PHE L 269 20.42 45.17 28.37
N ASP L 270 20.10 46.17 29.19
CA ASP L 270 20.34 46.16 30.67
C ASP L 270 19.75 44.88 31.29
N ILE L 271 18.58 44.45 30.79
CA ILE L 271 17.84 43.25 31.28
C ILE L 271 18.62 42.00 30.87
N LEU L 272 19.02 41.91 29.59
CA LEU L 272 19.72 40.72 29.03
C LEU L 272 21.02 40.46 29.80
N MET L 273 21.71 41.52 30.23
CA MET L 273 22.94 41.44 31.05
C MET L 273 22.60 40.87 32.44
N ASP L 274 21.44 41.23 32.97
CA ASP L 274 20.90 40.69 34.25
C ASP L 274 20.63 39.18 34.09
N VAL L 275 19.95 38.80 33.00
CA VAL L 275 19.53 37.41 32.68
C VAL L 275 20.77 36.51 32.56
N LEU L 276 21.78 36.93 31.79
CA LEU L 276 22.93 36.10 31.37
C LEU L 276 24.04 36.12 32.43
N PHE L 277 24.33 37.28 33.04
CA PHE L 277 25.56 37.50 33.84
C PHE L 277 25.26 38.06 35.24
N LEU L 278 24.01 38.49 35.52
CA LEU L 278 23.69 39.42 36.65
C LEU L 278 24.56 40.68 36.50
N GLY L 279 24.80 41.11 35.27
CA GLY L 279 25.49 42.37 34.93
C GLY L 279 24.50 43.49 34.72
N LYS L 280 24.94 44.63 34.20
CA LYS L 280 24.10 45.83 33.94
C LYS L 280 24.88 46.84 33.10
N GLU L 281 24.17 47.61 32.28
CA GLU L 281 24.73 48.80 31.57
C GLU L 281 24.86 49.92 32.62
N ARG L 282 25.84 50.81 32.43
CA ARG L 282 26.15 51.93 33.37
C ARG L 282 26.33 53.23 32.58
N SER L 283 26.07 54.37 33.20
CA SER L 283 26.40 55.73 32.68
C SER L 283 27.91 55.98 32.86
N PHE L 284 28.42 57.08 32.30
CA PHE L 284 29.83 57.51 32.44
C PHE L 284 30.14 57.77 33.93
N THR L 285 29.24 58.47 34.63
CA THR L 285 29.35 58.81 36.07
C THR L 285 29.45 57.52 36.91
N GLU L 286 28.70 56.48 36.53
CA GLU L 286 28.66 55.17 37.22
C GLU L 286 29.97 54.40 36.98
N PHE L 287 30.49 54.42 35.76
CA PHE L 287 31.80 53.81 35.36
C PHE L 287 32.94 54.51 36.11
N GLU L 288 32.88 55.85 36.19
CA GLU L 288 33.90 56.72 36.83
C GLU L 288 33.99 56.39 38.33
N TYR L 289 32.85 56.13 38.97
CA TYR L 289 32.74 55.74 40.41
C TYR L 289 33.56 54.46 40.64
N LEU L 290 33.30 53.42 39.84
CA LEU L 290 33.98 52.09 39.93
C LEU L 290 35.48 52.26 39.66
N ALA L 291 35.86 53.22 38.81
CA ALA L 291 37.26 53.55 38.46
C ALA L 291 37.91 54.32 39.62
N ASN L 292 37.16 55.22 40.27
CA ASN L 292 37.63 56.04 41.42
C ASN L 292 37.64 55.19 42.70
N GLN L 293 36.98 54.03 42.70
CA GLN L 293 37.00 53.05 43.81
C GLN L 293 38.23 52.14 43.69
N ALA L 294 38.64 51.81 42.46
CA ALA L 294 39.77 50.89 42.15
C ALA L 294 41.11 51.63 42.23
N GLY L 295 41.08 52.96 42.32
CA GLY L 295 42.28 53.81 42.48
C GLY L 295 42.80 54.33 41.15
N LEU L 296 41.90 54.59 40.20
CA LEU L 296 42.20 55.15 38.84
C LEU L 296 41.47 56.48 38.69
N VAL L 297 41.97 57.35 37.80
CA VAL L 297 41.41 58.71 37.52
C VAL L 297 41.25 58.88 36.00
N VAL L 298 40.16 59.53 35.59
CA VAL L 298 39.79 59.77 34.16
C VAL L 298 40.69 60.89 33.61
N GLN L 299 41.50 60.58 32.60
CA GLN L 299 42.41 61.52 31.90
C GLN L 299 41.66 62.18 30.73
N GLU L 300 40.87 61.39 29.99
CA GLU L 300 40.17 61.82 28.75
C GLU L 300 38.87 61.01 28.58
N THR L 301 37.79 61.66 28.13
CA THR L 301 36.47 61.03 27.82
C THR L 301 36.05 61.41 26.40
N LYS L 302 35.50 60.45 25.65
CA LYS L 302 34.96 60.64 24.28
C LYS L 302 33.76 59.71 24.08
N VAL L 303 32.74 60.19 23.34
CA VAL L 303 31.50 59.42 23.00
C VAL L 303 31.68 58.85 21.59
N ILE L 304 31.34 57.58 21.40
CA ILE L 304 31.33 56.88 20.08
C ILE L 304 29.88 56.44 19.79
N ASP L 305 29.38 56.75 18.60
CA ASP L 305 28.00 56.40 18.15
C ASP L 305 28.07 55.21 17.19
N GLN L 306 27.84 54.00 17.70
CA GLN L 306 27.49 52.80 16.90
C GLN L 306 25.99 52.86 16.61
N SER L 307 25.55 52.18 15.54
CA SER L 307 24.13 52.14 15.10
C SER L 307 23.25 51.60 16.24
N TYR L 308 23.75 50.58 16.96
CA TYR L 308 22.97 49.77 17.94
C TYR L 308 22.99 50.40 19.33
N SER L 309 24.09 51.06 19.71
CA SER L 309 24.27 51.64 21.06
C SER L 309 25.31 52.75 21.05
N PRO L 310 25.15 53.82 21.88
CA PRO L 310 26.23 54.77 22.13
C PRO L 310 27.27 54.14 23.06
N TYR L 311 28.54 54.47 22.87
CA TYR L 311 29.70 53.96 23.67
C TYR L 311 30.35 55.12 24.43
N SER L 312 31.01 54.79 25.54
CA SER L 312 31.87 55.71 26.33
C SER L 312 33.33 55.26 26.19
N PHE L 313 34.19 56.16 25.69
CA PHE L 313 35.66 55.98 25.60
C PHE L 313 36.30 56.72 26.77
N ILE L 314 36.80 55.99 27.78
CA ILE L 314 37.38 56.53 29.04
C ILE L 314 38.85 56.10 29.13
N LYS L 315 39.77 57.06 29.14
CA LYS L 315 41.23 56.84 29.33
C LYS L 315 41.55 56.91 30.83
N LEU L 316 41.95 55.78 31.42
CA LEU L 316 42.20 55.63 32.88
C LEU L 316 43.70 55.48 33.15
N GLN L 317 44.21 56.17 34.17
CA GLN L 317 45.61 56.06 34.67
C GLN L 317 45.59 55.97 36.20
N ILE L 318 46.65 55.42 36.79
CA ILE L 318 46.76 55.18 38.27
C ILE L 318 46.97 56.53 38.98
N LYS L 319 46.56 56.60 40.25
CA LYS L 319 46.69 57.81 41.13
C LYS L 319 48.12 57.91 41.64
N SAH M . -14.55 27.11 20.82
CA SAH M . -13.75 27.46 22.04
CB SAH M . -12.35 26.82 21.98
CG SAH M . -11.55 27.17 20.72
SD SAH M . -9.91 26.45 20.72
C SAH M . -13.61 28.98 22.15
O SAH M . -13.21 29.48 23.21
OXT SAH M . -13.89 29.72 21.22
C5' SAH M . -10.12 24.94 19.75
C4' SAH M . -10.82 23.80 20.45
O4' SAH M . -11.05 22.71 19.54
C3' SAH M . -10.05 23.20 21.64
O3' SAH M . -10.82 23.30 22.83
C2' SAH M . -9.80 21.75 21.23
O2' SAH M . -9.88 20.83 22.31
C1' SAH M . -10.94 21.50 20.25
N9 SAH M . -10.69 20.43 19.29
C8 SAH M . -9.53 20.19 18.61
N7 SAH M . -9.59 19.15 17.81
C5 SAH M . -10.88 18.68 17.97
C6 SAH M . -11.58 17.60 17.39
N6 SAH M . -11.04 16.78 16.49
N1 SAH M . -12.87 17.41 17.76
C2 SAH M . -13.40 18.24 18.67
N3 SAH M . -12.84 19.28 19.28
C4 SAH M . -11.57 19.45 18.89
C4 QOT N . -5.74 34.21 21.46
C5 QOT N . -6.46 35.38 21.66
C6 QOT N . -7.82 35.45 21.35
C10 QOT N . -4.39 34.18 21.77
C13 QOT N . -2.14 30.71 21.21
C17 QOT N . -0.03 31.98 23.46
C20 QOT N . -3.65 33.01 21.57
C21 QOT N . -5.62 31.89 20.74
C26 QOT N . -8.25 31.93 18.73
O7 QOT N . -3.83 35.18 22.22
C11 QOT N . -2.31 33.00 21.90
C12 QOT N . -1.55 31.86 21.72
O19 QOT N . -0.23 31.88 22.04
C14 QOT N . -3.50 30.72 20.88
O18 QOT N . -4.11 29.62 20.37
C9 QOT N . -4.26 31.86 21.06
O8 QOT N . -6.14 30.86 20.29
C3 QOT N . -6.37 33.07 20.93
C1 QOT N . -8.46 34.32 20.83
C2 QOT N . -7.74 33.15 20.63
O17 QOT N . -8.35 32.04 20.14
CL CL O . -21.31 21.78 -2.99
N SAH P . -35.55 -4.25 2.25
CA SAH P . -36.18 -4.73 0.99
CB SAH P . -35.13 -5.19 -0.03
CG SAH P . -34.13 -6.20 0.52
SD SAH P . -32.98 -6.83 -0.72
C SAH P . -37.12 -5.90 1.31
O SAH P . -37.92 -6.32 0.47
OXT SAH P . -37.09 -6.44 2.41
C5' SAH P . -31.50 -5.84 -0.41
C4' SAH P . -31.64 -4.39 -0.80
O4' SAH P . -30.50 -3.65 -0.31
C3' SAH P . -31.70 -4.14 -2.31
O3' SAH P . -32.78 -3.28 -2.64
C2' SAH P . -30.33 -3.52 -2.63
O2' SAH P . -30.37 -2.62 -3.72
C1' SAH P . -30.02 -2.81 -1.33
N9 SAH P . -28.59 -2.56 -1.10
C8 SAH P . -27.56 -3.42 -1.39
N7 SAH P . -26.38 -2.93 -1.07
C5 SAH P . -26.66 -1.69 -0.52
C6 SAH P . -25.84 -0.68 0.00
N6 SAH P . -24.51 -0.78 0.07
N1 SAH P . -26.44 0.44 0.47
C2 SAH P . -27.77 0.53 0.39
N3 SAH P . -28.65 -0.34 -0.09
C4 SAH P . -28.03 -1.45 -0.54
C4 QOT Q . -37.01 -14.57 -1.93
C5 QOT Q . -38.26 -14.95 -1.41
C6 QOT Q . -38.75 -14.37 -0.24
C10 QOT Q . -36.57 -15.18 -3.09
C13 QOT Q . -32.87 -14.12 -4.74
C17 QOT Q . -34.20 -15.85 -7.53
C20 QOT Q . -35.33 -14.82 -3.62
C21 QOT Q . -34.99 -13.23 -1.81
C26 QOT Q . -35.17 -12.67 1.50
O7 QOT Q . -37.26 -16.03 -3.65
C11 QOT Q . -34.89 -15.43 -4.79
C12 QOT Q . -33.66 -15.08 -5.35
O19 QOT Q . -33.23 -15.69 -6.48
C14 QOT Q . -33.31 -13.51 -3.57
O18 QOT Q . -32.55 -12.57 -2.95
C9 QOT Q . -34.54 -13.84 -2.99
O8 QOT Q . -34.29 -12.38 -1.27
C3 QOT Q . -36.25 -13.60 -1.28
C1 QOT Q . -37.99 -13.40 0.40
C2 QOT Q . -36.76 -13.02 -0.11
O17 QOT Q . -36.02 -12.07 0.53
N SAH R . -49.25 -2.74 -34.43
CA SAH R . -48.42 -2.39 -33.24
CB SAH R . -46.98 -2.87 -33.41
CG SAH R . -46.32 -2.46 -34.72
SD SAH R . -44.60 -3.00 -34.88
C SAH R . -48.43 -0.86 -33.05
O SAH R . -47.89 -0.35 -32.07
OXT SAH R . -48.97 -0.13 -33.87
C5' SAH R . -44.75 -4.51 -35.87
C4' SAH R . -45.38 -5.67 -35.13
O4' SAH R . -45.59 -6.77 -36.04
C3' SAH R . -44.54 -6.22 -33.97
O3' SAH R . -45.35 -6.38 -32.81
C2' SAH R . -44.04 -7.56 -34.50
O2' SAH R . -43.80 -8.51 -33.49
C1' SAH R . -45.22 -7.96 -35.38
N9 SAH R . -44.93 -8.98 -36.38
C8 SAH R . -43.80 -9.08 -37.15
N7 SAH R . -43.82 -10.09 -37.97
C5 SAH R . -45.03 -10.71 -37.73
C6 SAH R . -45.65 -11.85 -38.30
N6 SAH R . -45.10 -12.58 -39.25
N1 SAH R . -46.87 -12.18 -37.84
C2 SAH R . -47.43 -11.43 -36.87
N3 SAH R . -46.95 -10.35 -36.28
C4 SAH R . -45.73 -10.03 -36.75
C4 QOT S . -40.78 4.66 -33.91
C5 QOT S . -41.70 5.69 -33.66
C6 QOT S . -43.05 5.51 -33.97
C10 QOT S . -39.44 4.87 -33.61
C13 QOT S . -36.64 1.82 -34.32
C17 QOT S . -34.70 3.13 -32.07
C20 QOT S . -38.51 3.85 -33.85
C21 QOT S . -40.27 2.42 -34.71
C26 QOT S . -42.93 2.08 -36.69
O7 QOT S . -39.07 5.94 -33.12
C11 QOT S . -37.16 4.04 -33.55
C12 QOT S . -36.24 3.03 -33.78
O19 QOT S . -34.93 3.26 -33.47
C14 QOT S . -37.98 1.62 -34.63
O18 QOT S . -38.42 0.45 -35.17
C9 QOT S . -38.93 2.63 -34.40
O8 QOT S . -40.62 1.34 -35.19
C3 QOT S . -41.20 3.45 -34.47
C1 QOT S . -43.50 4.31 -34.51
C2 QOT S . -42.57 3.30 -34.76
O17 QOT S . -42.99 2.11 -35.28
C1 GOL T . -40.57 9.68 -36.96
O1 GOL T . -40.47 10.28 -38.26
C2 GOL T . -39.54 8.59 -36.77
O2 GOL T . -38.27 9.05 -37.25
C3 GOL T . -39.39 8.16 -35.33
O3 GOL T . -38.25 7.33 -35.15
CL CL U . -24.67 20.81 -2.72
CL CL V . -22.84 21.02 -43.62
CL CL W . -30.82 -9.28 -23.47
N SAH X . 7.36 -34.84 -12.76
CA SAH X . 5.99 -35.13 -13.30
CB SAH X . 5.22 -33.84 -13.64
CG SAH X . 6.06 -32.77 -14.32
SD SAH X . 5.05 -31.41 -14.99
C SAH X . 6.10 -36.02 -14.54
O SAH X . 5.31 -36.96 -14.72
OXT SAH X . 6.97 -35.84 -15.40
C5' SAH X . 4.93 -30.23 -13.61
C4' SAH X . 3.98 -30.62 -12.50
O4' SAH X . 4.08 -29.67 -11.42
C3' SAH X . 2.50 -30.67 -12.91
O3' SAH X . 1.97 -31.97 -12.65
C2' SAH X . 1.84 -29.60 -12.02
O2' SAH X . 0.54 -29.94 -11.60
C1' SAH X . 2.80 -29.53 -10.84
N9 SAH X . 2.74 -28.28 -10.10
C8 SAH X . 2.64 -27.02 -10.62
N7 SAH X . 2.61 -26.07 -9.71
C5 SAH X . 2.71 -26.75 -8.51
C6 SAH X . 2.73 -26.31 -7.17
N6 SAH X . 2.68 -25.03 -6.81
N1 SAH X . 2.84 -27.26 -6.20
C2 SAH X . 2.90 -28.54 -6.56
N3 SAH X . 2.89 -29.07 -7.79
C4 SAH X . 2.79 -28.12 -8.72
C4 QOT Y . 7.42 -32.33 -23.17
C5 QOT Y . 8.32 -33.37 -23.38
C6 QOT Y . 9.06 -33.90 -22.32
C10 QOT Y . 6.69 -31.81 -24.24
C13 QOT Y . 3.98 -28.67 -23.62
C17 QOT Y . 2.35 -29.59 -26.28
C20 QOT Y . 5.79 -30.77 -24.03
C21 QOT Y . 6.35 -30.74 -21.67
C26 QOT Y . 8.74 -30.80 -19.24
O7 QOT Y . 6.84 -32.28 -25.38
C11 QOT Y . 5.05 -30.25 -25.09
C12 QOT Y . 4.15 -29.21 -24.89
O19 QOT Y . 3.45 -28.73 -25.94
C14 QOT Y . 4.72 -29.18 -22.55
O18 QOT Y . 4.58 -28.68 -21.30
C9 QOT Y . 5.62 -30.23 -22.74
O8 QOT Y . 6.19 -30.26 -20.55
C3 QOT Y . 7.26 -31.79 -21.88
C1 QOT Y . 8.91 -33.38 -21.04
C2 QOT Y . 8.01 -32.33 -20.83
O17 QOT Y . 7.82 -31.80 -19.60
C1 GOL Z . -6.81 -27.17 -7.11
O1 GOL Z . -6.18 -28.40 -7.45
C2 GOL Z . -6.19 -26.53 -5.88
O2 GOL Z . -6.82 -25.28 -5.63
C3 GOL Z . -6.28 -27.41 -4.66
O3 GOL Z . -5.85 -26.72 -3.49
N SAH AA . -27.04 -47.17 -28.23
CA SAH AA . -25.95 -46.36 -27.58
CB SAH AA . -26.10 -44.86 -27.86
CG SAH AA . -27.55 -44.35 -27.87
SD SAH AA . -27.68 -42.54 -27.80
C SAH AA . -26.00 -46.59 -26.07
O SAH AA . -24.95 -46.74 -25.42
OXT SAH AA . -27.07 -46.64 -25.47
C5' SAH AA . -27.86 -42.09 -29.55
C4' SAH AA . -26.69 -42.42 -30.44
O4' SAH AA . -27.09 -42.31 -31.83
C3' SAH AA . -25.47 -41.52 -30.27
O3' SAH AA . -24.29 -42.31 -30.18
C2' SAH AA . -25.48 -40.66 -31.54
O2' SAH AA . -24.21 -40.21 -31.93
C1' SAH AA . -26.06 -41.66 -32.54
N9 SAH AA . -26.64 -41.08 -33.75
C8 SAH AA . -27.29 -39.88 -33.87
N7 SAH AA . -27.71 -39.63 -35.09
C5 SAH AA . -27.31 -40.75 -35.81
C6 SAH AA . -27.45 -41.09 -37.17
N6 SAH AA . -28.07 -40.32 -38.06
N1 SAH AA . -26.94 -42.27 -37.57
C2 SAH AA . -26.31 -43.04 -36.67
N3 SAH AA . -26.12 -42.82 -35.37
C4 SAH AA . -26.64 -41.65 -34.99
C4 QOT BA . -29.87 -41.01 -19.86
C5 QOT BA . -30.00 -42.17 -19.09
C6 QOT BA . -30.47 -43.35 -19.66
C10 QOT BA . -29.40 -39.85 -19.26
C13 QOT BA . -29.00 -36.34 -21.53
C17 QOT BA . -29.03 -34.69 -18.57
C20 QOT BA . -29.26 -38.69 -20.02
C21 QOT BA . -30.08 -39.86 -21.99
C26 QOT BA . -29.88 -42.63 -23.89
O7 QOT BA . -29.11 -39.85 -18.06
C11 QOT BA . -28.79 -37.51 -19.43
C12 QOT BA . -28.66 -36.35 -20.18
O19 QOT BA . -28.19 -35.20 -19.60
C14 QOT BA . -29.46 -37.51 -22.12
O18 QOT BA . -29.80 -37.55 -23.45
C9 QOT BA . -29.61 -38.69 -21.38
O8 QOT BA . -30.37 -39.84 -23.18
C3 QOT BA . -30.21 -41.03 -21.22
C1 QOT BA . -30.80 -43.39 -21.01
C2 QOT BA . -30.68 -42.23 -21.78
O17 QOT BA . -31.01 -42.24 -23.10
N SAH CA . 2.45 23.64 55.86
CA SAH CA . 2.02 23.31 54.46
CB SAH CA . 3.18 22.76 53.62
CG SAH CA . 4.03 21.73 54.36
SD SAH CA . 5.13 20.79 53.28
C SAH CA . 0.88 22.29 54.49
O SAH CA . 0.05 22.27 53.59
OXT SAH CA . 0.79 21.46 55.40
C5' SAH CA . 6.72 21.61 53.53
C4' SAH CA . 6.76 23.04 53.06
O4' SAH CA . 8.00 23.65 53.49
C3' SAH CA . 6.70 23.23 51.54
O3' SAH CA . 5.62 24.07 51.17
C2' SAH CA . 8.06 23.85 51.19
O2' SAH CA . 7.98 24.75 50.10
C1' SAH CA . 8.40 24.55 52.50
N9 SAH CA . 9.82 24.84 52.69
C8 SAH CA . 10.88 23.99 52.47
N7 SAH CA . 12.04 24.52 52.74
C5 SAH CA . 11.74 25.80 53.16
C6 SAH CA . 12.55 26.87 53.59
N6 SAH CA . 13.88 26.81 53.67
N1 SAH CA . 11.93 28.03 53.95
C2 SAH CA . 10.60 28.08 53.87
N3 SAH CA . 9.74 27.14 53.48
C4 SAH CA . 10.38 26.02 53.13
C4 QOT DA . 1.50 13.38 52.48
C5 QOT DA . 0.31 13.41 53.21
C6 QOT DA . 0.21 14.19 54.36
C10 QOT DA . 1.57 12.60 51.32
C13 QOT DA . 5.14 12.47 49.10
C17 QOT DA . 3.03 11.11 46.65
C20 QOT DA . 2.76 12.56 50.59
C21 QOT DA . 3.82 14.08 52.17
C26 QOT DA . 3.59 16.98 54.11
O7 QOT DA . 0.59 11.94 50.95
C11 QOT DA . 2.85 11.79 49.44
C12 QOT DA . 4.02 11.74 48.69
O19 QOT DA . 4.13 10.98 47.56
C14 QOT DA . 5.06 13.24 50.25
O18 QOT DA . 6.12 13.97 50.69
C9 QOT DA . 3.88 13.30 51.00
O8 QOT DA . 4.80 14.73 52.52
C3 QOT DA . 2.61 14.13 52.91
C1 QOT DA . 1.31 14.93 54.80
C2 QOT DA . 2.50 14.90 54.07
O17 QOT DA . 3.59 15.60 54.49
N SAH EA . 0.78 15.39 -32.86
CA SAH EA . 0.12 14.62 -33.96
CB SAH EA . -0.76 13.50 -33.42
CG SAH EA . -1.74 13.94 -32.34
SD SAH EA . -2.64 12.55 -31.60
C SAH EA . -0.74 15.59 -34.80
O SAH EA . -1.34 15.19 -35.80
OXT SAH EA . -0.85 16.77 -34.49
C5' SAH EA . -1.64 12.13 -30.15
C4' SAH EA . -0.36 11.40 -30.47
O4' SAH EA . 0.39 11.18 -29.26
C3' SAH EA . -0.54 10.02 -31.12
O3' SAH EA . 0.29 9.90 -32.26
C2' SAH EA . -0.13 9.05 -30.01
O2' SAH EA . 0.43 7.84 -30.49
C1' SAH EA . 0.92 9.87 -29.27
N9 SAH EA . 1.17 9.45 -27.90
C8 SAH EA . 0.24 9.04 -26.97
N7 SAH EA . 0.76 8.73 -25.82
C5 SAH EA . 2.13 8.95 -25.98
C6 SAH EA . 3.22 8.81 -25.11
N6 SAH EA . 3.11 8.40 -23.85
N1 SAH EA . 4.44 9.13 -25.59
C2 SAH EA . 4.55 9.54 -26.86
N3 SAH EA . 3.59 9.71 -27.77
C4 SAH EA . 2.39 9.40 -27.26
C4 QOT FA . -9.53 15.37 -34.87
C5 QOT FA . -9.30 16.49 -35.68
C6 QOT FA . -8.25 17.36 -35.39
C10 QOT FA . -10.59 14.52 -35.18
C13 QOT FA . -11.34 11.15 -32.79
C17 QOT FA . -13.23 10.15 -35.56
C20 QOT FA . -10.83 13.40 -34.38
C21 QOT FA . -8.96 14.00 -32.96
C26 QOT FA . -5.72 15.03 -32.79
O7 QOT FA . -11.30 14.75 -36.15
C11 QOT FA . -11.89 12.54 -34.69
C12 QOT FA . -12.14 11.41 -33.90
O19 QOT FA . -13.17 10.58 -34.19
C14 QOT FA . -10.29 12.01 -32.49
O18 QOT FA . -9.49 11.77 -31.41
C9 QOT FA . -10.02 13.13 -33.27
O8 QOT FA . -8.26 13.76 -31.98
C3 QOT FA . -8.72 15.11 -33.76
C1 QOT FA . -7.44 17.12 -34.30
C2 QOT FA . -7.68 16.01 -33.49
O17 QOT FA . -6.88 15.76 -32.40
N SAH GA . 10.19 -20.81 27.13
CA SAH GA . 11.13 -20.17 28.10
CB SAH GA . 11.23 -18.66 27.87
CG SAH GA . 9.88 -17.94 27.86
SD SAH GA . 10.04 -16.13 27.81
C SAH GA . 10.66 -20.44 29.52
O SAH GA . 11.45 -20.29 30.46
OXT SAH GA . 9.52 -20.82 29.76
C5' SAH GA . 9.69 -15.77 26.06
C4' SAH GA . 10.81 -16.10 25.11
O4' SAH GA . 10.34 -15.96 23.74
C3' SAH GA . 12.06 -15.20 25.22
O3' SAH GA . 13.23 -15.98 25.40
C2' SAH GA . 12.09 -14.45 23.88
O2' SAH GA . 13.40 -14.17 23.44
C1' SAH GA . 11.40 -15.45 22.97
N9 SAH GA . 10.88 -14.90 21.73
C8 SAH GA . 10.25 -13.69 21.56
N7 SAH GA . 9.88 -13.46 20.33
C5 SAH GA . 10.28 -14.59 19.64
C6 SAH GA . 10.16 -14.95 18.28
N6 SAH GA . 9.59 -14.20 17.35
N1 SAH GA . 10.66 -16.16 17.91
C2 SAH GA . 11.23 -16.94 18.85
N3 SAH GA . 11.39 -16.68 20.15
C4 SAH GA . 10.89 -15.49 20.48
C4 QOT HA . 7.41 -14.20 36.13
C5 QOT HA . 7.20 -15.22 37.04
C6 QOT HA . 6.90 -16.50 36.60
C10 QOT HA . 7.71 -12.93 36.60
C13 QOT HA . 8.35 -9.79 33.88
C17 QOT HA . 9.83 -8.28 36.64
C20 QOT HA . 7.92 -11.89 35.68
C21 QOT HA . 7.52 -13.40 33.83
C26 QOT HA . 7.50 -17.14 32.51
O7 QOT HA . 7.80 -12.72 37.80
C11 QOT HA . 8.22 -10.61 36.15
C12 QOT HA . 8.44 -9.58 35.25
O19 QOT HA . 8.73 -8.34 35.72
C14 QOT HA . 8.04 -11.07 33.42
O18 QOT HA . 7.93 -11.34 32.09
C9 QOT HA . 7.83 -12.13 34.30
O8 QOT HA . 7.44 -13.60 32.61
C3 QOT HA . 7.31 -14.44 34.75
C1 QOT HA . 6.80 -16.76 35.24
C2 QOT HA . 7.01 -15.74 34.33
O17 QOT HA . 6.92 -15.91 32.97
NA NA IA . 21.81 -33.14 19.93
N SAH JA . 32.10 17.01 -5.40
CA SAH JA . 32.70 17.60 -4.17
CB SAH JA . 31.90 17.21 -2.92
CG SAH JA . 31.69 15.72 -2.75
SD SAH JA . 30.78 15.29 -1.24
C SAH JA . 34.15 17.12 -4.03
O SAH JA . 34.89 17.64 -3.19
OXT SAH JA . 34.60 16.21 -4.74
C5' SAH JA . 29.12 14.92 -1.87
C4' SAH JA . 28.34 16.16 -2.23
O4' SAH JA . 27.06 15.77 -2.79
C3' SAH JA . 28.03 17.09 -1.06
O3' SAH JA . 28.47 18.42 -1.34
C2' SAH JA . 26.50 16.99 -0.90
O2' SAH JA . 25.91 18.19 -0.46
C1' SAH JA . 26.09 16.68 -2.33
N9 SAH JA . 24.78 16.05 -2.47
C8 SAH JA . 24.27 15.04 -1.68
N7 SAH JA . 23.06 14.68 -2.04
C5 SAH JA . 22.77 15.47 -3.13
C6 SAH JA . 21.63 15.57 -3.97
N6 SAH JA . 20.55 14.80 -3.83
N1 SAH JA . 21.67 16.48 -4.97
C2 SAH JA . 22.76 17.23 -5.12
N3 SAH JA . 23.87 17.24 -4.39
C4 SAH JA . 23.82 16.33 -3.40
C4 QOT KA . 37.84 12.05 2.61
C5 QOT KA . 39.02 12.19 1.89
C6 QOT KA . 38.98 12.41 0.52
C10 QOT KA . 37.88 11.82 3.98
C13 QOT KA . 34.33 11.41 6.16
C17 QOT KA . 36.05 12.26 8.88
C20 QOT KA . 36.70 11.68 4.71
C21 QOT KA . 35.41 11.99 2.69
C26 QOT KA . 34.82 11.23 -0.47
O7 QOT KA . 38.98 11.75 4.55
C11 QOT KA . 36.74 11.46 6.08
C12 QOT KA . 35.56 11.32 6.81
O19 QOT KA . 35.61 11.10 8.16
C14 QOT KA . 34.29 11.63 4.80
O18 QOT KA . 33.11 11.71 4.13
C9 QOT KA . 35.47 11.76 4.06
O8 QOT KA . 34.31 12.06 2.13
C3 QOT KA . 36.60 12.13 1.95
C1 QOT KA . 37.76 12.50 -0.14
C2 QOT KA . 36.58 12.35 0.58
O17 QOT KA . 35.37 12.45 -0.03
N SAH LA . 42.60 -4.10 42.17
CA SAH LA . 41.50 -4.45 41.21
CB SAH LA . 40.73 -3.22 40.73
CG SAH LA . 41.62 -2.07 40.30
SD SAH LA . 40.69 -0.74 39.47
C SAH LA . 42.11 -5.18 40.00
O SAH LA . 41.42 -5.93 39.31
OXT SAH LA . 43.29 -5.02 39.70
C5' SAH LA . 40.57 0.52 40.77
C4' SAH LA . 39.63 0.15 41.90
O4' SAH LA . 39.72 1.12 42.96
C3' SAH LA . 38.15 0.08 41.51
O3' SAH LA . 37.58 -1.16 41.92
C2' SAH LA . 37.52 1.26 42.25
O2' SAH LA . 36.17 1.02 42.60
C1' SAH LA . 38.42 1.34 43.46
N9 SAH LA . 38.40 2.61 44.17
C8 SAH LA . 38.31 3.87 43.62
N7 SAH LA . 38.31 4.83 44.50
C5 SAH LA . 38.40 4.17 45.73
C6 SAH LA . 38.45 4.65 47.05
N6 SAH LA . 38.42 5.94 47.37
N1 SAH LA . 38.54 3.73 48.04
C2 SAH LA . 38.58 2.43 47.70
N3 SAH LA . 38.55 1.87 46.50
C4 SAH LA . 38.46 2.80 45.54
N SAH MA . -5.97 -12.91 -58.89
CA SAH MA . -5.42 -12.31 -57.63
CB SAH MA . -6.15 -12.84 -56.38
CG SAH MA . -6.21 -14.36 -56.29
SD SAH MA . -7.17 -14.94 -54.86
C SAH MA . -3.92 -12.60 -57.53
O SAH MA . -3.20 -11.91 -56.82
OXT SAH MA . -3.40 -13.52 -58.16
C5' SAH MA . -8.79 -15.29 -55.59
C4' SAH MA . -9.57 -14.04 -55.96
O4' SAH MA . -10.82 -14.41 -56.57
C3' SAH MA . -9.92 -13.12 -54.78
O3' SAH MA . -9.72 -11.75 -55.14
C2' SAH MA . -11.40 -13.44 -54.55
O2' SAH MA . -12.09 -12.39 -53.90
C1' SAH MA . -11.84 -13.64 -55.98
N9 SAH MA . -13.12 -14.34 -56.12
C8 SAH MA . -13.51 -15.48 -55.46
N7 SAH MA . -14.70 -15.89 -55.79
C5 SAH MA . -15.13 -14.98 -56.74
C6 SAH MA . -16.33 -14.87 -57.48
N6 SAH MA . -17.34 -15.72 -57.37
N1 SAH MA . -16.43 -13.84 -58.35
C2 SAH MA . -15.40 -12.98 -58.45
N3 SAH MA . -14.24 -12.98 -57.81
C4 SAH MA . -14.17 -14.01 -56.95
NA NA NA . -5.89 -33.22 -48.17
N SAH OA . 36.38 42.67 24.01
CA SAH OA . 35.54 41.95 23.00
CB SAH OA . 34.69 40.87 23.65
CG SAH OA . 33.80 41.34 24.78
SD SAH OA . 32.74 40.04 25.47
C SAH OA . 34.62 42.97 22.29
O SAH OA . 34.05 42.67 21.24
OXT SAH OA . 34.41 44.09 22.76
C5' SAH OA . 33.69 39.47 26.90
C4' SAH OA . 34.80 38.51 26.55
O4' SAH OA . 35.63 38.30 27.72
C3' SAH OA . 34.34 37.11 26.10
O3' SAH OA . 35.04 36.71 24.92
C2' SAH OA . 34.66 36.22 27.31
O2' SAH OA . 34.96 34.89 26.94
C1' SAH OA . 35.89 36.93 27.87
N9 SAH OA . 36.15 36.66 29.28
C8 SAH OA . 35.22 36.49 30.28
N7 SAH OA . 35.75 36.28 31.45
C5 SAH OA . 37.12 36.32 31.22
C6 SAH OA . 38.23 36.19 32.08
N6 SAH OA . 38.12 35.96 33.39
N1 SAH OA . 39.46 36.30 31.54
C2 SAH OA . 39.55 36.53 30.22
N3 SAH OA . 38.58 36.68 29.31
C4 SAH OA . 37.37 36.57 29.89
#